data_4LLF
#
_entry.id   4LLF
#
_cell.length_a   384.000
_cell.length_b   384.000
_cell.length_c   384.000
_cell.angle_alpha   90.00
_cell.angle_beta   90.00
_cell.angle_gamma   90.00
#
_symmetry.space_group_name_H-M   'I 2 3'
#
loop_
_entity.id
_entity.type
_entity.pdbx_description
1 polymer 'Capsid protein'
2 non-polymer 'CALCIUM ION'
3 non-polymer 'ZINC ION'
4 water water
#
_entity_poly.entity_id   1
_entity_poly.type   'polypeptide(L)'
_entity_poly.pdbx_seq_one_letter_code
;MALVSRNNNMRTLAKLAAPLATAGTRTIVDNKEAIWNGVKWIWGKLPKGKKGKNGNGALIAHPQAFPGAIAAPISYAYAV
KGRKPRFQTAKGSVRITHREYVSVLSGTNGEFLRNNGTGPNNDFSINPLNPFLFPWLVNIAANFDQYKFNSLRFEYVPLV
NTTTNGRVALYFDKDSEDPGPDDRAALANYAHLSEISPWAITKLTVPTDNVKRFISDTSSGDPKLINLGQFGWVAYSGPT
AELGDIFVEYTVDLFEAQPTSPLLESLFRESASSVQTRMGLPYFSLEVASATDLVWQARVPGTYVVTIIFNSTVGGLTPS
ISGGGTINSSFSVSTAGSSAYVANITIRVNANLSLSGLTGATNAQLFAVRAITENAVQVV
;
_entity_poly.pdbx_strand_id   A,B,D,E,F,G,H,I,J,K,L,M,N,O,P
#
# COMPACT_ATOMS: atom_id res chain seq x y z
N GLY A 92 22.35 25.85 27.69
CA GLY A 92 22.21 24.40 27.68
C GLY A 92 22.34 23.78 26.30
N SER A 93 21.48 22.81 26.01
CA SER A 93 21.56 22.07 24.75
C SER A 93 20.67 22.68 23.65
N VAL A 94 21.05 22.45 22.40
CA VAL A 94 20.15 22.73 21.27
C VAL A 94 19.74 21.43 20.57
N ARG A 95 18.61 21.45 19.89
CA ARG A 95 18.14 20.22 19.25
C ARG A 95 17.67 20.46 17.83
N ILE A 96 18.40 19.89 16.88
CA ILE A 96 18.12 20.11 15.47
C ILE A 96 17.47 18.88 14.87
N THR A 97 16.43 19.08 14.07
CA THR A 97 15.88 17.99 13.29
C THR A 97 15.90 18.40 11.82
N HIS A 98 16.52 17.60 10.98
CA HIS A 98 16.73 18.01 9.59
C HIS A 98 16.95 16.81 8.69
N ARG A 99 16.90 17.10 7.40
CA ARG A 99 17.16 16.09 6.38
CA ARG A 99 17.13 16.09 6.36
C ARG A 99 18.07 16.73 5.37
N GLU A 100 19.12 16.01 4.99
CA GLU A 100 20.10 16.59 4.07
C GLU A 100 20.75 15.56 3.15
N TYR A 101 21.52 16.05 2.17
CA TYR A 101 22.01 15.19 1.11
C TYR A 101 23.29 14.48 1.50
N VAL A 102 23.38 13.19 1.21
CA VAL A 102 24.58 12.43 1.59
C VAL A 102 25.49 12.26 0.40
N SER A 103 24.99 11.56 -0.62
CA SER A 103 25.75 11.25 -1.81
C SER A 103 24.89 10.50 -2.80
N VAL A 104 25.33 10.49 -4.04
CA VAL A 104 24.61 9.72 -5.04
C VAL A 104 25.12 8.29 -4.96
N LEU A 105 24.21 7.34 -5.04
CA LEU A 105 24.58 5.93 -4.94
C LEU A 105 24.68 5.33 -6.34
N SER A 106 25.88 4.90 -6.70
CA SER A 106 26.10 4.35 -8.03
C SER A 106 26.61 2.92 -7.95
N GLY A 107 26.43 2.19 -9.05
CA GLY A 107 26.97 0.86 -9.18
C GLY A 107 27.67 0.75 -10.52
N THR A 108 28.57 -0.23 -10.63
CA THR A 108 29.19 -0.50 -11.93
C THR A 108 28.96 -1.96 -12.22
N ASN A 109 28.88 -2.30 -13.49
CA ASN A 109 28.40 -3.62 -13.90
C ASN A 109 29.35 -4.75 -13.55
N GLY A 110 28.79 -5.89 -13.16
CA GLY A 110 29.59 -7.04 -12.80
C GLY A 110 30.57 -6.73 -11.69
N GLU A 111 30.06 -6.12 -10.63
CA GLU A 111 30.95 -5.73 -9.55
C GLU A 111 30.19 -5.52 -8.26
N PHE A 112 30.70 -6.14 -7.19
CA PHE A 112 30.20 -5.92 -5.85
C PHE A 112 30.85 -4.63 -5.41
N LEU A 113 30.11 -3.54 -5.49
CA LEU A 113 30.70 -2.22 -5.34
C LEU A 113 30.19 -1.49 -4.12
N ARG A 114 31.05 -1.37 -3.10
CA ARG A 114 30.68 -0.67 -1.86
C ARG A 114 31.15 0.77 -1.83
N ASN A 115 30.26 1.64 -1.37
CA ASN A 115 30.54 3.05 -1.19
C ASN A 115 31.11 3.65 -2.47
N ASN A 116 30.50 3.28 -3.58
CA ASN A 116 30.84 3.84 -4.90
C ASN A 116 32.25 3.59 -5.39
N GLY A 117 33.01 2.77 -4.68
CA GLY A 117 34.33 2.41 -5.13
C GLY A 117 35.41 2.92 -4.22
N THR A 118 35.05 3.84 -3.35
CA THR A 118 35.96 4.38 -2.35
C THR A 118 36.38 3.33 -1.31
N GLY A 119 35.51 2.36 -1.06
CA GLY A 119 35.68 1.43 0.05
C GLY A 119 35.26 2.06 1.37
N PRO A 120 34.97 1.24 2.40
CA PRO A 120 34.61 1.76 3.73
C PRO A 120 35.69 2.68 4.32
N ASN A 121 35.60 3.96 3.94
CA ASN A 121 36.62 4.94 4.29
C ASN A 121 36.44 5.55 5.69
N ASN A 122 37.14 6.64 5.94
CA ASN A 122 36.96 7.44 7.14
C ASN A 122 35.85 8.43 6.90
N ASP A 123 35.44 8.53 5.64
CA ASP A 123 34.47 9.53 5.23
C ASP A 123 33.13 9.23 5.83
N PHE A 124 32.85 7.94 6.02
CA PHE A 124 31.48 7.54 6.32
C PHE A 124 31.20 7.35 7.80
N SER A 125 32.07 7.86 8.64
CA SER A 125 31.86 7.78 10.07
C SER A 125 30.79 8.77 10.45
N ILE A 126 29.84 8.33 11.26
CA ILE A 126 28.75 9.20 11.71
C ILE A 126 29.16 10.17 12.82
N ASN A 127 29.35 11.43 12.44
CA ASN A 127 29.74 12.48 13.37
C ASN A 127 29.39 13.84 12.82
N PRO A 128 28.80 14.69 13.66
CA PRO A 128 28.21 15.94 13.14
C PRO A 128 29.23 16.84 12.42
N LEU A 129 30.52 16.67 12.66
CA LEU A 129 31.48 17.56 12.04
C LEU A 129 31.97 16.99 10.71
N ASN A 130 31.26 15.98 10.22
CA ASN A 130 31.68 15.28 9.01
C ASN A 130 30.83 15.66 7.82
N PRO A 131 31.35 16.56 6.99
CA PRO A 131 30.57 17.23 5.94
C PRO A 131 30.15 16.25 4.90
N PHE A 132 30.64 15.03 4.98
CA PHE A 132 30.22 14.08 3.96
C PHE A 132 28.78 13.60 4.19
N LEU A 133 28.50 13.20 5.42
CA LEU A 133 27.15 12.85 5.79
C LEU A 133 26.32 14.07 6.23
N PHE A 134 26.96 15.11 6.73
CA PHE A 134 26.17 16.21 7.26
C PHE A 134 26.58 17.59 6.74
N PRO A 135 26.30 17.85 5.46
CA PRO A 135 26.77 19.06 4.79
C PRO A 135 26.12 20.28 5.38
N TRP A 136 24.98 20.08 6.01
CA TRP A 136 24.21 21.21 6.52
C TRP A 136 24.48 21.35 8.01
N LEU A 137 24.36 20.23 8.72
CA LEU A 137 24.58 20.19 10.16
C LEU A 137 25.95 20.70 10.58
N VAL A 138 26.93 20.50 9.70
CA VAL A 138 28.32 20.82 10.02
C VAL A 138 28.50 22.31 10.38
N ASN A 139 27.70 23.18 9.76
CA ASN A 139 27.75 24.61 10.10
C ASN A 139 27.34 24.87 11.54
N ILE A 140 26.43 24.06 12.04
CA ILE A 140 25.95 24.26 13.39
C ILE A 140 26.87 23.53 14.38
N ALA A 141 27.25 22.31 14.01
CA ALA A 141 28.10 21.49 14.86
C ALA A 141 29.44 22.17 15.12
N ALA A 142 29.89 22.98 14.17
CA ALA A 142 31.15 23.67 14.32
C ALA A 142 31.17 24.48 15.62
N ASN A 143 29.99 24.89 16.07
CA ASN A 143 29.83 25.74 17.26
C ASN A 143 29.74 25.00 18.60
N PHE A 144 29.83 23.67 18.57
CA PHE A 144 29.61 22.89 19.79
C PHE A 144 30.66 21.85 20.04
N ASP A 145 30.64 21.29 21.25
CA ASP A 145 31.67 20.34 21.66
C ASP A 145 31.18 18.90 21.59
N GLN A 146 29.93 18.67 22.00
CA GLN A 146 29.44 17.31 22.12
C GLN A 146 28.10 17.15 21.43
N TYR A 147 27.77 15.91 21.08
CA TYR A 147 26.53 15.61 20.37
C TYR A 147 25.95 14.30 20.83
N LYS A 148 24.63 14.15 20.66
CA LYS A 148 23.95 12.89 20.92
C LYS A 148 22.80 12.79 19.97
N PHE A 149 22.78 11.74 19.17
CA PHE A 149 21.71 11.53 18.22
C PHE A 149 20.53 10.93 18.95
N ASN A 150 19.33 11.41 18.65
CA ASN A 150 18.11 10.81 19.18
C ASN A 150 17.41 9.98 18.13
N SER A 151 17.56 10.36 16.87
CA SER A 151 16.95 9.65 15.79
C SER A 151 17.88 9.70 14.60
N LEU A 152 17.93 8.62 13.84
CA LEU A 152 18.82 8.58 12.69
C LEU A 152 18.39 7.56 11.65
N ARG A 153 18.15 8.06 10.44
CA ARG A 153 17.71 7.24 9.31
C ARG A 153 18.45 7.70 8.07
N PHE A 154 18.68 6.77 7.16
CA PHE A 154 19.20 7.11 5.85
C PHE A 154 18.12 6.68 4.89
N GLU A 155 18.11 7.32 3.73
CA GLU A 155 16.98 7.18 2.82
C GLU A 155 17.52 7.11 1.41
N TYR A 156 16.93 6.26 0.60
CA TYR A 156 17.38 6.08 -0.77
C TYR A 156 16.23 6.42 -1.66
N VAL A 157 16.43 7.35 -2.58
CA VAL A 157 15.36 7.65 -3.54
C VAL A 157 15.84 7.48 -4.98
N PRO A 158 15.19 6.57 -5.72
CA PRO A 158 15.69 6.07 -7.01
C PRO A 158 15.76 7.14 -8.10
N LEU A 159 16.92 7.22 -8.75
CA LEU A 159 17.09 8.09 -9.90
C LEU A 159 16.77 7.30 -11.15
N VAL A 160 16.63 6.00 -10.95
CA VAL A 160 16.60 5.05 -12.04
C VAL A 160 15.20 4.46 -12.25
N ASN A 161 14.94 3.93 -13.44
CA ASN A 161 13.60 3.53 -13.77
C ASN A 161 13.37 2.06 -13.50
N THR A 162 12.11 1.66 -13.63
CA THR A 162 11.61 0.36 -13.19
C THR A 162 12.18 -0.88 -13.94
N THR A 163 12.86 -0.68 -15.06
CA THR A 163 13.39 -1.83 -15.78
C THR A 163 14.84 -2.08 -15.43
N THR A 164 15.33 -1.37 -14.41
CA THR A 164 16.71 -1.53 -13.98
C THR A 164 16.88 -2.78 -13.10
N ASN A 165 17.83 -3.65 -13.46
CA ASN A 165 18.12 -4.78 -12.59
C ASN A 165 19.03 -4.37 -11.47
N GLY A 166 19.20 -5.27 -10.50
CA GLY A 166 20.20 -5.02 -9.50
C GLY A 166 19.71 -4.99 -8.08
N ARG A 167 20.59 -4.49 -7.22
CA ARG A 167 20.39 -4.45 -5.79
C ARG A 167 21.10 -3.22 -5.26
N VAL A 168 20.45 -2.50 -4.35
CA VAL A 168 21.16 -1.56 -3.52
C VAL A 168 20.89 -1.97 -2.09
N ALA A 169 21.87 -1.76 -1.23
CA ALA A 169 21.73 -2.12 0.17
C ALA A 169 22.27 -0.95 0.95
N LEU A 170 21.58 -0.63 2.04
CA LEU A 170 22.14 0.32 2.99
C LEU A 170 22.46 -0.42 4.28
N TYR A 171 23.64 -0.19 4.84
CA TYR A 171 23.90 -0.82 6.12
C TYR A 171 24.52 0.14 7.13
N PHE A 172 24.71 -0.37 8.34
CA PHE A 172 25.27 0.41 9.42
C PHE A 172 25.97 -0.56 10.35
N ASP A 173 27.21 -0.27 10.73
CA ASP A 173 27.89 -1.06 11.76
C ASP A 173 28.20 -0.10 12.90
N LYS A 174 28.03 -0.56 14.14
CA LYS A 174 28.35 0.25 15.33
C LYS A 174 29.85 0.59 15.39
N ASP A 175 30.69 -0.32 14.91
CA ASP A 175 32.14 -0.11 14.89
C ASP A 175 32.49 0.83 13.78
N SER A 176 32.92 2.02 14.14
CA SER A 176 33.20 3.07 13.19
C SER A 176 34.27 2.66 12.22
N GLU A 177 35.19 1.80 12.65
CA GLU A 177 36.25 1.30 11.75
C GLU A 177 36.05 -0.16 11.32
N ASP A 178 34.79 -0.56 11.19
CA ASP A 178 34.42 -1.83 10.59
C ASP A 178 34.97 -1.93 9.17
N PRO A 179 35.52 -3.09 8.82
CA PRO A 179 36.14 -3.28 7.50
C PRO A 179 35.16 -3.19 6.33
N GLY A 180 33.92 -3.60 6.54
CA GLY A 180 32.98 -3.72 5.44
C GLY A 180 32.88 -5.14 4.93
N PRO A 181 31.81 -5.45 4.19
CA PRO A 181 31.54 -6.82 3.75
C PRO A 181 32.28 -7.15 2.46
N ASP A 182 32.62 -8.43 2.26
CA ASP A 182 33.35 -8.82 1.04
C ASP A 182 32.40 -9.29 -0.03
N ASP A 183 31.49 -10.17 0.36
CA ASP A 183 30.54 -10.74 -0.58
C ASP A 183 29.10 -10.38 -0.22
N ARG A 184 28.16 -10.79 -1.06
CA ARG A 184 26.79 -10.42 -0.81
C ARG A 184 26.20 -11.21 0.34
N ALA A 185 26.92 -12.23 0.79
CA ALA A 185 26.41 -13.08 1.87
C ALA A 185 26.79 -12.53 3.21
N ALA A 186 27.96 -11.88 3.28
CA ALA A 186 28.44 -11.26 4.52
C ALA A 186 27.68 -9.98 4.72
N LEU A 187 27.24 -9.38 3.61
CA LEU A 187 26.51 -8.13 3.63
C LEU A 187 25.22 -8.28 4.42
N ALA A 188 24.68 -9.49 4.43
CA ALA A 188 23.37 -9.72 5.02
C ALA A 188 23.46 -9.87 6.52
N ASN A 189 24.66 -10.12 7.03
CA ASN A 189 24.79 -10.39 8.46
C ASN A 189 24.68 -9.18 9.35
N TYR A 190 24.72 -7.98 8.77
CA TYR A 190 24.55 -6.77 9.57
C TYR A 190 23.18 -6.75 10.24
N ALA A 191 23.16 -6.16 11.42
CA ALA A 191 21.91 -6.11 12.16
C ALA A 191 21.02 -5.10 11.47
N HIS A 192 21.65 -4.07 10.91
CA HIS A 192 20.91 -2.99 10.35
C HIS A 192 21.17 -2.86 8.88
N LEU A 193 20.26 -3.47 8.10
CA LEU A 193 20.42 -3.57 6.68
C LEU A 193 19.09 -3.33 5.98
N SER A 194 19.15 -2.79 4.76
CA SER A 194 17.99 -2.65 3.90
C SER A 194 18.38 -2.96 2.47
N GLU A 195 17.86 -4.05 1.93
CA GLU A 195 18.11 -4.37 0.54
C GLU A 195 16.84 -4.18 -0.30
N ILE A 196 16.93 -3.48 -1.42
CA ILE A 196 15.82 -3.43 -2.38
C ILE A 196 16.27 -3.40 -3.82
N SER A 197 15.27 -3.51 -4.72
CA SER A 197 15.50 -3.29 -6.14
C SER A 197 15.84 -1.79 -6.27
N PRO A 198 16.78 -1.46 -7.16
CA PRO A 198 17.29 -0.09 -7.24
C PRO A 198 16.24 0.91 -7.68
N TRP A 199 15.09 0.46 -8.18
CA TRP A 199 14.08 1.41 -8.64
C TRP A 199 13.07 1.82 -7.58
N ALA A 200 13.30 1.41 -6.33
CA ALA A 200 12.36 1.57 -5.22
C ALA A 200 12.95 2.31 -4.02
N ILE A 201 12.08 2.87 -3.18
CA ILE A 201 12.53 3.64 -2.03
C ILE A 201 12.83 2.66 -0.94
N THR A 202 13.66 3.05 0.01
CA THR A 202 13.87 2.26 1.21
C THR A 202 14.47 3.16 2.27
N LYS A 203 14.26 2.84 3.54
CA LYS A 203 14.90 3.59 4.62
C LYS A 203 15.68 2.64 5.50
N LEU A 204 16.74 3.14 6.11
CA LEU A 204 17.49 2.36 7.06
C LEU A 204 17.43 3.09 8.37
N THR A 205 16.85 2.47 9.38
CA THR A 205 16.81 3.13 10.66
C THR A 205 17.95 2.62 11.53
N VAL A 206 18.86 3.53 11.91
CA VAL A 206 20.01 3.16 12.71
C VAL A 206 19.74 3.44 14.19
N PRO A 207 20.18 2.51 15.05
CA PRO A 207 19.90 2.59 16.49
C PRO A 207 20.73 3.70 17.10
N THR A 208 20.02 4.62 17.73
CA THR A 208 20.65 5.70 18.45
C THR A 208 20.91 5.23 19.89
N ASP A 209 22.08 5.50 20.44
CA ASP A 209 22.29 5.22 21.85
C ASP A 209 22.24 6.50 22.65
N ASN A 210 22.54 6.38 23.95
CA ASN A 210 22.42 7.51 24.87
C ASN A 210 23.73 7.97 25.51
N VAL A 211 24.76 8.12 24.70
CA VAL A 211 26.01 8.62 25.23
C VAL A 211 26.51 9.81 24.42
N LYS A 212 26.84 10.91 25.11
CA LYS A 212 27.42 12.07 24.44
C LYS A 212 28.80 11.67 23.96
N ARG A 213 29.13 12.10 22.74
CA ARG A 213 30.46 11.91 22.19
C ARG A 213 30.92 13.25 21.65
N PHE A 214 32.22 13.37 21.39
CA PHE A 214 32.75 14.65 20.93
C PHE A 214 32.48 14.93 19.46
N ILE A 215 32.00 16.12 19.17
CA ILE A 215 31.95 16.58 17.80
C ILE A 215 33.40 16.78 17.40
N SER A 216 33.84 16.05 16.40
CA SER A 216 35.23 16.16 15.98
C SER A 216 35.38 15.74 14.54
N ASP A 217 36.48 16.16 13.93
CA ASP A 217 36.80 15.73 12.59
C ASP A 217 37.11 14.25 12.68
N THR A 218 36.62 13.46 11.73
CA THR A 218 36.63 12.00 11.87
C THR A 218 38.00 11.33 11.82
N SER A 219 39.00 12.05 11.34
CA SER A 219 40.37 11.57 11.40
C SER A 219 41.14 12.37 12.45
N SER A 220 40.80 12.13 13.72
CA SER A 220 41.33 12.91 14.83
C SER A 220 41.44 12.03 16.07
N GLY A 221 40.32 11.83 16.76
CA GLY A 221 40.31 10.94 17.91
C GLY A 221 40.11 9.48 17.55
N ASP A 222 40.15 8.60 18.56
CA ASP A 222 39.83 7.19 18.41
C ASP A 222 38.42 7.12 17.87
N PRO A 223 38.26 6.57 16.66
CA PRO A 223 36.98 6.45 15.95
C PRO A 223 35.93 5.72 16.77
N LYS A 224 36.35 4.81 17.63
CA LYS A 224 35.43 4.12 18.54
C LYS A 224 34.90 5.03 19.66
N LEU A 225 35.61 6.13 19.92
CA LEU A 225 35.25 7.04 20.99
C LEU A 225 34.36 8.18 20.50
N ILE A 226 34.53 8.59 19.26
CA ILE A 226 33.89 9.83 18.82
C ILE A 226 32.75 9.63 17.84
N ASN A 227 32.63 8.44 17.26
CA ASN A 227 31.64 8.21 16.21
C ASN A 227 30.58 7.19 16.61
N LEU A 228 29.33 7.48 16.30
CA LEU A 228 28.23 6.56 16.60
C LEU A 228 28.40 5.27 15.83
N GLY A 229 29.05 5.35 14.68
CA GLY A 229 29.26 4.18 13.85
C GLY A 229 29.48 4.60 12.41
N GLN A 230 29.54 3.64 11.51
CA GLN A 230 29.68 3.98 10.12
C GLN A 230 28.44 3.58 9.32
N PHE A 231 28.17 4.34 8.28
CA PHE A 231 27.09 4.06 7.36
C PHE A 231 27.76 3.62 6.08
N GLY A 232 27.13 2.74 5.32
CA GLY A 232 27.73 2.30 4.08
C GLY A 232 26.65 1.87 3.10
N TRP A 233 27.02 1.68 1.83
CA TRP A 233 26.10 1.07 0.87
C TRP A 233 26.81 0.16 -0.12
N VAL A 234 26.06 -0.73 -0.73
CA VAL A 234 26.64 -1.66 -1.71
C VAL A 234 25.64 -1.69 -2.85
N ALA A 235 26.15 -1.96 -4.05
CA ALA A 235 25.29 -2.12 -5.21
C ALA A 235 25.88 -3.20 -6.06
N TYR A 236 25.10 -4.26 -6.24
CA TYR A 236 25.58 -5.36 -7.04
C TYR A 236 24.54 -5.89 -8.00
N SER A 237 25.00 -6.74 -8.91
CA SER A 237 24.18 -7.23 -10.01
C SER A 237 23.68 -6.15 -10.95
N GLY A 238 24.64 -5.40 -11.53
CA GLY A 238 24.45 -4.45 -12.63
C GLY A 238 23.39 -3.42 -12.33
N PRO A 239 23.21 -2.43 -13.21
CA PRO A 239 24.05 -2.13 -14.34
C PRO A 239 25.06 -1.14 -13.84
N THR A 240 25.54 -0.29 -14.74
CA THR A 240 26.57 0.66 -14.37
C THR A 240 26.03 2.05 -14.60
N ALA A 241 25.47 2.61 -13.53
CA ALA A 241 24.79 3.91 -13.57
C ALA A 241 24.84 4.65 -12.24
N GLU A 242 24.23 5.82 -12.20
CA GLU A 242 24.04 6.51 -10.95
C GLU A 242 22.64 6.17 -10.56
N LEU A 243 22.50 5.27 -9.59
CA LEU A 243 21.23 4.65 -9.29
C LEU A 243 20.22 5.53 -8.57
N GLY A 244 20.63 6.14 -7.46
CA GLY A 244 19.70 6.91 -6.66
C GLY A 244 20.40 7.91 -5.76
N ASP A 245 19.60 8.73 -5.09
CA ASP A 245 20.12 9.73 -4.15
C ASP A 245 20.02 9.13 -2.75
N ILE A 246 20.90 9.56 -1.85
CA ILE A 246 20.85 9.10 -0.47
C ILE A 246 20.71 10.28 0.44
N PHE A 247 19.69 10.28 1.28
CA PHE A 247 19.51 11.34 2.25
C PHE A 247 19.67 10.84 3.69
N VAL A 248 20.09 11.74 4.58
CA VAL A 248 20.16 11.44 6.00
C VAL A 248 19.12 12.28 6.71
N GLU A 249 18.39 11.65 7.61
CA GLU A 249 17.39 12.35 8.36
C GLU A 249 17.61 12.07 9.84
N TYR A 250 17.71 13.12 10.65
CA TYR A 250 18.12 12.91 12.02
C TYR A 250 17.49 13.89 12.99
N THR A 251 17.69 13.62 14.28
CA THR A 251 17.44 14.60 15.32
C THR A 251 18.59 14.55 16.32
N VAL A 252 19.33 15.66 16.46
CA VAL A 252 20.46 15.67 17.38
C VAL A 252 20.32 16.66 18.49
N ASP A 253 20.98 16.36 19.59
CA ASP A 253 21.19 17.31 20.65
C ASP A 253 22.67 17.67 20.61
N LEU A 254 22.94 18.97 20.60
CA LEU A 254 24.31 19.44 20.63
C LEU A 254 24.58 20.10 21.98
N PHE A 255 25.75 19.84 22.54
CA PHE A 255 26.04 20.33 23.87
C PHE A 255 27.31 21.16 23.88
N GLU A 256 27.33 22.13 24.81
CA GLU A 256 28.54 22.87 25.16
C GLU A 256 29.07 23.72 24.01
N ALA A 257 28.72 25.00 24.01
CA ALA A 257 29.18 25.88 22.95
C ALA A 257 30.66 26.22 23.12
N GLN A 258 31.34 26.38 21.99
CA GLN A 258 32.78 26.61 21.95
C GLN A 258 32.98 27.60 20.80
N PRO A 259 34.17 28.20 20.70
CA PRO A 259 34.46 29.04 19.53
C PRO A 259 34.38 28.22 18.25
N THR A 260 33.89 28.82 17.18
CA THR A 260 33.54 28.08 15.96
C THR A 260 34.75 27.41 15.33
N SER A 261 34.68 26.10 15.20
CA SER A 261 35.66 25.36 14.42
C SER A 261 35.62 25.88 12.98
N PRO A 262 36.76 25.90 12.30
CA PRO A 262 36.79 26.54 10.97
C PRO A 262 35.91 25.83 9.92
N LEU A 263 35.15 26.63 9.18
CA LEU A 263 34.23 26.11 8.18
C LEU A 263 34.75 26.29 6.75
N LEU A 264 36.06 26.17 6.63
CA LEU A 264 36.70 26.17 5.32
C LEU A 264 37.72 25.05 5.28
N GLU A 265 38.34 24.86 4.13
CA GLU A 265 39.43 23.91 4.08
C GLU A 265 40.70 24.63 3.73
N SER A 266 41.80 24.19 4.32
CA SER A 266 43.11 24.65 3.91
C SER A 266 43.98 23.41 3.76
N LEU A 267 44.14 22.96 2.52
CA LEU A 267 44.94 21.79 2.23
C LEU A 267 46.20 22.23 1.53
N PHE A 268 47.34 21.86 2.10
CA PHE A 268 48.62 22.31 1.61
C PHE A 268 49.58 21.14 1.49
N ARG A 269 50.40 21.16 0.45
CA ARG A 269 51.44 20.15 0.30
C ARG A 269 52.76 20.68 -0.24
N GLU A 270 53.85 20.16 0.33
CA GLU A 270 55.14 20.13 -0.31
C GLU A 270 55.55 18.65 -0.35
N SER A 271 56.23 18.15 -1.39
CA SER A 271 56.78 18.86 -2.56
C SER A 271 57.77 19.99 -2.25
N ALA A 272 58.97 19.62 -1.80
CA ALA A 272 59.33 18.22 -1.64
C ALA A 272 59.58 17.87 -0.17
N SER A 273 58.77 16.96 0.35
CA SER A 273 58.89 16.39 1.68
C SER A 273 57.81 15.32 1.81
N SER A 274 56.98 15.23 0.77
CA SER A 274 55.87 14.29 0.66
C SER A 274 54.77 14.44 1.72
N VAL A 275 54.93 15.40 2.62
CA VAL A 275 53.93 15.63 3.66
C VAL A 275 52.85 16.59 3.17
N GLN A 276 51.63 16.36 3.61
CA GLN A 276 50.54 17.29 3.32
C GLN A 276 49.65 17.47 4.53
N THR A 277 49.30 18.71 4.82
CA THR A 277 48.51 19.00 5.99
C THR A 277 47.16 19.61 5.64
N ARG A 278 46.11 19.04 6.20
CA ARG A 278 44.77 19.54 5.99
C ARG A 278 44.30 20.27 7.22
N MET A 279 43.55 21.35 6.99
CA MET A 279 43.03 22.14 8.07
C MET A 279 41.58 22.45 7.76
N GLY A 280 40.68 22.10 8.68
CA GLY A 280 39.26 22.34 8.46
C GLY A 280 38.56 21.16 7.84
N LEU A 281 37.40 21.40 7.26
CA LEU A 281 36.57 20.33 6.69
C LEU A 281 37.18 19.66 5.47
N PRO A 282 37.07 18.33 5.39
CA PRO A 282 37.67 17.55 4.32
C PRO A 282 36.79 17.58 3.06
N TYR A 283 36.58 18.76 2.50
CA TYR A 283 35.89 18.87 1.22
C TYR A 283 36.67 18.19 0.09
N PHE A 284 37.89 18.67 -0.15
CA PHE A 284 38.72 18.11 -1.21
C PHE A 284 39.89 17.31 -0.67
N SER A 285 40.31 16.32 -1.46
CA SER A 285 41.52 15.56 -1.16
C SER A 285 42.51 15.88 -2.24
N LEU A 286 43.79 15.69 -1.93
CA LEU A 286 44.84 15.85 -2.92
C LEU A 286 45.22 14.50 -3.50
N GLU A 287 45.00 14.33 -4.80
CA GLU A 287 45.17 13.03 -5.45
C GLU A 287 46.52 12.87 -6.14
N VAL A 288 46.86 13.77 -7.04
CA VAL A 288 48.20 13.76 -7.61
C VAL A 288 48.93 15.10 -7.51
N ALA A 289 50.22 15.01 -7.17
CA ALA A 289 51.07 16.17 -7.04
C ALA A 289 52.39 15.92 -7.76
N SER A 290 52.40 16.21 -9.05
CA SER A 290 53.61 16.14 -9.85
C SER A 290 53.98 17.54 -10.31
N ALA A 291 55.15 17.69 -10.90
CA ALA A 291 55.51 18.97 -11.45
C ALA A 291 54.64 19.24 -12.68
N THR A 292 54.20 18.15 -13.30
CA THR A 292 53.42 18.21 -14.53
C THR A 292 51.95 18.56 -14.28
N ASP A 293 51.29 17.79 -13.41
CA ASP A 293 49.86 17.92 -13.17
C ASP A 293 49.53 18.09 -11.69
N LEU A 294 48.31 18.57 -11.45
CA LEU A 294 47.83 18.85 -10.10
C LEU A 294 46.34 18.59 -10.04
N VAL A 295 45.93 17.46 -9.49
CA VAL A 295 44.49 17.22 -9.33
C VAL A 295 44.01 16.99 -7.90
N TRP A 296 42.80 17.50 -7.63
CA TRP A 296 42.15 17.45 -6.31
C TRP A 296 40.84 16.79 -6.57
N GLN A 297 40.45 15.91 -5.67
CA GLN A 297 39.19 15.24 -5.81
C GLN A 297 38.18 15.82 -4.86
N ALA A 298 37.01 16.13 -5.38
CA ALA A 298 35.93 16.68 -4.57
C ALA A 298 35.18 15.54 -3.93
N ARG A 299 35.20 15.49 -2.61
CA ARG A 299 34.52 14.44 -1.85
C ARG A 299 33.07 14.81 -1.58
N VAL A 300 32.86 16.07 -1.25
CA VAL A 300 31.57 16.51 -0.76
C VAL A 300 30.85 17.31 -1.82
N PRO A 301 29.69 16.81 -2.29
CA PRO A 301 28.93 17.45 -3.35
C PRO A 301 28.58 18.87 -2.97
N GLY A 302 28.43 19.74 -3.99
CA GLY A 302 27.91 21.09 -3.80
C GLY A 302 28.66 22.15 -4.56
N THR A 303 28.29 23.40 -4.33
CA THR A 303 28.95 24.52 -4.96
C THR A 303 29.99 25.13 -4.01
N TYR A 304 31.20 25.40 -4.53
CA TYR A 304 32.28 25.95 -3.70
C TYR A 304 32.93 27.15 -4.36
N VAL A 305 33.60 27.98 -3.56
CA VAL A 305 34.64 28.86 -4.11
C VAL A 305 35.99 28.28 -3.72
N VAL A 306 36.89 28.11 -4.69
CA VAL A 306 38.20 27.57 -4.37
C VAL A 306 39.31 28.52 -4.71
N THR A 307 40.35 28.52 -3.88
CA THR A 307 41.55 29.27 -4.20
C THR A 307 42.72 28.31 -4.19
N ILE A 308 43.29 28.09 -5.37
CA ILE A 308 44.45 27.22 -5.48
C ILE A 308 45.62 28.10 -5.83
N ILE A 309 46.70 27.94 -5.06
CA ILE A 309 47.95 28.65 -5.30
C ILE A 309 49.12 27.67 -5.21
N PHE A 310 50.05 27.81 -6.16
CA PHE A 310 51.19 26.89 -6.24
C PHE A 310 52.47 27.55 -6.73
N ASN A 311 53.58 26.89 -6.44
CA ASN A 311 54.88 27.30 -6.93
C ASN A 311 55.27 26.52 -8.19
N SER A 312 55.28 27.21 -9.31
CA SER A 312 55.68 26.62 -10.57
C SER A 312 57.01 27.27 -11.02
N THR A 313 57.44 27.01 -12.27
CA THR A 313 58.54 27.77 -12.90
C THR A 313 58.16 27.95 -14.36
N VAL A 314 57.91 29.20 -14.75
CA VAL A 314 57.27 29.58 -16.03
C VAL A 314 55.76 29.28 -16.06
N GLY A 315 55.36 28.18 -15.41
CA GLY A 315 53.97 27.89 -15.20
C GLY A 315 53.11 27.85 -16.44
N GLY A 316 51.97 28.53 -16.36
CA GLY A 316 50.86 28.30 -17.26
C GLY A 316 50.07 27.14 -16.68
N LEU A 317 48.79 27.08 -17.00
CA LEU A 317 47.94 26.04 -16.41
C LEU A 317 46.67 25.84 -17.21
N THR A 318 46.07 24.66 -17.02
CA THR A 318 44.84 24.32 -17.72
C THR A 318 43.86 23.64 -16.77
N PRO A 319 42.74 24.33 -16.47
CA PRO A 319 41.70 23.83 -15.57
C PRO A 319 40.75 22.90 -16.30
N SER A 320 40.36 21.81 -15.64
CA SER A 320 39.42 20.86 -16.21
C SER A 320 38.75 20.05 -15.11
N ILE A 321 37.44 19.86 -15.20
CA ILE A 321 36.75 19.05 -14.21
C ILE A 321 36.39 17.69 -14.76
N SER A 322 37.04 16.68 -14.21
CA SER A 322 36.85 15.31 -14.64
C SER A 322 35.66 14.68 -13.93
N GLY A 323 34.52 14.69 -14.60
CA GLY A 323 33.37 13.93 -14.13
C GLY A 323 32.20 14.84 -13.85
N GLY A 324 31.36 14.43 -12.92
CA GLY A 324 30.24 15.25 -12.52
C GLY A 324 30.73 16.53 -11.86
N GLY A 325 31.01 17.55 -12.67
CA GLY A 325 31.46 18.81 -12.15
C GLY A 325 31.12 19.93 -13.10
N THR A 326 31.52 21.16 -12.76
CA THR A 326 31.32 22.33 -13.61
C THR A 326 32.05 23.57 -13.09
N ILE A 327 32.86 24.19 -13.93
CA ILE A 327 33.40 25.50 -13.58
C ILE A 327 32.34 26.53 -13.98
N ASN A 328 31.98 27.42 -13.05
CA ASN A 328 30.95 28.41 -13.31
C ASN A 328 31.58 29.78 -13.51
N SER A 329 32.67 30.01 -12.79
CA SER A 329 33.39 31.29 -12.80
C SER A 329 34.86 30.97 -12.60
N SER A 330 35.72 31.47 -13.48
CA SER A 330 37.11 31.12 -13.46
C SER A 330 38.00 32.36 -13.49
N PHE A 331 39.10 32.30 -12.76
CA PHE A 331 40.11 33.34 -12.83
C PHE A 331 41.49 32.73 -12.62
N SER A 332 42.44 33.08 -13.47
CA SER A 332 43.80 32.60 -13.28
C SER A 332 44.82 33.70 -13.55
N VAL A 333 45.97 33.56 -12.90
CA VAL A 333 47.11 34.42 -13.10
C VAL A 333 48.34 33.56 -12.94
N SER A 334 49.09 33.36 -14.01
CA SER A 334 50.19 32.42 -13.99
C SER A 334 51.51 32.96 -14.56
N THR A 335 52.48 33.13 -13.68
CA THR A 335 53.81 33.55 -14.08
C THR A 335 54.81 32.52 -13.57
N ALA A 336 56.10 32.84 -13.72
CA ALA A 336 57.16 32.01 -13.17
C ALA A 336 57.24 32.19 -11.67
N GLY A 337 57.54 31.09 -10.97
CA GLY A 337 57.71 31.12 -9.53
C GLY A 337 56.44 30.84 -8.74
N SER A 338 55.31 31.36 -9.23
CA SER A 338 54.07 31.25 -8.48
C SER A 338 52.89 31.63 -9.35
N SER A 339 51.80 30.88 -9.22
CA SER A 339 50.58 31.13 -9.97
C SER A 339 49.36 30.91 -9.06
N ALA A 340 48.24 31.52 -9.42
CA ALA A 340 47.04 31.42 -8.59
C ALA A 340 45.76 31.18 -9.40
N TYR A 341 44.94 30.25 -8.91
CA TYR A 341 43.68 29.91 -9.55
C TYR A 341 42.51 30.14 -8.59
N VAL A 342 41.52 30.92 -9.03
CA VAL A 342 40.32 31.13 -8.24
C VAL A 342 39.06 30.81 -9.01
N ALA A 343 38.25 29.89 -8.48
CA ALA A 343 37.10 29.38 -9.22
C ALA A 343 35.87 29.12 -8.37
N ASN A 344 34.69 29.28 -8.98
CA ASN A 344 33.43 28.94 -8.38
C ASN A 344 32.90 27.72 -9.09
N ILE A 345 32.94 26.58 -8.43
CA ILE A 345 32.61 25.33 -9.08
C ILE A 345 31.46 24.58 -8.40
N THR A 346 30.88 23.63 -9.13
CA THR A 346 29.84 22.76 -8.61
C THR A 346 30.16 21.28 -8.89
N ILE A 347 30.26 20.49 -7.85
CA ILE A 347 30.62 19.10 -7.97
C ILE A 347 29.53 18.23 -7.39
N ARG A 348 29.25 17.08 -7.98
CA ARG A 348 28.11 16.31 -7.52
C ARG A 348 28.39 14.84 -7.21
N VAL A 349 29.54 14.36 -7.68
CA VAL A 349 30.03 13.05 -7.29
C VAL A 349 31.50 13.30 -7.10
N ASN A 350 32.26 12.25 -6.78
CA ASN A 350 33.71 12.33 -6.74
C ASN A 350 34.32 12.78 -8.05
N ALA A 351 34.22 14.06 -8.35
CA ALA A 351 34.82 14.59 -9.55
C ALA A 351 36.17 15.20 -9.19
N ASN A 352 37.15 15.07 -10.07
CA ASN A 352 38.41 15.75 -9.89
C ASN A 352 38.40 17.05 -10.66
N LEU A 353 39.13 18.03 -10.16
CA LEU A 353 39.45 19.19 -10.98
C LEU A 353 40.96 19.18 -11.15
N SER A 354 41.39 19.43 -12.39
CA SER A 354 42.77 19.23 -12.75
C SER A 354 43.41 20.51 -13.24
N LEU A 355 44.53 20.83 -12.63
CA LEU A 355 45.43 21.84 -13.16
C LEU A 355 46.61 21.07 -13.73
N SER A 356 46.82 21.23 -15.02
CA SER A 356 47.42 20.18 -15.80
C SER A 356 48.57 20.68 -16.72
N GLY A 357 48.44 21.90 -17.25
CA GLY A 357 49.47 22.47 -18.08
C GLY A 357 50.79 22.79 -17.39
N LEU A 358 50.85 22.44 -16.11
CA LEU A 358 51.97 22.85 -15.25
C LEU A 358 53.31 22.38 -15.78
N THR A 359 54.33 23.22 -15.61
CA THR A 359 55.72 22.82 -15.83
C THR A 359 56.54 23.15 -14.60
N GLY A 360 57.21 22.12 -14.05
CA GLY A 360 58.08 22.30 -12.91
C GLY A 360 57.40 22.96 -11.75
N ALA A 361 56.45 22.24 -11.14
CA ALA A 361 55.69 22.76 -10.01
C ALA A 361 56.08 22.02 -8.72
N THR A 362 55.88 22.66 -7.56
CA THR A 362 56.11 21.99 -6.27
C THR A 362 55.02 22.21 -5.24
N ASN A 363 55.23 23.23 -4.41
CA ASN A 363 54.29 23.53 -3.33
C ASN A 363 52.95 23.99 -3.90
N ALA A 364 51.86 23.44 -3.36
CA ALA A 364 50.53 23.83 -3.77
C ALA A 364 49.63 23.85 -2.56
N GLN A 365 48.73 24.83 -2.52
CA GLN A 365 47.76 24.91 -1.45
C GLN A 365 46.37 25.19 -1.98
N LEU A 366 45.39 24.51 -1.37
CA LEU A 366 43.98 24.68 -1.71
C LEU A 366 43.16 25.28 -0.56
N PHE A 367 42.35 26.28 -0.88
CA PHE A 367 41.42 26.86 0.05
C PHE A 367 40.04 26.65 -0.51
N ALA A 368 39.17 25.99 0.24
CA ALA A 368 37.82 25.71 -0.24
C ALA A 368 36.78 26.17 0.76
N VAL A 369 35.69 26.74 0.27
CA VAL A 369 34.62 27.13 1.15
C VAL A 369 33.27 27.03 0.47
N ARG A 370 32.32 26.44 1.19
CA ARG A 370 30.96 26.27 0.73
C ARG A 370 30.36 27.58 0.29
N ALA A 371 30.13 27.75 -1.01
CA ALA A 371 29.47 28.95 -1.51
C ALA A 371 28.27 28.67 -2.41
N ILE A 372 27.82 29.71 -3.10
CA ILE A 372 26.76 29.57 -4.08
C ILE A 372 27.18 30.15 -5.43
N THR A 373 26.33 29.96 -6.43
CA THR A 373 26.71 30.32 -7.78
C THR A 373 26.84 31.82 -8.01
N GLU A 374 26.05 32.63 -7.32
CA GLU A 374 26.15 34.08 -7.49
C GLU A 374 27.34 34.67 -6.75
N ASN A 375 28.11 33.82 -6.08
CA ASN A 375 29.39 34.26 -5.55
C ASN A 375 30.38 34.05 -6.65
N ALA A 376 30.11 34.62 -7.82
CA ALA A 376 30.90 34.36 -9.02
C ALA A 376 32.19 35.16 -9.07
N VAL A 377 33.27 34.54 -9.55
CA VAL A 377 34.49 35.27 -9.80
C VAL A 377 34.19 36.14 -11.01
N GLN A 378 34.70 37.37 -11.04
CA GLN A 378 34.31 38.34 -12.05
C GLN A 378 35.50 39.04 -12.69
N VAL A 379 36.65 38.97 -12.03
CA VAL A 379 37.87 39.51 -12.59
C VAL A 379 38.40 38.45 -13.54
N VAL A 380 39.13 38.87 -14.58
CA VAL A 380 39.75 37.94 -15.52
C VAL A 380 40.87 38.60 -16.31
N ALA B 90 16.20 -5.18 25.51
CA ALA B 90 16.67 -5.15 24.13
C ALA B 90 16.48 -6.49 23.42
N LYS B 91 16.45 -6.44 22.08
CA LYS B 91 16.26 -7.64 21.29
C LYS B 91 17.13 -7.73 20.04
N GLY B 92 18.26 -7.06 20.08
CA GLY B 92 19.38 -7.42 19.25
C GLY B 92 20.41 -7.97 20.22
N SER B 93 19.98 -8.09 21.47
CA SER B 93 20.84 -8.44 22.61
C SER B 93 20.77 -9.92 23.02
N VAL B 94 21.87 -10.64 22.87
CA VAL B 94 21.93 -12.00 23.32
C VAL B 94 22.71 -12.08 24.63
N ARG B 95 22.28 -12.93 25.56
CA ARG B 95 23.01 -13.06 26.81
C ARG B 95 23.49 -14.45 27.11
N ILE B 96 24.80 -14.59 27.31
CA ILE B 96 25.41 -15.89 27.53
C ILE B 96 25.98 -16.06 28.94
N THR B 97 25.69 -17.20 29.57
CA THR B 97 26.33 -17.60 30.82
C THR B 97 27.09 -18.88 30.59
N HIS B 98 28.39 -18.90 30.94
CA HIS B 98 29.23 -20.07 30.67
C HIS B 98 30.49 -20.13 31.53
N ARG B 99 31.11 -21.32 31.57
CA ARG B 99 32.39 -21.51 32.25
CA ARG B 99 32.39 -21.52 32.24
C ARG B 99 33.32 -22.24 31.30
N GLU B 100 34.40 -21.57 30.89
CA GLU B 100 35.37 -22.18 29.97
C GLU B 100 36.83 -22.13 30.44
N TYR B 101 37.72 -22.66 29.60
CA TYR B 101 39.10 -22.89 30.04
C TYR B 101 40.04 -21.75 29.72
N VAL B 102 40.65 -21.13 30.74
CA VAL B 102 41.63 -20.09 30.48
C VAL B 102 42.98 -20.71 30.09
N SER B 103 43.67 -21.22 31.09
CA SER B 103 45.00 -21.73 30.87
C SER B 103 45.41 -22.60 32.03
N VAL B 104 46.52 -23.29 31.89
CA VAL B 104 47.13 -23.99 33.01
C VAL B 104 48.11 -23.03 33.73
N LEU B 105 48.02 -22.98 35.06
CA LEU B 105 48.88 -22.14 35.88
C LEU B 105 50.08 -22.95 36.22
N SER B 106 51.24 -22.51 35.78
CA SER B 106 52.46 -23.28 35.99
C SER B 106 53.49 -22.41 36.65
N GLY B 107 54.40 -23.06 37.35
CA GLY B 107 55.49 -22.41 38.03
C GLY B 107 56.83 -23.06 37.73
N THR B 108 57.89 -22.31 37.88
CA THR B 108 59.22 -22.87 37.79
C THR B 108 59.90 -22.65 39.12
N ASN B 109 60.76 -23.58 39.51
CA ASN B 109 61.37 -23.56 40.83
C ASN B 109 62.23 -22.33 41.10
N GLY B 110 61.98 -21.67 42.23
CA GLY B 110 62.74 -20.50 42.61
C GLY B 110 62.68 -19.39 41.59
N GLU B 111 61.49 -19.13 41.06
CA GLU B 111 61.27 -18.00 40.17
C GLU B 111 59.94 -17.36 40.53
N PHE B 112 59.71 -16.14 40.07
CA PHE B 112 58.44 -15.48 40.28
C PHE B 112 57.43 -16.02 39.26
N LEU B 113 57.75 -15.89 37.99
CA LEU B 113 56.91 -16.45 36.94
C LEU B 113 55.48 -15.96 36.94
N ARG B 114 55.30 -14.79 36.31
CA ARG B 114 54.01 -14.19 36.08
C ARG B 114 53.52 -14.67 34.73
N ASN B 115 52.29 -15.14 34.67
CA ASN B 115 51.67 -15.61 33.45
C ASN B 115 52.51 -16.63 32.72
N ASN B 116 53.06 -17.58 33.46
CA ASN B 116 53.79 -18.68 32.85
C ASN B 116 55.02 -18.21 32.07
N GLY B 117 55.43 -16.97 32.31
CA GLY B 117 56.63 -16.45 31.69
C GLY B 117 56.35 -15.88 30.33
N THR B 118 55.07 -15.75 29.98
CA THR B 118 54.65 -15.31 28.65
C THR B 118 55.05 -13.88 28.33
N GLY B 119 54.80 -12.96 29.25
CA GLY B 119 55.35 -11.62 29.11
C GLY B 119 54.36 -10.52 28.74
N PRO B 120 54.33 -10.14 27.45
CA PRO B 120 53.51 -9.04 26.88
C PRO B 120 52.04 -9.04 27.31
N ASN B 121 51.75 -8.33 28.40
CA ASN B 121 50.43 -8.27 29.01
C ASN B 121 49.37 -7.71 28.09
N ASN B 122 49.23 -8.30 26.92
CA ASN B 122 48.35 -7.82 25.87
C ASN B 122 47.27 -8.86 25.57
N ASP B 123 47.67 -10.13 25.59
CA ASP B 123 46.74 -11.20 25.30
C ASP B 123 46.11 -11.70 26.58
N PHE B 124 46.09 -10.84 27.59
CA PHE B 124 45.42 -11.12 28.86
C PHE B 124 44.42 -10.04 29.16
N SER B 125 44.09 -9.28 28.13
CA SER B 125 43.12 -8.22 28.28
C SER B 125 41.78 -8.90 28.20
N ILE B 126 40.86 -8.47 29.05
CA ILE B 126 39.51 -9.02 29.04
C ILE B 126 38.64 -8.35 27.98
N ASN B 127 38.60 -8.97 26.81
CA ASN B 127 37.71 -8.59 25.72
C ASN B 127 37.35 -9.93 25.15
N PRO B 128 36.26 -10.01 24.40
CA PRO B 128 36.07 -11.45 24.47
C PRO B 128 35.50 -12.17 23.28
N LEU B 129 36.13 -12.53 22.15
CA LEU B 129 37.31 -12.00 21.43
C LEU B 129 38.73 -12.30 21.77
N ASN B 130 39.07 -12.38 23.04
CA ASN B 130 40.42 -12.87 23.37
C ASN B 130 40.40 -14.39 23.54
N PRO B 131 40.84 -15.10 22.51
CA PRO B 131 40.76 -16.56 22.49
C PRO B 131 41.67 -17.21 23.53
N PHE B 132 42.48 -16.43 24.22
CA PHE B 132 43.21 -17.01 25.33
C PHE B 132 42.32 -17.15 26.58
N LEU B 133 41.70 -16.05 26.98
CA LEU B 133 40.73 -16.05 28.07
C LEU B 133 39.39 -16.70 27.71
N PHE B 134 38.88 -16.47 26.50
CA PHE B 134 37.56 -16.97 26.16
C PHE B 134 37.53 -17.82 24.88
N PRO B 135 38.11 -19.02 24.95
CA PRO B 135 38.24 -19.85 23.75
C PRO B 135 36.88 -20.39 23.23
N TRP B 136 35.83 -20.27 24.03
CA TRP B 136 34.54 -20.84 23.68
C TRP B 136 33.64 -19.69 23.29
N LEU B 137 33.76 -18.57 24.01
CA LEU B 137 32.95 -17.40 23.73
C LEU B 137 33.33 -16.77 22.40
N VAL B 138 34.59 -16.94 22.01
CA VAL B 138 35.09 -16.28 20.81
C VAL B 138 34.26 -16.60 19.58
N ASN B 139 33.78 -17.85 19.44
CA ASN B 139 33.01 -18.23 18.25
C ASN B 139 31.71 -17.48 18.21
N ILE B 140 31.24 -17.06 19.38
CA ILE B 140 30.00 -16.31 19.41
C ILE B 140 30.32 -14.83 19.21
N ALA B 141 31.28 -14.33 19.98
CA ALA B 141 31.52 -12.90 20.00
C ALA B 141 32.04 -12.42 18.67
N ALA B 142 32.60 -13.31 17.87
CA ALA B 142 33.01 -12.95 16.52
C ALA B 142 31.83 -12.43 15.68
N ASN B 143 30.62 -12.69 16.14
CA ASN B 143 29.44 -12.29 15.39
C ASN B 143 28.80 -11.01 15.91
N PHE B 144 29.45 -10.36 16.88
CA PHE B 144 28.86 -9.18 17.49
C PHE B 144 29.86 -8.04 17.62
N ASP B 145 29.33 -6.82 17.78
CA ASP B 145 30.14 -5.63 17.85
C ASP B 145 30.43 -5.18 19.29
N GLN B 146 29.50 -5.45 20.22
CA GLN B 146 29.66 -4.89 21.56
C GLN B 146 29.38 -5.89 22.67
N TYR B 147 30.00 -5.65 23.82
CA TYR B 147 29.83 -6.53 24.96
C TYR B 147 29.78 -5.77 26.28
N LYS B 148 29.09 -6.39 27.22
CA LYS B 148 28.99 -5.91 28.59
C LYS B 148 29.00 -7.14 29.49
N PHE B 149 29.93 -7.20 30.43
CA PHE B 149 29.96 -8.31 31.37
C PHE B 149 29.09 -7.98 32.56
N ASN B 150 28.32 -8.95 33.02
CA ASN B 150 27.45 -8.73 34.17
C ASN B 150 28.04 -9.37 35.38
N SER B 151 28.69 -10.50 35.19
CA SER B 151 29.45 -11.13 36.26
C SER B 151 30.62 -11.88 35.64
N LEU B 152 31.75 -11.90 36.35
CA LEU B 152 32.97 -12.42 35.77
C LEU B 152 33.85 -12.85 36.93
N ARG B 153 34.31 -14.10 36.85
CA ARG B 153 34.97 -14.72 37.96
C ARG B 153 35.93 -15.77 37.44
N PHE B 154 37.16 -15.74 37.93
CA PHE B 154 38.17 -16.73 37.56
C PHE B 154 38.36 -17.68 38.72
N GLU B 155 38.66 -18.92 38.38
CA GLU B 155 38.64 -19.98 39.35
C GLU B 155 39.87 -20.87 39.23
N TYR B 156 40.55 -21.11 40.35
CA TYR B 156 41.74 -21.92 40.30
C TYR B 156 41.46 -23.26 40.92
N VAL B 157 41.69 -24.31 40.16
CA VAL B 157 41.49 -25.67 40.65
C VAL B 157 42.78 -26.45 40.55
N PRO B 158 43.27 -26.94 41.70
CA PRO B 158 44.60 -27.54 41.77
C PRO B 158 44.75 -28.82 40.96
N LEU B 159 45.92 -28.95 40.37
CA LEU B 159 46.28 -30.11 39.57
C LEU B 159 47.35 -30.84 40.37
N VAL B 160 47.81 -30.17 41.42
CA VAL B 160 48.98 -30.59 42.17
C VAL B 160 48.60 -31.11 43.58
N ASN B 161 49.50 -31.80 44.23
CA ASN B 161 49.08 -32.50 45.42
C ASN B 161 49.34 -31.70 46.67
N THR B 162 49.05 -32.34 47.79
CA THR B 162 48.76 -31.64 49.01
C THR B 162 50.04 -31.32 49.74
N THR B 163 51.13 -31.92 49.30
CA THR B 163 52.42 -31.65 49.93
C THR B 163 53.22 -30.59 49.17
N THR B 164 52.67 -30.15 48.04
CA THR B 164 53.31 -29.12 47.23
C THR B 164 53.47 -27.84 48.03
N ASN B 165 54.65 -27.23 47.95
CA ASN B 165 54.88 -25.96 48.62
C ASN B 165 54.57 -24.78 47.69
N GLY B 166 54.72 -23.57 48.19
CA GLY B 166 54.53 -22.41 47.35
C GLY B 166 53.19 -21.74 47.47
N ARG B 167 52.83 -21.03 46.41
CA ARG B 167 51.72 -20.09 46.43
C ARG B 167 51.34 -19.66 45.01
N VAL B 168 50.06 -19.69 44.70
CA VAL B 168 49.61 -19.15 43.43
C VAL B 168 48.77 -17.92 43.75
N ALA B 169 48.62 -17.06 42.75
CA ALA B 169 47.96 -15.80 42.96
C ALA B 169 47.25 -15.40 41.69
N LEU B 170 46.03 -14.93 41.82
CA LEU B 170 45.31 -14.38 40.69
C LEU B 170 45.06 -12.90 40.99
N TYR B 171 45.22 -12.05 39.97
CA TYR B 171 44.99 -10.62 40.17
C TYR B 171 44.27 -10.04 38.98
N PHE B 172 43.76 -8.83 39.17
CA PHE B 172 43.02 -8.15 38.12
C PHE B 172 43.25 -6.67 38.22
N ASP B 173 43.67 -6.03 37.14
CA ASP B 173 43.75 -4.56 37.10
C ASP B 173 42.68 -3.96 36.14
N LYS B 174 42.09 -2.82 36.52
CA LYS B 174 41.10 -2.18 35.67
C LYS B 174 41.77 -1.61 34.41
N ASP B 175 43.03 -1.21 34.56
CA ASP B 175 43.83 -0.70 33.45
C ASP B 175 44.43 -1.89 32.70
N SER B 176 43.88 -2.20 31.52
CA SER B 176 44.35 -3.36 30.75
C SER B 176 45.72 -3.13 30.14
N GLU B 177 46.31 -1.97 30.41
CA GLU B 177 47.48 -1.50 29.71
C GLU B 177 48.66 -1.34 30.66
N ASP B 178 48.35 -1.32 31.96
CA ASP B 178 49.39 -1.25 32.97
C ASP B 178 50.23 -2.53 32.90
N PRO B 179 51.50 -2.45 33.31
CA PRO B 179 52.35 -3.63 33.22
C PRO B 179 52.09 -4.54 34.39
N GLY B 180 52.45 -5.81 34.26
CA GLY B 180 52.22 -6.74 35.35
C GLY B 180 53.04 -6.45 36.58
N PRO B 181 52.76 -7.19 37.66
CA PRO B 181 53.54 -7.13 38.88
C PRO B 181 54.90 -7.79 38.68
N ASP B 182 55.97 -7.19 39.17
CA ASP B 182 57.30 -7.77 39.02
C ASP B 182 57.77 -8.53 40.24
N ASP B 183 57.46 -7.99 41.41
CA ASP B 183 57.84 -8.60 42.67
C ASP B 183 56.59 -8.94 43.44
N ARG B 184 56.75 -9.58 44.59
CA ARG B 184 55.62 -9.99 45.40
C ARG B 184 55.01 -8.78 46.09
N ALA B 185 55.81 -7.73 46.25
CA ALA B 185 55.37 -6.56 46.96
C ALA B 185 54.33 -5.84 46.11
N ALA B 186 54.54 -5.85 44.79
CA ALA B 186 53.64 -5.22 43.85
C ALA B 186 52.35 -6.00 43.79
N LEU B 187 52.49 -7.32 43.65
CA LEU B 187 51.38 -8.25 43.61
C LEU B 187 50.42 -8.02 44.76
N ALA B 188 50.93 -7.62 45.91
CA ALA B 188 50.10 -7.51 47.10
C ALA B 188 49.31 -6.21 47.16
N ASN B 189 49.69 -5.22 46.35
CA ASN B 189 49.01 -3.92 46.39
C ASN B 189 47.83 -3.85 45.47
N TYR B 190 47.68 -4.86 44.61
CA TYR B 190 46.51 -4.94 43.74
C TYR B 190 45.26 -5.02 44.56
N ALA B 191 44.27 -4.22 44.19
CA ALA B 191 43.05 -4.15 44.98
C ALA B 191 42.30 -5.47 44.90
N HIS B 192 42.34 -6.09 43.71
CA HIS B 192 41.64 -7.34 43.46
C HIS B 192 42.62 -8.48 43.28
N LEU B 193 42.93 -9.13 44.40
CA LEU B 193 44.00 -10.13 44.45
C LEU B 193 43.45 -11.34 45.18
N SER B 194 43.97 -12.52 44.86
CA SER B 194 43.62 -13.68 45.65
C SER B 194 44.76 -14.70 45.61
N GLU B 195 45.22 -15.13 46.78
CA GLU B 195 46.38 -16.01 46.83
C GLU B 195 46.09 -17.19 47.74
N ILE B 196 46.49 -18.37 47.28
CA ILE B 196 46.34 -19.53 48.11
C ILE B 196 47.37 -20.57 47.70
N SER B 197 47.60 -21.53 48.60
CA SER B 197 48.59 -22.57 48.38
C SER B 197 48.09 -23.45 47.24
N PRO B 198 49.03 -23.95 46.41
CA PRO B 198 48.71 -24.51 45.10
C PRO B 198 47.80 -25.74 45.16
N TRP B 199 47.70 -26.38 46.32
CA TRP B 199 46.88 -27.58 46.41
C TRP B 199 45.45 -27.27 46.79
N ALA B 200 45.18 -26.00 47.05
CA ALA B 200 43.82 -25.60 47.44
C ALA B 200 43.08 -24.89 46.30
N ILE B 201 41.80 -24.61 46.51
CA ILE B 201 41.01 -23.92 45.49
C ILE B 201 40.83 -22.49 45.92
N THR B 202 40.97 -21.57 44.99
CA THR B 202 40.59 -20.20 45.27
C THR B 202 39.94 -19.62 44.05
N LYS B 203 39.49 -18.39 44.17
CA LYS B 203 38.88 -17.76 43.02
C LYS B 203 38.95 -16.27 43.18
N LEU B 204 38.81 -15.58 42.05
CA LEU B 204 38.87 -14.15 42.04
C LEU B 204 37.64 -13.66 41.31
N THR B 205 36.91 -12.74 41.93
CA THR B 205 35.75 -12.14 41.29
C THR B 205 36.16 -10.73 40.87
N VAL B 206 36.30 -10.50 39.57
CA VAL B 206 36.55 -9.15 39.07
C VAL B 206 35.24 -8.39 39.06
N PRO B 207 35.35 -7.07 39.23
CA PRO B 207 34.14 -6.25 39.29
C PRO B 207 33.76 -5.77 37.90
N THR B 208 32.48 -5.89 37.59
CA THR B 208 31.97 -5.52 36.28
C THR B 208 31.34 -4.17 36.39
N ASP B 209 31.49 -3.36 35.36
CA ASP B 209 30.77 -2.09 35.34
C ASP B 209 29.61 -2.18 34.38
N ASN B 210 29.13 -1.02 33.97
CA ASN B 210 27.87 -0.94 33.30
C ASN B 210 27.95 -0.44 31.86
N VAL B 211 29.15 -0.40 31.32
CA VAL B 211 29.34 0.20 30.02
C VAL B 211 29.51 -0.83 28.90
N LYS B 212 28.90 -0.54 27.76
CA LYS B 212 29.12 -1.36 26.59
C LYS B 212 30.48 -0.99 26.07
N ARG B 213 31.26 -1.99 25.70
CA ARG B 213 32.53 -1.75 25.01
C ARG B 213 32.56 -2.51 23.69
N PHE B 214 33.57 -2.25 22.86
CA PHE B 214 33.66 -2.97 21.58
C PHE B 214 34.36 -4.32 21.68
N ILE B 215 33.80 -5.31 21.01
CA ILE B 215 34.47 -6.57 20.85
C ILE B 215 35.46 -6.36 19.73
N SER B 216 36.76 -6.38 20.05
CA SER B 216 37.78 -6.28 19.03
C SER B 216 39.07 -6.94 19.45
N ASP B 217 40.13 -6.64 18.71
CA ASP B 217 41.30 -7.47 18.68
C ASP B 217 42.15 -7.51 19.94
N THR B 218 41.92 -6.56 20.85
CA THR B 218 42.88 -6.26 21.91
C THR B 218 44.20 -5.83 21.27
N SER B 219 44.09 -5.06 20.19
CA SER B 219 45.23 -4.56 19.42
C SER B 219 44.61 -3.66 18.37
N SER B 220 43.28 -3.60 18.39
CA SER B 220 42.54 -2.80 17.44
C SER B 220 42.10 -1.51 18.14
N GLY B 221 43.06 -0.79 18.72
CA GLY B 221 42.77 0.50 19.31
C GLY B 221 42.99 0.58 20.82
N ASP B 222 42.64 1.73 21.41
CA ASP B 222 42.93 2.05 22.80
C ASP B 222 42.39 1.00 23.78
N PRO B 223 43.31 0.29 24.45
CA PRO B 223 43.00 -0.73 25.44
C PRO B 223 41.95 -0.29 26.45
N LYS B 224 42.07 0.92 26.96
CA LYS B 224 41.14 1.40 27.99
C LYS B 224 39.69 1.57 27.50
N LEU B 225 39.52 1.71 26.18
CA LEU B 225 38.20 1.88 25.60
C LEU B 225 37.54 0.55 25.28
N ILE B 226 38.34 -0.51 25.18
CA ILE B 226 37.81 -1.75 24.63
C ILE B 226 37.87 -2.91 25.62
N ASN B 227 38.73 -2.79 26.61
CA ASN B 227 38.90 -3.88 27.59
C ASN B 227 38.42 -3.51 28.99
N LEU B 228 37.72 -4.43 29.61
CA LEU B 228 37.23 -4.25 30.97
C LEU B 228 38.41 -4.13 31.87
N GLY B 229 39.47 -4.84 31.52
CA GLY B 229 40.69 -4.77 32.28
C GLY B 229 41.64 -5.89 31.92
N GLN B 230 42.52 -6.21 32.87
CA GLN B 230 43.59 -7.15 32.64
C GLN B 230 43.49 -8.27 33.67
N PHE B 231 43.70 -9.51 33.24
CA PHE B 231 43.81 -10.62 34.18
C PHE B 231 45.26 -11.13 34.21
N GLY B 232 45.60 -11.89 35.24
CA GLY B 232 46.97 -12.37 35.35
C GLY B 232 47.18 -13.27 36.55
N TRP B 233 48.26 -14.04 36.54
CA TRP B 233 48.54 -14.89 37.68
C TRP B 233 50.01 -14.99 37.96
N VAL B 234 50.36 -15.43 39.16
CA VAL B 234 51.75 -15.52 39.54
C VAL B 234 51.86 -16.79 40.36
N ALA B 235 53.01 -17.46 40.30
CA ALA B 235 53.23 -18.64 41.13
C ALA B 235 54.64 -18.60 41.65
N TYR B 236 54.79 -18.42 42.96
CA TYR B 236 56.12 -18.32 43.52
C TYR B 236 56.44 -19.30 44.64
N SER B 237 57.73 -19.41 44.96
CA SER B 237 58.23 -20.24 46.04
C SER B 237 57.76 -21.70 46.00
N GLY B 238 57.29 -22.12 44.84
CA GLY B 238 56.85 -23.50 44.66
C GLY B 238 57.84 -24.33 43.89
N PRO B 239 57.37 -25.46 43.36
CA PRO B 239 58.17 -26.36 42.54
C PRO B 239 58.05 -25.95 41.11
N THR B 240 58.62 -26.75 40.21
CA THR B 240 58.57 -26.44 38.80
C THR B 240 57.65 -27.39 38.07
N ALA B 241 56.37 -27.06 38.00
CA ALA B 241 55.35 -27.99 37.47
C ALA B 241 54.05 -27.32 37.04
N GLU B 242 53.11 -28.12 36.57
CA GLU B 242 51.78 -27.62 36.30
C GLU B 242 51.02 -27.67 37.60
N LEU B 243 50.74 -26.50 38.18
CA LEU B 243 50.09 -26.44 39.47
C LEU B 243 48.56 -26.58 39.39
N GLY B 244 47.91 -25.89 38.45
CA GLY B 244 46.46 -26.02 38.32
C GLY B 244 45.83 -25.50 37.05
N ASP B 245 44.52 -25.72 36.93
CA ASP B 245 43.72 -25.19 35.83
C ASP B 245 43.06 -23.89 36.28
N ILE B 246 43.06 -22.90 35.40
CA ILE B 246 42.34 -21.67 35.67
C ILE B 246 41.14 -21.60 34.75
N PHE B 247 39.95 -21.47 35.33
CA PHE B 247 38.74 -21.40 34.52
C PHE B 247 38.19 -20.02 34.66
N VAL B 248 37.32 -19.62 33.73
CA VAL B 248 36.60 -18.37 33.87
C VAL B 248 35.13 -18.66 33.74
N GLU B 249 34.34 -18.05 34.62
CA GLU B 249 32.90 -18.23 34.62
C GLU B 249 32.31 -16.84 34.46
N TYR B 250 31.29 -16.72 33.64
CA TYR B 250 30.82 -15.39 33.32
C TYR B 250 29.41 -15.36 32.80
N THR B 251 28.85 -14.15 32.79
CA THR B 251 27.58 -13.88 32.15
C THR B 251 27.77 -12.61 31.37
N VAL B 252 27.78 -12.71 30.04
CA VAL B 252 27.89 -11.54 29.16
C VAL B 252 26.62 -11.21 28.38
N ASP B 253 26.46 -9.92 28.09
CA ASP B 253 25.50 -9.53 27.08
C ASP B 253 26.31 -9.18 25.84
N LEU B 254 25.86 -9.60 24.67
CA LEU B 254 26.50 -9.18 23.43
C LEU B 254 25.50 -8.37 22.66
N PHE B 255 25.96 -7.36 21.96
CA PHE B 255 25.06 -6.52 21.20
C PHE B 255 25.51 -6.31 19.77
N GLU B 256 24.52 -6.03 18.92
CA GLU B 256 24.76 -5.64 17.54
C GLU B 256 25.40 -6.75 16.69
N ALA B 257 24.56 -7.56 16.05
CA ALA B 257 25.04 -8.56 15.12
C ALA B 257 25.80 -7.96 13.94
N GLN B 258 26.95 -8.53 13.64
CA GLN B 258 27.72 -8.08 12.49
C GLN B 258 28.21 -9.29 11.71
N PRO B 259 28.73 -9.07 10.48
CA PRO B 259 29.28 -10.21 9.76
C PRO B 259 30.49 -10.70 10.51
N THR B 260 30.71 -12.03 10.47
CA THR B 260 31.65 -12.69 11.39
C THR B 260 33.09 -12.24 11.23
N SER B 261 33.75 -11.89 12.34
CA SER B 261 35.17 -11.61 12.31
C SER B 261 35.86 -12.91 12.01
N PRO B 262 37.02 -12.85 11.34
CA PRO B 262 37.64 -14.11 10.91
C PRO B 262 38.00 -14.98 12.10
N LEU B 263 37.60 -16.25 12.05
CA LEU B 263 37.91 -17.19 13.11
C LEU B 263 39.15 -18.03 12.79
N LEU B 264 40.04 -17.46 11.99
CA LEU B 264 41.26 -18.14 11.63
C LEU B 264 42.41 -17.16 11.71
N GLU B 265 43.63 -17.64 11.53
CA GLU B 265 44.74 -16.73 11.61
C GLU B 265 45.52 -16.71 10.30
N SER B 266 45.90 -15.51 9.88
CA SER B 266 46.80 -15.37 8.75
C SER B 266 47.99 -14.56 9.25
N LEU B 267 49.16 -15.19 9.27
CA LEU B 267 50.36 -14.54 9.77
C LEU B 267 51.47 -14.53 8.72
N PHE B 268 51.79 -13.33 8.24
CA PHE B 268 52.70 -13.16 7.11
C PHE B 268 54.01 -12.48 7.53
N ARG B 269 55.09 -12.80 6.83
CA ARG B 269 56.41 -12.31 7.18
C ARG B 269 57.33 -12.20 5.94
N GLU B 270 58.24 -11.23 5.99
CA GLU B 270 59.24 -11.05 4.95
C GLU B 270 60.35 -10.15 5.53
N SER B 271 61.64 -10.27 5.15
CA SER B 271 62.25 -11.15 4.13
C SER B 271 61.64 -11.13 2.72
N ALA B 272 61.92 -10.11 1.92
CA ALA B 272 62.93 -9.08 2.21
C ALA B 272 62.31 -7.81 2.78
N SER B 273 62.39 -7.67 4.10
CA SER B 273 61.82 -6.57 4.86
C SER B 273 61.99 -6.95 6.32
N SER B 274 60.99 -6.65 7.13
CA SER B 274 60.90 -7.19 8.48
C SER B 274 59.43 -7.22 8.92
N VAL B 275 58.59 -6.62 8.06
CA VAL B 275 57.15 -6.50 8.31
C VAL B 275 56.43 -7.84 8.52
N GLN B 276 55.52 -7.86 9.48
CA GLN B 276 55.01 -9.11 10.03
C GLN B 276 53.51 -9.05 10.24
N THR B 277 52.78 -8.63 9.20
CA THR B 277 51.33 -8.40 9.34
C THR B 277 50.49 -9.63 9.72
N ARG B 278 49.62 -9.44 10.72
CA ARG B 278 48.79 -10.52 11.24
C ARG B 278 47.33 -10.17 11.09
N MET B 279 46.50 -11.18 10.83
CA MET B 279 45.10 -10.96 10.51
C MET B 279 44.26 -12.13 11.01
N GLY B 280 43.24 -11.83 11.82
CA GLY B 280 42.50 -12.88 12.50
C GLY B 280 42.96 -13.03 13.94
N LEU B 281 42.45 -14.07 14.62
CA LEU B 281 42.80 -14.33 16.01
C LEU B 281 44.29 -14.55 16.14
N PRO B 282 44.85 -14.22 17.31
CA PRO B 282 46.28 -14.39 17.56
C PRO B 282 46.58 -15.73 18.22
N TYR B 283 46.19 -16.82 17.57
CA TYR B 283 46.47 -18.16 18.08
C TYR B 283 47.97 -18.39 18.20
N PHE B 284 48.70 -18.21 17.09
CA PHE B 284 50.14 -18.44 17.08
C PHE B 284 50.88 -17.13 16.92
N SER B 285 52.11 -17.11 17.39
CA SER B 285 52.97 -15.96 17.22
C SER B 285 54.25 -16.40 16.59
N LEU B 286 54.96 -15.41 16.07
CA LEU B 286 56.17 -15.62 15.28
C LEU B 286 57.39 -15.23 16.09
N GLU B 287 58.20 -16.23 16.47
CA GLU B 287 59.37 -16.00 17.31
C GLU B 287 60.60 -15.59 16.50
N VAL B 288 61.02 -16.44 15.56
CA VAL B 288 61.99 -16.00 14.56
C VAL B 288 61.79 -16.59 13.14
N ALA B 289 62.06 -15.73 12.17
CA ALA B 289 62.05 -16.09 10.76
C ALA B 289 63.42 -15.79 10.20
N SER B 290 64.26 -16.83 10.19
CA SER B 290 65.63 -16.70 9.74
C SER B 290 65.74 -16.94 8.23
N ALA B 291 66.50 -17.97 7.90
CA ALA B 291 66.57 -18.51 6.56
C ALA B 291 66.89 -19.98 6.79
N THR B 292 67.31 -20.27 8.03
CA THR B 292 67.61 -21.62 8.46
C THR B 292 66.46 -22.23 9.23
N ASP B 293 65.75 -21.41 10.00
CA ASP B 293 64.72 -21.92 10.90
C ASP B 293 63.47 -21.05 10.99
N LEU B 294 62.33 -21.72 11.20
CA LEU B 294 61.05 -21.08 11.43
C LEU B 294 60.41 -21.60 12.71
N VAL B 295 60.17 -20.69 13.65
CA VAL B 295 59.59 -21.04 14.94
C VAL B 295 58.34 -20.25 15.28
N TRP B 296 57.24 -20.98 15.43
CA TRP B 296 55.97 -20.37 15.78
C TRP B 296 55.65 -20.82 17.19
N GLN B 297 55.42 -19.88 18.09
CA GLN B 297 55.00 -20.25 19.44
C GLN B 297 53.49 -20.17 19.52
N ALA B 298 52.90 -21.09 20.25
CA ALA B 298 51.46 -21.20 20.41
C ALA B 298 50.96 -20.50 21.69
N ARG B 299 50.22 -19.41 21.49
CA ARG B 299 49.63 -18.64 22.57
C ARG B 299 48.32 -19.25 23.09
N VAL B 300 47.77 -20.20 22.35
CA VAL B 300 46.47 -20.71 22.73
C VAL B 300 46.38 -22.22 22.71
N PRO B 301 46.17 -22.81 23.88
CA PRO B 301 46.02 -24.26 24.03
C PRO B 301 44.89 -24.83 23.20
N GLY B 302 45.16 -25.91 22.48
CA GLY B 302 44.11 -26.65 21.80
C GLY B 302 44.57 -27.43 20.58
N THR B 303 43.60 -28.03 19.90
CA THR B 303 43.87 -28.76 18.68
C THR B 303 43.61 -27.90 17.44
N TYR B 304 44.55 -27.91 16.50
CA TYR B 304 44.50 -27.04 15.34
C TYR B 304 44.72 -27.79 14.04
N VAL B 305 44.57 -27.08 12.93
CA VAL B 305 45.06 -27.55 11.66
C VAL B 305 45.81 -26.38 11.10
N VAL B 306 47.13 -26.55 10.98
CA VAL B 306 48.00 -25.47 10.51
C VAL B 306 48.39 -25.66 9.06
N THR B 307 48.48 -24.57 8.33
CA THR B 307 49.05 -24.56 7.00
C THR B 307 50.17 -23.53 7.01
N ILE B 308 51.39 -23.99 6.79
CA ILE B 308 52.53 -23.10 6.72
C ILE B 308 53.14 -23.18 5.34
N ILE B 309 53.40 -22.01 4.75
CA ILE B 309 53.89 -21.97 3.40
C ILE B 309 55.01 -20.93 3.31
N PHE B 310 56.07 -21.25 2.57
CA PHE B 310 57.26 -20.39 2.51
C PHE B 310 58.13 -20.57 1.25
N ASN B 311 59.17 -19.76 1.16
CA ASN B 311 60.10 -19.79 0.04
C ASN B 311 61.52 -20.10 0.50
N SER B 312 62.00 -21.30 0.19
CA SER B 312 63.39 -21.65 0.49
C SER B 312 64.16 -21.97 -0.78
N THR B 313 65.05 -22.97 -0.73
CA THR B 313 65.78 -23.47 -1.90
C THR B 313 66.05 -24.95 -1.62
N VAL B 314 64.99 -25.76 -1.65
CA VAL B 314 65.00 -27.18 -1.25
C VAL B 314 65.15 -27.40 0.26
N GLY B 315 64.89 -28.63 0.71
CA GLY B 315 65.11 -29.00 2.09
C GLY B 315 63.84 -29.20 2.91
N GLY B 316 63.68 -28.38 3.95
CA GLY B 316 62.43 -28.32 4.66
C GLY B 316 62.18 -29.30 5.77
N LEU B 317 61.99 -30.59 5.45
CA LEU B 317 61.43 -31.57 6.41
C LEU B 317 62.13 -31.66 7.75
N THR B 318 61.73 -30.79 8.66
CA THR B 318 62.17 -30.90 10.04
C THR B 318 61.10 -30.29 10.94
N PRO B 319 60.03 -31.07 11.19
CA PRO B 319 59.00 -30.58 12.10
C PRO B 319 59.16 -31.15 13.52
N SER B 320 58.96 -30.30 14.51
CA SER B 320 58.99 -30.76 15.89
C SER B 320 58.21 -29.84 16.83
N ILE B 321 57.82 -30.38 17.98
CA ILE B 321 57.11 -29.60 18.99
C ILE B 321 58.01 -29.33 20.21
N SER B 322 58.56 -28.12 20.26
CA SER B 322 59.47 -27.73 21.34
C SER B 322 58.68 -27.27 22.59
N GLY B 323 57.68 -28.07 22.96
CA GLY B 323 56.88 -27.83 24.15
C GLY B 323 56.05 -29.06 24.40
N GLY B 324 54.90 -28.89 25.04
CA GLY B 324 53.95 -30.00 25.20
C GLY B 324 52.93 -30.03 24.09
N GLY B 325 53.05 -31.01 23.19
CA GLY B 325 52.17 -31.11 22.03
C GLY B 325 52.33 -32.39 21.23
N THR B 326 51.48 -32.58 20.22
CA THR B 326 51.46 -33.82 19.46
C THR B 326 51.04 -33.60 18.02
N ILE B 327 51.99 -33.59 17.10
CA ILE B 327 51.69 -33.54 15.67
C ILE B 327 50.91 -34.78 15.24
N ASN B 328 49.58 -34.74 15.40
CA ASN B 328 48.74 -35.92 15.21
C ASN B 328 48.58 -36.36 13.76
N SER B 329 48.92 -35.47 12.82
CA SER B 329 48.76 -35.73 11.38
C SER B 329 49.65 -34.76 10.64
N SER B 330 50.29 -35.22 9.58
CA SER B 330 51.30 -34.40 8.96
C SER B 330 51.33 -34.60 7.44
N PHE B 331 51.52 -33.49 6.73
CA PHE B 331 51.74 -33.54 5.29
C PHE B 331 52.79 -32.52 4.92
N SER B 332 53.74 -32.92 4.10
CA SER B 332 54.80 -32.02 3.72
C SER B 332 55.04 -32.11 2.23
N VAL B 333 55.45 -30.98 1.66
CA VAL B 333 55.92 -30.96 0.29
C VAL B 333 56.88 -29.80 0.10
N SER B 334 58.06 -30.12 -0.40
CA SER B 334 59.08 -29.10 -0.53
C SER B 334 59.97 -29.30 -1.77
N THR B 335 60.20 -28.20 -2.49
CA THR B 335 61.01 -28.20 -3.69
C THR B 335 61.85 -26.95 -3.67
N ALA B 336 61.92 -26.24 -4.80
CA ALA B 336 62.67 -24.99 -4.87
C ALA B 336 62.05 -23.87 -3.99
N GLY B 337 62.17 -22.64 -4.47
CA GLY B 337 61.63 -21.49 -3.75
C GLY B 337 60.13 -21.56 -3.52
N SER B 338 59.70 -22.60 -2.81
CA SER B 338 58.30 -22.93 -2.64
C SER B 338 58.18 -24.24 -1.88
N SER B 339 57.63 -24.18 -0.66
CA SER B 339 57.35 -25.38 0.12
C SER B 339 56.10 -25.16 0.98
N ALA B 340 55.52 -26.23 1.51
CA ALA B 340 54.25 -26.13 2.21
C ALA B 340 54.04 -27.26 3.20
N TYR B 341 53.59 -26.91 4.39
CA TYR B 341 53.42 -27.88 5.48
C TYR B 341 52.04 -27.73 6.09
N VAL B 342 51.28 -28.82 6.12
CA VAL B 342 49.99 -28.83 6.82
C VAL B 342 49.96 -29.95 7.84
N ALA B 343 49.40 -29.66 9.01
CA ALA B 343 49.46 -30.61 10.12
C ALA B 343 48.37 -30.37 11.15
N ASN B 344 47.93 -31.45 11.80
CA ASN B 344 46.91 -31.40 12.83
C ASN B 344 47.48 -31.50 14.25
N ILE B 345 48.19 -30.47 14.67
CA ILE B 345 48.81 -30.47 15.99
C ILE B 345 47.80 -30.27 17.14
N THR B 346 48.09 -30.87 18.28
CA THR B 346 47.37 -30.60 19.52
C THR B 346 48.38 -29.91 20.44
N ILE B 347 48.64 -28.65 20.16
CA ILE B 347 49.51 -27.79 20.94
C ILE B 347 48.79 -27.47 22.24
N ARG B 348 49.55 -27.02 23.24
CA ARG B 348 48.94 -26.76 24.55
C ARG B 348 49.85 -25.90 25.44
N VAL B 349 49.34 -25.52 26.61
CA VAL B 349 49.99 -24.58 27.51
C VAL B 349 50.55 -23.40 26.74
N ASN B 350 51.62 -23.65 26.00
CA ASN B 350 52.38 -22.60 25.39
C ASN B 350 53.55 -23.25 24.68
N ALA B 351 53.26 -24.28 23.91
CA ALA B 351 54.31 -25.04 23.25
C ALA B 351 54.94 -24.34 22.03
N ASN B 352 55.50 -25.13 21.13
CA ASN B 352 56.32 -24.60 20.04
C ASN B 352 56.32 -25.41 18.74
N LEU B 353 56.43 -24.68 17.64
CA LEU B 353 56.44 -25.30 16.32
C LEU B 353 57.66 -24.83 15.54
N SER B 354 58.46 -25.82 15.12
CA SER B 354 59.78 -25.55 14.55
C SER B 354 60.00 -26.23 13.20
N LEU B 355 60.39 -25.42 12.23
CA LEU B 355 60.86 -25.91 10.93
C LEU B 355 62.37 -25.71 10.83
N SER B 356 63.11 -26.80 11.01
CA SER B 356 64.56 -26.75 11.25
C SER B 356 65.46 -26.76 10.01
N GLY B 357 65.36 -27.79 9.19
CA GLY B 357 66.28 -27.95 8.08
C GLY B 357 66.13 -26.97 6.92
N LEU B 358 65.61 -25.77 7.20
CA LEU B 358 65.44 -24.77 6.16
C LEU B 358 66.77 -24.31 5.63
N THR B 359 66.74 -23.87 4.39
CA THR B 359 67.94 -23.41 3.72
C THR B 359 67.59 -22.36 2.67
N GLY B 360 67.90 -21.10 2.98
CA GLY B 360 67.70 -20.01 2.07
C GLY B 360 66.27 -19.53 2.05
N ALA B 361 65.64 -19.53 3.21
CA ALA B 361 64.24 -19.15 3.32
C ALA B 361 64.05 -17.64 3.49
N THR B 362 62.94 -17.14 2.96
CA THR B 362 62.64 -15.73 3.00
C THR B 362 61.19 -15.51 3.46
N ASN B 363 60.26 -15.44 2.50
CA ASN B 363 58.85 -15.29 2.81
C ASN B 363 58.28 -16.50 3.54
N ALA B 364 57.32 -16.26 4.43
CA ALA B 364 56.62 -17.35 5.12
C ALA B 364 55.26 -16.88 5.58
N GLN B 365 54.31 -17.82 5.68
CA GLN B 365 52.98 -17.48 6.13
C GLN B 365 52.34 -18.65 6.88
N LEU B 366 51.69 -18.31 8.00
CA LEU B 366 50.99 -19.31 8.80
C LEU B 366 49.47 -19.15 8.66
N PHE B 367 48.77 -20.27 8.52
CA PHE B 367 47.33 -20.27 8.55
C PHE B 367 46.85 -21.20 9.66
N ALA B 368 46.24 -20.65 10.69
CA ALA B 368 45.75 -21.45 11.81
C ALA B 368 44.25 -21.46 11.95
N VAL B 369 43.67 -22.65 12.06
CA VAL B 369 42.28 -22.75 12.45
C VAL B 369 42.17 -23.78 13.54
N ARG B 370 41.13 -23.68 14.34
CA ARG B 370 40.98 -24.57 15.45
C ARG B 370 40.16 -25.76 14.98
N ALA B 371 40.57 -26.96 15.35
CA ALA B 371 39.81 -28.16 14.99
C ALA B 371 39.87 -29.24 16.05
N ILE B 372 39.22 -30.38 15.78
CA ILE B 372 39.41 -31.57 16.60
C ILE B 372 40.60 -32.35 16.06
N THR B 373 40.65 -33.65 16.34
CA THR B 373 41.75 -34.45 15.87
C THR B 373 41.31 -35.25 14.66
N GLU B 374 40.05 -35.64 14.62
CA GLU B 374 39.52 -36.39 13.46
C GLU B 374 39.49 -35.52 12.18
N ASN B 375 39.80 -34.24 12.34
CA ASN B 375 40.24 -33.44 11.22
C ASN B 375 41.70 -33.76 11.05
N ALA B 376 41.99 -34.98 10.61
CA ALA B 376 43.38 -35.44 10.48
C ALA B 376 43.77 -35.45 9.01
N VAL B 377 44.95 -34.94 8.68
CA VAL B 377 45.43 -35.02 7.31
C VAL B 377 45.66 -36.48 6.93
N GLN B 378 45.34 -36.84 5.69
CA GLN B 378 45.42 -38.25 5.32
C GLN B 378 46.15 -38.50 4.00
N VAL B 379 46.66 -37.43 3.41
CA VAL B 379 47.55 -37.57 2.28
C VAL B 379 48.97 -37.25 2.76
N VAL B 380 49.95 -37.84 2.10
CA VAL B 380 51.31 -37.91 2.64
C VAL B 380 52.35 -37.12 1.83
N ILE C 60 34.75 53.43 57.06
CA ILE C 60 33.34 53.77 57.20
C ILE C 60 33.13 55.16 56.58
N ALA C 61 31.98 55.43 55.95
CA ALA C 61 31.59 56.81 55.56
C ALA C 61 32.38 57.46 54.39
N HIS C 62 31.76 57.64 53.29
CA HIS C 62 32.42 58.14 52.08
CA HIS C 62 32.40 58.14 52.06
C HIS C 62 31.97 59.56 51.68
N PRO C 63 32.90 60.47 51.33
CA PRO C 63 32.68 61.91 51.10
C PRO C 63 31.73 62.23 49.94
N GLN C 64 30.89 63.25 50.16
CA GLN C 64 30.01 63.82 49.13
C GLN C 64 29.35 62.79 48.21
N ALA C 65 28.65 61.82 48.79
CA ALA C 65 28.11 60.72 48.01
C ALA C 65 26.65 60.51 48.31
N PHE C 66 25.87 60.17 47.28
CA PHE C 66 24.50 59.72 47.45
C PHE C 66 24.51 58.23 47.40
N PRO C 67 23.55 57.60 48.08
CA PRO C 67 23.50 56.14 48.07
C PRO C 67 23.22 55.65 46.66
N GLY C 68 23.69 54.44 46.34
CA GLY C 68 23.54 53.89 44.99
C GLY C 68 24.77 54.18 44.16
N ALA C 69 25.61 55.06 44.71
CA ALA C 69 26.93 55.35 44.18
C ALA C 69 27.71 54.05 44.22
N ILE C 70 28.60 53.84 43.28
CA ILE C 70 29.58 52.79 43.48
C ILE C 70 30.95 53.47 43.61
N ALA C 71 31.68 53.13 44.66
CA ALA C 71 32.91 53.83 44.96
C ALA C 71 34.06 52.90 44.71
N ALA C 72 35.02 53.38 43.91
CA ALA C 72 36.20 52.63 43.53
C ALA C 72 37.31 52.80 44.56
N PRO C 73 37.75 51.71 45.16
CA PRO C 73 38.95 51.76 46.01
C PRO C 73 40.16 51.78 45.10
N ILE C 74 41.35 51.88 45.68
CA ILE C 74 42.55 52.00 44.86
C ILE C 74 43.21 50.65 44.67
N SER C 75 42.88 49.69 45.54
CA SER C 75 43.45 48.36 45.48
C SER C 75 42.66 47.44 46.38
N TYR C 76 42.63 46.14 46.07
CA TYR C 76 41.91 45.19 46.90
C TYR C 76 42.90 44.23 47.48
N ALA C 77 42.81 43.97 48.79
CA ALA C 77 43.60 42.90 49.41
C ALA C 77 42.71 41.75 49.74
N TYR C 78 42.98 40.59 49.15
CA TYR C 78 42.34 39.36 49.59
C TYR C 78 43.44 38.56 50.24
N ALA C 79 43.10 37.88 51.33
CA ALA C 79 44.12 37.19 52.09
C ALA C 79 43.92 35.70 51.95
N VAL C 80 44.94 35.01 51.47
CA VAL C 80 44.85 33.56 51.41
C VAL C 80 45.73 32.85 52.46
N LYS C 81 45.10 31.93 53.21
CA LYS C 81 45.79 31.14 54.23
C LYS C 81 45.98 29.72 53.74
N GLY C 82 46.88 28.99 54.39
CA GLY C 82 47.18 27.62 54.02
C GLY C 82 45.99 26.73 54.31
N ARG C 83 45.85 25.68 53.51
CA ARG C 83 44.70 24.80 53.62
C ARG C 83 45.11 23.35 53.74
N LYS C 84 44.68 22.71 54.82
CA LYS C 84 44.96 21.31 55.02
C LYS C 84 44.03 20.45 54.19
N PRO C 85 44.55 19.33 53.66
CA PRO C 85 43.76 18.46 52.83
C PRO C 85 42.85 17.57 53.68
N ARG C 86 41.66 17.23 53.17
CA ARG C 86 40.76 16.31 53.84
C ARG C 86 40.64 14.99 53.09
N PHE C 87 40.85 13.90 53.82
CA PHE C 87 40.64 12.58 53.30
C PHE C 87 39.44 11.93 53.97
N GLN C 88 38.71 11.12 53.22
CA GLN C 88 37.71 10.25 53.79
C GLN C 88 37.36 9.23 52.74
N THR C 89 36.93 8.03 53.15
CA THR C 89 36.56 7.00 52.19
C THR C 89 35.07 6.83 52.05
N ALA C 90 34.57 7.02 50.83
CA ALA C 90 33.17 6.81 50.48
C ALA C 90 32.92 5.33 50.16
N LYS C 91 33.30 4.49 51.13
CA LYS C 91 33.23 3.02 51.05
C LYS C 91 33.99 2.38 49.89
N GLY C 92 33.87 2.97 48.70
CA GLY C 92 34.56 2.46 47.52
C GLY C 92 35.74 3.30 47.10
N SER C 93 35.62 4.59 47.35
CA SER C 93 36.60 5.57 46.89
C SER C 93 37.28 6.30 48.05
N VAL C 94 38.50 6.76 47.84
CA VAL C 94 39.06 7.75 48.78
C VAL C 94 38.78 9.14 48.21
N ARG C 95 38.40 10.07 49.08
CA ARG C 95 37.93 11.35 48.60
C ARG C 95 38.79 12.41 49.21
N ILE C 96 39.38 13.23 48.35
CA ILE C 96 40.35 14.22 48.79
C ILE C 96 39.82 15.60 48.43
N THR C 97 39.88 16.50 49.42
CA THR C 97 39.62 17.90 49.18
C THR C 97 40.85 18.72 49.54
N HIS C 98 41.26 19.58 48.62
CA HIS C 98 42.44 20.39 48.85
C HIS C 98 42.46 21.60 47.93
N ARG C 99 43.41 22.50 48.17
CA ARG C 99 43.59 23.64 47.29
CA ARG C 99 43.59 23.67 47.33
C ARG C 99 45.03 23.75 46.84
N GLU C 100 45.23 23.78 45.53
CA GLU C 100 46.59 23.85 45.01
C GLU C 100 46.86 25.03 44.08
N TYR C 101 48.14 25.32 43.87
CA TYR C 101 48.49 26.50 43.09
C TYR C 101 48.73 26.13 41.65
N VAL C 102 47.83 26.59 40.77
CA VAL C 102 47.98 26.33 39.34
C VAL C 102 49.16 27.07 38.76
N SER C 103 49.04 28.39 38.69
CA SER C 103 50.02 29.19 37.99
C SER C 103 49.78 30.66 38.26
N VAL C 104 50.81 31.48 38.04
CA VAL C 104 50.59 32.91 38.07
C VAL C 104 50.04 33.29 36.70
N LEU C 105 49.20 34.33 36.66
CA LEU C 105 48.58 34.75 35.40
C LEU C 105 49.20 36.06 34.98
N SER C 106 49.90 36.04 33.86
CA SER C 106 50.54 37.26 33.38
C SER C 106 49.98 37.66 32.03
N GLY C 107 50.16 38.92 31.69
CA GLY C 107 49.86 39.41 30.37
C GLY C 107 51.06 40.20 29.90
N THR C 108 51.22 40.34 28.59
CA THR C 108 52.22 41.26 28.09
C THR C 108 51.53 42.30 27.24
N ASN C 109 52.09 43.51 27.21
CA ASN C 109 51.42 44.66 26.63
C ASN C 109 51.18 44.56 25.13
N GLY C 110 49.96 44.88 24.70
CA GLY C 110 49.64 44.87 23.27
C GLY C 110 49.63 43.48 22.65
N GLU C 111 49.59 42.48 23.52
CA GLU C 111 49.47 41.11 23.08
C GLU C 111 48.15 40.56 23.54
N PHE C 112 47.64 39.56 22.81
CA PHE C 112 46.55 38.74 23.28
C PHE C 112 47.22 37.53 23.84
N LEU C 113 47.63 37.60 25.10
CA LEU C 113 48.47 36.57 25.70
C LEU C 113 47.71 35.37 26.29
N ARG C 114 47.80 34.23 25.62
CA ARG C 114 46.97 33.08 25.97
C ARG C 114 47.76 32.02 26.74
N ASN C 115 47.33 31.72 27.96
CA ASN C 115 48.06 30.82 28.85
C ASN C 115 49.49 31.27 29.04
N ASN C 116 49.66 32.55 29.36
CA ASN C 116 50.97 33.20 29.38
C ASN C 116 51.66 32.95 28.04
N GLY C 117 52.95 32.63 28.03
CA GLY C 117 53.56 32.21 26.77
C GLY C 117 52.92 30.96 26.17
N THR C 118 53.47 29.80 26.54
CA THR C 118 52.92 28.45 26.27
C THR C 118 51.97 28.24 25.08
N GLY C 119 50.71 28.66 25.26
CA GLY C 119 49.62 28.28 24.37
C GLY C 119 48.96 27.04 24.95
N PRO C 120 47.68 26.79 24.59
CA PRO C 120 46.91 25.67 25.16
C PRO C 120 47.31 24.30 24.62
N ASN C 121 48.10 23.58 25.41
CA ASN C 121 48.54 22.23 25.04
C ASN C 121 48.00 21.14 25.98
N ASN C 122 48.71 20.00 26.05
CA ASN C 122 48.30 18.88 26.93
C ASN C 122 49.00 18.81 28.24
N ASP C 123 48.86 19.87 29.00
CA ASP C 123 49.13 19.78 30.40
C ASP C 123 48.36 20.89 31.06
N PHE C 124 47.37 21.37 30.32
CA PHE C 124 46.31 22.17 30.90
C PHE C 124 45.09 21.27 30.90
N SER C 125 45.33 19.99 30.72
CA SER C 125 44.25 19.02 30.70
C SER C 125 44.01 18.59 32.13
N ILE C 126 42.75 18.47 32.49
CA ILE C 126 42.41 18.10 33.85
C ILE C 126 42.43 16.58 34.01
N ASN C 127 43.31 16.11 34.89
CA ASN C 127 43.55 14.70 35.19
C ASN C 127 44.51 14.73 36.35
N PRO C 128 44.60 13.64 37.11
CA PRO C 128 45.12 14.34 38.26
C PRO C 128 46.11 13.73 39.22
N LEU C 129 47.40 13.40 38.96
CA LEU C 129 48.14 13.17 37.73
C LEU C 129 48.62 14.26 36.79
N ASN C 130 48.21 15.50 37.02
CA ASN C 130 48.79 16.59 36.25
C ASN C 130 49.56 17.56 37.14
N PRO C 131 50.89 17.41 37.13
CA PRO C 131 51.82 18.15 37.98
C PRO C 131 51.59 19.65 37.96
N PHE C 132 51.23 20.19 36.79
CA PHE C 132 51.04 21.61 36.64
C PHE C 132 49.80 22.08 37.40
N LEU C 133 48.69 21.38 37.14
CA LEU C 133 47.43 21.68 37.81
C LEU C 133 47.34 21.17 39.25
N PHE C 134 47.97 20.03 39.55
CA PHE C 134 47.85 19.46 40.90
C PHE C 134 49.17 18.92 41.46
N PRO C 135 50.11 19.82 41.76
CA PRO C 135 51.44 19.49 42.29
C PRO C 135 51.40 18.52 43.42
N TRP C 136 50.57 18.80 44.41
CA TRP C 136 50.53 17.99 45.62
C TRP C 136 49.81 16.67 45.38
N LEU C 137 48.71 16.72 44.64
CA LEU C 137 47.83 15.57 44.44
C LEU C 137 48.50 14.43 43.68
N VAL C 138 49.42 14.80 42.79
CA VAL C 138 50.03 13.84 41.86
C VAL C 138 50.47 12.62 42.59
N ASN C 139 51.17 12.85 43.69
CA ASN C 139 51.74 11.76 44.48
C ASN C 139 50.71 10.76 44.98
N ILE C 140 49.59 11.25 45.46
CA ILE C 140 48.54 10.37 45.94
C ILE C 140 47.90 9.65 44.77
N ALA C 141 47.64 10.39 43.70
CA ALA C 141 46.89 9.85 42.58
C ALA C 141 47.62 8.70 41.89
N ALA C 142 48.94 8.71 41.97
CA ALA C 142 49.78 7.66 41.35
C ALA C 142 49.45 6.29 41.91
N ASN C 143 48.92 6.26 43.13
CA ASN C 143 48.55 5.03 43.81
C ASN C 143 47.15 4.53 43.48
N PHE C 144 46.53 5.10 42.46
CA PHE C 144 45.16 4.71 42.12
C PHE C 144 44.95 4.60 40.65
N ASP C 145 43.89 3.91 40.25
CA ASP C 145 43.68 3.64 38.84
C ASP C 145 42.69 4.57 38.14
N GLN C 146 41.67 5.03 38.85
CA GLN C 146 40.74 5.96 38.22
C GLN C 146 40.15 6.98 39.19
N TYR C 147 39.62 8.05 38.62
CA TYR C 147 39.25 9.20 39.42
C TYR C 147 37.91 9.71 38.94
N LYS C 148 37.27 10.51 39.78
CA LYS C 148 36.08 11.22 39.38
C LYS C 148 35.99 12.52 40.17
N PHE C 149 36.02 13.66 39.48
CA PHE C 149 35.93 14.93 40.16
C PHE C 149 34.51 15.22 40.63
N ASN C 150 34.39 15.64 41.89
CA ASN C 150 33.13 16.04 42.44
C ASN C 150 32.87 17.50 42.30
N SER C 151 33.79 18.31 42.81
CA SER C 151 33.68 19.75 42.59
C SER C 151 35.02 20.24 42.15
N LEU C 152 35.02 21.24 41.29
CA LEU C 152 36.27 21.72 40.74
C LEU C 152 36.15 23.19 40.40
N ARG C 153 36.86 24.03 41.15
CA ARG C 153 36.79 25.47 40.93
C ARG C 153 38.15 26.08 40.77
N PHE C 154 38.27 26.95 39.78
CA PHE C 154 39.46 27.73 39.61
C PHE C 154 39.20 29.15 40.13
N GLU C 155 40.15 29.68 40.89
CA GLU C 155 39.94 30.93 41.60
C GLU C 155 41.09 31.87 41.27
N TYR C 156 40.76 33.10 40.92
CA TYR C 156 41.77 34.08 40.56
C TYR C 156 41.85 35.14 41.63
N VAL C 157 42.99 35.30 42.28
CA VAL C 157 43.16 36.35 43.27
C VAL C 157 44.09 37.44 42.76
N PRO C 158 43.58 38.66 42.60
CA PRO C 158 44.33 39.77 42.00
C PRO C 158 45.67 40.08 42.70
N LEU C 159 46.67 40.37 41.89
CA LEU C 159 48.02 40.66 42.37
C LEU C 159 48.28 42.15 42.25
N VAL C 160 47.25 42.87 41.78
CA VAL C 160 47.46 44.15 41.15
C VAL C 160 46.38 45.20 41.57
N ASN C 161 46.75 46.49 41.53
CA ASN C 161 45.86 47.57 41.97
C ASN C 161 44.87 47.99 40.90
N THR C 162 43.82 48.73 41.27
CA THR C 162 42.73 49.01 40.34
C THR C 162 42.97 50.12 39.32
N THR C 163 44.19 50.61 39.22
CA THR C 163 44.51 51.55 38.15
C THR C 163 45.07 50.75 37.00
N THR C 164 44.99 49.42 37.12
CA THR C 164 45.77 48.56 36.25
C THR C 164 45.22 48.43 34.85
N ASN C 165 43.94 48.11 34.72
CA ASN C 165 43.27 47.94 33.40
C ASN C 165 43.72 46.83 32.45
N GLY C 166 42.83 46.50 31.52
CA GLY C 166 42.96 45.29 30.74
C GLY C 166 41.91 44.28 31.15
N ARG C 167 42.07 43.05 30.67
CA ARG C 167 41.10 41.99 30.90
C ARG C 167 41.87 40.73 31.24
N VAL C 168 41.34 39.97 32.18
CA VAL C 168 41.82 38.60 32.39
C VAL C 168 40.58 37.77 32.25
N ALA C 169 40.74 36.59 31.68
CA ALA C 169 39.60 35.71 31.49
C ALA C 169 39.97 34.26 31.79
N LEU C 170 39.07 33.54 32.44
CA LEU C 170 39.27 32.11 32.67
C LEU C 170 38.25 31.31 31.88
N TYR C 171 38.73 30.28 31.19
CA TYR C 171 37.81 29.44 30.43
C TYR C 171 38.06 27.95 30.66
N PHE C 172 37.02 27.17 30.37
CA PHE C 172 37.09 25.71 30.45
C PHE C 172 36.37 25.10 29.26
N ASP C 173 36.96 24.05 28.70
CA ASP C 173 36.33 23.36 27.56
C ASP C 173 36.45 21.84 27.75
N LYS C 174 35.39 21.11 27.41
CA LYS C 174 35.38 19.67 27.67
C LYS C 174 36.31 18.90 26.77
N ASP C 175 36.54 19.45 25.59
CA ASP C 175 37.51 18.85 24.68
C ASP C 175 38.88 19.05 25.31
N SER C 176 39.39 18.01 25.96
CA SER C 176 40.70 18.03 26.58
C SER C 176 41.78 18.61 25.67
N GLU C 177 41.64 18.40 24.36
CA GLU C 177 42.61 18.93 23.42
C GLU C 177 42.00 19.91 22.44
N ASP C 178 41.06 20.69 22.96
CA ASP C 178 40.56 21.92 22.32
C ASP C 178 41.75 22.83 22.03
N PRO C 179 41.80 23.42 20.83
CA PRO C 179 42.87 24.37 20.49
C PRO C 179 42.64 25.70 21.17
N GLY C 180 43.34 26.73 20.74
CA GLY C 180 43.14 28.01 21.39
C GLY C 180 41.87 28.74 21.00
N PRO C 181 41.43 29.68 21.85
CA PRO C 181 40.62 30.77 21.35
C PRO C 181 41.58 31.66 20.57
N ASP C 182 41.20 32.03 19.36
CA ASP C 182 42.12 32.72 18.48
C ASP C 182 42.26 34.23 18.73
N ASP C 183 41.23 34.83 19.31
CA ASP C 183 41.21 36.26 19.54
C ASP C 183 40.15 36.55 20.57
N ARG C 184 39.99 37.82 20.92
CA ARG C 184 39.11 38.17 22.04
C ARG C 184 37.67 37.83 21.74
N ALA C 185 37.32 37.79 20.46
CA ALA C 185 35.95 37.54 20.07
C ALA C 185 35.61 36.08 20.21
N ALA C 186 36.58 35.22 19.92
CA ALA C 186 36.37 33.77 19.95
C ALA C 186 36.25 33.36 21.40
N LEU C 187 37.12 33.97 22.21
CA LEU C 187 37.21 33.72 23.64
C LEU C 187 35.85 33.91 24.30
N ALA C 188 34.99 34.74 23.72
CA ALA C 188 33.68 34.98 24.31
C ALA C 188 32.73 33.81 24.11
N ASN C 189 32.94 33.03 23.07
CA ASN C 189 31.97 32.00 22.71
C ASN C 189 31.96 30.79 23.63
N TYR C 190 32.95 30.66 24.51
CA TYR C 190 32.96 29.55 25.46
C TYR C 190 31.73 29.57 26.33
N ALA C 191 31.30 28.40 26.76
CA ALA C 191 30.14 28.33 27.64
C ALA C 191 30.56 28.56 29.07
N HIS C 192 31.81 28.21 29.37
CA HIS C 192 32.30 28.30 30.74
C HIS C 192 33.44 29.28 30.83
N LEU C 193 33.06 30.52 31.03
CA LEU C 193 33.97 31.63 30.85
C LEU C 193 33.76 32.60 31.98
N SER C 194 34.84 33.20 32.44
CA SER C 194 34.71 34.32 33.35
C SER C 194 35.63 35.48 32.94
N GLU C 195 35.05 36.64 32.66
CA GLU C 195 35.84 37.78 32.21
C GLU C 195 35.75 38.90 33.24
N ILE C 196 36.89 39.40 33.70
CA ILE C 196 36.88 40.45 34.72
C ILE C 196 38.01 41.42 34.46
N SER C 197 38.02 42.52 35.22
CA SER C 197 39.14 43.45 35.23
C SER C 197 40.21 42.78 36.06
N PRO C 198 41.49 43.06 35.78
CA PRO C 198 42.56 42.30 36.45
C PRO C 198 42.67 42.56 37.95
N TRP C 199 42.14 43.68 38.41
CA TRP C 199 42.28 44.05 39.82
C TRP C 199 41.17 43.43 40.65
N ALA C 200 40.34 42.62 40.04
CA ALA C 200 39.19 42.05 40.75
C ALA C 200 39.40 40.57 41.02
N ILE C 201 38.50 39.99 41.78
CA ILE C 201 38.59 38.58 42.08
C ILE C 201 37.47 37.87 41.31
N THR C 202 37.68 36.60 41.00
CA THR C 202 36.65 35.83 40.33
C THR C 202 36.93 34.37 40.48
N LYS C 203 35.98 33.55 40.07
CA LYS C 203 36.25 32.14 40.04
C LYS C 203 35.43 31.47 38.97
N LEU C 204 35.98 30.42 38.40
CA LEU C 204 35.31 29.67 37.34
C LEU C 204 35.00 28.28 37.84
N THR C 205 33.73 27.91 37.82
CA THR C 205 33.36 26.59 38.33
C THR C 205 33.24 25.63 37.17
N VAL C 206 34.02 24.57 37.21
CA VAL C 206 33.98 23.57 36.15
C VAL C 206 32.88 22.51 36.34
N PRO C 207 32.01 22.34 35.33
CA PRO C 207 30.98 21.30 35.44
C PRO C 207 31.59 19.92 35.54
N THR C 208 31.24 19.21 36.59
CA THR C 208 31.79 17.88 36.82
C THR C 208 30.78 16.84 36.40
N ASP C 209 31.18 15.94 35.52
CA ASP C 209 30.26 14.87 35.19
C ASP C 209 30.42 13.74 36.16
N ASN C 210 29.82 12.63 35.79
CA ASN C 210 29.67 11.54 36.71
C ASN C 210 30.20 10.21 36.11
N VAL C 211 31.43 10.25 35.59
CA VAL C 211 32.03 9.08 34.98
C VAL C 211 33.48 8.88 35.40
N LYS C 212 33.82 7.65 35.77
CA LYS C 212 35.19 7.35 36.12
C LYS C 212 36.02 7.37 34.85
N ARG C 213 37.16 8.02 34.91
CA ARG C 213 38.11 7.96 33.81
C ARG C 213 39.44 7.58 34.42
N PHE C 214 40.35 7.05 33.60
CA PHE C 214 41.62 6.60 34.13
C PHE C 214 42.54 7.74 34.57
N ILE C 215 43.29 7.50 35.64
CA ILE C 215 44.35 8.38 36.06
C ILE C 215 45.55 8.03 35.20
N SER C 216 46.01 8.98 34.39
CA SER C 216 47.07 8.69 33.45
C SER C 216 47.75 9.95 32.95
N ASP C 217 49.04 9.84 32.65
CA ASP C 217 49.78 10.90 31.98
C ASP C 217 49.21 11.04 30.58
N THR C 218 49.39 12.21 29.97
CA THR C 218 48.72 12.53 28.70
C THR C 218 49.21 11.70 27.52
N SER C 219 50.22 10.86 27.77
CA SER C 219 50.75 9.96 26.76
C SER C 219 50.23 8.54 27.00
N SER C 220 48.92 8.38 26.90
CA SER C 220 48.27 7.07 26.99
C SER C 220 46.95 7.12 26.25
N GLY C 221 47.04 7.12 24.93
CA GLY C 221 45.87 7.12 24.06
C GLY C 221 44.97 8.34 24.23
N ASP C 222 43.87 8.35 23.46
CA ASP C 222 42.96 9.49 23.35
C ASP C 222 42.74 10.29 24.62
N PRO C 223 43.25 11.54 24.67
CA PRO C 223 43.12 12.44 25.81
C PRO C 223 41.67 12.69 26.16
N LYS C 224 40.79 12.49 25.20
CA LYS C 224 39.36 12.67 25.44
C LYS C 224 38.79 11.57 26.32
N LEU C 225 39.57 10.51 26.53
CA LEU C 225 39.11 9.39 27.34
C LEU C 225 39.50 9.54 28.79
N ILE C 226 40.64 10.18 29.02
CA ILE C 226 41.20 10.22 30.36
C ILE C 226 41.02 11.55 31.07
N ASN C 227 41.00 12.64 30.31
CA ASN C 227 40.91 13.97 30.89
C ASN C 227 39.51 14.52 30.90
N LEU C 228 39.16 15.22 31.98
CA LEU C 228 37.82 15.81 32.16
C LEU C 228 37.56 16.92 31.15
N GLY C 229 38.56 17.76 30.98
CA GLY C 229 38.50 18.85 30.05
C GLY C 229 39.79 19.63 30.02
N GLN C 230 39.71 20.90 29.67
CA GLN C 230 40.89 21.72 29.56
C GLN C 230 40.64 23.05 30.25
N PHE C 231 41.61 23.49 31.04
CA PHE C 231 41.55 24.82 31.63
C PHE C 231 42.45 25.77 30.84
N GLY C 232 42.07 27.06 30.83
CA GLY C 232 42.89 28.02 30.13
C GLY C 232 42.57 29.45 30.50
N TRP C 233 43.52 30.35 30.29
CA TRP C 233 43.27 31.75 30.57
C TRP C 233 43.86 32.65 29.52
N VAL C 234 43.45 33.90 29.53
CA VAL C 234 43.85 34.84 28.50
C VAL C 234 43.95 36.18 29.20
N ALA C 235 44.88 37.01 28.75
CA ALA C 235 44.98 38.38 29.20
C ALA C 235 45.27 39.28 27.99
N TYR C 236 44.30 40.11 27.63
CA TYR C 236 44.47 41.03 26.52
C TYR C 236 44.22 42.43 26.99
N SER C 237 44.56 43.37 26.11
CA SER C 237 44.70 44.75 26.50
C SER C 237 45.63 44.82 27.67
N GLY C 238 45.47 45.82 28.52
CA GLY C 238 46.25 45.85 29.74
C GLY C 238 47.77 45.85 29.64
N PRO C 239 48.43 45.95 30.80
CA PRO C 239 49.86 46.19 30.85
C PRO C 239 50.58 44.90 30.67
N THR C 240 51.87 44.96 30.93
CA THR C 240 52.72 43.80 30.85
C THR C 240 53.23 43.49 32.26
N ALA C 241 52.54 42.55 32.91
CA ALA C 241 52.81 42.28 34.33
C ALA C 241 52.22 40.96 34.79
N GLU C 242 52.49 40.64 36.05
CA GLU C 242 51.93 39.47 36.67
C GLU C 242 50.68 39.95 37.40
N LEU C 243 49.52 39.55 36.87
CA LEU C 243 48.24 40.12 37.26
C LEU C 243 47.55 39.46 38.46
N GLY C 244 47.72 38.16 38.64
CA GLY C 244 47.04 37.47 39.72
C GLY C 244 47.44 36.01 39.90
N ASP C 245 47.11 35.46 41.05
CA ASP C 245 47.37 34.06 41.31
C ASP C 245 46.18 33.24 40.81
N ILE C 246 46.44 32.01 40.38
CA ILE C 246 45.35 31.13 40.02
C ILE C 246 45.40 29.89 40.88
N PHE C 247 44.40 29.74 41.73
CA PHE C 247 44.32 28.58 42.60
C PHE C 247 43.26 27.63 42.05
N VAL C 248 43.36 26.35 42.44
CA VAL C 248 42.30 25.39 42.15
C VAL C 248 41.81 24.74 43.45
N GLU C 249 40.49 24.70 43.64
CA GLU C 249 39.91 24.00 44.76
C GLU C 249 39.26 22.79 44.17
N TYR C 250 39.43 21.64 44.82
CA TYR C 250 38.90 20.41 44.24
C TYR C 250 38.47 19.39 45.25
N THR C 251 37.58 18.50 44.79
CA THR C 251 37.24 17.31 45.54
C THR C 251 37.23 16.16 44.57
N VAL C 252 38.17 15.22 44.73
CA VAL C 252 38.25 14.08 43.82
C VAL C 252 37.90 12.81 44.55
N ASP C 253 37.40 11.85 43.80
CA ASP C 253 37.27 10.50 44.32
C ASP C 253 38.30 9.68 43.57
N LEU C 254 39.09 8.90 44.30
CA LEU C 254 40.05 8.02 43.67
C LEU C 254 39.63 6.59 43.89
N PHE C 255 39.72 5.79 42.84
CA PHE C 255 39.26 4.42 42.86
C PHE C 255 40.36 3.42 42.54
N GLU C 256 40.13 2.19 42.94
CA GLU C 256 41.01 1.07 42.60
C GLU C 256 42.46 1.31 42.98
N ALA C 257 42.81 0.97 44.21
CA ALA C 257 44.21 1.04 44.62
C ALA C 257 45.02 0.08 43.79
N GLN C 258 46.23 0.50 43.46
CA GLN C 258 47.10 -0.31 42.61
C GLN C 258 48.53 -0.02 43.05
N PRO C 259 49.48 -0.83 42.60
CA PRO C 259 50.90 -0.51 42.80
C PRO C 259 51.29 0.80 42.09
N THR C 260 52.16 1.58 42.74
CA THR C 260 52.41 2.97 42.40
C THR C 260 52.91 3.16 40.98
N SER C 261 52.26 4.04 40.25
CA SER C 261 52.72 4.47 38.93
C SER C 261 53.99 5.29 39.06
N PRO C 262 54.89 5.18 38.09
CA PRO C 262 56.13 5.96 38.12
C PRO C 262 55.87 7.44 37.87
N LEU C 263 56.63 8.32 38.51
CA LEU C 263 56.40 9.75 38.35
C LEU C 263 57.58 10.45 37.67
N LEU C 264 58.36 9.70 36.89
CA LEU C 264 59.51 10.28 36.21
C LEU C 264 59.15 10.59 34.78
N GLU C 265 60.00 11.35 34.10
CA GLU C 265 59.74 11.65 32.71
C GLU C 265 60.77 11.01 31.77
N SER C 266 60.29 10.44 30.67
CA SER C 266 61.16 9.85 29.66
C SER C 266 60.78 10.41 28.29
N LEU C 267 61.49 11.43 27.86
CA LEU C 267 61.19 12.09 26.59
C LEU C 267 62.29 11.83 25.56
N PHE C 268 61.92 11.18 24.47
CA PHE C 268 62.92 10.71 23.49
C PHE C 268 62.60 11.13 22.08
N ARG C 269 63.63 11.53 21.33
CA ARG C 269 63.46 11.92 19.94
C ARG C 269 64.45 11.23 19.00
N GLU C 270 63.96 10.90 17.81
CA GLU C 270 64.79 10.60 16.65
C GLU C 270 64.06 11.26 15.47
N SER C 271 64.73 11.88 14.48
CA SER C 271 66.18 11.86 14.19
C SER C 271 66.75 10.46 13.92
N ALA C 272 66.59 9.99 12.69
CA ALA C 272 66.01 10.80 11.61
C ALA C 272 64.49 10.75 11.52
N SER C 273 63.90 9.68 12.07
CA SER C 273 62.46 9.43 11.98
C SER C 273 61.49 10.58 12.33
N SER C 274 62.02 11.69 12.86
CA SER C 274 61.26 12.93 13.15
C SER C 274 60.33 12.90 14.35
N VAL C 275 60.00 11.70 14.83
CA VAL C 275 59.00 11.58 15.91
C VAL C 275 59.63 11.61 17.29
N GLN C 276 58.89 12.20 18.23
CA GLN C 276 59.31 12.21 19.63
C GLN C 276 58.25 11.55 20.48
N THR C 277 58.71 10.77 21.46
CA THR C 277 57.83 9.98 22.29
C THR C 277 58.06 10.31 23.76
N ARG C 278 56.97 10.51 24.48
CA ARG C 278 57.06 10.79 25.90
C ARG C 278 56.36 9.73 26.75
N MET C 279 57.02 9.26 27.81
CA MET C 279 56.35 8.49 28.83
C MET C 279 56.51 9.23 30.15
N GLY C 280 55.50 9.13 31.00
CA GLY C 280 55.55 9.75 32.31
C GLY C 280 55.00 11.16 32.29
N LEU C 281 55.28 11.91 33.34
CA LEU C 281 54.72 13.25 33.50
C LEU C 281 55.34 14.28 32.56
N PRO C 282 54.59 15.33 32.23
CA PRO C 282 55.11 16.36 31.33
C PRO C 282 55.80 17.50 32.07
N TYR C 283 56.92 17.20 32.73
CA TYR C 283 57.71 18.24 33.38
C TYR C 283 58.39 19.09 32.34
N PHE C 284 59.01 18.42 31.37
CA PHE C 284 59.71 19.09 30.29
C PHE C 284 59.10 18.79 28.93
N SER C 285 59.39 19.65 27.97
CA SER C 285 58.96 19.46 26.60
C SER C 285 60.15 19.73 25.68
N LEU C 286 60.14 19.10 24.51
CA LEU C 286 61.20 19.30 23.53
C LEU C 286 60.76 20.35 22.51
N GLU C 287 61.58 21.38 22.35
CA GLU C 287 61.20 22.52 21.53
C GLU C 287 62.02 22.58 20.25
N VAL C 288 63.32 22.40 20.37
CA VAL C 288 64.16 22.34 19.17
C VAL C 288 64.93 21.02 19.00
N ALA C 289 64.81 20.47 17.81
CA ALA C 289 65.49 19.25 17.40
C ALA C 289 66.95 19.58 17.11
N SER C 290 67.20 20.00 15.87
CA SER C 290 68.51 20.47 15.45
C SER C 290 69.64 19.43 15.57
N ALA C 291 70.80 19.81 15.04
CA ALA C 291 72.01 19.00 15.16
C ALA C 291 73.05 19.88 15.79
N THR C 292 72.65 21.13 16.02
CA THR C 292 73.53 22.15 16.58
C THR C 292 73.10 22.49 18.00
N ASP C 293 71.79 22.33 18.27
CA ASP C 293 71.20 22.70 19.55
C ASP C 293 70.16 21.70 20.00
N LEU C 294 70.05 21.51 21.31
CA LEU C 294 68.92 20.80 21.89
C LEU C 294 68.36 21.68 23.00
N VAL C 295 67.09 22.09 22.86
CA VAL C 295 66.45 22.84 23.95
C VAL C 295 65.18 22.19 24.48
N TRP C 296 65.16 22.02 25.79
CA TRP C 296 64.03 21.45 26.49
C TRP C 296 63.42 22.61 27.24
N GLN C 297 62.10 22.55 27.42
CA GLN C 297 61.40 23.63 28.12
C GLN C 297 60.69 23.14 29.37
N ALA C 298 60.86 23.87 30.46
CA ALA C 298 60.16 23.54 31.71
C ALA C 298 58.68 23.90 31.63
N ARG C 299 57.83 22.93 31.94
CA ARG C 299 56.39 23.13 31.91
C ARG C 299 55.88 23.17 33.33
N VAL C 300 56.68 22.61 34.23
CA VAL C 300 56.30 22.54 35.63
C VAL C 300 57.45 23.03 36.47
N PRO C 301 57.29 24.20 37.10
CA PRO C 301 58.32 24.78 37.95
C PRO C 301 58.76 23.85 39.07
N GLY C 302 60.06 23.81 39.33
CA GLY C 302 60.57 23.00 40.41
C GLY C 302 62.02 22.63 40.23
N THR C 303 62.53 21.82 41.15
CA THR C 303 63.92 21.37 41.09
C THR C 303 63.96 19.92 40.62
N TYR C 304 64.80 19.67 39.62
CA TYR C 304 64.87 18.36 39.00
C TYR C 304 66.29 17.83 38.96
N VAL C 305 66.41 16.51 38.85
CA VAL C 305 67.67 15.90 38.50
C VAL C 305 67.43 15.33 37.12
N VAL C 306 67.93 16.03 36.12
CA VAL C 306 67.71 15.63 34.75
C VAL C 306 68.92 14.87 34.20
N THR C 307 68.65 13.80 33.45
CA THR C 307 69.69 13.02 32.81
C THR C 307 69.44 13.10 31.31
N ILE C 308 70.43 13.57 30.55
CA ILE C 308 70.24 13.74 29.11
C ILE C 308 71.32 13.02 28.33
N ILE C 309 70.90 12.12 27.45
CA ILE C 309 71.85 11.33 26.68
C ILE C 309 71.50 11.44 25.20
N PHE C 310 72.54 11.54 24.37
CA PHE C 310 72.33 11.77 22.95
C PHE C 310 73.50 11.34 22.07
N ASN C 311 73.24 11.34 20.77
CA ASN C 311 74.23 10.96 19.77
C ASN C 311 74.66 12.14 18.89
N SER C 312 75.78 12.78 19.24
CA SER C 312 76.39 13.75 18.35
C SER C 312 77.52 13.06 17.61
N THR C 313 78.30 13.81 16.84
CA THR C 313 79.58 13.30 16.35
C THR C 313 80.70 14.14 16.94
N VAL C 314 81.25 13.61 18.03
CA VAL C 314 82.34 14.23 18.76
C VAL C 314 81.94 15.68 19.20
N GLY C 315 82.90 16.53 19.54
CA GLY C 315 82.61 17.83 20.09
C GLY C 315 82.07 17.63 21.49
N GLY C 316 81.63 18.74 22.09
CA GLY C 316 81.06 18.71 23.44
C GLY C 316 79.70 19.35 23.42
N LEU C 317 79.36 19.99 24.53
CA LEU C 317 78.06 20.63 24.66
C LEU C 317 78.21 21.91 25.44
N THR C 318 77.28 22.83 25.24
CA THR C 318 77.27 24.04 26.05
C THR C 318 75.89 24.26 26.66
N PRO C 319 75.76 23.93 27.96
CA PRO C 319 74.49 24.02 28.69
C PRO C 319 74.25 25.41 29.21
N SER C 320 72.99 25.82 29.19
CA SER C 320 72.60 27.09 29.80
C SER C 320 71.13 27.04 30.15
N ILE C 321 70.71 27.90 31.06
CA ILE C 321 69.29 28.06 31.32
C ILE C 321 68.83 29.43 30.88
N SER C 322 68.31 29.50 29.66
CA SER C 322 67.65 30.69 29.17
C SER C 322 66.33 30.80 29.91
N GLY C 323 65.94 32.02 30.26
CA GLY C 323 64.74 32.23 31.03
C GLY C 323 65.09 32.14 32.49
N GLY C 324 64.07 31.97 33.34
CA GLY C 324 64.30 31.91 34.77
C GLY C 324 64.72 30.53 35.25
N GLY C 325 65.88 30.44 35.89
CA GLY C 325 66.33 29.17 36.41
C GLY C 325 67.81 29.18 36.66
N THR C 326 68.28 28.27 37.50
CA THR C 326 69.72 28.12 37.74
C THR C 326 70.16 26.64 37.69
N ILE C 327 71.40 26.40 37.24
CA ILE C 327 71.95 25.05 37.32
C ILE C 327 72.74 24.92 38.63
N ASN C 328 72.51 23.85 39.38
CA ASN C 328 73.16 23.74 40.68
C ASN C 328 74.35 22.80 40.69
N SER C 329 74.28 21.75 39.88
CA SER C 329 75.35 20.76 39.83
C SER C 329 75.43 20.07 38.48
N SER C 330 76.42 20.44 37.68
CA SER C 330 76.60 19.86 36.35
C SER C 330 77.57 18.71 36.37
N PHE C 331 77.37 17.78 35.45
CA PHE C 331 78.38 16.80 35.11
C PHE C 331 78.17 16.40 33.67
N SER C 332 79.25 16.36 32.90
CA SER C 332 79.11 15.93 31.52
C SER C 332 80.30 15.13 31.07
N VAL C 333 80.01 14.21 30.14
CA VAL C 333 81.03 13.44 29.48
C VAL C 333 80.56 13.35 28.04
N SER C 334 81.36 13.89 27.14
CA SER C 334 80.98 13.97 25.73
C SER C 334 82.12 13.63 24.79
N THR C 335 81.89 12.68 23.89
CA THR C 335 82.88 12.26 22.91
C THR C 335 82.23 11.71 21.65
N ALA C 336 83.05 10.97 20.89
CA ALA C 336 82.63 9.99 19.89
C ALA C 336 81.28 10.23 19.26
N GLY C 337 80.37 9.27 19.44
CA GLY C 337 79.00 9.40 18.97
C GLY C 337 78.03 9.32 20.13
N SER C 338 78.54 9.51 21.34
CA SER C 338 77.76 9.38 22.56
C SER C 338 78.15 10.50 23.51
N SER C 339 77.14 11.12 24.10
CA SER C 339 77.35 12.13 25.14
C SER C 339 76.32 11.95 26.24
N ALA C 340 76.69 12.37 27.46
CA ALA C 340 75.77 12.29 28.57
C ALA C 340 75.99 13.48 29.50
N TYR C 341 74.87 14.07 29.91
CA TYR C 341 74.82 15.25 30.77
C TYR C 341 73.78 15.05 31.86
N VAL C 342 74.22 15.05 33.11
CA VAL C 342 73.29 14.96 34.23
C VAL C 342 73.47 16.17 35.13
N ALA C 343 72.36 16.74 35.56
CA ALA C 343 72.39 18.01 36.24
C ALA C 343 71.29 18.13 37.28
N ASN C 344 71.49 19.05 38.21
CA ASN C 344 70.51 19.31 39.23
C ASN C 344 70.03 20.74 39.02
N ILE C 345 68.95 20.89 38.28
CA ILE C 345 68.48 22.23 37.96
C ILE C 345 67.24 22.64 38.74
N THR C 346 67.16 23.93 39.01
CA THR C 346 65.94 24.54 39.52
C THR C 346 65.46 25.43 38.39
N ILE C 347 64.18 25.35 38.07
CA ILE C 347 63.72 25.97 36.85
C ILE C 347 62.28 26.45 36.95
N ARG C 348 61.96 27.48 36.17
CA ARG C 348 60.61 28.02 36.14
C ARG C 348 59.87 27.70 34.89
N VAL C 349 58.58 27.99 34.95
CA VAL C 349 57.69 27.71 33.85
C VAL C 349 58.15 28.50 32.64
N ASN C 350 58.21 27.81 31.51
CA ASN C 350 58.61 28.39 30.25
C ASN C 350 60.06 28.82 30.12
N ALA C 351 60.91 28.39 31.06
CA ALA C 351 62.35 28.58 30.88
C ALA C 351 62.91 27.44 30.03
N ASN C 352 64.11 27.64 29.51
CA ASN C 352 64.72 26.63 28.63
C ASN C 352 66.04 26.08 29.15
N LEU C 353 66.20 24.77 28.99
CA LEU C 353 67.47 24.16 29.28
C LEU C 353 68.01 23.84 27.91
N SER C 354 69.02 24.60 27.48
CA SER C 354 69.54 24.42 26.14
C SER C 354 70.89 23.73 26.18
N LEU C 355 71.06 22.74 25.31
CA LEU C 355 72.37 22.18 25.07
C LEU C 355 72.87 22.70 23.73
N SER C 356 73.71 23.74 23.77
CA SER C 356 74.19 24.40 22.55
C SER C 356 75.61 23.98 22.18
N GLY C 357 76.05 24.45 21.02
CA GLY C 357 77.38 24.15 20.56
C GLY C 357 77.52 22.70 20.15
N LEU C 358 76.39 22.05 19.89
CA LEU C 358 76.39 20.66 19.45
C LEU C 358 76.88 20.58 18.02
N THR C 359 77.25 19.39 17.58
CA THR C 359 77.83 19.23 16.26
C THR C 359 77.50 17.87 15.67
N GLY C 360 76.45 17.84 14.84
CA GLY C 360 76.03 16.61 14.20
C GLY C 360 75.26 15.73 15.16
N ALA C 361 74.30 16.34 15.85
CA ALA C 361 73.57 15.65 16.91
C ALA C 361 72.23 15.06 16.43
N THR C 362 72.11 13.75 16.57
CA THR C 362 70.86 13.05 16.29
C THR C 362 70.49 12.33 17.57
N ASN C 363 69.24 11.89 17.71
CA ASN C 363 68.86 11.01 18.82
C ASN C 363 69.15 11.55 20.23
N ALA C 364 68.12 12.08 20.89
CA ALA C 364 68.31 12.61 22.25
C ALA C 364 67.23 12.08 23.17
N GLN C 365 67.63 11.78 24.41
CA GLN C 365 66.67 11.31 25.39
C GLN C 365 66.90 12.00 26.72
N LEU C 366 65.79 12.29 27.40
CA LEU C 366 65.78 13.02 28.66
C LEU C 366 65.09 12.22 29.74
N PHE C 367 65.68 12.23 30.93
CA PHE C 367 65.07 11.60 32.08
C PHE C 367 65.02 12.67 33.14
N ALA C 368 63.82 12.99 33.60
CA ALA C 368 63.70 13.99 34.65
C ALA C 368 62.94 13.43 35.82
N VAL C 369 63.50 13.61 37.03
CA VAL C 369 62.75 13.34 38.26
C VAL C 369 62.81 14.52 39.19
N ARG C 370 61.79 14.67 40.03
CA ARG C 370 61.74 15.76 40.97
C ARG C 370 62.73 15.46 42.07
N ALA C 371 63.54 16.45 42.43
CA ALA C 371 64.42 16.30 43.57
C ALA C 371 64.45 17.60 44.35
N ILE C 372 65.29 17.64 45.36
CA ILE C 372 65.57 18.90 46.01
C ILE C 372 66.96 19.29 45.61
N THR C 373 67.31 20.55 45.86
CA THR C 373 68.55 21.11 45.35
C THR C 373 69.76 20.33 45.86
N GLU C 374 69.58 19.72 47.03
CA GLU C 374 70.68 19.07 47.74
C GLU C 374 71.04 17.69 47.22
N ASN C 375 70.20 17.16 46.34
CA ASN C 375 70.55 15.95 45.58
C ASN C 375 71.57 16.28 44.50
N ALA C 376 72.70 16.86 44.90
CA ALA C 376 73.63 17.45 43.95
C ALA C 376 74.53 16.41 43.30
N VAL C 377 74.88 16.62 42.03
CA VAL C 377 75.83 15.73 41.38
C VAL C 377 77.24 16.01 41.95
N GLN C 378 77.98 14.97 42.29
CA GLN C 378 79.20 15.17 43.05
C GLN C 378 80.47 14.83 42.29
N VAL C 379 80.32 14.28 41.09
CA VAL C 379 81.50 13.95 40.30
C VAL C 379 81.66 14.97 39.18
N VAL C 380 82.76 14.89 38.44
CA VAL C 380 82.97 15.76 37.28
C VAL C 380 83.82 15.08 36.21
N GLY D 92 21.96 -21.59 31.46
CA GLY D 92 20.69 -21.87 30.79
C GLY D 92 20.71 -21.69 29.28
N SER D 93 19.63 -21.10 28.75
CA SER D 93 19.45 -20.96 27.31
C SER D 93 19.91 -19.60 26.78
N VAL D 94 20.31 -19.55 25.52
CA VAL D 94 20.56 -18.26 24.85
C VAL D 94 19.55 -18.05 23.73
N ARG D 95 19.26 -16.80 23.40
CA ARG D 95 18.29 -16.56 22.36
C ARG D 95 18.78 -15.57 21.31
N ILE D 96 18.90 -16.04 20.08
CA ILE D 96 19.45 -15.23 19.02
C ILE D 96 18.34 -14.80 18.06
N THR D 97 18.35 -13.54 17.64
CA THR D 97 17.47 -13.10 16.59
C THR D 97 18.34 -12.48 15.51
N HIS D 98 18.20 -12.96 14.27
CA HIS D 98 19.10 -12.51 13.23
C HIS D 98 18.51 -12.75 11.85
N ARG D 99 19.14 -12.13 10.87
CA ARG D 99 18.77 -12.32 9.48
CA ARG D 99 18.77 -12.30 9.47
C ARG D 99 20.04 -12.57 8.70
N GLU D 100 20.03 -13.60 7.85
CA GLU D 100 21.25 -13.97 7.11
C GLU D 100 20.99 -14.55 5.71
N TYR D 101 22.07 -14.77 4.97
CA TYR D 101 21.94 -15.06 3.55
C TYR D 101 21.76 -16.53 3.31
N VAL D 102 20.80 -16.90 2.47
CA VAL D 102 20.56 -18.30 2.19
C VAL D 102 21.22 -18.72 0.89
N SER D 103 20.76 -18.14 -0.20
CA SER D 103 21.26 -18.46 -1.52
C SER D 103 20.59 -17.57 -2.56
N VAL D 104 21.19 -17.50 -3.73
CA VAL D 104 20.59 -16.76 -4.81
C VAL D 104 19.59 -17.68 -5.49
N LEU D 105 18.43 -17.16 -5.86
CA LEU D 105 17.38 -17.98 -6.44
C LEU D 105 17.40 -17.76 -7.92
N SER D 106 17.66 -18.81 -8.68
CA SER D 106 17.75 -18.69 -10.13
C SER D 106 16.77 -19.61 -10.81
N GLY D 107 16.49 -19.30 -12.07
CA GLY D 107 15.62 -20.14 -12.88
C GLY D 107 16.26 -20.32 -14.24
N THR D 108 15.87 -21.38 -14.93
CA THR D 108 16.35 -21.53 -16.30
C THR D 108 15.12 -21.63 -17.19
N ASN D 109 15.27 -21.26 -18.46
CA ASN D 109 14.10 -21.10 -19.32
C ASN D 109 13.44 -22.41 -19.70
N GLY D 110 12.10 -22.40 -19.76
CA GLY D 110 11.35 -23.59 -20.12
C GLY D 110 11.65 -24.75 -19.20
N GLU D 111 11.59 -24.49 -17.90
CA GLU D 111 11.95 -25.53 -16.97
C GLU D 111 11.36 -25.26 -15.59
N PHE D 112 10.71 -26.27 -15.04
CA PHE D 112 10.21 -26.23 -13.69
C PHE D 112 11.42 -26.57 -12.89
N LEU D 113 12.05 -25.56 -12.32
CA LEU D 113 13.36 -25.74 -11.71
C LEU D 113 13.32 -25.53 -10.20
N ARG D 114 13.44 -26.62 -9.45
CA ARG D 114 13.46 -26.52 -7.99
C ARG D 114 14.87 -26.47 -7.41
N ASN D 115 15.06 -25.60 -6.43
CA ASN D 115 16.29 -25.50 -5.66
C ASN D 115 17.47 -25.34 -6.60
N ASN D 116 17.27 -24.50 -7.62
CA ASN D 116 18.33 -24.14 -8.57
C ASN D 116 18.90 -25.29 -9.39
N GLY D 117 18.28 -26.46 -9.29
CA GLY D 117 18.71 -27.58 -10.08
C GLY D 117 19.32 -28.69 -9.26
N THR D 118 19.64 -28.39 -8.02
CA THR D 118 20.14 -29.39 -7.08
C THR D 118 19.11 -30.49 -6.73
N GLY D 119 17.83 -30.13 -6.83
CA GLY D 119 16.74 -30.95 -6.32
C GLY D 119 16.64 -30.85 -4.80
N PRO D 120 15.46 -31.20 -4.21
CA PRO D 120 15.29 -31.19 -2.74
C PRO D 120 16.33 -32.07 -2.01
N ASN D 121 17.50 -31.48 -1.75
CA ASN D 121 18.65 -32.19 -1.21
C ASN D 121 18.58 -32.34 0.30
N ASN D 122 19.72 -32.73 0.88
CA ASN D 122 19.92 -32.73 2.33
C ASN D 122 20.36 -31.37 2.81
N ASP D 123 20.72 -30.52 1.86
CA ASP D 123 21.23 -29.20 2.13
C ASP D 123 20.17 -28.32 2.75
N PHE D 124 18.92 -28.54 2.40
CA PHE D 124 17.88 -27.58 2.73
C PHE D 124 17.08 -27.90 4.00
N SER D 125 17.59 -28.86 4.79
CA SER D 125 16.96 -29.19 6.04
C SER D 125 17.22 -28.06 7.02
N ILE D 126 16.16 -27.65 7.71
CA ILE D 126 16.27 -26.60 8.72
C ILE D 126 16.87 -27.09 10.04
N ASN D 127 18.13 -26.72 10.25
CA ASN D 127 18.85 -27.08 11.47
C ASN D 127 20.01 -26.12 11.66
N PRO D 128 20.20 -25.65 12.89
CA PRO D 128 21.14 -24.55 13.10
C PRO D 128 22.59 -24.90 12.74
N LEU D 129 22.93 -26.18 12.57
CA LEU D 129 24.31 -26.52 12.26
C LEU D 129 24.51 -26.67 10.76
N ASN D 130 23.51 -26.19 10.02
CA ASN D 130 23.51 -26.34 8.57
C ASN D 130 23.86 -25.04 7.89
N PRO D 131 25.12 -24.89 7.49
CA PRO D 131 25.68 -23.63 7.04
C PRO D 131 25.04 -23.18 5.76
N PHE D 132 24.21 -24.01 5.17
CA PHE D 132 23.61 -23.59 3.93
C PHE D 132 22.51 -22.58 4.16
N LEU D 133 21.66 -22.85 5.15
CA LEU D 133 20.63 -21.94 5.53
C LEU D 133 21.13 -20.99 6.61
N PHE D 134 22.09 -21.41 7.41
CA PHE D 134 22.50 -20.56 8.51
C PHE D 134 24.01 -20.31 8.59
N PRO D 135 24.53 -19.53 7.65
CA PRO D 135 25.97 -19.30 7.55
C PRO D 135 26.48 -18.57 8.77
N TRP D 136 25.60 -17.85 9.44
CA TRP D 136 26.02 -17.00 10.53
C TRP D 136 25.77 -17.72 11.83
N LEU D 137 24.57 -18.27 11.95
CA LEU D 137 24.14 -18.97 13.15
C LEU D 137 25.05 -20.13 13.50
N VAL D 138 25.58 -20.78 12.46
CA VAL D 138 26.34 -22.01 12.61
C VAL D 138 27.53 -21.82 13.57
N ASN D 139 28.15 -20.65 13.56
CA ASN D 139 29.23 -20.35 14.51
C ASN D 139 28.78 -20.42 15.95
N ILE D 140 27.53 -20.05 16.21
CA ILE D 140 27.03 -20.06 17.57
C ILE D 140 26.52 -21.45 17.91
N ALA D 141 25.75 -22.02 16.99
CA ALA D 141 25.17 -23.36 17.14
C ALA D 141 26.21 -24.43 17.39
N ALA D 142 27.42 -24.25 16.84
CA ALA D 142 28.50 -25.20 17.09
C ALA D 142 28.77 -25.38 18.59
N ASN D 143 28.46 -24.36 19.39
CA ASN D 143 28.68 -24.42 20.85
C ASN D 143 27.56 -25.07 21.68
N PHE D 144 26.48 -25.51 21.05
CA PHE D 144 25.32 -26.00 21.79
C PHE D 144 24.82 -27.34 21.33
N ASP D 145 23.97 -27.96 22.13
CA ASP D 145 23.45 -29.29 21.86
C ASP D 145 22.06 -29.31 21.26
N GLN D 146 21.18 -28.44 21.76
CA GLN D 146 19.80 -28.46 21.31
C GLN D 146 19.36 -27.08 20.87
N TYR D 147 18.30 -27.05 20.05
CA TYR D 147 17.74 -25.80 19.55
C TYR D 147 16.21 -25.85 19.49
N LYS D 148 15.59 -24.68 19.49
CA LYS D 148 14.15 -24.57 19.32
C LYS D 148 13.85 -23.24 18.66
N PHE D 149 13.25 -23.27 17.49
CA PHE D 149 12.93 -22.04 16.80
C PHE D 149 11.66 -21.47 17.36
N ASN D 150 11.64 -20.15 17.57
CA ASN D 150 10.44 -19.47 18.00
C ASN D 150 9.79 -18.73 16.86
N SER D 151 10.62 -18.29 15.91
CA SER D 151 10.13 -17.56 14.75
C SER D 151 10.99 -17.93 13.56
N LEU D 152 10.39 -18.05 12.39
CA LEU D 152 11.15 -18.43 11.20
C LEU D 152 10.46 -17.99 9.93
N ARG D 153 11.18 -17.18 9.16
CA ARG D 153 10.66 -16.64 7.92
C ARG D 153 11.77 -16.72 6.91
N PHE D 154 11.39 -16.88 5.65
CA PHE D 154 12.32 -16.74 4.54
C PHE D 154 11.86 -15.58 3.72
N GLU D 155 12.79 -14.95 3.03
CA GLU D 155 12.48 -13.69 2.36
C GLU D 155 13.13 -13.70 1.01
N TYR D 156 12.43 -13.14 0.04
CA TYR D 156 12.94 -13.09 -1.32
C TYR D 156 13.01 -11.65 -1.72
N VAL D 157 14.18 -11.19 -2.13
CA VAL D 157 14.32 -9.83 -2.62
C VAL D 157 14.87 -9.81 -4.05
N PRO D 158 14.10 -9.23 -4.99
CA PRO D 158 14.33 -9.34 -6.43
C PRO D 158 15.63 -8.70 -6.91
N LEU D 159 16.41 -9.45 -7.68
CA LEU D 159 17.60 -8.91 -8.30
C LEU D 159 17.22 -8.45 -9.69
N VAL D 160 16.01 -8.82 -10.07
CA VAL D 160 15.54 -8.69 -11.44
C VAL D 160 14.51 -7.56 -11.62
N ASN D 161 14.39 -7.06 -12.84
CA ASN D 161 13.57 -5.88 -13.05
C ASN D 161 12.15 -6.23 -13.44
N THR D 162 11.32 -5.21 -13.52
CA THR D 162 9.87 -5.33 -13.61
C THR D 162 9.33 -5.96 -14.93
N THR D 163 10.16 -6.07 -15.95
CA THR D 163 9.69 -6.64 -17.20
C THR D 163 9.97 -8.13 -17.28
N THR D 164 10.44 -8.70 -16.19
CA THR D 164 10.75 -10.11 -16.13
C THR D 164 9.50 -10.97 -15.98
N ASN D 165 9.32 -11.94 -16.87
CA ASN D 165 8.19 -12.85 -16.67
C ASN D 165 8.54 -13.90 -15.66
N GLY D 166 7.55 -14.71 -15.32
CA GLY D 166 7.81 -15.90 -14.52
C GLY D 166 7.16 -15.97 -13.16
N ARG D 167 7.73 -16.83 -12.33
CA ARG D 167 7.16 -17.17 -11.05
C ARG D 167 8.30 -17.63 -10.18
N VAL D 168 8.31 -17.15 -8.94
CA VAL D 168 9.13 -17.79 -7.92
C VAL D 168 8.18 -18.21 -6.81
N ALA D 169 8.49 -19.34 -6.19
CA ALA D 169 7.67 -19.83 -5.10
C ALA D 169 8.61 -20.27 -3.99
N LEU D 170 8.22 -19.98 -2.76
CA LEU D 170 8.94 -20.48 -1.62
C LEU D 170 8.00 -21.43 -0.90
N TYR D 171 8.52 -22.59 -0.51
CA TYR D 171 7.69 -23.49 0.25
C TYR D 171 8.43 -24.10 1.43
N PHE D 172 7.66 -24.85 2.22
CA PHE D 172 8.19 -25.49 3.40
C PHE D 172 7.37 -26.72 3.63
N ASP D 173 8.02 -27.87 3.83
CA ASP D 173 7.33 -29.09 4.25
C ASP D 173 7.87 -29.49 5.62
N LYS D 174 6.97 -29.92 6.52
CA LYS D 174 7.37 -30.35 7.84
C LYS D 174 8.29 -31.57 7.76
N ASP D 175 8.06 -32.43 6.77
CA ASP D 175 8.87 -33.63 6.60
C ASP D 175 10.18 -33.25 5.98
N SER D 176 11.24 -33.37 6.76
CA SER D 176 12.56 -32.96 6.34
C SER D 176 13.02 -33.69 5.10
N GLU D 177 12.58 -34.93 4.92
CA GLU D 177 12.91 -35.68 3.71
C GLU D 177 11.76 -35.81 2.69
N ASP D 178 10.95 -34.77 2.62
CA ASP D 178 9.88 -34.64 1.63
C ASP D 178 10.52 -34.64 0.25
N PRO D 179 9.92 -35.35 -0.71
CA PRO D 179 10.45 -35.47 -2.07
C PRO D 179 10.52 -34.16 -2.84
N GLY D 180 9.57 -33.27 -2.60
CA GLY D 180 9.46 -32.08 -3.43
C GLY D 180 8.39 -32.25 -4.50
N PRO D 181 7.90 -31.14 -5.07
CA PRO D 181 6.79 -31.18 -6.02
C PRO D 181 7.26 -31.44 -7.44
N ASP D 182 6.43 -32.09 -8.25
CA ASP D 182 6.81 -32.41 -9.61
C ASP D 182 6.37 -31.33 -10.58
N ASP D 183 5.12 -30.95 -10.48
CA ASP D 183 4.56 -29.96 -11.38
C ASP D 183 4.12 -28.72 -10.61
N ARG D 184 3.62 -27.73 -11.33
CA ARG D 184 3.26 -26.49 -10.68
C ARG D 184 1.95 -26.62 -9.95
N ALA D 185 1.25 -27.73 -10.16
CA ALA D 185 -0.02 -27.95 -9.51
C ALA D 185 0.16 -28.61 -8.16
N ALA D 186 1.15 -29.49 -8.07
CA ALA D 186 1.48 -30.14 -6.81
C ALA D 186 2.15 -29.11 -5.88
N LEU D 187 2.83 -28.15 -6.48
CA LEU D 187 3.56 -27.15 -5.74
C LEU D 187 2.61 -26.35 -4.89
N ALA D 188 1.36 -26.27 -5.33
CA ALA D 188 0.40 -25.41 -4.66
C ALA D 188 -0.17 -26.06 -3.41
N ASN D 189 -0.08 -27.38 -3.32
CA ASN D 189 -0.72 -28.08 -2.23
C ASN D 189 -0.04 -27.91 -0.88
N TYR D 190 1.18 -27.39 -0.87
CA TYR D 190 1.83 -27.15 0.42
C TYR D 190 1.02 -26.19 1.28
N ALA D 191 1.09 -26.40 2.59
CA ALA D 191 0.38 -25.54 3.50
C ALA D 191 1.05 -24.20 3.53
N HIS D 192 2.36 -24.23 3.38
CA HIS D 192 3.12 -23.02 3.52
C HIS D 192 3.85 -22.68 2.24
N LEU D 193 3.24 -21.79 1.47
CA LEU D 193 3.73 -21.47 0.16
C LEU D 193 3.61 -19.97 -0.08
N SER D 194 4.53 -19.44 -0.87
CA SER D 194 4.40 -18.06 -1.35
C SER D 194 4.74 -17.97 -2.81
N GLU D 195 3.77 -17.64 -3.67
CA GLU D 195 4.07 -17.46 -5.09
C GLU D 195 3.97 -15.98 -5.49
N ILE D 196 4.99 -15.46 -6.19
CA ILE D 196 4.86 -14.13 -6.77
C ILE D 196 5.57 -13.98 -8.10
N SER D 197 5.37 -12.82 -8.73
CA SER D 197 6.12 -12.43 -9.89
C SER D 197 7.55 -12.24 -9.39
N PRO D 198 8.55 -12.64 -10.18
CA PRO D 198 9.94 -12.63 -9.73
C PRO D 198 10.50 -11.24 -9.45
N TRP D 199 9.79 -10.18 -9.86
CA TRP D 199 10.29 -8.81 -9.64
C TRP D 199 9.81 -8.18 -8.35
N ALA D 200 9.14 -8.96 -7.51
CA ALA D 200 8.51 -8.47 -6.28
C ALA D 200 9.01 -9.19 -5.03
N ILE D 201 8.86 -8.54 -3.89
CA ILE D 201 9.21 -9.13 -2.59
C ILE D 201 8.16 -10.11 -2.15
N THR D 202 8.54 -11.04 -1.28
CA THR D 202 7.56 -11.93 -0.66
C THR D 202 8.23 -12.52 0.55
N LYS D 203 7.44 -12.92 1.54
CA LYS D 203 7.96 -13.63 2.69
C LYS D 203 7.22 -14.94 2.86
N LEU D 204 7.91 -15.93 3.40
CA LEU D 204 7.26 -17.18 3.73
C LEU D 204 7.38 -17.38 5.20
N THR D 205 6.27 -17.41 5.93
CA THR D 205 6.34 -17.64 7.36
C THR D 205 6.13 -19.11 7.68
N VAL D 206 7.15 -19.77 8.22
CA VAL D 206 7.08 -21.19 8.55
C VAL D 206 6.69 -21.40 10.00
N PRO D 207 5.83 -22.39 10.25
CA PRO D 207 5.29 -22.62 11.58
C PRO D 207 6.36 -23.21 12.47
N THR D 208 6.59 -22.54 13.58
CA THR D 208 7.54 -23.00 14.57
C THR D 208 6.79 -23.89 15.57
N ASP D 209 7.35 -25.03 15.94
CA ASP D 209 6.71 -25.82 16.99
C ASP D 209 7.47 -25.67 18.29
N ASN D 210 7.06 -26.47 19.27
CA ASN D 210 7.63 -26.33 20.61
C ASN D 210 8.37 -27.55 21.12
N VAL D 211 9.23 -28.11 20.29
CA VAL D 211 10.01 -29.25 20.73
C VAL D 211 11.50 -28.99 20.47
N LYS D 212 12.32 -29.17 21.51
CA LYS D 212 13.76 -29.10 21.34
C LYS D 212 14.20 -30.28 20.47
N ARG D 213 15.10 -30.01 19.54
CA ARG D 213 15.73 -31.06 18.74
C ARG D 213 17.22 -30.85 18.80
N PHE D 214 17.97 -31.85 18.36
CA PHE D 214 19.42 -31.75 18.43
C PHE D 214 20.00 -30.89 17.32
N ILE D 215 20.89 -29.98 17.70
CA ILE D 215 21.76 -29.30 16.75
C ILE D 215 22.67 -30.38 16.21
N SER D 216 22.62 -30.60 14.90
CA SER D 216 23.44 -31.64 14.31
C SER D 216 23.65 -31.40 12.84
N ASP D 217 24.70 -32.00 12.30
CA ASP D 217 24.91 -32.00 10.85
C ASP D 217 23.78 -32.78 10.20
N THR D 218 23.20 -32.22 9.14
CA THR D 218 21.94 -32.73 8.61
C THR D 218 22.01 -34.13 8.02
N SER D 219 23.23 -34.60 7.74
CA SER D 219 23.41 -35.97 7.28
C SER D 219 24.03 -36.81 8.41
N SER D 220 23.25 -37.01 9.47
CA SER D 220 23.76 -37.65 10.67
C SER D 220 22.66 -38.48 11.33
N GLY D 221 21.77 -37.82 12.07
CA GLY D 221 20.64 -38.50 12.66
C GLY D 221 19.45 -38.62 11.72
N ASP D 222 18.39 -39.29 12.19
CA ASP D 222 17.12 -39.39 11.48
C ASP D 222 16.62 -37.98 11.24
N PRO D 223 16.51 -37.57 9.97
CA PRO D 223 16.12 -36.23 9.55
C PRO D 223 14.78 -35.83 10.12
N LYS D 224 13.91 -36.80 10.39
CA LYS D 224 12.62 -36.54 11.04
C LYS D 224 12.75 -36.22 12.54
N LEU D 225 13.90 -36.57 13.12
CA LEU D 225 14.13 -36.34 14.54
C LEU D 225 14.88 -35.05 14.79
N ILE D 226 15.70 -34.62 13.84
CA ILE D 226 16.60 -33.54 14.15
C ILE D 226 16.28 -32.23 13.43
N ASN D 227 15.43 -32.30 12.40
CA ASN D 227 15.16 -31.12 11.59
C ASN D 227 13.72 -30.62 11.69
N LEU D 228 13.53 -29.31 11.76
CA LEU D 228 12.19 -28.72 11.85
C LEU D 228 11.44 -28.98 10.56
N GLY D 229 12.18 -29.12 9.48
CA GLY D 229 11.57 -29.43 8.20
C GLY D 229 12.50 -28.96 7.11
N GLN D 230 12.03 -29.00 5.87
CA GLN D 230 12.84 -28.50 4.78
C GLN D 230 12.25 -27.25 4.14
N PHE D 231 13.13 -26.40 3.64
CA PHE D 231 12.74 -25.20 2.91
C PHE D 231 13.11 -25.47 1.49
N GLY D 232 12.39 -24.88 0.55
CA GLY D 232 12.66 -25.11 -0.86
C GLY D 232 12.16 -23.97 -1.70
N TRP D 233 12.53 -23.93 -2.98
CA TRP D 233 11.96 -22.94 -3.88
C TRP D 233 11.85 -23.49 -5.29
N VAL D 234 10.99 -22.87 -6.09
CA VAL D 234 10.79 -23.30 -7.46
C VAL D 234 10.69 -22.04 -8.29
N ALA D 235 11.14 -22.13 -9.54
CA ALA D 235 11.04 -21.01 -10.46
C ALA D 235 10.67 -21.55 -11.83
N TYR D 236 9.52 -21.15 -12.33
CA TYR D 236 9.07 -21.62 -13.61
C TYR D 236 8.52 -20.52 -14.46
N SER D 237 8.29 -20.85 -15.73
CA SER D 237 7.91 -19.88 -16.75
C SER D 237 8.93 -18.77 -17.02
N GLY D 238 10.16 -19.18 -17.35
CA GLY D 238 11.25 -18.32 -17.83
C GLY D 238 11.53 -17.18 -16.89
N PRO D 239 12.59 -16.40 -17.15
CA PRO D 239 13.60 -16.63 -18.15
C PRO D 239 14.69 -17.38 -17.46
N THR D 240 15.91 -17.21 -17.95
CA THR D 240 17.02 -17.97 -17.41
C THR D 240 18.02 -16.97 -16.87
N ALA D 241 17.91 -16.72 -15.57
CA ALA D 241 18.70 -15.70 -14.91
C ALA D 241 18.89 -15.98 -13.42
N GLU D 242 19.61 -15.09 -12.75
CA GLU D 242 19.67 -15.13 -11.30
C GLU D 242 18.60 -14.16 -10.85
N LEU D 243 17.48 -14.69 -10.39
CA LEU D 243 16.29 -13.88 -10.16
C LEU D 243 16.35 -12.97 -8.93
N GLY D 244 16.69 -13.53 -7.77
CA GLY D 244 16.67 -12.74 -6.55
C GLY D 244 17.48 -13.36 -5.44
N ASP D 245 17.62 -12.64 -4.33
CA ASP D 245 18.33 -13.13 -3.14
C ASP D 245 17.31 -13.69 -2.15
N ILE D 246 17.72 -14.70 -1.38
CA ILE D 246 16.83 -15.28 -0.38
C ILE D 246 17.44 -15.13 0.99
N PHE D 247 16.70 -14.53 1.91
CA PHE D 247 17.21 -14.41 3.27
C PHE D 247 16.40 -15.24 4.26
N VAL D 248 17.04 -15.64 5.35
CA VAL D 248 16.34 -16.30 6.44
C VAL D 248 16.34 -15.38 7.65
N GLU D 249 15.19 -15.26 8.29
CA GLU D 249 15.09 -14.41 9.45
C GLU D 249 14.44 -15.24 10.53
N TYR D 250 15.05 -15.30 11.73
CA TYR D 250 14.60 -16.24 12.73
C TYR D 250 14.82 -15.72 14.13
N THR D 251 14.26 -16.45 15.11
CA THR D 251 14.62 -16.30 16.51
C THR D 251 14.75 -17.70 17.10
N VAL D 252 15.93 -18.06 17.59
CA VAL D 252 16.10 -19.39 18.18
C VAL D 252 16.49 -19.33 19.62
N ASP D 253 16.16 -20.42 20.32
CA ASP D 253 16.69 -20.66 21.64
C ASP D 253 17.64 -21.83 21.52
N LEU D 254 18.85 -21.66 22.04
CA LEU D 254 19.83 -22.73 22.00
C LEU D 254 20.04 -23.24 23.41
N PHE D 255 20.15 -24.55 23.55
CA PHE D 255 20.25 -25.13 24.88
C PHE D 255 21.48 -25.98 25.00
N GLU D 256 21.98 -26.04 26.23
CA GLU D 256 23.01 -27.00 26.63
C GLU D 256 24.32 -26.78 25.91
N ALA D 257 25.25 -26.09 26.56
CA ALA D 257 26.54 -25.83 25.94
C ALA D 257 27.38 -27.09 25.95
N GLN D 258 28.23 -27.21 24.94
CA GLN D 258 29.08 -28.38 24.71
C GLN D 258 30.38 -27.86 24.16
N PRO D 259 31.43 -28.69 24.12
CA PRO D 259 32.64 -28.24 23.41
C PRO D 259 32.36 -27.98 21.93
N THR D 260 33.01 -26.97 21.38
CA THR D 260 32.66 -26.47 20.06
C THR D 260 32.84 -27.49 18.98
N SER D 261 31.76 -27.83 18.29
CA SER D 261 31.84 -28.62 17.07
C SER D 261 32.73 -27.90 16.05
N PRO D 262 33.47 -28.66 15.24
CA PRO D 262 34.47 -28.01 14.37
C PRO D 262 33.87 -27.07 13.32
N LEU D 263 34.45 -25.88 13.23
CA LEU D 263 33.96 -24.87 12.28
C LEU D 263 34.80 -24.77 11.01
N LEU D 264 35.30 -25.93 10.57
CA LEU D 264 36.03 -26.03 9.32
C LEU D 264 35.57 -27.26 8.60
N GLU D 265 36.05 -27.45 7.39
CA GLU D 265 35.76 -28.67 6.70
C GLU D 265 37.04 -29.45 6.47
N SER D 266 36.94 -30.77 6.56
CA SER D 266 38.02 -31.63 6.14
C SER D 266 37.42 -32.73 5.29
N LEU D 267 37.51 -32.55 3.99
CA LEU D 267 36.99 -33.52 3.05
C LEU D 267 38.15 -34.26 2.39
N PHE D 268 38.15 -35.57 2.53
CA PHE D 268 39.26 -36.40 2.04
C PHE D 268 38.74 -37.56 1.21
N ARG D 269 39.47 -37.90 0.16
CA ARG D 269 39.11 -39.07 -0.63
C ARG D 269 40.30 -39.86 -1.12
N GLU D 270 40.15 -41.17 -1.09
CA GLU D 270 40.91 -42.08 -1.92
C GLU D 270 39.87 -42.87 -2.71
N SER D 271 40.10 -43.27 -3.98
CA SER D 271 41.33 -43.11 -4.77
C SER D 271 42.61 -43.75 -4.17
N ALA D 272 42.67 -45.07 -4.19
CA ALA D 272 41.61 -45.89 -4.75
C ALA D 272 40.93 -46.77 -3.69
N SER D 273 39.63 -46.53 -3.52
CA SER D 273 38.75 -47.29 -2.63
C SER D 273 37.35 -46.69 -2.77
N SER D 274 37.28 -45.62 -3.56
CA SER D 274 36.04 -44.88 -3.85
C SER D 274 35.32 -44.28 -2.63
N VAL D 275 35.89 -44.43 -1.45
CA VAL D 275 35.29 -43.86 -0.26
C VAL D 275 35.80 -42.44 -0.02
N GLN D 276 34.93 -41.59 0.50
CA GLN D 276 35.34 -40.24 0.86
C GLN D 276 34.68 -39.87 2.17
N THR D 277 35.45 -39.25 3.05
CA THR D 277 34.96 -38.87 4.36
C THR D 277 35.01 -37.37 4.58
N ARG D 278 33.88 -36.82 5.01
CA ARG D 278 33.80 -35.41 5.32
C ARG D 278 33.77 -35.22 6.80
N MET D 279 34.41 -34.16 7.25
CA MET D 279 34.48 -33.84 8.66
C MET D 279 34.20 -32.35 8.80
N GLY D 280 33.21 -32.00 9.61
CA GLY D 280 32.88 -30.60 9.82
C GLY D 280 31.82 -30.12 8.85
N LEU D 281 31.72 -28.81 8.70
CA LEU D 281 30.66 -28.21 7.88
C LEU D 281 30.77 -28.52 6.40
N PRO D 282 29.64 -28.83 5.76
CA PRO D 282 29.61 -29.19 4.35
C PRO D 282 29.69 -27.98 3.42
N TYR D 283 30.77 -27.20 3.52
CA TYR D 283 30.97 -26.10 2.61
C TYR D 283 31.14 -26.59 1.17
N PHE D 284 32.14 -27.44 0.92
CA PHE D 284 32.40 -27.94 -0.41
C PHE D 284 32.06 -29.41 -0.54
N SER D 285 31.69 -29.81 -1.74
CA SER D 285 31.49 -31.22 -2.07
C SER D 285 32.56 -31.63 -3.05
N LEU D 286 32.83 -32.93 -3.12
CA LEU D 286 33.77 -33.43 -4.12
C LEU D 286 32.98 -33.99 -5.30
N GLU D 287 33.19 -33.37 -6.47
CA GLU D 287 32.43 -33.70 -7.68
C GLU D 287 33.10 -34.69 -8.61
N VAL D 288 34.32 -34.39 -9.05
CA VAL D 288 35.08 -35.33 -9.83
C VAL D 288 36.49 -35.60 -9.24
N ALA D 289 36.84 -36.89 -9.25
CA ALA D 289 38.14 -37.34 -8.77
C ALA D 289 38.72 -38.31 -9.78
N SER D 290 39.45 -37.76 -10.75
CA SER D 290 40.16 -38.56 -11.72
C SER D 290 41.65 -38.29 -11.55
N ALA D 291 42.48 -39.05 -12.23
CA ALA D 291 43.90 -38.77 -12.20
C ALA D 291 44.16 -37.48 -12.97
N THR D 292 43.27 -37.21 -13.93
CA THR D 292 43.41 -36.06 -14.81
C THR D 292 42.96 -34.76 -14.14
N ASP D 293 41.74 -34.75 -13.61
CA ASP D 293 41.14 -33.54 -13.05
C ASP D 293 40.64 -33.71 -11.62
N LEU D 294 40.43 -32.58 -10.96
CA LEU D 294 40.01 -32.55 -9.56
C LEU D 294 39.13 -31.33 -9.33
N VAL D 295 37.82 -31.54 -9.25
CA VAL D 295 36.92 -30.41 -9.01
C VAL D 295 36.06 -30.56 -7.75
N TRP D 296 35.85 -29.43 -7.06
CA TRP D 296 35.07 -29.38 -5.81
C TRP D 296 34.05 -28.31 -6.10
N GLN D 297 32.84 -28.56 -5.60
CA GLN D 297 31.77 -27.62 -5.80
C GLN D 297 31.53 -26.88 -4.50
N ALA D 298 31.42 -25.57 -4.60
CA ALA D 298 31.13 -24.75 -3.45
C ALA D 298 29.63 -24.67 -3.26
N ARG D 299 29.14 -25.17 -2.13
CA ARG D 299 27.71 -25.17 -1.84
C ARG D 299 27.31 -23.88 -1.16
N VAL D 300 28.15 -23.43 -0.25
CA VAL D 300 27.80 -22.34 0.62
C VAL D 300 28.53 -21.06 0.22
N PRO D 301 27.78 -20.05 -0.23
CA PRO D 301 28.33 -18.77 -0.67
C PRO D 301 29.22 -18.14 0.38
N GLY D 302 30.22 -17.39 -0.08
CA GLY D 302 31.06 -16.61 0.82
C GLY D 302 32.53 -16.66 0.49
N THR D 303 33.33 -16.03 1.34
CA THR D 303 34.77 -16.02 1.17
C THR D 303 35.42 -17.07 2.08
N TYR D 304 36.33 -17.88 1.51
CA TYR D 304 37.02 -18.94 2.27
C TYR D 304 38.52 -18.91 2.11
N VAL D 305 39.22 -19.54 3.03
CA VAL D 305 40.59 -19.97 2.76
C VAL D 305 40.55 -21.49 2.57
N VAL D 306 41.11 -21.98 1.47
CA VAL D 306 41.13 -23.41 1.24
C VAL D 306 42.54 -23.97 1.16
N THR D 307 42.71 -25.18 1.69
CA THR D 307 43.97 -25.90 1.52
C THR D 307 43.63 -27.22 0.87
N ILE D 308 44.09 -27.38 -0.37
CA ILE D 308 43.93 -28.63 -1.09
C ILE D 308 45.29 -29.27 -1.21
N ILE D 309 45.37 -30.54 -0.81
CA ILE D 309 46.59 -31.31 -0.94
C ILE D 309 46.28 -32.67 -1.55
N PHE D 310 47.11 -33.10 -2.48
CA PHE D 310 46.88 -34.35 -3.20
C PHE D 310 48.14 -35.11 -3.56
N ASN D 311 47.97 -36.40 -3.83
CA ASN D 311 49.04 -37.25 -4.33
C ASN D 311 48.97 -37.38 -5.85
N SER D 312 49.96 -36.78 -6.52
CA SER D 312 50.10 -36.84 -7.96
C SER D 312 51.36 -37.65 -8.32
N THR D 313 51.75 -37.69 -9.59
CA THR D 313 53.07 -38.19 -9.99
C THR D 313 53.54 -37.25 -11.12
N VAL D 314 54.60 -36.49 -10.86
CA VAL D 314 55.05 -35.35 -11.69
C VAL D 314 54.16 -34.12 -11.53
N GLY D 315 52.86 -34.34 -11.41
CA GLY D 315 51.92 -33.29 -11.11
C GLY D 315 51.96 -32.08 -12.01
N GLY D 316 52.01 -30.90 -11.41
CA GLY D 316 51.64 -29.66 -12.08
C GLY D 316 50.12 -29.53 -11.95
N LEU D 317 49.61 -28.32 -12.03
CA LEU D 317 48.19 -28.12 -11.82
C LEU D 317 47.73 -26.77 -12.35
N THR D 318 46.43 -26.67 -12.61
CA THR D 318 45.86 -25.43 -13.13
C THR D 318 44.53 -25.11 -12.44
N PRO D 319 44.52 -24.04 -11.62
CA PRO D 319 43.35 -23.61 -10.87
C PRO D 319 42.40 -22.80 -11.75
N SER D 320 41.10 -23.04 -11.59
CA SER D 320 40.08 -22.30 -12.33
C SER D 320 38.75 -22.37 -11.62
N ILE D 321 38.05 -21.24 -11.52
CA ILE D 321 36.74 -21.25 -10.90
C ILE D 321 35.62 -21.16 -11.91
N SER D 322 34.88 -22.25 -12.02
CA SER D 322 33.82 -22.36 -12.99
C SER D 322 32.54 -21.77 -12.44
N GLY D 323 32.30 -20.50 -12.76
CA GLY D 323 31.00 -19.92 -12.48
C GLY D 323 31.14 -18.72 -11.59
N GLY D 324 30.11 -18.46 -10.80
CA GLY D 324 30.17 -17.37 -9.86
C GLY D 324 31.23 -17.63 -8.81
N GLY D 325 32.48 -17.27 -9.10
CA GLY D 325 33.54 -17.42 -8.15
C GLY D 325 34.66 -16.45 -8.45
N THR D 326 35.74 -16.52 -7.66
CA THR D 326 36.92 -15.67 -7.83
C THR D 326 38.08 -16.11 -6.95
N ILE D 327 39.25 -16.31 -7.54
CA ILE D 327 40.46 -16.52 -6.74
C ILE D 327 41.00 -15.13 -6.43
N ASN D 328 41.26 -14.86 -5.16
CA ASN D 328 41.73 -13.54 -4.74
C ASN D 328 43.21 -13.60 -4.41
N SER D 329 43.64 -14.74 -3.90
CA SER D 329 45.02 -14.97 -3.48
C SER D 329 45.32 -16.44 -3.72
N SER D 330 46.41 -16.71 -4.42
CA SER D 330 46.71 -18.07 -4.84
C SER D 330 48.14 -18.45 -4.48
N PHE D 331 48.32 -19.69 -4.06
CA PHE D 331 49.64 -20.25 -3.86
C PHE D 331 49.65 -21.74 -4.23
N SER D 332 50.66 -22.16 -5.00
CA SER D 332 50.80 -23.57 -5.31
C SER D 332 52.24 -24.03 -5.24
N VAL D 333 52.40 -25.32 -4.96
CA VAL D 333 53.69 -25.97 -4.95
C VAL D 333 53.45 -27.40 -5.44
N SER D 334 53.98 -27.72 -6.62
CA SER D 334 53.65 -29.00 -7.22
C SER D 334 54.87 -29.77 -7.73
N THR D 335 55.14 -30.89 -7.07
CA THR D 335 56.20 -31.79 -7.49
C THR D 335 55.62 -33.18 -7.69
N ALA D 336 56.49 -34.15 -7.95
CA ALA D 336 56.07 -35.53 -8.06
C ALA D 336 55.73 -36.08 -6.69
N GLY D 337 54.72 -36.95 -6.64
CA GLY D 337 54.32 -37.59 -5.41
C GLY D 337 53.26 -36.86 -4.60
N SER D 338 53.37 -35.54 -4.57
CA SER D 338 52.49 -34.73 -3.73
C SER D 338 52.60 -33.25 -4.08
N SER D 339 51.45 -32.59 -4.10
CA SER D 339 51.40 -31.16 -4.41
C SER D 339 50.38 -30.50 -3.48
N ALA D 340 50.50 -29.18 -3.31
CA ALA D 340 49.63 -28.47 -2.39
C ALA D 340 49.15 -27.14 -2.97
N TYR D 341 47.85 -26.88 -2.82
CA TYR D 341 47.25 -25.63 -3.26
C TYR D 341 46.60 -24.89 -2.10
N VAL D 342 46.95 -23.61 -1.94
CA VAL D 342 46.33 -22.79 -0.92
C VAL D 342 45.79 -21.48 -1.51
N ALA D 343 44.50 -21.25 -1.30
CA ALA D 343 43.82 -20.13 -1.95
C ALA D 343 42.78 -19.42 -1.08
N ASN D 344 42.63 -18.14 -1.34
CA ASN D 344 41.59 -17.35 -0.72
C ASN D 344 40.57 -17.02 -1.81
N ILE D 345 39.41 -17.65 -1.73
CA ILE D 345 38.45 -17.50 -2.80
C ILE D 345 37.09 -16.98 -2.32
N THR D 346 36.29 -16.50 -3.29
CA THR D 346 34.93 -16.04 -3.02
C THR D 346 33.94 -16.66 -3.99
N ILE D 347 32.96 -17.38 -3.44
CA ILE D 347 31.99 -18.11 -4.24
C ILE D 347 30.59 -17.62 -3.91
N ARG D 348 29.71 -17.52 -4.90
CA ARG D 348 28.41 -16.90 -4.64
C ARG D 348 27.21 -17.72 -5.11
N VAL D 349 27.47 -18.72 -5.95
CA VAL D 349 26.47 -19.70 -6.31
C VAL D 349 27.24 -20.98 -6.31
N ASN D 350 26.58 -22.10 -6.64
CA ASN D 350 27.28 -23.36 -6.86
C ASN D 350 28.34 -23.26 -7.92
N ALA D 351 29.49 -22.70 -7.58
CA ALA D 351 30.59 -22.64 -8.50
C ALA D 351 31.58 -23.74 -8.15
N ASN D 352 32.19 -24.33 -9.18
CA ASN D 352 33.26 -25.29 -8.98
C ASN D 352 34.60 -24.60 -9.04
N LEU D 353 35.56 -25.11 -8.29
CA LEU D 353 36.95 -24.75 -8.55
C LEU D 353 37.64 -26.02 -9.01
N SER D 354 38.45 -25.88 -10.04
CA SER D 354 39.00 -27.03 -10.71
C SER D 354 40.51 -26.99 -10.69
N LEU D 355 41.09 -28.09 -10.21
CA LEU D 355 42.50 -28.37 -10.40
C LEU D 355 42.55 -29.42 -11.51
N SER D 356 43.08 -29.02 -12.66
CA SER D 356 42.86 -29.80 -13.87
C SER D 356 44.11 -30.27 -14.62
N GLY D 357 45.21 -29.55 -14.49
CA GLY D 357 46.44 -29.95 -15.16
C GLY D 357 47.05 -31.26 -14.68
N LEU D 358 46.36 -31.90 -13.73
CA LEU D 358 46.88 -33.07 -13.03
C LEU D 358 47.25 -34.23 -13.97
N THR D 359 48.34 -34.91 -13.65
CA THR D 359 48.67 -36.16 -14.31
C THR D 359 48.88 -37.26 -13.26
N GLY D 360 48.12 -38.34 -13.36
CA GLY D 360 48.27 -39.47 -12.45
C GLY D 360 48.11 -39.09 -11.00
N ALA D 361 46.91 -38.67 -10.62
CA ALA D 361 46.63 -38.25 -9.25
C ALA D 361 45.76 -39.29 -8.54
N THR D 362 45.81 -39.32 -7.21
CA THR D 362 44.91 -40.21 -6.44
C THR D 362 44.27 -39.56 -5.22
N ASN D 363 44.93 -39.75 -4.07
CA ASN D 363 44.41 -39.20 -2.82
C ASN D 363 44.40 -37.68 -2.83
N ALA D 364 43.28 -37.09 -2.42
CA ALA D 364 43.16 -35.64 -2.34
C ALA D 364 42.38 -35.28 -1.11
N GLN D 365 42.81 -34.20 -0.44
CA GLN D 365 42.10 -33.71 0.71
C GLN D 365 41.89 -32.20 0.65
N LEU D 366 40.70 -31.77 1.05
CA LEU D 366 40.34 -30.36 1.12
C LEU D 366 40.12 -29.87 2.55
N PHE D 367 40.74 -28.74 2.88
CA PHE D 367 40.47 -28.06 4.13
C PHE D 367 39.86 -26.71 3.81
N ALA D 368 38.68 -26.42 4.34
CA ALA D 368 38.02 -25.15 4.05
C ALA D 368 37.59 -24.46 5.34
N VAL D 369 37.72 -23.14 5.37
CA VAL D 369 37.31 -22.39 6.56
C VAL D 369 36.89 -20.99 6.18
N ARG D 370 35.75 -20.60 6.72
CA ARG D 370 35.17 -19.28 6.49
C ARG D 370 36.15 -18.17 6.82
N ALA D 371 36.63 -17.46 5.82
CA ALA D 371 37.53 -16.32 6.06
C ALA D 371 37.08 -15.05 5.40
N ILE D 372 37.98 -14.07 5.33
CA ILE D 372 37.70 -12.82 4.63
C ILE D 372 38.82 -12.52 3.66
N THR D 373 38.65 -11.48 2.87
CA THR D 373 39.59 -11.21 1.79
C THR D 373 40.96 -10.77 2.26
N GLU D 374 41.06 -10.07 3.38
CA GLU D 374 42.37 -9.65 3.88
C GLU D 374 43.14 -10.80 4.54
N ASN D 375 42.54 -11.97 4.59
CA ASN D 375 43.29 -13.15 4.99
C ASN D 375 43.95 -13.70 3.75
N ALA D 376 44.68 -12.85 3.04
CA ALA D 376 45.22 -13.21 1.72
C ALA D 376 46.47 -14.08 1.79
N VAL D 377 46.55 -15.08 0.92
CA VAL D 377 47.79 -15.82 0.75
C VAL D 377 48.80 -14.83 0.15
N GLN D 378 50.05 -14.88 0.62
CA GLN D 378 51.02 -13.87 0.23
C GLN D 378 52.35 -14.46 -0.25
N VAL D 379 52.55 -15.73 0.07
CA VAL D 379 53.72 -16.45 -0.40
C VAL D 379 53.41 -16.93 -1.80
N VAL D 380 54.44 -17.04 -2.64
CA VAL D 380 54.26 -17.52 -4.00
C VAL D 380 55.55 -18.06 -4.59
N ALA E 90 -5.81 -25.03 16.70
CA ALA E 90 -5.13 -24.97 15.40
C ALA E 90 -6.09 -24.96 14.22
N LYS E 91 -5.61 -24.43 13.10
CA LYS E 91 -6.43 -24.38 11.90
C LYS E 91 -5.73 -24.69 10.59
N GLY E 92 -4.70 -25.51 10.71
CA GLY E 92 -4.23 -26.30 9.58
C GLY E 92 -4.53 -27.72 9.99
N SER E 93 -5.25 -27.85 11.11
CA SER E 93 -5.55 -29.12 11.76
C SER E 93 -6.94 -29.66 11.45
N VAL E 94 -7.01 -30.78 10.76
CA VAL E 94 -8.28 -31.44 10.54
C VAL E 94 -8.45 -32.63 11.50
N ARG E 95 -9.67 -32.84 12.02
CA ARG E 95 -9.90 -33.97 12.91
C ARG E 95 -10.96 -34.93 12.41
N ILE E 96 -10.57 -36.21 12.29
CA ILE E 96 -11.47 -37.23 11.77
C ILE E 96 -11.82 -38.30 12.80
N THR E 97 -13.12 -38.62 12.91
CA THR E 97 -13.57 -39.78 13.68
C THR E 97 -14.22 -40.76 12.73
N HIS E 98 -13.81 -42.03 12.80
CA HIS E 98 -14.33 -43.04 11.86
C HIS E 98 -14.12 -44.49 12.31
N ARG E 99 -14.85 -45.40 11.68
CA ARG E 99 -14.68 -46.82 11.95
CA ARG E 99 -14.69 -46.82 11.95
C ARG E 99 -14.58 -47.52 10.61
N GLU E 100 -13.42 -48.12 10.36
CA GLU E 100 -13.20 -48.83 9.09
C GLU E 100 -12.70 -50.27 9.24
N TYR E 101 -12.50 -50.92 8.09
CA TYR E 101 -12.19 -52.36 8.10
C TYR E 101 -10.71 -52.71 8.15
N VAL E 102 -10.27 -53.41 9.19
CA VAL E 102 -8.89 -53.85 9.25
C VAL E 102 -8.71 -55.08 8.36
N SER E 103 -9.17 -56.21 8.86
CA SER E 103 -8.93 -57.48 8.20
C SER E 103 -9.85 -58.53 8.76
N VAL E 104 -9.92 -59.68 8.09
CA VAL E 104 -10.63 -60.82 8.62
C VAL E 104 -9.66 -61.63 9.48
N LEU E 105 -10.13 -62.03 10.65
CA LEU E 105 -9.31 -62.82 11.59
C LEU E 105 -9.57 -64.27 11.28
N SER E 106 -8.52 -64.97 10.84
CA SER E 106 -8.69 -66.36 10.44
C SER E 106 -7.73 -67.25 11.18
N GLY E 107 -8.13 -68.50 11.35
CA GLY E 107 -7.33 -69.49 12.03
C GLY E 107 -7.20 -70.78 11.23
N THR E 108 -6.14 -71.52 11.51
CA THR E 108 -6.00 -72.82 10.90
C THR E 108 -5.96 -73.84 12.03
N ASN E 109 -6.50 -75.03 11.76
CA ASN E 109 -6.72 -76.02 12.79
C ASN E 109 -5.39 -76.50 13.40
N GLY E 110 -5.31 -76.48 14.72
CA GLY E 110 -4.12 -76.94 15.42
C GLY E 110 -2.87 -76.18 15.08
N GLU E 111 -2.98 -74.85 14.99
CA GLU E 111 -1.83 -73.99 14.78
C GLU E 111 -2.02 -72.75 15.62
N PHE E 112 -0.94 -71.99 15.79
CA PHE E 112 -1.02 -70.75 16.52
C PHE E 112 -1.57 -69.68 15.59
N LEU E 113 -0.89 -69.45 14.49
CA LEU E 113 -1.38 -68.50 13.49
C LEU E 113 -1.56 -67.06 13.98
N ARG E 114 -0.45 -66.34 14.01
CA ARG E 114 -0.45 -64.93 14.34
C ARG E 114 -0.61 -64.15 13.05
N ASN E 115 -1.49 -63.16 13.05
CA ASN E 115 -1.76 -62.33 11.88
C ASN E 115 -2.02 -63.13 10.60
N ASN E 116 -2.85 -64.17 10.71
CA ASN E 116 -3.26 -64.97 9.55
C ASN E 116 -2.08 -65.64 8.86
N GLY E 117 -0.94 -65.68 9.54
CA GLY E 117 0.24 -66.32 8.98
C GLY E 117 1.08 -65.40 8.11
N THR E 118 0.72 -64.12 8.12
CA THR E 118 1.37 -63.14 7.26
C THR E 118 2.87 -62.95 7.53
N GLY E 119 3.21 -62.75 8.80
CA GLY E 119 4.61 -62.77 9.19
C GLY E 119 5.21 -61.43 9.56
N PRO E 120 5.96 -60.81 8.62
CA PRO E 120 6.73 -59.56 8.78
C PRO E 120 5.95 -58.41 9.44
N ASN E 121 6.03 -58.34 10.77
CA ASN E 121 5.28 -57.37 11.57
C ASN E 121 5.59 -55.91 11.25
N ASN E 122 5.44 -55.57 9.98
CA ASN E 122 5.83 -54.26 9.47
C ASN E 122 4.59 -53.54 8.97
N ASP E 123 3.71 -54.29 8.31
CA ASP E 123 2.49 -53.74 7.77
C ASP E 123 1.36 -53.81 8.79
N PHE E 124 1.75 -53.88 10.06
CA PHE E 124 0.80 -53.83 11.16
C PHE E 124 1.16 -52.72 12.11
N SER E 125 2.02 -51.83 11.64
CA SER E 125 2.41 -50.68 12.42
C SER E 125 1.31 -49.67 12.30
N ILE E 126 0.96 -49.05 13.42
CA ILE E 126 -0.08 -48.04 13.42
C ILE E 126 0.43 -46.66 12.96
N ASN E 127 0.34 -46.43 11.66
CA ASN E 127 0.61 -45.14 11.06
C ASN E 127 -0.51 -45.01 10.05
N PRO E 128 -0.78 -43.80 9.57
CA PRO E 128 -2.09 -44.10 9.02
C PRO E 128 -2.55 -43.40 7.80
N LEU E 129 -2.18 -43.64 6.54
CA LEU E 129 -1.00 -44.24 5.91
C LEU E 129 -0.74 -45.72 5.75
N ASN E 130 -1.07 -46.53 6.76
CA ASN E 130 -1.02 -47.97 6.58
C ASN E 130 -2.34 -48.46 6.03
N PRO E 131 -2.40 -48.74 4.73
CA PRO E 131 -3.64 -49.11 4.05
C PRO E 131 -4.16 -50.48 4.48
N PHE E 132 -3.37 -51.22 5.26
CA PHE E 132 -3.91 -52.43 5.85
C PHE E 132 -4.83 -52.13 7.04
N LEU E 133 -4.29 -51.39 8.01
CA LEU E 133 -5.09 -50.93 9.14
C LEU E 133 -6.08 -49.83 8.78
N PHE E 134 -5.72 -48.90 7.92
CA PHE E 134 -6.60 -47.75 7.68
C PHE E 134 -6.91 -47.53 6.20
N PRO E 135 -7.71 -48.42 5.60
CA PRO E 135 -7.98 -48.37 4.16
C PRO E 135 -8.84 -47.19 3.73
N TRP E 136 -9.45 -46.53 4.70
CA TRP E 136 -10.33 -45.41 4.41
C TRP E 136 -9.62 -44.11 4.78
N LEU E 137 -8.84 -44.15 5.86
CA LEU E 137 -8.15 -42.95 6.30
C LEU E 137 -7.03 -42.61 5.34
N VAL E 138 -6.52 -43.62 4.65
CA VAL E 138 -5.32 -43.44 3.86
C VAL E 138 -5.51 -42.36 2.78
N ASN E 139 -6.71 -42.27 2.20
CA ASN E 139 -6.99 -41.27 1.14
C ASN E 139 -6.94 -39.88 1.69
N ILE E 140 -7.17 -39.75 3.00
CA ILE E 140 -7.08 -38.45 3.63
C ILE E 140 -5.64 -38.19 4.07
N ALA E 141 -5.08 -39.14 4.78
CA ALA E 141 -3.76 -38.96 5.38
C ALA E 141 -2.66 -38.80 4.35
N ALA E 142 -2.91 -39.24 3.11
CA ALA E 142 -1.97 -39.02 2.02
C ALA E 142 -1.78 -37.52 1.75
N ASN E 143 -2.69 -36.70 2.27
CA ASN E 143 -2.59 -35.25 2.06
C ASN E 143 -1.98 -34.51 3.20
N PHE E 144 -1.50 -35.22 4.22
CA PHE E 144 -0.96 -34.55 5.40
C PHE E 144 0.38 -35.12 5.89
N ASP E 145 1.11 -34.32 6.66
CA ASP E 145 2.44 -34.69 7.08
C ASP E 145 2.46 -35.33 8.47
N GLN E 146 1.54 -34.92 9.34
CA GLN E 146 1.61 -35.37 10.72
C GLN E 146 0.28 -35.85 11.28
N TYR E 147 0.34 -36.73 12.29
CA TYR E 147 -0.86 -37.28 12.90
C TYR E 147 -0.71 -37.47 14.40
N LYS E 148 -1.83 -37.36 15.09
CA LYS E 148 -1.91 -37.68 16.48
C LYS E 148 -3.23 -38.38 16.74
N PHE E 149 -3.20 -39.54 17.37
CA PHE E 149 -4.43 -40.26 17.67
C PHE E 149 -4.95 -39.82 19.02
N ASN E 150 -6.24 -39.58 19.12
CA ASN E 150 -6.83 -39.17 20.37
C ASN E 150 -7.53 -40.32 21.04
N SER E 151 -8.11 -41.20 20.23
CA SER E 151 -8.65 -42.45 20.75
C SER E 151 -8.56 -43.50 19.67
N LEU E 152 -8.28 -44.74 20.06
CA LEU E 152 -8.01 -45.77 19.06
C LEU E 152 -8.42 -47.09 19.67
N ARG E 153 -9.25 -47.82 18.94
CA ARG E 153 -9.84 -49.03 19.48
C ARG E 153 -10.09 -50.05 18.37
N PHE E 154 -9.70 -51.30 18.60
CA PHE E 154 -9.95 -52.33 17.61
C PHE E 154 -11.05 -53.25 18.13
N GLU E 155 -11.87 -53.73 17.21
CA GLU E 155 -13.08 -54.41 17.59
C GLU E 155 -13.25 -55.72 16.83
N TYR E 156 -13.52 -56.80 17.56
CA TYR E 156 -13.67 -58.09 16.92
C TYR E 156 -15.13 -58.47 16.92
N VAL E 157 -15.67 -58.73 15.73
CA VAL E 157 -17.05 -59.13 15.59
C VAL E 157 -17.14 -60.48 14.89
N PRO E 158 -17.67 -61.48 15.59
CA PRO E 158 -17.60 -62.87 15.12
C PRO E 158 -18.33 -63.11 13.81
N LEU E 159 -17.74 -63.97 12.99
CA LEU E 159 -18.29 -64.36 11.72
C LEU E 159 -18.71 -65.80 11.89
N VAL E 160 -18.31 -66.37 13.00
CA VAL E 160 -18.41 -67.80 13.23
C VAL E 160 -19.48 -68.13 14.29
N ASN E 161 -19.90 -69.38 14.34
CA ASN E 161 -21.06 -69.66 15.16
C ASN E 161 -20.71 -70.08 16.54
N THR E 162 -21.75 -70.41 17.28
CA THR E 162 -21.70 -70.42 18.71
C THR E 162 -21.07 -71.71 19.24
N THR E 163 -20.99 -72.72 18.39
CA THR E 163 -20.41 -73.99 18.82
C THR E 163 -18.91 -74.07 18.48
N THR E 164 -18.40 -73.03 17.82
CA THR E 164 -17.00 -72.97 17.46
C THR E 164 -16.11 -72.99 18.70
N ASN E 165 -15.07 -73.82 18.67
CA ASN E 165 -14.14 -73.88 19.78
C ASN E 165 -13.00 -72.92 19.55
N GLY E 166 -12.07 -72.87 20.50
CA GLY E 166 -10.87 -72.06 20.34
C GLY E 166 -10.95 -70.70 21.00
N ARG E 167 -10.16 -69.76 20.46
CA ARG E 167 -9.89 -68.49 21.10
C ARG E 167 -9.21 -67.55 20.13
N VAL E 168 -9.70 -66.32 20.07
CA VAL E 168 -9.00 -65.27 19.35
C VAL E 168 -8.44 -64.28 20.34
N ALA E 169 -7.46 -63.50 19.90
CA ALA E 169 -6.78 -62.62 20.81
C ALA E 169 -6.29 -61.42 20.03
N LEU E 170 -6.51 -60.23 20.59
CA LEU E 170 -5.98 -59.03 20.02
C LEU E 170 -4.92 -58.46 20.98
N TYR E 171 -3.83 -57.94 20.42
CA TYR E 171 -2.79 -57.37 21.26
C TYR E 171 -2.23 -56.09 20.65
N PHE E 172 -1.51 -55.34 21.46
CA PHE E 172 -0.91 -54.10 21.00
C PHE E 172 0.40 -53.88 21.72
N ASP E 173 1.48 -53.64 20.97
CA ASP E 173 2.75 -53.27 21.61
C ASP E 173 3.09 -51.80 21.27
N LYS E 174 3.67 -51.08 22.22
CA LYS E 174 4.06 -49.72 21.97
C LYS E 174 5.24 -49.67 20.99
N ASP E 175 6.08 -50.70 21.04
CA ASP E 175 7.25 -50.82 20.18
C ASP E 175 6.80 -51.45 18.86
N SER E 176 6.73 -50.65 17.80
CA SER E 176 6.19 -51.14 16.53
C SER E 176 7.16 -52.09 15.84
N GLU E 177 8.30 -52.30 16.49
CA GLU E 177 9.44 -52.94 15.85
C GLU E 177 9.76 -54.26 16.53
N ASP E 178 9.21 -54.45 17.73
CA ASP E 178 9.38 -55.70 18.43
C ASP E 178 8.67 -56.80 17.63
N PRO E 179 9.18 -58.04 17.75
CA PRO E 179 8.58 -59.12 16.96
C PRO E 179 7.31 -59.58 17.62
N GLY E 180 6.46 -60.27 16.88
CA GLY E 180 5.21 -60.75 17.44
C GLY E 180 5.40 -61.83 18.49
N PRO E 181 4.30 -62.20 19.15
CA PRO E 181 4.28 -63.32 20.08
C PRO E 181 4.38 -64.64 19.33
N ASP E 182 5.20 -65.57 19.81
CA ASP E 182 5.32 -66.86 19.16
C ASP E 182 4.46 -67.95 19.78
N ASP E 183 4.39 -67.94 21.09
CA ASP E 183 3.62 -68.91 21.84
C ASP E 183 2.54 -68.21 22.62
N ARG E 184 1.71 -68.98 23.32
CA ARG E 184 0.59 -68.41 24.04
C ARG E 184 1.10 -67.75 25.31
N ALA E 185 2.29 -68.15 25.74
CA ALA E 185 2.83 -67.64 26.98
C ALA E 185 3.26 -66.21 26.76
N ALA E 186 3.77 -65.94 25.56
CA ALA E 186 4.26 -64.61 25.20
C ALA E 186 3.07 -63.68 25.04
N LEU E 187 2.07 -64.19 24.32
CA LEU E 187 0.81 -63.50 24.10
C LEU E 187 0.22 -62.97 25.40
N ALA E 188 0.37 -63.72 26.48
CA ALA E 188 -0.30 -63.40 27.74
C ALA E 188 0.41 -62.30 28.52
N ASN E 189 1.67 -62.02 28.19
CA ASN E 189 2.44 -61.05 28.96
C ASN E 189 2.30 -59.64 28.40
N TYR E 190 1.68 -59.53 27.24
CA TYR E 190 1.40 -58.22 26.66
C TYR E 190 0.51 -57.45 27.62
N ALA E 191 0.86 -56.20 27.85
CA ALA E 191 0.13 -55.39 28.81
C ALA E 191 -1.27 -55.12 28.29
N HIS E 192 -1.36 -54.88 26.98
CA HIS E 192 -2.63 -54.60 26.32
C HIS E 192 -3.08 -55.75 25.45
N LEU E 193 -3.88 -56.62 26.05
CA LEU E 193 -4.27 -57.88 25.43
C LEU E 193 -5.74 -58.09 25.64
N SER E 194 -6.39 -58.77 24.72
CA SER E 194 -7.79 -59.10 24.94
C SER E 194 -8.10 -60.39 24.24
N GLU E 195 -8.63 -61.36 24.97
CA GLU E 195 -8.90 -62.67 24.37
C GLU E 195 -10.32 -63.11 24.65
N ILE E 196 -10.97 -63.66 23.64
CA ILE E 196 -12.29 -64.21 23.88
C ILE E 196 -12.57 -65.29 22.87
N SER E 197 -13.55 -66.13 23.16
CA SER E 197 -13.94 -67.23 22.30
C SER E 197 -14.50 -66.65 21.01
N PRO E 198 -14.25 -67.33 19.88
CA PRO E 198 -14.42 -66.77 18.55
C PRO E 198 -15.86 -66.33 18.25
N TRP E 199 -16.84 -66.90 18.95
CA TRP E 199 -18.23 -66.56 18.65
C TRP E 199 -18.71 -65.33 19.39
N ALA E 200 -17.87 -64.81 20.27
CA ALA E 200 -18.27 -63.64 21.03
C ALA E 200 -17.62 -62.36 20.52
N ILE E 201 -18.02 -61.23 21.07
CA ILE E 201 -17.44 -59.95 20.70
C ILE E 201 -16.45 -59.53 21.75
N THR E 202 -15.30 -59.02 21.33
CA THR E 202 -14.42 -58.35 22.27
C THR E 202 -13.84 -57.13 21.61
N LYS E 203 -13.08 -56.36 22.36
CA LYS E 203 -12.41 -55.24 21.76
C LYS E 203 -11.17 -54.87 22.54
N LEU E 204 -10.27 -54.15 21.89
CA LEU E 204 -9.03 -53.75 22.52
C LEU E 204 -8.87 -52.26 22.37
N THR E 205 -8.65 -51.56 23.48
CA THR E 205 -8.44 -50.12 23.41
C THR E 205 -6.95 -49.86 23.60
N VAL E 206 -6.28 -49.43 22.54
CA VAL E 206 -4.87 -49.09 22.66
C VAL E 206 -4.79 -47.71 23.26
N PRO E 207 -3.72 -47.45 24.02
CA PRO E 207 -3.59 -46.14 24.67
C PRO E 207 -2.90 -45.18 23.73
N THR E 208 -3.43 -43.96 23.66
CA THR E 208 -2.89 -42.94 22.78
C THR E 208 -2.08 -41.99 23.62
N ASP E 209 -0.99 -41.49 23.07
CA ASP E 209 -0.23 -40.48 23.76
C ASP E 209 -0.47 -39.14 23.11
N ASN E 210 0.44 -38.21 23.38
CA ASN E 210 0.15 -36.84 23.08
C ASN E 210 1.07 -36.24 22.03
N VAL E 211 1.80 -37.08 21.34
CA VAL E 211 2.85 -36.56 20.46
C VAL E 211 2.45 -36.60 18.99
N LYS E 212 2.84 -35.57 18.26
CA LYS E 212 2.65 -35.60 16.82
C LYS E 212 3.72 -36.51 16.26
N ARG E 213 3.36 -37.37 15.31
CA ARG E 213 4.32 -38.18 14.59
C ARG E 213 4.13 -37.95 13.10
N PHE E 214 5.05 -38.46 12.28
CA PHE E 214 4.91 -38.28 10.83
C PHE E 214 4.06 -39.35 10.19
N ILE E 215 3.21 -38.92 9.26
CA ILE E 215 2.52 -39.86 8.40
C ILE E 215 3.51 -40.27 7.33
N SER E 216 3.94 -41.53 7.36
CA SER E 216 4.82 -42.05 6.32
C SER E 216 4.69 -43.54 6.12
N ASP E 217 5.64 -44.10 5.39
CA ASP E 217 5.45 -45.39 4.75
C ASP E 217 5.38 -46.60 5.68
N THR E 218 5.73 -46.43 6.94
CA THR E 218 6.08 -47.55 7.83
C THR E 218 7.23 -48.35 7.20
N SER E 219 8.17 -47.62 6.59
CA SER E 219 9.34 -48.19 5.94
C SER E 219 10.18 -46.99 5.55
N SER E 220 9.65 -45.81 5.87
CA SER E 220 10.31 -44.57 5.56
C SER E 220 10.99 -44.02 6.81
N GLY E 221 11.81 -44.85 7.46
CA GLY E 221 12.57 -44.41 8.63
C GLY E 221 12.23 -45.13 9.93
N ASP E 222 12.83 -44.66 11.03
CA ASP E 222 12.73 -45.32 12.35
C ASP E 222 11.30 -45.53 12.81
N PRO E 223 10.87 -46.80 12.87
CA PRO E 223 9.56 -47.22 13.35
C PRO E 223 9.13 -46.51 14.61
N LYS E 224 10.03 -46.39 15.60
CA LYS E 224 9.66 -45.82 16.91
C LYS E 224 9.33 -44.33 16.85
N LEU E 225 9.84 -43.66 15.83
CA LEU E 225 9.61 -42.23 15.62
C LEU E 225 8.31 -41.93 14.85
N ILE E 226 7.80 -42.92 14.13
CA ILE E 226 6.70 -42.65 13.22
C ILE E 226 5.44 -43.43 13.57
N ASN E 227 5.58 -44.52 14.31
CA ASN E 227 4.41 -45.35 14.61
C ASN E 227 4.06 -45.33 16.10
N LEU E 228 2.77 -45.21 16.37
CA LEU E 228 2.24 -45.24 17.74
C LEU E 228 2.54 -46.58 18.35
N GLY E 229 2.48 -47.61 17.52
CA GLY E 229 2.85 -48.92 17.94
C GLY E 229 2.46 -49.96 16.93
N GLN E 230 2.25 -51.17 17.42
CA GLN E 230 2.03 -52.31 16.57
C GLN E 230 0.73 -52.96 16.99
N PHE E 231 -0.05 -53.42 16.01
CA PHE E 231 -1.27 -54.16 16.31
C PHE E 231 -1.07 -55.59 15.84
N GLY E 232 -1.87 -56.53 16.36
CA GLY E 232 -1.74 -57.92 15.95
C GLY E 232 -2.80 -58.80 16.57
N TRP E 233 -2.99 -59.98 16.00
CA TRP E 233 -3.97 -60.92 16.52
C TRP E 233 -3.51 -62.34 16.40
N VAL E 234 -4.13 -63.21 17.18
CA VAL E 234 -3.72 -64.62 17.21
C VAL E 234 -5.01 -65.42 17.31
N ALA E 235 -5.03 -66.61 16.73
CA ALA E 235 -6.22 -67.46 16.88
C ALA E 235 -5.76 -68.89 17.05
N TYR E 236 -6.01 -69.45 18.23
CA TYR E 236 -5.51 -70.79 18.50
C TYR E 236 -6.57 -71.76 19.00
N SER E 237 -6.21 -73.04 18.97
CA SER E 237 -7.06 -74.12 19.46
C SER E 237 -8.45 -74.14 18.86
N GLY E 238 -8.61 -73.45 17.73
CA GLY E 238 -9.89 -73.41 17.03
C GLY E 238 -9.89 -74.28 15.78
N PRO E 239 -10.87 -74.04 14.90
CA PRO E 239 -11.02 -74.73 13.61
C PRO E 239 -10.23 -73.99 12.57
N THR E 240 -10.31 -74.45 11.33
CA THR E 240 -9.59 -73.75 10.29
C THR E 240 -10.59 -72.97 9.39
N ALA E 241 -10.86 -71.71 9.74
CA ALA E 241 -11.89 -70.92 9.04
C ALA E 241 -11.75 -69.39 9.24
N GLU E 242 -12.66 -68.64 8.63
CA GLU E 242 -12.73 -67.23 8.89
C GLU E 242 -13.55 -67.05 10.17
N LEU E 243 -12.88 -66.60 11.22
CA LEU E 243 -13.53 -66.49 12.52
C LEU E 243 -14.27 -65.17 12.69
N GLY E 244 -13.67 -64.08 12.26
CA GLY E 244 -14.35 -62.79 12.40
C GLY E 244 -13.79 -61.60 11.64
N ASP E 245 -14.51 -60.48 11.72
CA ASP E 245 -14.05 -59.21 11.18
C ASP E 245 -13.41 -58.38 12.28
N ILE E 246 -12.30 -57.74 11.97
CA ILE E 246 -11.65 -56.84 12.91
C ILE E 246 -11.79 -55.44 12.38
N PHE E 247 -12.42 -54.57 13.16
CA PHE E 247 -12.60 -53.19 12.73
C PHE E 247 -11.73 -52.33 13.60
N VAL E 248 -11.46 -51.11 13.14
CA VAL E 248 -10.77 -50.14 13.97
C VAL E 248 -11.61 -48.89 14.02
N GLU E 249 -11.73 -48.31 15.20
CA GLU E 249 -12.52 -47.11 15.41
C GLU E 249 -11.60 -46.11 16.04
N TYR E 250 -11.64 -44.87 15.57
CA TYR E 250 -10.61 -43.93 15.99
C TYR E 250 -11.03 -42.49 15.83
N THR E 251 -10.25 -41.62 16.47
CA THR E 251 -10.35 -40.20 16.28
C THR E 251 -8.94 -39.67 16.15
N VAL E 252 -8.60 -39.21 14.95
CA VAL E 252 -7.28 -38.63 14.67
C VAL E 252 -7.29 -37.13 14.40
N ASP E 253 -6.21 -36.48 14.77
CA ASP E 253 -5.94 -35.15 14.25
C ASP E 253 -4.87 -35.32 13.16
N LEU E 254 -5.06 -34.66 12.03
CA LEU E 254 -4.00 -34.63 11.04
C LEU E 254 -3.51 -33.20 10.93
N PHE E 255 -2.22 -33.04 10.67
CA PHE E 255 -1.66 -31.70 10.58
C PHE E 255 -0.82 -31.49 9.33
N GLU E 256 -0.70 -30.24 8.93
CA GLU E 256 0.18 -29.84 7.86
C GLU E 256 -0.17 -30.47 6.51
N ALA E 257 -0.98 -29.76 5.74
CA ALA E 257 -1.31 -30.16 4.38
C ALA E 257 -0.08 -30.20 3.49
N GLN E 258 0.05 -31.27 2.73
CA GLN E 258 1.16 -31.38 1.78
C GLN E 258 0.61 -31.88 0.44
N PRO E 259 1.43 -31.85 -0.63
CA PRO E 259 0.97 -32.44 -1.89
C PRO E 259 0.82 -33.93 -1.71
N THR E 260 -0.16 -34.52 -2.39
CA THR E 260 -0.61 -35.88 -2.06
C THR E 260 0.46 -36.94 -2.25
N SER E 261 0.62 -37.82 -1.27
CA SER E 261 1.50 -38.99 -1.45
C SER E 261 0.82 -39.93 -2.40
N PRO E 262 1.58 -40.65 -3.21
CA PRO E 262 0.97 -41.43 -4.27
C PRO E 262 -0.02 -42.46 -3.73
N LEU E 263 -1.23 -42.48 -4.28
CA LEU E 263 -2.24 -43.43 -3.80
C LEU E 263 -2.26 -44.66 -4.68
N LEU E 264 -1.13 -44.96 -5.31
CA LEU E 264 -1.09 -46.12 -6.19
C LEU E 264 0.18 -46.85 -5.90
N GLU E 265 0.37 -48.01 -6.51
CA GLU E 265 1.58 -48.76 -6.29
C GLU E 265 2.39 -48.97 -7.56
N SER E 266 3.70 -48.77 -7.46
CA SER E 266 4.61 -49.08 -8.54
C SER E 266 5.64 -50.05 -8.00
N LEU E 267 5.61 -51.29 -8.48
CA LEU E 267 6.51 -52.31 -7.98
C LEU E 267 7.34 -52.90 -9.12
N PHE E 268 8.65 -52.66 -9.06
CA PHE E 268 9.55 -53.00 -10.16
C PHE E 268 10.57 -54.06 -9.74
N ARG E 269 11.01 -54.85 -10.71
CA ARG E 269 11.85 -56.00 -10.43
C ARG E 269 12.77 -56.32 -11.63
N GLU E 270 13.95 -56.84 -11.33
CA GLU E 270 14.90 -57.30 -12.34
C GLU E 270 15.92 -58.21 -11.64
N SER E 271 16.53 -59.22 -12.28
CA SER E 271 16.38 -59.66 -13.69
C SER E 271 16.62 -58.61 -14.78
N ALA E 272 17.87 -58.25 -15.06
CA ALA E 272 19.07 -58.93 -14.54
C ALA E 272 19.68 -58.19 -13.36
N SER E 273 19.39 -58.71 -12.17
CA SER E 273 19.81 -58.14 -10.89
C SER E 273 19.05 -58.93 -9.84
N SER E 274 18.59 -58.25 -8.79
CA SER E 274 17.65 -58.82 -7.84
C SER E 274 16.86 -57.69 -7.18
N VAL E 275 17.26 -56.46 -7.49
CA VAL E 275 16.66 -55.25 -6.94
C VAL E 275 15.16 -55.12 -7.22
N GLN E 276 14.42 -54.67 -6.22
CA GLN E 276 12.97 -54.81 -6.21
C GLN E 276 12.29 -53.54 -5.71
N THR E 277 12.67 -52.39 -6.28
CA THR E 277 12.21 -51.10 -5.76
C THR E 277 10.70 -50.88 -5.82
N ARG E 278 10.13 -50.43 -4.70
CA ARG E 278 8.69 -50.20 -4.57
C ARG E 278 8.40 -48.75 -4.25
N MET E 279 7.27 -48.26 -4.75
CA MET E 279 6.95 -46.84 -4.67
C MET E 279 5.44 -46.66 -4.60
N GLY E 280 4.97 -45.96 -3.59
CA GLY E 280 3.55 -45.90 -3.30
C GLY E 280 3.13 -46.85 -2.18
N LEU E 281 1.82 -47.01 -2.02
CA LEU E 281 1.27 -47.88 -0.98
C LEU E 281 1.68 -49.31 -1.25
N PRO E 282 1.82 -50.11 -0.20
CA PRO E 282 2.23 -51.51 -0.34
C PRO E 282 1.01 -52.43 -0.44
N TYR E 283 0.15 -52.18 -1.42
CA TYR E 283 -1.00 -53.05 -1.63
C TYR E 283 -0.56 -54.48 -1.92
N PHE E 284 0.26 -54.65 -2.96
CA PHE E 284 0.72 -55.99 -3.35
C PHE E 284 2.17 -56.16 -3.07
N SER E 285 2.58 -57.41 -2.87
CA SER E 285 3.97 -57.72 -2.64
C SER E 285 4.35 -58.77 -3.65
N LEU E 286 5.65 -58.92 -3.82
CA LEU E 286 6.19 -59.81 -4.84
C LEU E 286 6.82 -61.02 -4.20
N GLU E 287 6.24 -62.19 -4.48
CA GLU E 287 6.65 -63.42 -3.84
C GLU E 287 7.81 -64.06 -4.61
N VAL E 288 7.60 -64.34 -5.89
CA VAL E 288 8.74 -64.70 -6.77
C VAL E 288 8.63 -64.18 -8.20
N ALA E 289 9.80 -63.81 -8.72
CA ALA E 289 9.95 -63.42 -10.10
C ALA E 289 10.99 -64.34 -10.74
N SER E 290 10.49 -65.39 -11.38
CA SER E 290 11.33 -66.40 -11.99
C SER E 290 11.69 -66.02 -13.42
N ALA E 291 11.29 -66.90 -14.33
CA ALA E 291 11.33 -66.65 -15.76
C ALA E 291 10.18 -67.49 -16.30
N THR E 292 9.68 -68.37 -15.43
CA THR E 292 8.54 -69.21 -15.71
C THR E 292 7.27 -68.66 -15.10
N ASP E 293 7.39 -68.06 -13.91
CA ASP E 293 6.21 -67.64 -13.17
C ASP E 293 6.36 -66.29 -12.45
N LEU E 294 5.23 -65.58 -12.37
CA LEU E 294 5.14 -64.33 -11.61
C LEU E 294 3.99 -64.40 -10.61
N VAL E 295 4.32 -64.23 -9.33
CA VAL E 295 3.36 -64.32 -8.24
C VAL E 295 3.36 -63.09 -7.34
N TRP E 296 2.21 -62.42 -7.30
CA TRP E 296 2.06 -61.25 -6.47
C TRP E 296 1.08 -61.62 -5.40
N GLN E 297 1.45 -61.45 -4.14
CA GLN E 297 0.50 -61.67 -3.07
C GLN E 297 -0.12 -60.35 -2.64
N ALA E 298 -1.41 -60.41 -2.34
CA ALA E 298 -2.16 -59.23 -1.97
C ALA E 298 -2.23 -59.00 -0.46
N ARG E 299 -1.61 -57.92 0.01
CA ARG E 299 -1.55 -57.59 1.42
C ARG E 299 -2.79 -56.80 1.85
N VAL E 300 -3.57 -56.33 0.90
CA VAL E 300 -4.69 -55.48 1.26
C VAL E 300 -5.97 -55.90 0.57
N PRO E 301 -6.96 -56.36 1.36
CA PRO E 301 -8.28 -56.69 0.87
C PRO E 301 -8.95 -55.55 0.10
N GLY E 302 -9.48 -55.87 -1.07
CA GLY E 302 -10.31 -54.93 -1.79
C GLY E 302 -10.39 -55.14 -3.29
N THR E 303 -11.09 -54.24 -3.96
CA THR E 303 -11.21 -54.26 -5.40
C THR E 303 -10.18 -53.32 -6.04
N TYR E 304 -9.46 -53.84 -7.04
CA TYR E 304 -8.37 -53.11 -7.65
C TYR E 304 -8.47 -53.05 -9.17
N VAL E 305 -7.57 -52.29 -9.76
CA VAL E 305 -7.30 -52.38 -11.19
C VAL E 305 -5.79 -52.51 -11.27
N VAL E 306 -5.33 -53.67 -11.72
CA VAL E 306 -3.90 -53.91 -11.80
C VAL E 306 -3.40 -53.78 -13.23
N THR E 307 -2.18 -53.27 -13.38
CA THR E 307 -1.50 -53.28 -14.65
C THR E 307 -0.16 -53.92 -14.41
N ILE E 308 0.05 -55.07 -15.05
CA ILE E 308 1.32 -55.78 -14.93
C ILE E 308 1.99 -55.84 -16.29
N ILE E 309 3.27 -55.49 -16.32
CA ILE E 309 3.99 -55.43 -17.57
C ILE E 309 5.36 -56.07 -17.37
N PHE E 310 5.82 -56.81 -18.39
CA PHE E 310 7.07 -57.58 -18.28
C PHE E 310 7.71 -57.93 -19.63
N ASN E 311 8.88 -58.56 -19.55
CA ASN E 311 9.64 -58.98 -20.72
C ASN E 311 9.84 -60.48 -20.76
N SER E 312 9.15 -61.17 -21.65
CA SER E 312 9.36 -62.60 -21.83
C SER E 312 9.86 -62.93 -23.23
N THR E 313 9.38 -64.03 -23.80
CA THR E 313 9.68 -64.41 -25.19
C THR E 313 8.48 -65.21 -25.67
N VAL E 314 7.33 -64.52 -25.84
CA VAL E 314 6.01 -65.11 -26.14
C VAL E 314 5.39 -65.86 -24.97
N GLY E 315 4.10 -66.21 -25.09
CA GLY E 315 3.42 -67.03 -24.11
C GLY E 315 2.43 -66.27 -23.24
N GLY E 316 2.69 -66.25 -21.94
CA GLY E 316 1.97 -65.37 -21.03
C GLY E 316 0.66 -65.84 -20.45
N LEU E 317 -0.40 -65.96 -21.29
CA LEU E 317 -1.78 -66.11 -20.78
C LEU E 317 -2.01 -67.23 -19.81
N THR E 318 -1.77 -66.95 -18.55
CA THR E 318 -2.13 -67.89 -17.49
C THR E 318 -2.39 -67.08 -16.21
N PRO E 319 -3.58 -66.46 -16.14
CA PRO E 319 -3.94 -65.73 -14.92
C PRO E 319 -4.82 -66.56 -13.98
N SER E 320 -4.54 -66.49 -12.68
CA SER E 320 -5.36 -67.16 -11.68
C SER E 320 -5.23 -66.54 -10.30
N ILE E 321 -6.23 -66.78 -9.47
CA ILE E 321 -6.24 -66.27 -8.10
C ILE E 321 -6.03 -67.42 -7.09
N SER E 322 -4.80 -67.53 -6.59
CA SER E 322 -4.45 -68.61 -5.66
C SER E 322 -4.83 -68.26 -4.23
N GLY E 323 -6.05 -67.78 -4.07
CA GLY E 323 -6.61 -67.43 -2.76
C GLY E 323 -8.09 -67.15 -2.95
N GLY E 324 -8.65 -66.31 -2.10
CA GLY E 324 -10.03 -65.88 -2.26
C GLY E 324 -10.15 -64.58 -3.05
N GLY E 325 -10.62 -64.67 -4.29
CA GLY E 325 -10.70 -63.50 -5.16
C GLY E 325 -11.43 -63.76 -6.46
N THR E 326 -11.62 -62.70 -7.25
CA THR E 326 -12.39 -62.79 -8.49
C THR E 326 -11.91 -61.83 -9.57
N ILE E 327 -11.15 -62.33 -10.54
CA ILE E 327 -10.77 -61.53 -11.72
C ILE E 327 -12.00 -61.07 -12.49
N ASN E 328 -12.59 -59.96 -12.07
CA ASN E 328 -13.89 -59.54 -12.61
C ASN E 328 -13.83 -59.04 -14.04
N SER E 329 -12.63 -58.67 -14.50
CA SER E 329 -12.43 -58.11 -15.84
C SER E 329 -10.97 -58.32 -16.23
N SER E 330 -10.73 -58.63 -17.49
CA SER E 330 -9.40 -59.04 -17.88
C SER E 330 -9.05 -58.58 -19.29
N PHE E 331 -7.80 -58.16 -19.45
CA PHE E 331 -7.27 -57.83 -20.76
C PHE E 331 -5.82 -58.30 -20.82
N SER E 332 -5.48 -58.96 -21.91
CA SER E 332 -4.13 -59.50 -22.04
C SER E 332 -3.60 -59.19 -23.42
N VAL E 333 -2.29 -58.97 -23.48
CA VAL E 333 -1.60 -58.87 -24.75
C VAL E 333 -0.14 -59.28 -24.58
N SER E 334 0.29 -60.24 -25.39
CA SER E 334 1.62 -60.78 -25.23
C SER E 334 2.24 -61.16 -26.58
N THR E 335 3.50 -60.76 -26.76
CA THR E 335 4.26 -61.05 -27.96
C THR E 335 5.67 -61.40 -27.53
N ALA E 336 6.67 -60.83 -28.20
CA ALA E 336 8.07 -61.08 -27.85
C ALA E 336 8.43 -60.52 -26.47
N GLY E 337 9.68 -60.05 -26.34
CA GLY E 337 10.16 -59.49 -25.08
C GLY E 337 9.38 -58.28 -24.61
N SER E 338 8.07 -58.49 -24.38
CA SER E 338 7.13 -57.41 -24.11
C SER E 338 5.71 -57.98 -24.04
N SER E 339 5.13 -57.95 -22.84
CA SER E 339 3.73 -58.35 -22.65
C SER E 339 3.09 -57.49 -21.57
N ALA E 340 1.75 -57.50 -21.49
CA ALA E 340 1.05 -56.61 -20.58
C ALA E 340 -0.32 -57.13 -20.20
N TYR E 341 -0.64 -57.05 -18.92
CA TYR E 341 -1.87 -57.61 -18.36
C TYR E 341 -2.55 -56.56 -17.50
N VAL E 342 -3.80 -56.22 -17.84
CA VAL E 342 -4.60 -55.37 -16.97
C VAL E 342 -5.90 -56.07 -16.57
N ALA E 343 -6.32 -55.90 -15.32
CA ALA E 343 -7.45 -56.65 -14.79
C ALA E 343 -8.05 -56.00 -13.59
N ASN E 344 -9.36 -56.20 -13.40
CA ASN E 344 -10.11 -55.65 -12.28
C ASN E 344 -10.42 -56.69 -11.20
N ILE E 345 -9.40 -57.16 -10.51
CA ILE E 345 -9.57 -58.17 -9.48
C ILE E 345 -10.23 -57.63 -8.19
N THR E 346 -10.98 -58.49 -7.51
CA THR E 346 -11.49 -58.23 -6.18
C THR E 346 -10.78 -59.22 -5.27
N ILE E 347 -9.52 -58.93 -4.99
CA ILE E 347 -8.68 -59.72 -4.09
C ILE E 347 -9.17 -59.48 -2.68
N ARG E 348 -8.80 -60.37 -1.76
CA ARG E 348 -9.31 -60.24 -0.38
C ARG E 348 -8.49 -61.07 0.59
N VAL E 349 -8.76 -60.88 1.89
CA VAL E 349 -8.02 -61.53 2.98
C VAL E 349 -6.52 -61.37 2.74
N ASN E 350 -6.02 -62.12 1.76
CA ASN E 350 -4.61 -62.26 1.57
C ASN E 350 -4.41 -63.24 0.43
N ALA E 351 -5.14 -63.02 -0.67
CA ALA E 351 -5.08 -63.95 -1.79
C ALA E 351 -3.80 -63.84 -2.65
N ASN E 352 -3.91 -64.25 -3.91
CA ASN E 352 -2.76 -64.40 -4.78
C ASN E 352 -3.00 -64.18 -6.27
N LEU E 353 -1.98 -63.67 -6.94
CA LEU E 353 -2.05 -63.39 -8.36
C LEU E 353 -0.86 -64.03 -9.04
N SER E 354 -1.18 -64.88 -10.01
CA SER E 354 -0.21 -65.76 -10.64
C SER E 354 -0.21 -65.68 -12.17
N LEU E 355 0.96 -65.40 -12.73
CA LEU E 355 1.18 -65.49 -14.17
C LEU E 355 2.03 -66.73 -14.47
N SER E 356 1.38 -67.80 -14.94
CA SER E 356 1.98 -69.14 -15.02
C SER E 356 2.79 -69.46 -16.27
N GLY E 357 2.16 -69.37 -17.44
CA GLY E 357 2.79 -69.84 -18.67
C GLY E 357 3.94 -69.01 -19.19
N LEU E 358 4.63 -68.28 -18.31
CA LEU E 358 5.72 -67.44 -18.76
C LEU E 358 6.86 -68.28 -19.25
N THR E 359 7.65 -67.67 -20.11
CA THR E 359 8.77 -68.33 -20.71
C THR E 359 9.86 -67.32 -21.07
N GLY E 360 10.94 -67.33 -20.30
CA GLY E 360 12.08 -66.48 -20.56
C GLY E 360 11.88 -65.06 -20.08
N ALA E 361 11.20 -64.93 -18.94
CA ALA E 361 10.88 -63.61 -18.39
C ALA E 361 11.98 -63.04 -17.51
N THR E 362 12.11 -61.71 -17.53
CA THR E 362 13.14 -61.01 -16.80
C THR E 362 12.53 -59.85 -16.02
N ASN E 363 12.52 -58.66 -16.62
CA ASN E 363 11.92 -57.49 -16.01
C ASN E 363 10.42 -57.64 -15.82
N ALA E 364 9.90 -57.04 -14.75
CA ALA E 364 8.46 -57.02 -14.52
C ALA E 364 8.09 -55.84 -13.63
N GLN E 365 6.86 -55.34 -13.79
CA GLN E 365 6.41 -54.23 -12.98
C GLN E 365 4.91 -54.30 -12.73
N LEU E 366 4.53 -54.03 -11.48
CA LEU E 366 3.12 -54.00 -11.10
C LEU E 366 2.65 -52.58 -10.83
N PHE E 367 1.46 -52.25 -11.34
CA PHE E 367 0.82 -51.00 -11.03
C PHE E 367 -0.53 -51.26 -10.39
N ALA E 368 -0.68 -50.93 -9.12
CA ALA E 368 -1.95 -51.15 -8.42
C ALA E 368 -2.67 -49.88 -8.01
N VAL E 369 -3.94 -49.78 -8.36
CA VAL E 369 -4.77 -48.73 -7.79
C VAL E 369 -6.04 -49.37 -7.27
N ARG E 370 -6.66 -48.71 -6.33
CA ARG E 370 -7.87 -49.23 -5.74
C ARG E 370 -9.06 -48.72 -6.53
N ALA E 371 -10.01 -49.59 -6.82
CA ALA E 371 -11.22 -49.17 -7.53
C ALA E 371 -12.44 -49.96 -7.10
N ILE E 372 -13.59 -49.63 -7.70
CA ILE E 372 -14.77 -50.48 -7.59
C ILE E 372 -14.72 -51.57 -8.66
N THR E 373 -15.88 -52.11 -9.00
CA THR E 373 -15.92 -53.18 -10.00
C THR E 373 -16.38 -52.60 -11.34
N GLU E 374 -17.27 -51.61 -11.31
CA GLU E 374 -17.71 -50.95 -12.55
C GLU E 374 -16.56 -50.21 -13.26
N ASN E 375 -15.41 -50.11 -12.59
CA ASN E 375 -14.17 -49.84 -13.29
C ASN E 375 -13.75 -51.16 -13.88
N ALA E 376 -14.51 -51.63 -14.86
CA ALA E 376 -14.23 -52.93 -15.46
C ALA E 376 -13.59 -52.74 -16.82
N VAL E 377 -12.55 -53.52 -17.09
CA VAL E 377 -11.88 -53.41 -18.41
C VAL E 377 -12.87 -53.98 -19.46
N GLN E 378 -12.93 -53.36 -20.62
CA GLN E 378 -13.95 -53.74 -21.62
C GLN E 378 -13.40 -53.98 -23.02
N VAL E 379 -12.08 -53.89 -23.15
CA VAL E 379 -11.44 -54.31 -24.36
C VAL E 379 -10.74 -55.64 -24.09
N VAL E 380 -10.57 -56.44 -25.13
CA VAL E 380 -10.21 -57.85 -24.97
C VAL E 380 -8.82 -58.21 -25.51
N ILE F 60 40.68 -34.61 67.05
CA ILE F 60 40.34 -33.27 67.54
C ILE F 60 41.62 -32.41 67.62
N ALA F 61 41.55 -31.09 67.41
CA ALA F 61 42.66 -30.17 67.77
C ALA F 61 43.91 -30.22 66.87
N HIS F 62 44.17 -29.22 66.15
CA HIS F 62 45.29 -29.20 65.21
CA HIS F 62 45.30 -29.18 65.19
C HIS F 62 46.44 -28.22 65.57
N PRO F 63 47.69 -28.64 65.51
CA PRO F 63 48.87 -27.91 65.99
C PRO F 63 49.12 -26.57 65.30
N GLN F 64 49.53 -25.58 66.11
CA GLN F 64 49.97 -24.25 65.67
C GLN F 64 49.13 -23.64 64.56
N ALA F 65 47.83 -23.56 64.78
CA ALA F 65 46.94 -23.14 63.71
C ALA F 65 46.04 -22.02 64.15
N PHE F 66 45.75 -21.10 63.24
CA PHE F 66 44.72 -20.09 63.47
C PHE F 66 43.50 -20.55 62.75
N PRO F 67 42.32 -20.13 63.23
CA PRO F 67 41.08 -20.54 62.56
C PRO F 67 41.04 -19.93 61.16
N GLY F 68 40.36 -20.60 60.23
CA GLY F 68 40.29 -20.13 58.85
C GLY F 68 41.32 -20.86 58.03
N ALA F 69 42.25 -21.48 58.72
CA ALA F 69 43.21 -22.40 58.12
C ALA F 69 42.44 -23.50 57.44
N ILE F 70 42.95 -24.02 56.34
CA ILE F 70 42.43 -25.28 55.87
C ILE F 70 43.55 -26.32 55.98
N ALA F 71 43.24 -27.44 56.61
CA ALA F 71 44.25 -28.41 56.95
C ALA F 71 44.07 -29.62 56.07
N ALA F 72 45.16 -30.04 55.44
CA ALA F 72 45.15 -31.17 54.53
C ALA F 72 45.43 -32.43 55.30
N PRO F 73 44.51 -33.39 55.25
CA PRO F 73 44.79 -34.75 55.73
C PRO F 73 45.64 -35.48 54.71
N ILE F 74 46.02 -36.70 55.01
CA ILE F 74 46.92 -37.41 54.12
C ILE F 74 46.13 -38.33 53.22
N SER F 75 44.92 -38.65 53.63
CA SER F 75 44.05 -39.55 52.88
C SER F 75 42.62 -39.44 53.41
N TYR F 76 41.65 -39.70 52.54
CA TYR F 76 40.27 -39.69 52.95
C TYR F 76 39.72 -41.11 52.85
N ALA F 77 39.04 -41.57 53.90
CA ALA F 77 38.27 -42.82 53.78
C ALA F 77 36.80 -42.48 53.73
N TYR F 78 36.14 -42.89 52.65
CA TYR F 78 34.68 -42.86 52.62
C TYR F 78 34.25 -44.30 52.62
N ALA F 79 33.17 -44.58 53.33
CA ALA F 79 32.76 -45.97 53.50
C ALA F 79 31.49 -46.25 52.72
N VAL F 80 31.54 -47.18 51.78
CA VAL F 80 30.32 -47.55 51.05
C VAL F 80 29.75 -48.92 51.45
N LYS F 81 28.46 -48.93 51.81
CA LYS F 81 27.78 -50.15 52.23
C LYS F 81 26.82 -50.55 51.16
N GLY F 82 26.36 -51.80 51.21
CA GLY F 82 25.46 -52.38 50.23
C GLY F 82 24.11 -51.72 50.29
N ARG F 83 23.44 -51.59 49.14
CA ARG F 83 22.18 -50.89 49.08
C ARG F 83 21.11 -51.75 48.44
N LYS F 84 20.04 -52.00 49.18
CA LYS F 84 18.90 -52.73 48.66
C LYS F 84 18.07 -51.88 47.73
N PRO F 85 17.49 -52.50 46.70
CA PRO F 85 16.70 -51.76 45.73
C PRO F 85 15.28 -51.55 46.25
N ARG F 86 14.65 -50.44 45.89
CA ARG F 86 13.26 -50.18 46.24
C ARG F 86 12.36 -50.20 45.02
N PHE F 87 11.32 -51.01 45.10
CA PHE F 87 10.28 -51.03 44.10
C PHE F 87 8.99 -50.43 44.62
N GLN F 88 8.25 -49.76 43.74
CA GLN F 88 6.91 -49.34 44.07
C GLN F 88 6.26 -48.96 42.77
N THR F 89 4.93 -49.12 42.67
CA THR F 89 4.23 -48.78 41.43
C THR F 89 3.48 -47.47 41.54
N ALA F 90 3.85 -46.53 40.67
CA ALA F 90 3.19 -45.24 40.53
C ALA F 90 1.92 -45.36 39.67
N LYS F 91 1.07 -46.33 40.04
CA LYS F 91 -0.18 -46.68 39.33
C LYS F 91 0.02 -47.13 37.89
N GLY F 92 0.87 -46.43 37.14
CA GLY F 92 1.10 -46.78 35.74
C GLY F 92 2.46 -47.40 35.51
N SER F 93 3.42 -46.98 36.33
CA SER F 93 4.82 -47.35 36.16
C SER F 93 5.32 -48.12 37.36
N VAL F 94 6.31 -48.97 37.16
CA VAL F 94 7.06 -49.48 38.30
C VAL F 94 8.27 -48.59 38.47
N ARG F 95 8.60 -48.30 39.73
CA ARG F 95 9.64 -47.33 40.02
C ARG F 95 10.72 -48.00 40.84
N ILE F 96 11.94 -47.95 40.32
CA ILE F 96 13.06 -48.61 40.96
C ILE F 96 14.12 -47.62 41.40
N THR F 97 14.55 -47.74 42.66
CA THR F 97 15.68 -46.96 43.13
C THR F 97 16.79 -47.91 43.58
N HIS F 98 18.01 -47.66 43.11
CA HIS F 98 19.11 -48.56 43.40
C HIS F 98 20.42 -47.87 43.09
N ARG F 99 21.50 -48.51 43.50
CA ARG F 99 22.84 -47.99 43.24
CA ARG F 99 22.86 -48.00 43.29
C ARG F 99 23.70 -49.08 42.61
N GLU F 100 24.27 -48.76 41.46
CA GLU F 100 25.06 -49.77 40.80
C GLU F 100 26.50 -49.30 40.50
N TYR F 101 27.37 -50.25 40.19
CA TYR F 101 28.75 -49.90 39.93
C TYR F 101 29.03 -49.70 38.44
N VAL F 102 29.28 -48.46 38.05
CA VAL F 102 29.63 -48.18 36.67
C VAL F 102 30.97 -48.79 36.29
N SER F 103 32.05 -48.22 36.81
CA SER F 103 33.38 -48.59 36.37
C SER F 103 34.41 -48.02 37.31
N VAL F 104 35.63 -48.58 37.29
CA VAL F 104 36.73 -47.94 38.02
C VAL F 104 37.28 -46.85 37.13
N LEU F 105 37.81 -45.80 37.74
CA LEU F 105 38.28 -44.66 36.94
C LEU F 105 39.77 -44.63 37.04
N SER F 106 40.44 -44.85 35.91
CA SER F 106 41.90 -44.87 35.90
C SER F 106 42.44 -43.79 34.99
N GLY F 107 43.68 -43.39 35.24
CA GLY F 107 44.38 -42.50 34.34
C GLY F 107 45.73 -43.13 34.09
N THR F 108 46.35 -42.79 32.96
CA THR F 108 47.73 -43.18 32.76
C THR F 108 48.58 -41.93 32.64
N ASN F 109 49.84 -42.03 33.08
CA ASN F 109 50.72 -40.88 33.20
C ASN F 109 51.05 -40.18 31.88
N GLY F 110 50.91 -38.86 31.87
CA GLY F 110 51.25 -38.07 30.70
C GLY F 110 50.28 -38.24 29.55
N GLU F 111 49.15 -38.85 29.84
CA GLU F 111 48.10 -38.98 28.86
C GLU F 111 46.91 -38.18 29.29
N PHE F 112 46.10 -37.78 28.31
CA PHE F 112 44.79 -37.24 28.58
C PHE F 112 43.88 -38.43 28.39
N LEU F 113 43.66 -39.19 29.45
CA LEU F 113 42.97 -40.47 29.34
C LEU F 113 41.43 -40.38 29.45
N ARG F 114 40.75 -40.54 28.33
CA ARG F 114 39.31 -40.32 28.28
C ARG F 114 38.54 -41.63 28.33
N ASN F 115 37.69 -41.80 29.34
CA ASN F 115 36.93 -43.05 29.54
C ASN F 115 37.85 -44.26 29.66
N ASN F 116 38.90 -44.11 30.48
CA ASN F 116 39.99 -45.07 30.51
C ASN F 116 40.56 -45.27 29.09
N GLY F 117 40.85 -46.49 28.69
CA GLY F 117 41.17 -46.71 27.28
C GLY F 117 40.05 -46.30 26.33
N THR F 118 39.19 -47.28 26.01
CA THR F 118 37.92 -47.12 25.27
C THR F 118 37.71 -45.90 24.36
N GLY F 119 37.46 -44.74 24.97
CA GLY F 119 36.96 -43.59 24.26
C GLY F 119 35.44 -43.60 24.30
N PRO F 120 34.80 -42.43 24.11
CA PRO F 120 33.35 -42.30 24.26
C PRO F 120 32.56 -42.88 23.09
N ASN F 121 32.03 -44.08 23.29
CA ASN F 121 31.23 -44.75 22.27
C ASN F 121 29.79 -44.97 22.71
N ASN F 122 29.12 -45.98 22.13
CA ASN F 122 27.70 -46.28 22.40
C ASN F 122 27.48 -47.37 23.41
N ASP F 123 28.04 -47.19 24.59
CA ASP F 123 27.61 -47.98 25.71
C ASP F 123 28.02 -47.18 26.94
N PHE F 124 28.25 -45.89 26.72
CA PHE F 124 28.25 -44.93 27.80
C PHE F 124 26.98 -44.15 27.64
N SER F 125 26.07 -44.69 26.83
CA SER F 125 24.77 -44.06 26.60
C SER F 125 23.82 -44.47 27.72
N ILE F 126 23.07 -43.52 28.24
CA ILE F 126 22.16 -43.84 29.31
C ILE F 126 20.85 -44.40 28.75
N ASN F 127 20.54 -45.64 29.14
CA ASN F 127 19.35 -46.38 28.71
C ASN F 127 19.42 -47.62 29.53
N PRO F 128 18.29 -48.31 29.72
CA PRO F 128 18.71 -48.98 30.94
C PRO F 128 18.33 -50.41 31.28
N LEU F 129 18.71 -51.54 30.68
CA LEU F 129 19.24 -51.84 29.33
C LEU F 129 20.67 -51.55 28.91
N ASN F 130 21.43 -50.87 29.75
CA ASN F 130 22.84 -50.76 29.46
C ASN F 130 23.74 -51.45 30.48
N PRO F 131 24.20 -52.66 30.15
CA PRO F 131 24.92 -53.57 31.03
C PRO F 131 26.11 -52.89 31.73
N PHE F 132 26.74 -51.98 31.02
CA PHE F 132 27.91 -51.33 31.58
C PHE F 132 27.50 -50.37 32.68
N LEU F 133 26.51 -49.53 32.38
CA LEU F 133 26.00 -48.56 33.34
C LEU F 133 25.04 -49.15 34.38
N PHE F 134 24.29 -50.20 34.03
CA PHE F 134 23.31 -50.74 34.97
C PHE F 134 23.24 -52.27 34.97
N PRO F 135 24.30 -52.93 35.46
CA PRO F 135 24.43 -54.39 35.47
C PRO F 135 23.22 -55.08 36.03
N TRP F 136 22.74 -54.60 37.16
CA TRP F 136 21.65 -55.28 37.85
C TRP F 136 20.32 -54.97 37.20
N LEU F 137 20.13 -53.70 36.82
CA LEU F 137 18.85 -53.21 36.31
C LEU F 137 18.46 -53.82 34.98
N VAL F 138 19.46 -54.19 34.18
CA VAL F 138 19.23 -54.74 32.83
C VAL F 138 18.14 -55.80 32.83
N ASN F 139 18.29 -56.77 33.73
CA ASN F 139 17.35 -57.86 33.83
C ASN F 139 15.90 -57.43 34.01
N ILE F 140 15.68 -56.45 34.88
CA ILE F 140 14.33 -55.96 35.10
C ILE F 140 13.84 -55.20 33.90
N ALA F 141 14.66 -54.29 33.42
CA ALA F 141 14.28 -53.46 32.29
C ALA F 141 13.86 -54.23 31.04
N ALA F 142 14.43 -55.43 30.84
CA ALA F 142 14.13 -56.24 29.66
C ALA F 142 12.64 -56.60 29.61
N ASN F 143 11.99 -56.55 30.76
CA ASN F 143 10.56 -56.88 30.88
C ASN F 143 9.64 -55.71 30.60
N PHE F 144 10.19 -54.60 30.11
CA PHE F 144 9.38 -53.41 29.91
C PHE F 144 9.69 -52.73 28.61
N ASP F 145 8.80 -51.85 28.17
CA ASP F 145 8.97 -51.24 26.87
C ASP F 145 9.54 -49.83 26.90
N GLN F 146 9.27 -49.06 27.94
CA GLN F 146 9.84 -47.71 27.97
C GLN F 146 10.10 -47.22 29.38
N TYR F 147 10.95 -46.22 29.47
CA TYR F 147 11.50 -45.83 30.76
C TYR F 147 11.54 -44.32 30.85
N LYS F 148 11.64 -43.82 32.07
CA LYS F 148 11.87 -42.39 32.28
C LYS F 148 12.64 -42.20 33.56
N PHE F 149 13.81 -41.62 33.46
CA PHE F 149 14.60 -41.40 34.66
C PHE F 149 14.06 -40.23 35.50
N ASN F 150 13.93 -40.45 36.79
CA ASN F 150 13.54 -39.39 37.70
C ASN F 150 14.72 -38.67 38.28
N SER F 151 15.61 -39.42 38.91
CA SER F 151 16.82 -38.82 39.40
C SER F 151 17.97 -39.68 38.92
N LEU F 152 19.10 -39.05 38.65
CA LEU F 152 20.24 -39.76 38.11
C LEU F 152 21.52 -39.06 38.54
N ARG F 153 22.30 -39.72 39.39
CA ARG F 153 23.54 -39.16 39.88
C ARG F 153 24.68 -40.12 39.76
N PHE F 154 25.81 -39.62 39.29
CA PHE F 154 27.04 -40.36 39.24
C PHE F 154 27.91 -39.88 40.39
N GLU F 155 28.53 -40.81 41.10
CA GLU F 155 29.25 -40.49 42.30
C GLU F 155 30.65 -41.08 42.21
N TYR F 156 31.65 -40.30 42.57
CA TYR F 156 33.03 -40.75 42.46
C TYR F 156 33.62 -40.86 43.85
N VAL F 157 34.05 -42.06 44.23
CA VAL F 157 34.65 -42.26 45.55
C VAL F 157 36.14 -42.56 45.43
N PRO F 158 36.98 -41.66 45.96
CA PRO F 158 38.44 -41.75 45.77
C PRO F 158 39.02 -43.07 46.27
N LEU F 159 39.98 -43.58 45.50
CA LEU F 159 40.64 -44.84 45.77
C LEU F 159 42.06 -44.56 46.28
N VAL F 160 42.37 -43.27 46.41
CA VAL F 160 43.73 -42.81 46.40
C VAL F 160 44.02 -41.70 47.47
N ASN F 161 45.28 -41.63 47.92
CA ASN F 161 45.64 -40.67 48.97
C ASN F 161 45.91 -39.27 48.41
N THR F 162 45.97 -38.26 49.28
CA THR F 162 46.03 -36.87 48.81
C THR F 162 47.40 -36.36 48.37
N THR F 163 48.39 -37.24 48.26
CA THR F 163 49.65 -36.83 47.69
C THR F 163 49.60 -37.17 46.23
N THR F 164 48.44 -37.60 45.76
CA THR F 164 48.33 -38.21 44.44
C THR F 164 48.45 -37.24 43.25
N ASN F 165 47.68 -36.16 43.26
CA ASN F 165 47.66 -35.16 42.17
C ASN F 165 47.26 -35.56 40.75
N GLY F 166 46.93 -34.54 39.95
CA GLY F 166 46.23 -34.76 38.71
C GLY F 166 44.79 -34.29 38.82
N ARG F 167 43.98 -34.64 37.83
CA ARG F 167 42.60 -34.20 37.74
C ARG F 167 41.74 -35.38 37.35
N VAL F 168 40.55 -35.50 37.94
CA VAL F 168 39.56 -36.39 37.40
C VAL F 168 38.36 -35.52 37.15
N ALA F 169 37.63 -35.82 36.07
CA ALA F 169 36.46 -35.02 35.73
C ALA F 169 35.34 -35.91 35.25
N LEU F 170 34.12 -35.58 35.67
CA LEU F 170 32.95 -36.29 35.19
C LEU F 170 32.10 -35.36 34.33
N TYR F 171 31.67 -35.85 33.18
CA TYR F 171 30.81 -35.04 32.35
C TYR F 171 29.57 -35.79 31.85
N PHE F 172 28.57 -35.02 31.45
CA PHE F 172 27.36 -35.57 30.84
C PHE F 172 26.95 -34.70 29.66
N ASP F 173 26.52 -35.33 28.59
CA ASP F 173 26.04 -34.59 27.42
C ASP F 173 24.76 -35.23 26.88
N LYS F 174 23.78 -34.43 26.48
CA LYS F 174 22.49 -34.95 26.03
C LYS F 174 22.56 -35.67 24.71
N ASP F 175 23.50 -35.26 23.87
CA ASP F 175 23.72 -35.97 22.63
C ASP F 175 24.27 -37.35 22.97
N SER F 176 23.39 -38.35 22.96
CA SER F 176 23.78 -39.72 23.28
C SER F 176 25.06 -40.15 22.54
N GLU F 177 25.27 -39.63 21.34
CA GLU F 177 26.43 -40.01 20.57
C GLU F 177 27.33 -38.82 20.29
N ASP F 178 27.41 -37.95 21.29
CA ASP F 178 28.41 -36.89 21.37
C ASP F 178 29.80 -37.51 21.30
N PRO F 179 30.71 -36.92 20.51
CA PRO F 179 32.08 -37.45 20.41
C PRO F 179 32.86 -37.11 21.64
N GLY F 180 34.17 -37.24 21.58
CA GLY F 180 34.95 -36.88 22.76
C GLY F 180 35.11 -35.39 23.01
N PRO F 181 35.43 -35.03 24.27
CA PRO F 181 36.17 -33.79 24.49
C PRO F 181 37.58 -34.07 24.06
N ASP F 182 38.14 -33.20 23.24
CA ASP F 182 39.41 -33.48 22.57
C ASP F 182 40.64 -33.23 23.43
N ASP F 183 40.50 -32.36 24.41
CA ASP F 183 41.63 -31.99 25.27
C ASP F 183 41.06 -31.31 26.50
N ARG F 184 41.93 -30.90 27.41
CA ARG F 184 41.46 -30.42 28.71
C ARG F 184 40.65 -29.14 28.58
N ALA F 185 40.90 -28.40 27.50
CA ALA F 185 40.26 -27.11 27.31
C ALA F 185 38.84 -27.30 26.84
N ALA F 186 38.66 -28.28 25.96
CA ALA F 186 37.32 -28.58 25.44
C ALA F 186 36.47 -29.14 26.57
N LEU F 187 37.07 -30.04 27.35
CA LEU F 187 36.43 -30.71 28.49
C LEU F 187 35.76 -29.68 29.43
N ALA F 188 36.30 -28.46 29.47
CA ALA F 188 35.73 -27.44 30.33
C ALA F 188 34.40 -26.92 29.82
N ASN F 189 34.18 -27.00 28.51
CA ASN F 189 33.00 -26.34 27.93
C ASN F 189 31.67 -27.01 28.21
N TYR F 190 31.70 -28.23 28.73
CA TYR F 190 30.46 -28.93 29.02
C TYR F 190 29.66 -28.16 30.04
N ALA F 191 28.35 -28.28 29.96
CA ALA F 191 27.49 -27.60 30.92
C ALA F 191 27.38 -28.44 32.19
N HIS F 192 27.51 -29.75 32.04
CA HIS F 192 27.37 -30.66 33.17
C HIS F 192 28.66 -31.38 33.49
N LEU F 193 29.47 -30.73 34.30
CA LEU F 193 30.84 -31.14 34.44
C LEU F 193 31.18 -31.04 35.91
N SER F 194 32.00 -31.97 36.38
CA SER F 194 32.60 -31.84 37.70
C SER F 194 34.09 -32.16 37.67
N GLU F 195 34.90 -31.18 38.04
CA GLU F 195 36.36 -31.34 38.04
C GLU F 195 36.92 -31.28 39.46
N ILE F 196 37.68 -32.29 39.86
CA ILE F 196 38.22 -32.33 41.20
C ILE F 196 39.62 -32.94 41.20
N SER F 197 40.26 -32.88 42.36
CA SER F 197 41.52 -33.59 42.59
C SER F 197 41.15 -35.04 42.80
N PRO F 198 42.04 -35.97 42.43
CA PRO F 198 41.64 -37.39 42.42
C PRO F 198 41.43 -37.94 43.81
N TRP F 199 41.95 -37.26 44.82
CA TRP F 199 41.86 -37.77 46.18
C TRP F 199 40.57 -37.35 46.87
N ALA F 200 39.74 -36.61 46.17
CA ALA F 200 38.55 -36.08 46.76
C ALA F 200 37.31 -36.85 46.30
N ILE F 201 36.17 -36.48 46.85
CA ILE F 201 34.92 -37.10 46.45
C ILE F 201 34.10 -36.07 45.67
N THR F 202 33.21 -36.53 44.80
CA THR F 202 32.36 -35.60 44.07
C THR F 202 31.20 -36.36 43.49
N LYS F 203 30.25 -35.64 42.94
CA LYS F 203 29.17 -36.31 42.24
C LYS F 203 28.60 -35.40 41.19
N LEU F 204 28.18 -36.00 40.10
CA LEU F 204 27.62 -35.27 38.97
C LEU F 204 26.14 -35.60 38.87
N THR F 205 25.30 -34.58 38.92
CA THR F 205 23.87 -34.83 38.81
C THR F 205 23.40 -34.62 37.38
N VAL F 206 22.83 -35.65 36.78
CA VAL F 206 22.34 -35.55 35.42
C VAL F 206 20.92 -34.99 35.35
N PRO F 207 20.72 -33.92 34.57
CA PRO F 207 19.38 -33.36 34.42
C PRO F 207 18.46 -34.38 33.75
N THR F 208 17.35 -34.67 34.42
CA THR F 208 16.40 -35.64 33.90
C THR F 208 15.24 -34.92 33.27
N ASP F 209 14.94 -35.24 32.02
CA ASP F 209 13.75 -34.63 31.44
C ASP F 209 12.55 -35.47 31.73
N ASN F 210 11.49 -35.17 31.01
CA ASN F 210 10.21 -35.69 31.36
C ASN F 210 9.54 -36.34 30.14
N VAL F 211 10.27 -37.23 29.48
CA VAL F 211 9.74 -37.90 28.30
C VAL F 211 10.07 -39.39 28.29
N LYS F 212 9.08 -40.22 28.01
CA LYS F 212 9.31 -41.66 27.92
C LYS F 212 10.09 -41.90 26.65
N ARG F 213 11.12 -42.74 26.76
CA ARG F 213 11.83 -43.19 25.57
C ARG F 213 11.92 -44.71 25.66
N PHE F 214 12.14 -45.37 24.52
CA PHE F 214 12.10 -46.82 24.52
C PHE F 214 13.29 -47.44 25.22
N ILE F 215 13.05 -48.55 25.91
CA ILE F 215 14.13 -49.32 26.47
C ILE F 215 14.64 -50.16 25.32
N SER F 216 15.88 -49.93 24.91
CA SER F 216 16.43 -50.66 23.77
C SER F 216 17.95 -50.71 23.78
N ASP F 217 18.51 -51.79 23.22
CA ASP F 217 19.95 -51.86 22.96
C ASP F 217 20.29 -50.83 21.90
N THR F 218 21.56 -50.39 21.88
CA THR F 218 21.96 -49.26 21.07
C THR F 218 21.88 -49.52 19.55
N SER F 219 21.52 -50.76 19.20
CA SER F 219 21.31 -51.12 17.81
C SER F 219 19.82 -51.20 17.48
N SER F 220 19.15 -50.05 17.59
CA SER F 220 17.75 -49.94 17.21
C SER F 220 17.45 -48.49 16.85
N GLY F 221 17.93 -48.08 15.67
CA GLY F 221 17.71 -46.73 15.17
C GLY F 221 18.31 -45.64 16.02
N ASP F 222 18.09 -44.39 15.60
CA ASP F 222 18.70 -43.20 16.17
C ASP F 222 18.85 -43.18 17.69
N PRO F 223 20.11 -43.28 18.19
CA PRO F 223 20.41 -43.31 19.61
C PRO F 223 19.90 -42.07 20.31
N LYS F 224 19.63 -41.02 19.56
CA LYS F 224 19.12 -39.79 20.15
C LYS F 224 17.66 -39.96 20.56
N LEU F 225 17.04 -41.04 20.10
CA LEU F 225 15.63 -41.28 20.39
C LEU F 225 15.46 -42.09 21.64
N ILE F 226 16.39 -42.99 21.89
CA ILE F 226 16.22 -43.96 22.97
C ILE F 226 17.03 -43.64 24.21
N ASN F 227 18.18 -43.01 24.03
CA ASN F 227 19.07 -42.70 25.14
C ASN F 227 18.90 -41.29 25.70
N LEU F 228 18.99 -41.16 27.02
CA LEU F 228 18.83 -39.90 27.70
C LEU F 228 19.98 -38.97 27.39
N GLY F 229 21.18 -39.53 27.44
CA GLY F 229 22.38 -38.77 27.12
C GLY F 229 23.60 -39.65 27.18
N GLN F 230 24.74 -39.05 27.45
CA GLN F 230 25.98 -39.81 27.51
C GLN F 230 26.71 -39.43 28.76
N PHE F 231 27.28 -40.43 29.43
CA PHE F 231 28.16 -40.19 30.57
C PHE F 231 29.60 -40.37 30.13
N GLY F 232 30.51 -39.70 30.83
CA GLY F 232 31.91 -39.82 30.46
C GLY F 232 32.86 -39.20 31.45
N TRP F 233 34.08 -39.70 31.48
CA TRP F 233 35.06 -39.17 32.42
C TRP F 233 36.43 -39.02 31.79
N VAL F 234 37.31 -38.28 32.46
CA VAL F 234 38.60 -37.95 31.90
C VAL F 234 39.53 -37.85 33.08
N ALA F 235 40.78 -38.26 32.88
CA ALA F 235 41.82 -38.11 33.89
C ALA F 235 43.09 -37.64 33.20
N TYR F 236 43.50 -36.42 33.50
CA TYR F 236 44.69 -35.89 32.88
C TYR F 236 45.61 -35.40 33.94
N SER F 237 46.85 -35.14 33.52
CA SER F 237 47.94 -34.92 34.44
C SER F 237 47.96 -36.13 35.33
N GLY F 238 48.42 -35.97 36.56
CA GLY F 238 48.40 -37.11 37.46
C GLY F 238 49.11 -38.41 37.08
N PRO F 239 49.11 -39.37 38.01
CA PRO F 239 49.91 -40.57 37.86
C PRO F 239 49.19 -41.53 36.96
N THR F 240 49.74 -42.75 36.94
CA THR F 240 49.16 -43.83 36.18
C THR F 240 48.66 -44.88 37.17
N ALA F 241 47.36 -44.85 37.45
CA ALA F 241 46.77 -45.64 38.54
C ALA F 241 45.25 -45.69 38.48
N GLU F 242 44.67 -46.54 39.33
CA GLU F 242 43.25 -46.59 39.48
C GLU F 242 42.87 -45.60 40.58
N LEU F 243 42.22 -44.51 40.18
CA LEU F 243 41.99 -43.34 41.03
C LEU F 243 40.72 -43.35 41.90
N GLY F 244 39.64 -43.95 41.42
CA GLY F 244 38.42 -43.99 42.19
C GLY F 244 37.35 -44.89 41.62
N ASP F 245 36.35 -45.17 42.46
CA ASP F 245 35.17 -45.91 42.02
C ASP F 245 34.14 -44.95 41.45
N ILE F 246 33.40 -45.40 40.44
CA ILE F 246 32.31 -44.61 39.92
C ILE F 246 31.00 -45.36 40.12
N PHE F 247 30.17 -44.84 41.01
CA PHE F 247 28.87 -45.41 41.25
C PHE F 247 27.80 -44.57 40.58
N VAL F 248 26.65 -45.17 40.31
CA VAL F 248 25.47 -44.44 39.84
C VAL F 248 24.27 -44.68 40.76
N GLU F 249 23.61 -43.60 41.17
CA GLU F 249 22.39 -43.74 41.96
C GLU F 249 21.29 -43.35 41.03
N TYR F 250 20.19 -44.12 41.03
CA TYR F 250 19.12 -43.82 40.09
C TYR F 250 17.73 -44.10 40.59
N THR F 251 16.76 -43.42 39.98
CA THR F 251 15.36 -43.75 40.16
C THR F 251 14.72 -43.75 38.79
N VAL F 252 14.29 -44.92 38.32
CA VAL F 252 13.67 -45.03 37.01
C VAL F 252 12.21 -45.37 37.16
N ASP F 253 11.42 -44.96 36.18
CA ASP F 253 10.08 -45.47 36.05
C ASP F 253 10.10 -46.36 34.81
N LEU F 254 9.55 -47.57 34.92
CA LEU F 254 9.44 -48.46 33.76
C LEU F 254 7.99 -48.63 33.39
N PHE F 255 7.71 -48.55 32.09
CA PHE F 255 6.35 -48.57 31.60
C PHE F 255 6.08 -49.73 30.67
N GLU F 256 4.80 -50.09 30.54
CA GLU F 256 4.35 -51.07 29.56
C GLU F 256 5.09 -52.40 29.72
N ALA F 257 4.56 -53.25 30.59
CA ALA F 257 5.06 -54.60 30.65
C ALA F 257 4.90 -55.29 29.30
N GLN F 258 5.89 -56.10 28.95
CA GLN F 258 5.86 -56.82 27.70
C GLN F 258 6.57 -58.16 27.93
N PRO F 259 6.47 -59.09 26.97
CA PRO F 259 7.29 -60.30 27.00
C PRO F 259 8.76 -59.98 26.89
N THR F 260 9.58 -60.73 27.65
CA THR F 260 10.97 -60.41 27.95
C THR F 260 11.83 -60.29 26.71
N SER F 261 12.51 -59.17 26.60
CA SER F 261 13.51 -58.95 25.55
C SER F 261 14.71 -59.87 25.79
N PRO F 262 15.34 -60.32 24.70
CA PRO F 262 16.52 -61.19 24.83
C PRO F 262 17.74 -60.41 25.31
N LEU F 263 18.55 -61.03 26.15
CA LEU F 263 19.73 -60.36 26.69
C LEU F 263 21.05 -60.97 26.19
N LEU F 264 21.04 -61.57 25.00
CA LEU F 264 22.25 -62.16 24.44
C LEU F 264 22.83 -61.20 23.44
N GLU F 265 24.04 -61.46 23.00
CA GLU F 265 24.66 -60.64 21.95
C GLU F 265 24.87 -61.40 20.64
N SER F 266 24.57 -60.76 19.52
CA SER F 266 24.79 -61.35 18.21
C SER F 266 25.55 -60.36 17.34
N LEU F 267 26.86 -60.52 17.28
CA LEU F 267 27.70 -59.58 16.54
C LEU F 267 28.27 -60.27 15.32
N PHE F 268 27.99 -59.73 14.14
CA PHE F 268 28.33 -60.42 12.90
C PHE F 268 29.00 -59.48 11.92
N ARG F 269 29.99 -60.01 11.20
CA ARG F 269 30.69 -59.24 10.18
C ARG F 269 30.88 -59.98 8.88
N GLU F 270 30.80 -59.22 7.79
CA GLU F 270 31.29 -59.63 6.48
C GLU F 270 31.94 -58.35 5.90
N SER F 271 33.07 -58.40 5.18
CA SER F 271 33.79 -59.56 4.63
C SER F 271 32.95 -60.41 3.66
N ALA F 272 32.89 -59.95 2.40
CA ALA F 272 33.70 -58.80 1.96
C ALA F 272 33.01 -57.44 2.14
N SER F 273 31.68 -57.45 2.24
CA SER F 273 30.88 -56.23 2.34
C SER F 273 31.32 -55.15 3.35
N SER F 274 32.34 -55.45 4.15
CA SER F 274 32.90 -54.64 5.27
C SER F 274 32.02 -54.16 6.42
N VAL F 275 30.71 -54.39 6.36
CA VAL F 275 29.85 -53.95 7.46
C VAL F 275 29.71 -54.98 8.55
N GLN F 276 29.58 -54.49 9.78
CA GLN F 276 29.31 -55.34 10.91
C GLN F 276 28.00 -54.95 11.58
N THR F 277 27.22 -55.94 11.96
CA THR F 277 25.90 -55.72 12.51
C THR F 277 25.79 -56.36 13.89
N ARG F 278 25.24 -55.61 14.84
CA ARG F 278 25.04 -56.11 16.18
C ARG F 278 23.58 -56.12 16.58
N MET F 279 23.12 -57.21 17.17
CA MET F 279 21.84 -57.22 17.86
C MET F 279 22.06 -57.62 19.30
N GLY F 280 21.23 -57.11 20.19
CA GLY F 280 21.39 -57.45 21.59
C GLY F 280 22.33 -56.53 22.32
N LEU F 281 22.75 -56.94 23.51
CA LEU F 281 23.58 -56.07 24.37
C LEU F 281 25.04 -55.94 23.89
N PRO F 282 25.67 -54.81 24.18
CA PRO F 282 27.05 -54.64 23.75
C PRO F 282 28.06 -55.17 24.77
N TYR F 283 28.03 -56.47 25.05
CA TYR F 283 29.04 -57.06 25.90
C TYR F 283 30.41 -57.01 25.23
N PHE F 284 30.44 -57.42 23.95
CA PHE F 284 31.66 -57.46 23.18
C PHE F 284 31.61 -56.53 21.99
N SER F 285 32.77 -56.18 21.47
CA SER F 285 32.85 -55.35 20.29
C SER F 285 33.90 -55.95 19.37
N LEU F 286 33.74 -55.74 18.08
CA LEU F 286 34.71 -56.25 17.11
C LEU F 286 35.77 -55.19 16.77
N GLU F 287 37.04 -55.53 16.95
CA GLU F 287 38.10 -54.54 16.83
C GLU F 287 38.95 -54.78 15.60
N VAL F 288 39.30 -56.04 15.35
CA VAL F 288 40.02 -56.35 14.12
C VAL F 288 39.32 -57.37 13.23
N ALA F 289 39.25 -57.00 11.96
CA ALA F 289 38.68 -57.79 10.87
C ALA F 289 39.62 -58.90 10.51
N SER F 290 40.47 -58.58 9.54
CA SER F 290 41.58 -59.41 9.11
C SER F 290 41.16 -60.75 8.54
N ALA F 291 42.16 -61.46 8.00
CA ALA F 291 41.98 -62.81 7.51
C ALA F 291 42.96 -63.70 8.26
N THR F 292 43.74 -63.05 9.11
CA THR F 292 44.80 -63.69 9.89
C THR F 292 44.40 -63.71 11.36
N ASP F 293 43.62 -62.72 11.77
CA ASP F 293 43.24 -62.55 13.16
C ASP F 293 41.78 -62.11 13.30
N LEU F 294 41.16 -62.53 14.39
CA LEU F 294 39.88 -61.96 14.81
C LEU F 294 40.00 -61.58 16.27
N VAL F 295 39.84 -60.30 16.59
CA VAL F 295 39.83 -59.91 18.01
C VAL F 295 38.55 -59.19 18.44
N TRP F 296 37.99 -59.70 19.52
CA TRP F 296 36.79 -59.14 20.09
C TRP F 296 37.24 -58.50 21.38
N GLN F 297 36.55 -57.45 21.80
CA GLN F 297 36.92 -56.75 23.01
C GLN F 297 35.78 -56.68 24.02
N ALA F 298 36.11 -57.00 25.26
CA ALA F 298 35.12 -56.97 26.33
C ALA F 298 34.81 -55.53 26.72
N ARG F 299 33.53 -55.20 26.71
CA ARG F 299 33.09 -53.86 27.08
C ARG F 299 32.44 -53.93 28.45
N VAL F 300 32.01 -55.12 28.83
CA VAL F 300 31.33 -55.32 30.08
C VAL F 300 31.94 -56.48 30.81
N PRO F 301 32.61 -56.21 31.94
CA PRO F 301 33.28 -57.25 32.72
C PRO F 301 32.31 -58.32 33.19
N GLY F 302 32.75 -59.56 33.12
CA GLY F 302 31.93 -60.65 33.57
C GLY F 302 32.31 -61.98 32.96
N THR F 303 31.58 -63.02 33.34
CA THR F 303 31.80 -64.34 32.79
C THR F 303 30.76 -64.68 31.72
N TYR F 304 31.25 -65.13 30.57
CA TYR F 304 30.40 -65.36 29.41
C TYR F 304 30.58 -66.76 28.86
N VAL F 305 29.57 -67.24 28.15
CA VAL F 305 29.71 -68.42 27.32
C VAL F 305 29.57 -67.91 25.91
N VAL F 306 30.71 -67.76 25.25
CA VAL F 306 30.73 -67.17 23.93
C VAL F 306 30.82 -68.26 22.86
N THR F 307 30.05 -68.10 21.79
CA THR F 307 30.06 -69.02 20.65
C THR F 307 30.52 -68.25 19.42
N ILE F 308 31.60 -68.69 18.79
CA ILE F 308 32.14 -67.96 17.66
C ILE F 308 32.25 -68.87 16.44
N ILE F 309 31.66 -68.44 15.34
CA ILE F 309 31.64 -69.24 14.13
C ILE F 309 32.07 -68.37 12.97
N PHE F 310 32.89 -68.93 12.09
CA PHE F 310 33.45 -68.15 10.98
C PHE F 310 33.89 -68.99 9.80
N ASN F 311 34.21 -68.29 8.73
CA ASN F 311 34.66 -68.91 7.48
C ASN F 311 36.13 -68.62 7.14
N SER F 312 37.02 -69.54 7.51
CA SER F 312 38.40 -69.45 7.07
C SER F 312 38.56 -70.40 5.90
N THR F 313 39.78 -70.55 5.40
CA THR F 313 40.08 -71.66 4.50
C THR F 313 41.07 -72.62 5.15
N VAL F 314 40.51 -73.65 5.77
CA VAL F 314 41.25 -74.67 6.47
C VAL F 314 42.12 -74.02 7.59
N GLY F 315 43.14 -74.70 8.08
CA GLY F 315 43.89 -74.21 9.21
C GLY F 315 43.03 -74.33 10.44
N GLY F 316 43.54 -73.83 11.55
CA GLY F 316 42.83 -73.85 12.80
C GLY F 316 42.82 -72.44 13.35
N LEU F 317 42.84 -72.35 14.67
CA LEU F 317 42.77 -71.06 15.34
C LEU F 317 43.62 -71.07 16.58
N THR F 318 44.08 -69.90 16.99
CA THR F 318 44.81 -69.81 18.23
C THR F 318 44.18 -68.76 19.14
N PRO F 319 43.41 -69.22 20.13
CA PRO F 319 42.70 -68.35 21.07
C PRO F 319 43.61 -67.87 22.19
N SER F 320 43.41 -66.63 22.63
CA SER F 320 44.11 -66.13 23.79
C SER F 320 43.30 -64.99 24.38
N ILE F 321 43.57 -64.67 25.64
CA ILE F 321 42.99 -63.47 26.20
C ILE F 321 44.10 -62.48 26.52
N SER F 322 44.33 -61.56 25.59
CA SER F 322 45.19 -60.43 25.84
C SER F 322 44.48 -59.51 26.81
N GLY F 323 45.22 -58.93 27.74
CA GLY F 323 44.61 -58.09 28.75
C GLY F 323 44.19 -58.95 29.92
N GLY F 324 43.34 -58.41 30.78
CA GLY F 324 42.89 -59.13 31.95
C GLY F 324 41.78 -60.12 31.64
N GLY F 325 42.01 -61.39 31.92
CA GLY F 325 40.96 -62.38 31.70
C GLY F 325 41.53 -63.77 31.65
N THR F 326 40.69 -64.77 31.91
CA THR F 326 41.11 -66.16 31.75
C THR F 326 40.08 -66.98 30.95
N ILE F 327 40.55 -67.99 30.23
CA ILE F 327 39.64 -68.93 29.58
C ILE F 327 39.43 -70.13 30.49
N ASN F 328 38.18 -70.52 30.72
CA ASN F 328 37.91 -71.58 31.67
C ASN F 328 37.61 -72.91 31.03
N SER F 329 37.03 -72.89 29.82
CA SER F 329 36.65 -74.13 29.14
C SER F 329 36.59 -73.92 27.64
N SER F 330 37.58 -74.41 26.91
CA SER F 330 37.60 -74.26 25.47
C SER F 330 37.03 -75.49 24.78
N PHE F 331 36.47 -75.25 23.61
CA PHE F 331 36.20 -76.32 22.66
C PHE F 331 36.26 -75.74 21.24
N SER F 332 36.98 -76.40 20.35
CA SER F 332 37.01 -75.91 18.98
C SER F 332 36.98 -77.05 17.98
N VAL F 333 36.37 -76.75 16.84
CA VAL F 333 36.40 -77.64 15.70
C VAL F 333 36.63 -76.75 14.48
N SER F 334 37.75 -76.96 13.80
CA SER F 334 38.12 -76.08 12.69
C SER F 334 38.65 -76.86 11.50
N THR F 335 38.04 -76.61 10.33
CA THR F 335 38.44 -77.26 9.08
C THR F 335 38.09 -76.42 7.87
N ALA F 336 38.08 -77.09 6.71
CA ALA F 336 37.41 -76.66 5.49
C ALA F 336 37.24 -75.17 5.32
N GLY F 337 35.98 -74.75 5.20
CA GLY F 337 35.64 -73.34 5.12
C GLY F 337 34.77 -72.92 6.29
N SER F 338 34.76 -73.76 7.33
CA SER F 338 33.92 -73.54 8.51
C SER F 338 34.71 -73.88 9.76
N SER F 339 34.61 -73.01 10.77
CA SER F 339 35.21 -73.25 12.06
C SER F 339 34.25 -72.82 13.13
N ALA F 340 34.34 -73.43 14.30
CA ALA F 340 33.50 -73.06 15.43
C ALA F 340 34.26 -73.19 16.76
N TYR F 341 34.13 -72.16 17.58
CA TYR F 341 34.83 -72.09 18.86
C TYR F 341 33.84 -71.64 19.92
N VAL F 342 33.62 -72.49 20.92
CA VAL F 342 32.79 -72.13 22.06
C VAL F 342 33.57 -72.23 23.35
N ALA F 343 33.42 -71.21 24.20
CA ALA F 343 34.27 -71.09 25.36
C ALA F 343 33.55 -70.47 26.54
N ASN F 344 34.08 -70.72 27.73
CA ASN F 344 33.55 -70.12 28.93
C ASN F 344 34.59 -69.19 29.48
N ILE F 345 34.51 -67.92 29.09
CA ILE F 345 35.52 -66.96 29.51
C ILE F 345 35.09 -66.02 30.65
N THR F 346 36.06 -65.64 31.47
CA THR F 346 35.88 -64.57 32.42
C THR F 346 36.78 -63.46 31.92
N ILE F 347 36.27 -62.25 31.88
CA ILE F 347 37.00 -61.19 31.20
C ILE F 347 36.75 -59.82 31.79
N ARG F 348 37.72 -58.94 31.63
CA ARG F 348 37.62 -57.59 32.14
C ARG F 348 37.44 -56.58 31.05
N VAL F 349 37.11 -55.38 31.49
CA VAL F 349 36.84 -54.28 30.59
C VAL F 349 38.09 -53.98 29.79
N ASN F 350 37.89 -53.83 28.49
CA ASN F 350 38.99 -53.57 27.56
C ASN F 350 40.02 -54.69 27.35
N ALA F 351 39.73 -55.90 27.83
CA ALA F 351 40.56 -57.05 27.45
C ALA F 351 40.12 -57.59 26.10
N ASN F 352 40.98 -58.41 25.48
CA ASN F 352 40.68 -58.92 24.15
C ASN F 352 40.62 -60.42 24.12
N LEU F 353 39.68 -60.94 23.35
CA LEU F 353 39.62 -62.34 23.06
C LEU F 353 40.03 -62.41 21.63
N SER F 354 41.24 -62.91 21.38
CA SER F 354 41.76 -62.96 20.03
C SER F 354 41.76 -64.38 19.49
N LEU F 355 41.30 -64.52 18.26
CA LEU F 355 41.49 -65.76 17.53
C LEU F 355 42.58 -65.53 16.50
N SER F 356 43.80 -65.96 16.83
CA SER F 356 44.96 -65.74 15.96
C SER F 356 45.34 -66.99 15.17
N GLY F 357 46.30 -66.81 14.27
CA GLY F 357 46.81 -67.90 13.46
C GLY F 357 45.76 -68.33 12.46
N LEU F 358 44.84 -67.43 12.15
CA LEU F 358 43.83 -67.71 11.15
C LEU F 358 44.45 -67.65 9.77
N THR F 359 43.75 -68.20 8.77
CA THR F 359 44.30 -68.27 7.43
C THR F 359 43.23 -68.20 6.36
N GLY F 360 43.01 -66.99 5.84
CA GLY F 360 42.01 -66.76 4.82
C GLY F 360 40.61 -66.70 5.40
N ALA F 361 40.47 -65.92 6.48
CA ALA F 361 39.22 -65.87 7.22
C ALA F 361 38.32 -64.71 6.82
N THR F 362 37.12 -65.05 6.38
CA THR F 362 36.09 -64.07 6.07
C THR F 362 34.89 -64.42 6.94
N ASN F 363 33.96 -63.50 7.15
CA ASN F 363 32.68 -63.85 7.76
C ASN F 363 32.77 -64.44 9.16
N ALA F 364 32.56 -63.61 10.18
CA ALA F 364 32.63 -64.11 11.55
C ALA F 364 31.40 -63.67 12.32
N GLN F 365 30.92 -64.56 13.18
CA GLN F 365 29.80 -64.23 14.04
C GLN F 365 30.05 -64.68 15.49
N LEU F 366 29.60 -63.85 16.43
CA LEU F 366 29.78 -64.11 17.84
C LEU F 366 28.45 -64.17 18.54
N PHE F 367 28.30 -65.12 19.44
CA PHE F 367 27.13 -65.17 20.32
C PHE F 367 27.63 -65.18 21.74
N ALA F 368 27.25 -64.17 22.52
CA ALA F 368 27.68 -64.10 23.90
C ALA F 368 26.47 -64.04 24.83
N VAL F 369 26.47 -64.86 25.87
CA VAL F 369 25.50 -64.75 26.94
C VAL F 369 26.21 -64.76 28.27
N ARG F 370 25.59 -64.14 29.26
CA ARG F 370 26.19 -64.13 30.58
C ARG F 370 26.02 -65.51 31.18
N ALA F 371 27.07 -66.02 31.79
CA ALA F 371 26.95 -67.26 32.55
C ALA F 371 27.79 -67.14 33.81
N ILE F 372 27.84 -68.23 34.57
CA ILE F 372 28.80 -68.33 35.64
C ILE F 372 29.88 -69.30 35.19
N THR F 373 31.00 -69.32 35.91
CA THR F 373 32.18 -70.04 35.46
C THR F 373 31.87 -71.52 35.29
N GLU F 374 30.90 -72.01 36.08
CA GLU F 374 30.60 -73.43 36.18
C GLU F 374 29.78 -73.99 35.02
N ASN F 375 29.23 -73.10 34.20
CA ASN F 375 28.61 -73.50 32.94
C ASN F 375 29.69 -73.90 31.95
N ALA F 376 30.53 -74.85 32.34
CA ALA F 376 31.75 -75.13 31.58
C ALA F 376 31.48 -76.01 30.37
N VAL F 377 32.23 -75.80 29.29
CA VAL F 377 32.13 -76.68 28.13
C VAL F 377 32.81 -78.03 28.48
N GLN F 378 32.16 -79.14 28.15
CA GLN F 378 32.59 -80.44 28.66
C GLN F 378 33.11 -81.39 27.60
N VAL F 379 32.98 -81.00 26.33
CA VAL F 379 33.48 -81.84 25.26
C VAL F 379 34.77 -81.24 24.70
N VAL F 380 35.42 -81.97 23.81
CA VAL F 380 36.63 -81.48 23.16
C VAL F 380 36.81 -82.03 21.74
N GLY G 92 -19.04 -37.43 13.23
CA GLY G 92 -19.62 -36.17 12.78
C GLY G 92 -18.95 -35.57 11.55
N SER G 93 -18.75 -34.25 11.57
CA SER G 93 -18.18 -33.54 10.42
C SER G 93 -16.67 -33.34 10.50
N VAL G 94 -16.03 -33.23 9.34
CA VAL G 94 -14.63 -32.79 9.29
C VAL G 94 -14.53 -31.42 8.61
N ARG G 95 -13.48 -30.66 8.92
CA ARG G 95 -13.38 -29.34 8.34
C ARG G 95 -11.98 -29.09 7.81
N ILE G 96 -11.90 -28.91 6.49
CA ILE G 96 -10.61 -28.73 5.83
C ILE G 96 -10.43 -27.29 5.42
N THR G 97 -9.25 -26.73 5.66
CA THR G 97 -8.91 -25.44 5.10
C THR G 97 -7.65 -25.57 4.26
N HIS G 98 -7.71 -25.19 2.99
CA HIS G 98 -6.61 -25.49 2.10
C HIS G 98 -6.59 -24.54 0.92
N ARG G 99 -5.44 -24.53 0.22
CA ARG G 99 -5.30 -23.76 -1.01
CA ARG G 99 -5.27 -23.75 -1.00
C ARG G 99 -4.70 -24.69 -2.04
N GLU G 100 -5.25 -24.68 -3.25
CA GLU G 100 -4.75 -25.58 -4.28
C GLU G 100 -4.84 -25.01 -5.70
N TYR G 101 -4.31 -25.75 -6.67
CA TYR G 101 -4.15 -25.21 -8.02
C TYR G 101 -5.40 -25.42 -8.86
N VAL G 102 -5.82 -24.39 -9.58
CA VAL G 102 -7.02 -24.54 -10.40
C VAL G 102 -6.65 -24.79 -11.84
N SER G 103 -6.01 -23.80 -12.44
CA SER G 103 -5.62 -23.84 -13.84
C SER G 103 -4.82 -22.59 -14.20
N VAL G 104 -4.10 -22.68 -15.31
CA VAL G 104 -3.40 -21.53 -15.80
C VAL G 104 -4.39 -20.71 -16.63
N LEU G 105 -4.35 -19.40 -16.46
CA LEU G 105 -5.29 -18.54 -17.15
C LEU G 105 -4.56 -17.94 -18.32
N SER G 106 -5.07 -18.21 -19.51
CA SER G 106 -4.44 -17.73 -20.72
C SER G 106 -5.40 -16.90 -21.55
N GLY G 107 -4.85 -16.07 -22.43
CA GLY G 107 -5.64 -15.27 -23.34
C GLY G 107 -5.06 -15.43 -24.72
N THR G 108 -5.87 -15.19 -25.75
CA THR G 108 -5.33 -15.14 -27.11
C THR G 108 -5.68 -13.78 -27.67
N ASN G 109 -4.86 -13.33 -28.62
CA ASN G 109 -4.95 -11.94 -29.09
C ASN G 109 -6.22 -11.64 -29.88
N GLY G 110 -6.77 -10.44 -29.68
CA GLY G 110 -7.95 -10.02 -30.39
C GLY G 110 -9.09 -10.99 -30.19
N GLU G 111 -9.36 -11.31 -28.92
CA GLU G 111 -10.38 -12.29 -28.64
C GLU G 111 -10.89 -12.19 -27.22
N PHE G 112 -12.21 -12.15 -27.08
CA PHE G 112 -12.86 -12.20 -25.78
C PHE G 112 -12.91 -13.66 -25.45
N LEU G 113 -11.98 -14.10 -24.60
CA LEU G 113 -11.75 -15.53 -24.44
C LEU G 113 -12.07 -15.97 -23.03
N ARG G 114 -13.16 -16.72 -22.88
CA ARG G 114 -13.57 -17.22 -21.57
C ARG G 114 -13.10 -18.63 -21.32
N ASN G 115 -12.59 -18.86 -20.11
CA ASN G 115 -12.24 -20.20 -19.65
C ASN G 115 -11.31 -20.83 -20.65
N ASN G 116 -10.34 -20.03 -21.10
CA ASN G 116 -9.27 -20.51 -21.98
C ASN G 116 -9.70 -21.10 -23.30
N GLY G 117 -10.97 -20.95 -23.63
CA GLY G 117 -11.45 -21.38 -24.93
C GLY G 117 -12.39 -22.55 -24.84
N THR G 118 -12.41 -23.21 -23.68
CA THR G 118 -13.36 -24.30 -23.44
C THR G 118 -14.83 -23.85 -23.43
N GLY G 119 -15.06 -22.58 -23.06
CA GLY G 119 -16.39 -22.09 -22.77
C GLY G 119 -16.85 -22.51 -21.39
N PRO G 120 -17.88 -21.80 -20.84
CA PRO G 120 -18.44 -22.18 -19.52
C PRO G 120 -18.96 -23.62 -19.51
N ASN G 121 -18.05 -24.55 -19.22
CA ASN G 121 -18.33 -25.97 -19.31
C ASN G 121 -18.99 -26.53 -18.06
N ASN G 122 -18.97 -27.86 -17.95
CA ASN G 122 -19.39 -28.55 -16.74
C ASN G 122 -18.24 -28.68 -15.78
N ASP G 123 -17.04 -28.39 -16.30
CA ASP G 123 -15.81 -28.54 -15.56
C ASP G 123 -15.79 -27.57 -14.39
N PHE G 124 -16.39 -26.39 -14.56
CA PHE G 124 -16.14 -25.30 -13.62
C PHE G 124 -17.21 -25.18 -12.53
N SER G 125 -18.01 -26.21 -12.37
CA SER G 125 -19.00 -26.20 -11.30
C SER G 125 -18.27 -26.42 -9.99
N ILE G 126 -18.63 -25.64 -8.98
CA ILE G 126 -18.02 -25.75 -7.66
C ILE G 126 -18.60 -26.90 -6.85
N ASN G 127 -17.81 -27.98 -6.75
CA ASN G 127 -18.21 -29.17 -6.02
C ASN G 127 -16.98 -29.96 -5.65
N PRO G 128 -16.90 -30.41 -4.39
CA PRO G 128 -15.66 -30.99 -3.89
C PRO G 128 -15.20 -32.21 -4.66
N LEU G 129 -16.06 -32.88 -5.41
CA LEU G 129 -15.62 -34.09 -6.12
C LEU G 129 -15.16 -33.75 -7.53
N ASN G 130 -14.96 -32.46 -7.77
CA ASN G 130 -14.58 -31.98 -9.09
C ASN G 130 -13.11 -31.64 -9.16
N PRO G 131 -12.30 -32.56 -9.70
CA PRO G 131 -10.85 -32.49 -9.64
C PRO G 131 -10.34 -31.32 -10.42
N PHE G 132 -11.21 -30.63 -11.15
CA PHE G 132 -10.70 -29.50 -11.90
C PHE G 132 -10.39 -28.31 -11.00
N LEU G 133 -11.36 -27.97 -10.17
CA LEU G 133 -11.18 -26.94 -9.18
C LEU G 133 -10.52 -27.48 -7.91
N PHE G 134 -10.71 -28.74 -7.59
CA PHE G 134 -10.19 -29.24 -6.34
C PHE G 134 -9.38 -30.52 -6.45
N PRO G 135 -8.17 -30.39 -7.02
CA PRO G 135 -7.31 -31.55 -7.28
C PRO G 135 -6.87 -32.23 -6.00
N TRP G 136 -6.86 -31.48 -4.92
CA TRP G 136 -6.37 -32.00 -3.67
C TRP G 136 -7.54 -32.47 -2.83
N LEU G 137 -8.51 -31.58 -2.65
CA LEU G 137 -9.71 -31.87 -1.86
C LEU G 137 -10.44 -33.13 -2.30
N VAL G 138 -10.34 -33.44 -3.59
CA VAL G 138 -11.08 -34.55 -4.17
C VAL G 138 -10.73 -35.88 -3.51
N ASN G 139 -9.49 -36.04 -3.06
CA ASN G 139 -9.10 -37.25 -2.35
C ASN G 139 -9.85 -37.42 -1.04
N ILE G 140 -10.12 -36.32 -0.38
CA ILE G 140 -10.84 -36.36 0.89
C ILE G 140 -12.35 -36.45 0.67
N ALA G 141 -12.83 -35.67 -0.30
CA ALA G 141 -14.23 -35.61 -0.62
C ALA G 141 -14.77 -36.96 -1.09
N ALA G 142 -13.91 -37.78 -1.67
CA ALA G 142 -14.34 -39.09 -2.14
C ALA G 142 -14.90 -39.94 -1.00
N ASN G 143 -14.46 -39.62 0.22
CA ASN G 143 -14.87 -40.35 1.43
C ASN G 143 -16.15 -39.86 2.12
N PHE G 144 -16.81 -38.86 1.54
CA PHE G 144 -17.98 -38.26 2.16
C PHE G 144 -19.17 -38.09 1.24
N ASP G 145 -20.31 -37.76 1.83
CA ASP G 145 -21.55 -37.67 1.08
C ASP G 145 -21.96 -36.24 0.85
N GLN G 146 -21.80 -35.38 1.87
CA GLN G 146 -22.26 -34.01 1.77
C GLN G 146 -21.19 -33.02 2.12
N TYR G 147 -21.34 -31.78 1.64
CA TYR G 147 -20.37 -30.72 1.85
C TYR G 147 -21.07 -29.36 2.04
N LYS G 148 -20.34 -28.47 2.69
CA LYS G 148 -20.81 -27.12 2.90
C LYS G 148 -19.60 -26.22 2.97
N PHE G 149 -19.54 -25.24 2.09
CA PHE G 149 -18.41 -24.33 2.09
C PHE G 149 -18.67 -23.25 3.11
N ASN G 150 -17.65 -22.91 3.89
CA ASN G 150 -17.73 -21.78 4.81
C ASN G 150 -17.01 -20.56 4.28
N SER G 151 -15.98 -20.80 3.49
CA SER G 151 -15.21 -19.72 2.91
C SER G 151 -14.75 -20.16 1.52
N LEU G 152 -14.73 -19.23 0.58
CA LEU G 152 -14.33 -19.59 -0.77
C LEU G 152 -13.82 -18.39 -1.54
N ARG G 153 -12.56 -18.47 -1.99
CA ARG G 153 -11.92 -17.41 -2.73
C ARG G 153 -11.17 -18.03 -3.89
N PHE G 154 -11.03 -17.29 -4.98
CA PHE G 154 -10.15 -17.70 -6.04
C PHE G 154 -9.11 -16.62 -6.12
N GLU G 155 -7.94 -16.96 -6.66
CA GLU G 155 -6.79 -16.07 -6.56
C GLU G 155 -6.04 -16.14 -7.86
N TYR G 156 -5.57 -15.00 -8.33
CA TYR G 156 -4.84 -14.95 -9.59
C TYR G 156 -3.46 -14.42 -9.33
N VAL G 157 -2.44 -15.16 -9.72
CA VAL G 157 -1.09 -14.66 -9.53
C VAL G 157 -0.35 -14.61 -10.86
N PRO G 158 0.09 -13.41 -11.27
CA PRO G 158 0.58 -13.14 -12.63
C PRO G 158 1.87 -13.89 -13.00
N LEU G 159 1.84 -14.53 -14.15
CA LEU G 159 3.02 -15.18 -14.69
C LEU G 159 3.72 -14.20 -15.60
N VAL G 160 3.04 -13.10 -15.86
CA VAL G 160 3.40 -12.19 -16.92
C VAL G 160 3.94 -10.87 -16.34
N ASN G 161 4.71 -10.15 -17.15
CA ASN G 161 5.38 -8.97 -16.66
C ASN G 161 4.58 -7.69 -16.87
N THR G 162 5.11 -6.62 -16.30
CA THR G 162 4.40 -5.36 -16.14
C THR G 162 4.10 -4.60 -17.46
N THR G 163 4.70 -5.00 -18.57
CA THR G 163 4.44 -4.31 -19.82
C THR G 163 3.36 -4.99 -20.62
N THR G 164 2.73 -5.98 -20.04
CA THR G 164 1.67 -6.73 -20.70
C THR G 164 0.37 -5.93 -20.71
N ASN G 165 -0.23 -5.74 -21.89
CA ASN G 165 -1.56 -5.15 -21.92
C ASN G 165 -2.64 -6.17 -21.62
N GLY G 166 -3.85 -5.68 -21.45
CA GLY G 166 -4.96 -6.59 -21.34
C GLY G 166 -5.79 -6.49 -20.09
N ARG G 167 -6.56 -7.54 -19.87
CA ARG G 167 -7.51 -7.64 -18.78
C ARG G 167 -7.66 -9.10 -18.43
N VAL G 168 -7.72 -9.40 -17.15
CA VAL G 168 -8.22 -10.70 -16.73
C VAL G 168 -9.35 -10.40 -15.76
N ALA G 169 -10.39 -11.21 -15.82
CA ALA G 169 -11.52 -11.07 -14.92
C ALA G 169 -11.83 -12.43 -14.32
N LEU G 170 -12.15 -12.44 -13.03
CA LEU G 170 -12.65 -13.64 -12.40
C LEU G 170 -14.10 -13.38 -12.03
N TYR G 171 -14.96 -14.35 -12.29
CA TYR G 171 -16.33 -14.17 -11.90
C TYR G 171 -16.93 -15.46 -11.31
N PHE G 172 -18.14 -15.31 -10.81
CA PHE G 172 -18.84 -16.39 -10.16
C PHE G 172 -20.31 -16.14 -10.36
N ASP G 173 -21.05 -17.13 -10.87
CA ASP G 173 -22.52 -17.07 -10.90
C ASP G 173 -23.09 -18.17 -9.99
N LYS G 174 -24.14 -17.85 -9.23
CA LYS G 174 -24.78 -18.83 -8.37
C LYS G 174 -25.40 -19.99 -9.17
N ASP G 175 -25.89 -19.69 -10.37
CA ASP G 175 -26.45 -20.70 -11.25
C ASP G 175 -25.32 -21.50 -11.85
N SER G 176 -25.24 -22.77 -11.47
CA SER G 176 -24.17 -23.64 -11.90
C SER G 176 -24.13 -23.80 -13.40
N GLU G 177 -25.30 -23.71 -14.03
CA GLU G 177 -25.38 -23.83 -15.49
C GLU G 177 -25.65 -22.50 -16.20
N ASP G 178 -25.15 -21.42 -15.62
CA ASP G 178 -25.14 -20.09 -16.24
C ASP G 178 -24.40 -20.15 -17.56
N PRO G 179 -24.93 -19.49 -18.60
CA PRO G 179 -24.35 -19.52 -19.93
C PRO G 179 -22.97 -18.87 -20.03
N GLY G 180 -22.71 -17.85 -19.21
CA GLY G 180 -21.49 -17.08 -19.37
C GLY G 180 -21.75 -15.81 -20.17
N PRO G 181 -20.87 -14.83 -20.05
CA PRO G 181 -21.06 -13.52 -20.69
C PRO G 181 -20.59 -13.50 -22.13
N ASP G 182 -21.20 -12.67 -22.96
CA ASP G 182 -20.85 -12.62 -24.39
C ASP G 182 -19.82 -11.55 -24.65
N ASP G 183 -20.10 -10.36 -24.15
CA ASP G 183 -19.20 -9.23 -24.36
C ASP G 183 -18.64 -8.72 -23.04
N ARG G 184 -17.75 -7.75 -23.13
CA ARG G 184 -17.09 -7.26 -21.93
C ARG G 184 -18.03 -6.44 -21.06
N ALA G 185 -19.18 -6.07 -21.61
CA ALA G 185 -20.14 -5.24 -20.89
C ALA G 185 -21.07 -6.11 -20.04
N ALA G 186 -21.39 -7.30 -20.55
CA ALA G 186 -22.23 -8.25 -19.83
C ALA G 186 -21.41 -8.87 -18.70
N LEU G 187 -20.11 -8.97 -18.93
CA LEU G 187 -19.18 -9.55 -17.97
C LEU G 187 -19.23 -8.78 -16.66
N ALA G 188 -19.55 -7.49 -16.74
CA ALA G 188 -19.46 -6.61 -15.57
C ALA G 188 -20.67 -6.76 -14.71
N ASN G 189 -21.74 -7.31 -15.27
CA ASN G 189 -22.99 -7.37 -14.52
C ASN G 189 -23.03 -8.39 -13.39
N TYR G 190 -22.09 -9.34 -13.39
CA TYR G 190 -22.02 -10.28 -12.27
C TYR G 190 -21.84 -9.58 -10.95
N ALA G 191 -22.42 -10.15 -9.90
CA ALA G 191 -22.34 -9.55 -8.59
C ALA G 191 -20.93 -9.73 -8.11
N HIS G 192 -20.34 -10.85 -8.50
CA HIS G 192 -19.05 -11.21 -7.98
C HIS G 192 -18.02 -11.29 -9.06
N LEU G 193 -17.29 -10.19 -9.19
CA LEU G 193 -16.36 -10.04 -10.28
C LEU G 193 -15.10 -9.38 -9.78
N SER G 194 -13.97 -9.68 -10.42
CA SER G 194 -12.71 -8.97 -10.19
C SER G 194 -11.97 -8.75 -11.49
N GLU G 195 -11.85 -7.49 -11.91
CA GLU G 195 -11.09 -7.19 -13.12
C GLU G 195 -9.78 -6.49 -12.77
N ILE G 196 -8.67 -6.92 -13.38
CA ILE G 196 -7.40 -6.20 -13.22
C ILE G 196 -6.50 -6.32 -14.42
N SER G 197 -5.43 -5.53 -14.38
CA SER G 197 -4.38 -5.63 -15.37
C SER G 197 -3.77 -7.01 -15.13
N PRO G 198 -3.41 -7.72 -16.21
CA PRO G 198 -2.92 -9.10 -16.09
C PRO G 198 -1.63 -9.24 -15.29
N TRP G 199 -0.93 -8.15 -15.05
CA TRP G 199 0.35 -8.24 -14.35
C TRP G 199 0.23 -8.11 -12.84
N ALA G 200 -1.01 -8.06 -12.34
CA ALA G 200 -1.29 -7.82 -10.92
C ALA G 200 -2.10 -8.93 -10.23
N ILE G 201 -2.00 -9.00 -8.92
CA ILE G 201 -2.75 -9.98 -8.15
C ILE G 201 -4.18 -9.52 -8.00
N THR G 202 -5.09 -10.45 -7.76
CA THR G 202 -6.46 -10.10 -7.44
C THR G 202 -7.08 -11.32 -6.81
N LYS G 203 -8.09 -11.10 -5.96
CA LYS G 203 -8.84 -12.18 -5.34
C LYS G 203 -10.32 -12.00 -5.65
N LEU G 204 -11.03 -13.10 -5.74
CA LEU G 204 -12.47 -13.04 -5.92
C LEU G 204 -13.06 -13.79 -4.77
N THR G 205 -13.83 -13.11 -3.94
CA THR G 205 -14.44 -13.79 -2.80
C THR G 205 -15.87 -14.14 -3.16
N VAL G 206 -16.18 -15.44 -3.16
CA VAL G 206 -17.50 -15.92 -3.56
C VAL G 206 -18.33 -16.19 -2.32
N PRO G 207 -19.63 -15.87 -2.39
CA PRO G 207 -20.49 -15.93 -1.22
C PRO G 207 -20.82 -17.36 -0.91
N THR G 208 -20.54 -17.76 0.32
CA THR G 208 -20.83 -19.10 0.75
C THR G 208 -22.22 -19.06 1.36
N ASP G 209 -23.07 -20.03 1.06
CA ASP G 209 -24.34 -20.13 1.76
C ASP G 209 -24.33 -21.22 2.81
N ASN G 210 -25.48 -21.46 3.42
CA ASN G 210 -25.55 -22.42 4.51
C ASN G 210 -26.43 -23.63 4.24
N VAL G 211 -26.26 -24.26 3.08
CA VAL G 211 -27.02 -25.47 2.78
C VAL G 211 -26.08 -26.59 2.37
N LYS G 212 -26.24 -27.75 3.02
CA LYS G 212 -25.50 -28.93 2.65
C LYS G 212 -25.97 -29.35 1.27
N ARG G 213 -25.03 -29.72 0.41
CA ARG G 213 -25.35 -30.29 -0.89
C ARG G 213 -24.56 -31.57 -1.05
N PHE G 214 -24.94 -32.41 -2.01
CA PHE G 214 -24.22 -33.68 -2.18
C PHE G 214 -22.88 -33.52 -2.87
N ILE G 215 -21.87 -34.17 -2.31
CA ILE G 215 -20.59 -34.32 -3.00
C ILE G 215 -20.88 -35.27 -4.14
N SER G 216 -20.73 -34.81 -5.37
CA SER G 216 -21.02 -35.64 -6.52
C SER G 216 -20.20 -35.24 -7.74
N ASP G 217 -20.06 -36.14 -8.68
CA ASP G 217 -19.45 -35.82 -9.96
C ASP G 217 -20.38 -34.83 -10.65
N THR G 218 -19.82 -33.78 -11.23
CA THR G 218 -20.62 -32.63 -11.68
C THR G 218 -21.56 -32.91 -12.84
N SER G 219 -21.34 -34.02 -13.54
CA SER G 219 -22.25 -34.44 -14.60
C SER G 219 -23.03 -35.65 -14.11
N SER G 220 -23.91 -35.41 -13.14
CA SER G 220 -24.62 -36.46 -12.46
C SER G 220 -26.01 -36.01 -12.06
N GLY G 221 -26.10 -35.28 -10.96
CA GLY G 221 -27.37 -34.73 -10.51
C GLY G 221 -27.67 -33.40 -11.16
N ASP G 222 -28.85 -32.86 -10.85
CA ASP G 222 -29.24 -31.52 -11.27
C ASP G 222 -28.19 -30.57 -10.72
N PRO G 223 -27.48 -29.88 -11.61
CA PRO G 223 -26.40 -28.93 -11.28
C PRO G 223 -26.86 -27.83 -10.33
N LYS G 224 -28.14 -27.47 -10.38
CA LYS G 224 -28.68 -26.50 -9.44
C LYS G 224 -28.86 -27.08 -8.03
N LEU G 225 -28.85 -28.40 -7.90
CA LEU G 225 -29.04 -29.06 -6.62
C LEU G 225 -27.73 -29.41 -5.94
N ILE G 226 -26.69 -29.65 -6.72
CA ILE G 226 -25.49 -30.21 -6.13
C ILE G 226 -24.31 -29.26 -6.10
N ASN G 227 -24.37 -28.17 -6.86
CA ASN G 227 -23.22 -27.25 -6.99
C ASN G 227 -23.49 -25.88 -6.40
N LEU G 228 -22.52 -25.32 -5.71
CA LEU G 228 -22.66 -24.00 -5.11
C LEU G 228 -22.81 -22.96 -6.20
N GLY G 229 -22.24 -23.26 -7.36
CA GLY G 229 -22.27 -22.35 -8.49
C GLY G 229 -21.09 -22.62 -9.40
N GLN G 230 -20.92 -21.75 -10.39
CA GLN G 230 -19.78 -21.91 -11.29
C GLN G 230 -18.79 -20.77 -11.15
N PHE G 231 -17.52 -21.07 -11.37
CA PHE G 231 -16.45 -20.10 -11.38
C PHE G 231 -16.01 -20.00 -12.81
N GLY G 232 -15.56 -18.82 -13.22
CA GLY G 232 -15.18 -18.62 -14.60
C GLY G 232 -14.14 -17.53 -14.71
N TRP G 233 -13.48 -17.44 -15.85
CA TRP G 233 -12.61 -16.29 -16.09
C TRP G 233 -12.64 -15.84 -17.55
N VAL G 234 -12.25 -14.60 -17.80
CA VAL G 234 -12.24 -14.07 -19.15
C VAL G 234 -10.93 -13.34 -19.27
N ALA G 235 -10.39 -13.29 -20.49
CA ALA G 235 -9.22 -12.49 -20.75
C ALA G 235 -9.37 -11.82 -22.10
N TYR G 236 -9.38 -10.50 -22.11
CA TYR G 236 -9.53 -9.79 -23.36
C TYR G 236 -8.54 -8.66 -23.50
N SER G 237 -8.51 -8.09 -24.70
CA SER G 237 -7.53 -7.08 -25.08
C SER G 237 -6.08 -7.53 -24.99
N GLY G 238 -5.76 -8.61 -25.72
CA GLY G 238 -4.40 -9.12 -25.96
C GLY G 238 -3.65 -9.36 -24.69
N PRO G 239 -2.44 -9.94 -24.78
CA PRO G 239 -1.85 -10.52 -25.96
C PRO G 239 -2.23 -11.95 -25.93
N THR G 240 -1.40 -12.80 -26.51
CA THR G 240 -1.71 -14.21 -26.60
C THR G 240 -0.62 -14.98 -25.88
N ALA G 241 -0.89 -15.26 -24.60
CA ALA G 241 0.08 -15.87 -23.70
C ALA G 241 -0.58 -16.67 -22.57
N GLU G 242 0.24 -17.26 -21.72
CA GLU G 242 -0.28 -17.86 -20.51
C GLU G 242 -0.05 -16.81 -19.46
N LEU G 243 -1.14 -16.15 -19.07
CA LEU G 243 -1.05 -14.92 -18.27
C LEU G 243 -0.67 -15.14 -16.81
N GLY G 244 -1.34 -16.09 -16.15
CA GLY G 244 -1.14 -16.24 -14.72
C GLY G 244 -1.71 -17.54 -14.20
N ASP G 245 -1.42 -17.85 -12.93
CA ASP G 245 -1.93 -19.04 -12.27
C ASP G 245 -3.18 -18.69 -11.48
N ILE G 246 -4.08 -19.66 -11.34
CA ILE G 246 -5.30 -19.43 -10.56
C ILE G 246 -5.35 -20.39 -9.41
N PHE G 247 -5.48 -19.88 -8.19
CA PHE G 247 -5.62 -20.74 -7.03
C PHE G 247 -7.00 -20.66 -6.38
N VAL G 248 -7.43 -21.76 -5.78
CA VAL G 248 -8.65 -21.76 -4.97
C VAL G 248 -8.29 -21.90 -3.50
N GLU G 249 -8.93 -21.12 -2.67
CA GLU G 249 -8.65 -21.19 -1.26
C GLU G 249 -10.00 -21.29 -0.57
N TYR G 250 -10.15 -22.27 0.30
CA TYR G 250 -11.46 -22.52 0.87
C TYR G 250 -11.41 -23.06 2.29
N THR G 251 -12.59 -23.16 2.90
CA THR G 251 -12.76 -23.93 4.11
C THR G 251 -14.07 -24.68 3.98
N VAL G 252 -14.02 -26.01 4.02
CA VAL G 252 -15.24 -26.78 3.89
C VAL G 252 -15.55 -27.65 5.07
N ASP G 253 -16.83 -27.95 5.23
CA ASP G 253 -17.24 -28.98 6.17
C ASP G 253 -17.75 -30.15 5.35
N LEU G 254 -17.25 -31.34 5.65
CA LEU G 254 -17.71 -32.53 4.94
C LEU G 254 -18.50 -33.40 5.89
N PHE G 255 -19.61 -33.95 5.40
CA PHE G 255 -20.51 -34.67 6.25
C PHE G 255 -20.73 -36.07 5.75
N GLU G 256 -20.98 -36.97 6.69
CA GLU G 256 -21.45 -38.32 6.39
C GLU G 256 -20.45 -39.13 5.62
N ALA G 257 -19.69 -39.97 6.32
CA ALA G 257 -18.71 -40.84 5.65
C ALA G 257 -19.39 -41.97 4.90
N GLN G 258 -18.77 -42.36 3.80
CA GLN G 258 -19.31 -43.38 2.89
C GLN G 258 -18.11 -44.14 2.38
N PRO G 259 -18.31 -45.30 1.76
CA PRO G 259 -17.16 -45.97 1.14
C PRO G 259 -16.57 -45.11 0.04
N THR G 260 -15.26 -45.19 -0.14
CA THR G 260 -14.56 -44.22 -0.99
C THR G 260 -14.96 -44.30 -2.45
N SER G 261 -15.47 -43.20 -2.97
CA SER G 261 -15.73 -43.07 -4.39
C SER G 261 -14.40 -43.29 -5.11
N PRO G 262 -14.43 -43.87 -6.33
CA PRO G 262 -13.16 -44.21 -7.00
C PRO G 262 -12.28 -43.01 -7.37
N LEU G 263 -11.00 -43.10 -7.01
CA LEU G 263 -10.06 -42.04 -7.27
C LEU G 263 -9.18 -42.31 -8.49
N LEU G 264 -9.77 -42.95 -9.49
CA LEU G 264 -9.10 -43.14 -10.77
C LEU G 264 -10.08 -42.84 -11.87
N GLU G 265 -9.60 -42.87 -13.11
CA GLU G 265 -10.53 -42.75 -14.22
C GLU G 265 -10.55 -44.03 -15.03
N SER G 266 -11.73 -44.40 -15.52
CA SER G 266 -11.82 -45.49 -16.46
C SER G 266 -12.71 -44.99 -17.58
N LEU G 267 -12.07 -44.54 -18.66
CA LEU G 267 -12.80 -44.06 -19.83
C LEU G 267 -12.68 -45.06 -20.95
N PHE G 268 -13.83 -45.49 -21.45
CA PHE G 268 -13.88 -46.55 -22.46
C PHE G 268 -14.80 -46.17 -23.61
N ARG G 269 -14.40 -46.53 -24.83
CA ARG G 269 -15.25 -46.29 -25.97
C ARG G 269 -15.23 -47.42 -26.99
N GLU G 270 -16.42 -47.71 -27.53
CA GLU G 270 -16.55 -48.37 -28.81
C GLU G 270 -17.40 -47.40 -29.65
N SER G 271 -17.21 -47.27 -30.96
CA SER G 271 -16.27 -48.02 -31.83
C SER G 271 -16.45 -49.55 -31.84
N ALA G 272 -17.53 -50.02 -32.47
CA ALA G 272 -18.48 -49.15 -33.13
C ALA G 272 -19.85 -49.21 -32.46
N SER G 273 -20.28 -48.06 -31.95
CA SER G 273 -21.60 -47.84 -31.35
C SER G 273 -21.67 -46.38 -30.94
N SER G 274 -20.55 -45.69 -31.13
CA SER G 274 -20.38 -44.27 -30.80
C SER G 274 -20.59 -43.88 -29.32
N VAL G 275 -20.88 -44.86 -28.48
CA VAL G 275 -21.07 -44.59 -27.06
C VAL G 275 -19.75 -44.70 -26.29
N GLN G 276 -19.59 -43.85 -25.29
CA GLN G 276 -18.42 -43.89 -24.45
C GLN G 276 -18.80 -43.66 -23.02
N THR G 277 -18.25 -44.48 -22.13
CA THR G 277 -18.61 -44.40 -20.73
C THR G 277 -17.42 -44.07 -19.85
N ARG G 278 -17.59 -43.06 -19.00
CA ARG G 278 -16.55 -42.66 -18.08
C ARG G 278 -16.89 -43.15 -16.69
N MET G 279 -15.86 -43.50 -15.96
CA MET G 279 -16.06 -43.98 -14.61
C MET G 279 -14.99 -43.32 -13.77
N GLY G 280 -15.40 -42.65 -12.69
CA GLY G 280 -14.46 -41.98 -11.82
C GLY G 280 -14.21 -40.55 -12.22
N LEU G 281 -13.07 -40.00 -11.76
CA LEU G 281 -12.78 -38.58 -11.97
C LEU G 281 -12.47 -38.22 -13.42
N PRO G 282 -13.03 -37.11 -13.89
CA PRO G 282 -12.87 -36.68 -15.27
C PRO G 282 -11.52 -36.01 -15.52
N TYR G 283 -10.43 -36.74 -15.26
CA TYR G 283 -9.10 -36.27 -15.64
C TYR G 283 -8.97 -36.05 -17.15
N PHE G 284 -9.15 -37.11 -17.94
CA PHE G 284 -9.03 -37.01 -19.38
C PHE G 284 -10.37 -37.12 -20.08
N SER G 285 -10.46 -36.46 -21.23
CA SER G 285 -11.59 -36.62 -22.13
C SER G 285 -11.14 -37.34 -23.40
N LEU G 286 -12.07 -37.98 -24.09
CA LEU G 286 -11.74 -38.58 -25.37
C LEU G 286 -12.13 -37.64 -26.50
N GLU G 287 -11.13 -37.20 -27.26
CA GLU G 287 -11.34 -36.18 -28.28
C GLU G 287 -11.55 -36.74 -29.68
N VAL G 288 -10.61 -37.55 -30.16
CA VAL G 288 -10.84 -38.26 -31.43
C VAL G 288 -10.64 -39.77 -31.35
N ALA G 289 -11.53 -40.49 -32.03
CA ALA G 289 -11.51 -41.93 -32.05
C ALA G 289 -11.71 -42.41 -33.47
N SER G 290 -10.61 -42.50 -34.21
CA SER G 290 -10.63 -43.05 -35.56
C SER G 290 -9.83 -44.32 -35.58
N ALA G 291 -9.90 -45.07 -36.67
CA ALA G 291 -9.03 -46.22 -36.81
C ALA G 291 -7.58 -45.76 -36.95
N THR G 292 -7.42 -44.55 -37.48
CA THR G 292 -6.11 -43.97 -37.75
C THR G 292 -5.44 -43.41 -36.49
N ASP G 293 -6.14 -42.53 -35.78
CA ASP G 293 -5.57 -41.84 -34.63
C ASP G 293 -6.42 -41.98 -33.38
N LEU G 294 -5.81 -41.68 -32.24
CA LEU G 294 -6.43 -41.80 -30.93
C LEU G 294 -5.90 -40.73 -30.01
N VAL G 295 -6.65 -39.65 -29.79
CA VAL G 295 -6.16 -38.60 -28.88
C VAL G 295 -7.06 -38.26 -27.68
N TRP G 296 -6.36 -37.96 -26.54
CA TRP G 296 -6.86 -37.90 -25.13
C TRP G 296 -6.54 -36.54 -24.70
N GLN G 297 -7.54 -35.78 -24.27
CA GLN G 297 -7.21 -34.44 -23.80
C GLN G 297 -7.15 -34.41 -22.30
N ALA G 298 -6.06 -33.89 -21.76
CA ALA G 298 -5.89 -33.78 -20.32
C ALA G 298 -6.54 -32.50 -19.83
N ARG G 299 -7.58 -32.65 -19.01
CA ARG G 299 -8.29 -31.52 -18.45
C ARG G 299 -7.60 -31.01 -17.20
N VAL G 300 -7.17 -31.95 -16.36
CA VAL G 300 -6.71 -31.62 -15.04
C VAL G 300 -5.20 -31.70 -14.97
N PRO G 301 -4.53 -30.56 -14.72
CA PRO G 301 -3.07 -30.47 -14.64
C PRO G 301 -2.49 -31.44 -13.64
N GLY G 302 -1.27 -31.91 -13.87
CA GLY G 302 -0.59 -32.74 -12.90
C GLY G 302 0.15 -33.92 -13.49
N THR G 303 0.73 -34.73 -12.62
CA THR G 303 1.43 -35.92 -13.07
C THR G 303 0.54 -37.14 -12.93
N TYR G 304 0.45 -37.98 -13.97
CA TYR G 304 -0.41 -39.18 -13.95
C TYR G 304 0.33 -40.44 -14.34
N VAL G 305 -0.19 -41.59 -13.93
CA VAL G 305 0.15 -42.83 -14.63
C VAL G 305 -1.06 -43.22 -15.48
N VAL G 306 -0.85 -43.47 -16.76
CA VAL G 306 -1.96 -43.84 -17.61
C VAL G 306 -1.79 -45.23 -18.20
N THR G 307 -2.89 -45.95 -18.35
CA THR G 307 -2.89 -47.20 -19.07
C THR G 307 -3.91 -47.09 -20.17
N ILE G 308 -3.42 -47.09 -21.40
CA ILE G 308 -4.30 -47.09 -22.55
C ILE G 308 -4.20 -48.44 -23.23
N ILE G 309 -5.35 -49.03 -23.53
CA ILE G 309 -5.42 -50.31 -24.21
C ILE G 309 -6.50 -50.26 -25.28
N PHE G 310 -6.18 -50.77 -26.47
CA PHE G 310 -7.09 -50.70 -27.60
C PHE G 310 -7.02 -51.90 -28.53
N ASN G 311 -8.09 -52.07 -29.28
CA ASN G 311 -8.16 -53.09 -30.31
C ASN G 311 -7.78 -52.52 -31.68
N SER G 312 -6.63 -52.94 -32.19
CA SER G 312 -6.17 -52.54 -33.50
C SER G 312 -6.16 -53.77 -34.42
N THR G 313 -5.55 -53.67 -35.60
CA THR G 313 -5.24 -54.83 -36.45
C THR G 313 -3.89 -54.55 -37.10
N VAL G 314 -2.89 -55.35 -36.73
CA VAL G 314 -1.46 -55.09 -37.02
C VAL G 314 -0.88 -53.95 -36.17
N GLY G 315 -1.69 -52.95 -35.90
CA GLY G 315 -1.31 -51.91 -34.96
C GLY G 315 0.01 -51.23 -35.22
N GLY G 316 0.81 -51.12 -34.17
CA GLY G 316 1.91 -50.17 -34.12
C GLY G 316 1.31 -48.85 -33.65
N LEU G 317 2.13 -48.00 -33.05
CA LEU G 317 1.60 -46.76 -32.50
C LEU G 317 2.70 -45.75 -32.24
N THR G 318 2.31 -44.48 -32.17
CA THR G 318 3.25 -43.40 -31.94
C THR G 318 2.71 -42.38 -30.93
N PRO G 319 3.32 -42.34 -29.75
CA PRO G 319 2.91 -41.45 -28.66
C PRO G 319 3.45 -40.04 -28.87
N SER G 320 2.63 -39.04 -28.57
CA SER G 320 3.06 -37.66 -28.70
C SER G 320 2.17 -36.76 -27.85
N ILE G 321 2.78 -35.83 -27.11
CA ILE G 321 2.01 -34.89 -26.31
C ILE G 321 1.93 -33.50 -26.93
N SER G 322 0.74 -33.17 -27.39
CA SER G 322 0.50 -31.91 -28.06
C SER G 322 0.24 -30.79 -27.06
N GLY G 323 1.29 -30.05 -26.72
CA GLY G 323 1.12 -28.83 -25.95
C GLY G 323 1.89 -28.91 -24.66
N GLY G 324 1.42 -28.20 -23.65
CA GLY G 324 2.02 -28.27 -22.34
C GLY G 324 1.92 -29.67 -21.74
N GLY G 325 2.86 -30.54 -22.10
CA GLY G 325 2.87 -31.90 -21.58
C GLY G 325 4.28 -32.45 -21.57
N THR G 326 4.42 -33.70 -21.13
CA THR G 326 5.70 -34.41 -21.13
C THR G 326 5.56 -35.89 -20.79
N ILE G 327 6.10 -36.76 -21.65
CA ILE G 327 6.20 -38.17 -21.28
C ILE G 327 7.47 -38.34 -20.50
N ASN G 328 7.38 -38.94 -19.32
CA ASN G 328 8.54 -39.09 -18.45
C ASN G 328 9.03 -40.53 -18.50
N SER G 329 8.08 -41.45 -18.65
CA SER G 329 8.36 -42.89 -18.64
C SER G 329 7.35 -43.54 -19.56
N SER G 330 7.83 -44.33 -20.52
CA SER G 330 6.95 -44.85 -21.55
C SER G 330 7.15 -46.34 -21.70
N PHE G 331 6.05 -47.05 -21.96
CA PHE G 331 6.12 -48.47 -22.29
C PHE G 331 5.01 -48.81 -23.29
N SER G 332 5.37 -49.53 -24.35
CA SER G 332 4.36 -49.99 -25.28
C SER G 332 4.57 -51.44 -25.72
N VAL G 333 3.47 -52.08 -26.09
CA VAL G 333 3.49 -53.41 -26.64
C VAL G 333 2.35 -53.49 -27.65
N SER G 334 2.70 -53.62 -28.92
CA SER G 334 1.71 -53.51 -29.98
C SER G 334 1.77 -54.63 -31.01
N THR G 335 0.74 -55.46 -31.01
CA THR G 335 0.60 -56.51 -31.99
C THR G 335 -0.74 -56.36 -32.68
N ALA G 336 -1.09 -57.34 -33.50
CA ALA G 336 -2.39 -57.36 -34.16
C ALA G 336 -3.46 -57.74 -33.15
N GLY G 337 -4.63 -57.14 -33.31
CA GLY G 337 -5.77 -57.46 -32.46
C GLY G 337 -5.89 -56.61 -31.20
N SER G 338 -4.74 -56.28 -30.60
CA SER G 338 -4.75 -55.56 -29.35
C SER G 338 -3.36 -55.05 -29.00
N SER G 339 -3.30 -53.82 -28.48
CA SER G 339 -2.03 -53.23 -28.07
C SER G 339 -2.23 -52.46 -26.78
N ALA G 340 -1.14 -52.24 -26.05
CA ALA G 340 -1.21 -51.58 -24.74
C ALA G 340 -0.12 -50.51 -24.52
N TYR G 341 -0.52 -49.35 -24.02
CA TYR G 341 0.39 -48.25 -23.74
C TYR G 341 0.34 -47.88 -22.27
N VAL G 342 1.49 -47.88 -21.61
CA VAL G 342 1.57 -47.45 -20.22
C VAL G 342 2.60 -46.33 -20.03
N ALA G 343 2.16 -45.20 -19.50
CA ALA G 343 3.04 -44.02 -19.41
C ALA G 343 2.88 -43.19 -18.14
N ASN G 344 3.98 -42.58 -17.75
CA ASN G 344 3.97 -41.62 -16.65
C ASN G 344 4.16 -40.23 -17.22
N ILE G 345 3.11 -39.43 -17.22
CA ILE G 345 3.16 -38.15 -17.89
C ILE G 345 2.83 -36.98 -16.97
N THR G 346 3.18 -35.78 -17.43
CA THR G 346 2.87 -34.56 -16.70
C THR G 346 2.25 -33.55 -17.66
N ILE G 347 1.04 -33.12 -17.34
CA ILE G 347 0.30 -32.18 -18.17
C ILE G 347 -0.02 -30.93 -17.39
N ARG G 348 0.01 -29.75 -18.04
CA ARG G 348 -0.14 -28.53 -17.26
C ARG G 348 -1.21 -27.57 -17.77
N VAL G 349 -1.65 -27.80 -19.01
CA VAL G 349 -2.77 -27.07 -19.57
C VAL G 349 -3.52 -28.16 -20.30
N ASN G 350 -4.58 -27.80 -21.00
CA ASN G 350 -5.27 -28.72 -21.90
C ASN G 350 -4.38 -29.25 -22.99
N ALA G 351 -3.52 -30.20 -22.65
CA ALA G 351 -2.66 -30.83 -23.65
C ALA G 351 -3.26 -32.17 -24.05
N ASN G 352 -3.13 -32.50 -25.32
CA ASN G 352 -3.54 -33.81 -25.79
C ASN G 352 -2.34 -34.75 -25.80
N LEU G 353 -2.60 -36.03 -25.57
CA LEU G 353 -1.60 -37.02 -25.90
C LEU G 353 -2.21 -37.87 -27.00
N SER G 354 -1.38 -38.16 -28.01
CA SER G 354 -1.86 -38.77 -29.22
C SER G 354 -1.20 -40.10 -29.48
N LEU G 355 -2.03 -41.10 -29.69
CA LEU G 355 -1.59 -42.35 -30.25
C LEU G 355 -2.05 -42.33 -31.69
N SER G 356 -1.10 -42.26 -32.62
CA SER G 356 -1.44 -41.87 -33.98
C SER G 356 -1.06 -42.85 -35.09
N GLY G 357 -0.01 -43.64 -34.89
CA GLY G 357 0.42 -44.59 -35.91
C GLY G 357 -0.57 -45.71 -36.21
N LEU G 358 -1.71 -45.64 -35.52
CA LEU G 358 -2.70 -46.73 -35.55
C LEU G 358 -3.17 -47.06 -36.96
N THR G 359 -3.39 -48.35 -37.20
CA THR G 359 -4.07 -48.82 -38.41
C THR G 359 -5.23 -49.71 -38.02
N GLY G 360 -6.42 -49.36 -38.47
CA GLY G 360 -7.60 -50.16 -38.21
C GLY G 360 -7.84 -50.44 -36.73
N ALA G 361 -8.17 -49.39 -35.99
CA ALA G 361 -8.39 -49.51 -34.56
C ALA G 361 -9.88 -49.33 -34.26
N THR G 362 -10.35 -49.87 -33.13
CA THR G 362 -11.73 -49.64 -32.67
C THR G 362 -11.88 -49.32 -31.19
N ASN G 363 -12.12 -50.36 -30.40
CA ASN G 363 -12.30 -50.20 -28.97
C ASN G 363 -11.04 -49.72 -28.28
N ALA G 364 -11.18 -48.70 -27.44
CA ALA G 364 -10.05 -48.15 -26.68
C ALA G 364 -10.50 -47.79 -25.30
N GLN G 365 -9.65 -48.06 -24.31
CA GLN G 365 -9.95 -47.71 -22.93
C GLN G 365 -8.75 -47.06 -22.26
N LEU G 366 -9.05 -46.01 -21.48
CA LEU G 366 -8.04 -45.28 -20.69
C LEU G 366 -8.20 -45.45 -19.20
N PHE G 367 -7.09 -45.72 -18.53
CA PHE G 367 -7.09 -45.76 -17.08
C PHE G 367 -6.11 -44.71 -16.60
N ALA G 368 -6.59 -43.77 -15.79
CA ALA G 368 -5.72 -42.68 -15.35
C ALA G 368 -5.76 -42.57 -13.85
N VAL G 369 -4.61 -42.30 -13.25
CA VAL G 369 -4.56 -42.12 -11.80
C VAL G 369 -3.47 -41.15 -11.41
N ARG G 370 -3.83 -40.23 -10.53
CA ARG G 370 -2.92 -39.25 -10.03
C ARG G 370 -1.70 -39.87 -9.40
N ALA G 371 -0.53 -39.70 -10.03
CA ALA G 371 0.72 -40.21 -9.48
C ALA G 371 1.83 -39.16 -9.38
N ILE G 372 3.05 -39.64 -9.17
CA ILE G 372 4.23 -38.78 -9.18
C ILE G 372 5.30 -39.31 -10.11
N THR G 373 6.36 -38.53 -10.27
CA THR G 373 7.35 -38.85 -11.27
C THR G 373 8.17 -40.11 -10.95
N GLU G 374 8.41 -40.38 -9.68
CA GLU G 374 9.17 -41.58 -9.32
C GLU G 374 8.33 -42.85 -9.40
N ASN G 375 7.06 -42.70 -9.77
CA ASN G 375 6.26 -43.86 -10.13
C ASN G 375 6.51 -44.17 -11.59
N ALA G 376 7.77 -44.32 -11.95
CA ALA G 376 8.16 -44.42 -13.36
C ALA G 376 7.96 -45.81 -13.94
N VAL G 377 7.49 -45.87 -15.18
CA VAL G 377 7.45 -47.14 -15.89
C VAL G 377 8.92 -47.49 -16.16
N GLN G 378 9.26 -48.77 -16.07
CA GLN G 378 10.66 -49.17 -16.11
C GLN G 378 10.91 -50.35 -17.04
N VAL G 379 9.85 -51.06 -17.38
CA VAL G 379 9.92 -52.13 -18.36
C VAL G 379 9.86 -51.47 -19.74
N VAL G 380 10.50 -52.09 -20.73
CA VAL G 380 10.47 -51.60 -22.10
C VAL G 380 10.78 -52.70 -23.11
N ALA H 90 -29.06 -8.68 4.27
CA ALA H 90 -28.27 -8.80 3.04
C ALA H 90 -28.28 -7.52 2.20
N LYS H 91 -27.24 -7.35 1.39
CA LYS H 91 -27.18 -6.20 0.51
C LYS H 91 -26.70 -6.46 -0.90
N GLY H 92 -26.97 -7.66 -1.36
CA GLY H 92 -27.02 -7.93 -2.78
C GLY H 92 -28.49 -8.25 -3.00
N SER H 93 -29.28 -8.06 -1.93
CA SER H 93 -30.70 -8.43 -1.89
C SER H 93 -31.67 -7.27 -2.12
N VAL H 94 -32.41 -7.31 -3.21
CA VAL H 94 -33.44 -6.30 -3.46
C VAL H 94 -34.81 -6.89 -3.14
N ARG H 95 -35.69 -6.08 -2.57
CA ARG H 95 -37.03 -6.55 -2.24
C ARG H 95 -38.15 -5.74 -2.89
N ILE H 96 -38.97 -6.44 -3.68
CA ILE H 96 -40.04 -5.79 -4.41
C ILE H 96 -41.45 -6.20 -3.90
N THR H 97 -42.31 -5.19 -3.70
CA THR H 97 -43.73 -5.43 -3.46
C THR H 97 -44.52 -4.84 -4.61
N HIS H 98 -45.42 -5.62 -5.22
CA HIS H 98 -46.18 -5.15 -6.38
C HIS H 98 -47.46 -5.96 -6.67
N ARG H 99 -48.32 -5.38 -7.50
CA ARG H 99 -49.53 -6.06 -7.94
CA ARG H 99 -49.54 -6.05 -7.94
C ARG H 99 -49.61 -5.88 -9.44
N GLU H 100 -49.52 -6.99 -10.17
CA GLU H 100 -49.58 -6.97 -11.63
C GLU H 100 -50.63 -7.91 -12.26
N TYR H 101 -50.72 -7.89 -13.60
CA TYR H 101 -51.78 -8.59 -14.30
C TYR H 101 -51.44 -10.03 -14.68
N VAL H 102 -52.21 -11.00 -14.19
CA VAL H 102 -51.97 -12.38 -14.61
C VAL H 102 -52.60 -12.62 -15.96
N SER H 103 -53.91 -12.74 -15.97
CA SER H 103 -54.64 -13.09 -17.18
C SER H 103 -56.11 -12.83 -16.97
N VAL H 104 -56.87 -12.91 -18.05
CA VAL H 104 -58.33 -12.84 -17.97
C VAL H 104 -58.87 -14.25 -17.79
N LEU H 105 -59.78 -14.42 -16.84
CA LEU H 105 -60.38 -15.73 -16.55
C LEU H 105 -61.58 -15.85 -17.42
N SER H 106 -61.58 -16.80 -18.34
CA SER H 106 -62.71 -16.91 -19.26
C SER H 106 -63.30 -18.30 -19.19
N GLY H 107 -64.58 -18.39 -19.55
CA GLY H 107 -65.29 -19.65 -19.54
C GLY H 107 -66.02 -19.88 -20.85
N THR H 108 -66.26 -21.15 -21.16
CA THR H 108 -67.08 -21.48 -22.31
C THR H 108 -68.30 -22.26 -21.79
N ASN H 109 -69.43 -22.07 -22.46
CA ASN H 109 -70.70 -22.59 -21.99
C ASN H 109 -70.72 -24.12 -21.93
N GLY H 110 -71.13 -24.65 -20.78
CA GLY H 110 -71.21 -26.09 -20.61
C GLY H 110 -69.89 -26.80 -20.81
N GLU H 111 -68.82 -26.24 -20.26
CA GLU H 111 -67.53 -26.89 -20.28
C GLU H 111 -66.84 -26.66 -18.94
N PHE H 112 -65.80 -27.43 -18.66
CA PHE H 112 -65.04 -27.24 -17.45
C PHE H 112 -64.07 -26.10 -17.66
N LEU H 113 -63.19 -26.24 -18.65
CA LEU H 113 -62.29 -25.14 -19.00
C LEU H 113 -61.35 -24.69 -17.89
N ARG H 114 -60.25 -25.43 -17.76
CA ARG H 114 -59.21 -25.10 -16.83
C ARG H 114 -58.18 -24.25 -17.57
N ASN H 115 -57.78 -23.15 -16.96
CA ASN H 115 -56.81 -22.22 -17.53
C ASN H 115 -57.15 -21.76 -18.94
N ASN H 116 -58.42 -21.45 -19.18
CA ASN H 116 -58.86 -20.96 -20.47
C ASN H 116 -58.65 -21.96 -21.62
N GLY H 117 -58.41 -23.21 -21.26
CA GLY H 117 -58.27 -24.25 -22.27
C GLY H 117 -56.87 -24.34 -22.79
N THR H 118 -55.95 -23.65 -22.13
CA THR H 118 -54.56 -23.58 -22.56
C THR H 118 -53.84 -24.94 -22.52
N GLY H 119 -53.93 -25.65 -21.40
CA GLY H 119 -53.47 -27.02 -21.35
C GLY H 119 -52.22 -27.27 -20.53
N PRO H 120 -51.05 -27.35 -21.22
CA PRO H 120 -49.73 -27.71 -20.66
C PRO H 120 -49.33 -26.90 -19.42
N ASN H 121 -49.69 -27.43 -18.24
CA ASN H 121 -49.47 -26.77 -16.94
C ASN H 121 -48.00 -26.47 -16.64
N ASN H 122 -47.35 -25.78 -17.57
CA ASN H 122 -45.93 -25.51 -17.50
C ASN H 122 -45.69 -24.02 -17.38
N ASP H 123 -46.51 -23.25 -18.09
CA ASP H 123 -46.37 -21.81 -18.07
C ASP H 123 -47.26 -21.20 -17.00
N PHE H 124 -47.59 -22.01 -15.98
CA PHE H 124 -48.34 -21.54 -14.82
C PHE H 124 -47.57 -21.88 -13.58
N SER H 125 -46.30 -22.18 -13.77
CA SER H 125 -45.43 -22.44 -12.66
C SER H 125 -45.05 -21.10 -12.09
N ILE H 126 -45.03 -21.01 -10.76
CA ILE H 126 -44.63 -19.79 -10.07
C ILE H 126 -43.11 -19.67 -9.96
N ASN H 127 -42.52 -19.01 -10.96
CA ASN H 127 -41.12 -18.63 -10.96
C ASN H 127 -41.16 -17.26 -11.57
N PRO H 128 -40.12 -16.47 -11.40
CA PRO H 128 -40.76 -15.22 -11.75
C PRO H 128 -39.97 -14.14 -12.42
N LEU H 129 -39.59 -14.09 -13.71
CA LEU H 129 -39.36 -15.08 -14.77
C LEU H 129 -40.44 -15.74 -15.58
N ASN H 130 -41.58 -16.04 -15.00
CA ASN H 130 -42.70 -16.49 -15.82
C ASN H 130 -43.53 -15.29 -16.26
N PRO H 131 -43.35 -14.84 -17.50
CA PRO H 131 -43.97 -13.62 -18.00
C PRO H 131 -45.48 -13.76 -18.16
N PHE H 132 -46.01 -14.96 -17.95
CA PHE H 132 -47.46 -15.08 -17.90
C PHE H 132 -48.01 -14.60 -16.55
N LEU H 133 -47.49 -15.19 -15.48
CA LEU H 133 -47.84 -14.77 -14.14
C LEU H 133 -47.24 -13.41 -13.72
N PHE H 134 -46.01 -13.12 -14.13
CA PHE H 134 -45.33 -11.91 -13.66
C PHE H 134 -44.80 -11.06 -14.81
N PRO H 135 -45.69 -10.42 -15.56
CA PRO H 135 -45.26 -9.66 -16.74
C PRO H 135 -44.48 -8.38 -16.40
N TRP H 136 -44.52 -7.97 -15.13
CA TRP H 136 -43.91 -6.71 -14.73
C TRP H 136 -42.65 -7.04 -13.96
N LEU H 137 -42.72 -8.11 -13.16
CA LEU H 137 -41.56 -8.52 -12.38
C LEU H 137 -40.47 -9.10 -13.27
N VAL H 138 -40.84 -9.63 -14.42
CA VAL H 138 -39.90 -10.29 -15.29
C VAL H 138 -38.73 -9.40 -15.68
N ASN H 139 -38.97 -8.10 -15.94
CA ASN H 139 -37.89 -7.18 -16.36
C ASN H 139 -36.90 -6.99 -15.25
N ILE H 140 -37.34 -7.21 -14.02
CA ILE H 140 -36.42 -7.08 -12.91
C ILE H 140 -35.73 -8.43 -12.70
N ALA H 141 -36.51 -9.50 -12.63
CA ALA H 141 -35.97 -10.79 -12.26
C ALA H 141 -35.01 -11.32 -13.29
N ALA H 142 -35.10 -10.80 -14.51
CA ALA H 142 -34.12 -11.14 -15.54
C ALA H 142 -32.70 -10.77 -15.11
N ASN H 143 -32.59 -9.87 -14.13
CA ASN H 143 -31.27 -9.44 -13.67
C ASN H 143 -30.74 -10.16 -12.44
N PHE H 144 -31.47 -11.17 -11.98
CA PHE H 144 -31.08 -11.88 -10.76
C PHE H 144 -31.10 -13.40 -10.90
N ASP H 145 -30.38 -14.08 -10.01
CA ASP H 145 -30.27 -15.51 -10.06
C ASP H 145 -31.25 -16.23 -9.13
N GLN H 146 -31.59 -15.60 -8.01
CA GLN H 146 -32.42 -16.30 -7.03
C GLN H 146 -33.61 -15.49 -6.50
N TYR H 147 -34.65 -16.19 -6.06
CA TYR H 147 -35.82 -15.54 -5.54
C TYR H 147 -36.41 -16.29 -4.33
N LYS H 148 -37.06 -15.52 -3.46
CA LYS H 148 -37.84 -16.05 -2.35
C LYS H 148 -39.08 -15.17 -2.23
N PHE H 149 -40.25 -15.78 -2.23
CA PHE H 149 -41.49 -15.03 -2.02
C PHE H 149 -41.78 -14.94 -0.56
N ASN H 150 -42.23 -13.77 -0.11
CA ASN H 150 -42.55 -13.58 1.29
C ASN H 150 -44.03 -13.60 1.48
N SER H 151 -44.75 -13.06 0.50
CA SER H 151 -46.20 -13.17 0.50
C SER H 151 -46.65 -13.18 -0.94
N LEU H 152 -47.69 -13.96 -1.22
CA LEU H 152 -48.12 -14.17 -2.59
C LEU H 152 -49.58 -14.46 -2.60
N ARG H 153 -50.32 -13.68 -3.40
CA ARG H 153 -51.77 -13.73 -3.35
C ARG H 153 -52.36 -13.41 -4.71
N PHE H 154 -53.30 -14.23 -5.16
CA PHE H 154 -53.97 -13.99 -6.43
C PHE H 154 -55.36 -13.49 -6.17
N GLU H 155 -55.84 -12.62 -7.04
CA GLU H 155 -57.06 -11.89 -6.77
C GLU H 155 -57.95 -11.87 -7.98
N TYR H 156 -59.21 -12.26 -7.80
CA TYR H 156 -60.15 -12.30 -8.92
C TYR H 156 -61.12 -11.14 -8.82
N VAL H 157 -61.17 -10.34 -9.87
CA VAL H 157 -62.05 -9.17 -9.90
C VAL H 157 -62.97 -9.25 -11.10
N PRO H 158 -64.29 -9.32 -10.85
CA PRO H 158 -65.25 -9.68 -11.89
C PRO H 158 -65.35 -8.64 -12.99
N LEU H 159 -65.55 -9.14 -14.19
CA LEU H 159 -65.65 -8.32 -15.37
C LEU H 159 -67.11 -8.46 -15.81
N VAL H 160 -67.78 -9.41 -15.17
CA VAL H 160 -69.09 -9.85 -15.61
C VAL H 160 -70.19 -9.40 -14.63
N ASN H 161 -71.44 -9.44 -15.05
CA ASN H 161 -72.45 -8.82 -14.24
C ASN H 161 -73.11 -9.77 -13.27
N THR H 162 -74.12 -9.24 -12.61
CA THR H 162 -74.56 -9.78 -11.34
C THR H 162 -75.56 -10.90 -11.59
N THR H 163 -76.04 -11.01 -12.81
CA THR H 163 -76.99 -12.06 -13.13
C THR H 163 -76.31 -13.27 -13.74
N THR H 164 -75.01 -13.16 -13.97
CA THR H 164 -74.21 -14.25 -14.52
C THR H 164 -74.25 -15.50 -13.65
N ASN H 165 -74.49 -16.66 -14.25
CA ASN H 165 -74.49 -17.89 -13.47
C ASN H 165 -73.11 -18.50 -13.43
N GLY H 166 -72.97 -19.65 -12.78
CA GLY H 166 -71.73 -20.38 -12.80
C GLY H 166 -70.85 -20.14 -11.60
N ARG H 167 -69.54 -20.35 -11.78
CA ARG H 167 -68.58 -20.42 -10.70
C ARG H 167 -67.17 -20.36 -11.26
N VAL H 168 -66.33 -19.53 -10.65
CA VAL H 168 -64.91 -19.54 -10.98
C VAL H 168 -64.18 -20.09 -9.77
N ALA H 169 -62.96 -20.54 -9.99
CA ALA H 169 -62.22 -21.17 -8.92
C ALA H 169 -60.75 -20.89 -9.13
N LEU H 170 -60.04 -20.57 -8.07
CA LEU H 170 -58.60 -20.44 -8.13
C LEU H 170 -57.95 -21.52 -7.25
N TYR H 171 -56.89 -22.16 -7.74
CA TYR H 171 -56.25 -23.18 -6.94
C TYR H 171 -54.75 -23.07 -7.00
N PHE H 172 -54.07 -23.73 -6.08
CA PHE H 172 -52.62 -23.72 -6.03
C PHE H 172 -52.10 -25.09 -5.57
N ASP H 173 -51.16 -25.68 -6.31
CA ASP H 173 -50.51 -26.90 -5.84
C ASP H 173 -49.02 -26.64 -5.56
N LYS H 174 -48.49 -27.28 -4.54
CA LYS H 174 -47.09 -27.08 -4.19
C LYS H 174 -46.20 -27.74 -5.26
N ASP H 175 -46.70 -28.82 -5.85
CA ASP H 175 -46.01 -29.55 -6.90
C ASP H 175 -46.31 -28.88 -8.24
N SER H 176 -45.33 -28.17 -8.79
CA SER H 176 -45.54 -27.40 -10.02
C SER H 176 -45.63 -28.29 -11.24
N GLU H 177 -45.56 -29.60 -11.01
CA GLU H 177 -45.38 -30.58 -12.08
C GLU H 177 -46.58 -31.52 -12.12
N ASP H 178 -47.37 -31.54 -11.05
CA ASP H 178 -48.59 -32.32 -11.03
C ASP H 178 -49.55 -31.77 -12.09
N PRO H 179 -50.40 -32.64 -12.64
CA PRO H 179 -51.28 -32.17 -13.70
C PRO H 179 -52.46 -31.43 -13.09
N GLY H 180 -53.16 -30.65 -13.89
CA GLY H 180 -54.29 -29.90 -13.37
C GLY H 180 -55.46 -30.78 -12.99
N PRO H 181 -56.46 -30.17 -12.34
CA PRO H 181 -57.74 -30.83 -12.05
C PRO H 181 -58.54 -31.06 -13.32
N ASP H 182 -59.11 -32.25 -13.47
CA ASP H 182 -59.91 -32.54 -14.64
C ASP H 182 -61.40 -32.36 -14.43
N ASP H 183 -61.87 -32.78 -13.27
CA ASP H 183 -63.28 -32.69 -12.93
C ASP H 183 -63.41 -31.80 -11.71
N ARG H 184 -64.65 -31.55 -11.29
CA ARG H 184 -64.90 -30.65 -10.20
C ARG H 184 -64.54 -31.34 -8.90
N ALA H 185 -64.55 -32.66 -8.92
CA ALA H 185 -64.29 -33.43 -7.72
C ALA H 185 -62.83 -33.29 -7.33
N ALA H 186 -61.97 -33.17 -8.35
CA ALA H 186 -60.55 -33.06 -8.15
C ALA H 186 -60.24 -31.68 -7.64
N LEU H 187 -60.80 -30.71 -8.33
CA LEU H 187 -60.72 -29.31 -7.96
C LEU H 187 -60.96 -29.09 -6.49
N ALA H 188 -61.91 -29.84 -5.92
CA ALA H 188 -62.35 -29.63 -4.54
C ALA H 188 -61.39 -30.18 -3.47
N ASN H 189 -60.50 -31.10 -3.88
CA ASN H 189 -59.61 -31.72 -2.93
C ASN H 189 -58.32 -30.95 -2.75
N TYR H 190 -58.12 -29.92 -3.57
CA TYR H 190 -56.93 -29.09 -3.44
C TYR H 190 -56.99 -28.40 -2.10
N ALA H 191 -55.88 -28.43 -1.39
CA ALA H 191 -55.85 -27.87 -0.05
C ALA H 191 -56.03 -26.37 -0.10
N HIS H 192 -55.47 -25.74 -1.13
CA HIS H 192 -55.55 -24.30 -1.32
C HIS H 192 -56.44 -23.94 -2.51
N LEU H 193 -57.72 -23.77 -2.22
CA LEU H 193 -58.73 -23.57 -3.23
C LEU H 193 -59.63 -22.40 -2.83
N SER H 194 -60.20 -21.72 -3.82
CA SER H 194 -61.12 -20.67 -3.52
C SER H 194 -62.10 -20.53 -4.68
N GLU H 195 -63.38 -20.62 -4.37
CA GLU H 195 -64.39 -20.60 -5.43
C GLU H 195 -65.47 -19.59 -5.08
N ILE H 196 -65.90 -18.84 -6.09
CA ILE H 196 -67.00 -17.94 -5.87
C ILE H 196 -67.67 -17.66 -7.19
N SER H 197 -68.90 -17.17 -7.12
CA SER H 197 -69.70 -16.86 -8.29
C SER H 197 -69.06 -15.72 -9.04
N PRO H 198 -69.14 -15.74 -10.40
CA PRO H 198 -68.28 -14.94 -11.27
C PRO H 198 -68.44 -13.44 -11.09
N TRP H 199 -69.56 -13.01 -10.53
CA TRP H 199 -69.78 -11.57 -10.37
C TRP H 199 -69.23 -11.04 -9.06
N ALA H 200 -68.72 -11.93 -8.22
CA ALA H 200 -68.18 -11.52 -6.93
C ALA H 200 -66.65 -11.46 -6.93
N ILE H 201 -66.08 -10.96 -5.85
CA ILE H 201 -64.63 -10.93 -5.73
C ILE H 201 -64.19 -12.05 -4.82
N THR H 202 -63.14 -12.76 -5.20
CA THR H 202 -62.48 -13.65 -4.25
C THR H 202 -60.98 -13.56 -4.41
N LYS H 203 -60.27 -14.28 -3.55
CA LYS H 203 -58.83 -14.28 -3.69
C LYS H 203 -58.26 -15.52 -3.06
N LEU H 204 -57.03 -15.83 -3.44
CA LEU H 204 -56.37 -17.02 -2.97
C LEU H 204 -55.02 -16.63 -2.48
N THR H 205 -54.68 -17.02 -1.25
CA THR H 205 -53.38 -16.71 -0.68
C THR H 205 -52.59 -18.00 -0.70
N VAL H 206 -51.57 -18.07 -1.56
CA VAL H 206 -50.71 -19.25 -1.58
C VAL H 206 -49.70 -19.11 -0.46
N PRO H 207 -49.27 -20.25 0.09
CA PRO H 207 -48.36 -20.19 1.24
C PRO H 207 -46.92 -20.19 0.78
N THR H 208 -46.15 -19.31 1.37
CA THR H 208 -44.77 -19.12 0.96
C THR H 208 -43.90 -19.87 1.94
N ASP H 209 -42.82 -20.46 1.45
CA ASP H 209 -41.87 -21.03 2.37
C ASP H 209 -40.64 -20.15 2.47
N ASN H 210 -39.55 -20.73 2.96
CA ASN H 210 -38.41 -19.95 3.36
C ASN H 210 -37.15 -20.21 2.56
N VAL H 211 -37.31 -20.87 1.41
CA VAL H 211 -36.15 -21.30 0.65
C VAL H 211 -35.89 -20.40 -0.57
N LYS H 212 -34.62 -20.12 -0.81
CA LYS H 212 -34.23 -19.48 -2.05
C LYS H 212 -34.34 -20.51 -3.14
N ARG H 213 -34.91 -20.13 -4.28
CA ARG H 213 -34.88 -20.97 -5.47
C ARG H 213 -34.30 -20.21 -6.66
N PHE H 214 -34.06 -20.89 -7.77
CA PHE H 214 -33.47 -20.19 -8.90
C PHE H 214 -34.49 -19.54 -9.80
N ILE H 215 -34.19 -18.33 -10.24
CA ILE H 215 -35.00 -17.69 -11.27
C ILE H 215 -34.54 -18.29 -12.57
N SER H 216 -35.42 -19.06 -13.21
CA SER H 216 -35.11 -19.63 -14.52
C SER H 216 -36.35 -19.93 -15.32
N ASP H 217 -36.16 -20.67 -16.40
CA ASP H 217 -37.10 -20.70 -17.50
C ASP H 217 -38.44 -21.34 -17.23
N THR H 218 -38.57 -22.07 -16.13
CA THR H 218 -39.67 -23.03 -15.95
C THR H 218 -39.61 -24.04 -17.08
N SER H 219 -38.39 -24.44 -17.45
CA SER H 219 -38.14 -25.41 -18.50
C SER H 219 -36.64 -25.64 -18.46
N SER H 220 -35.99 -24.93 -17.55
CA SER H 220 -34.56 -25.00 -17.38
C SER H 220 -34.25 -25.87 -16.16
N GLY H 221 -34.78 -27.08 -16.13
CA GLY H 221 -34.47 -28.02 -15.07
C GLY H 221 -35.65 -28.41 -14.20
N ASP H 222 -35.38 -29.20 -13.16
CA ASP H 222 -36.40 -29.80 -12.31
C ASP H 222 -37.37 -28.78 -11.70
N PRO H 223 -38.63 -28.83 -12.12
CA PRO H 223 -39.70 -27.97 -11.66
C PRO H 223 -39.74 -27.83 -10.14
N LYS H 224 -39.59 -28.93 -9.42
CA LYS H 224 -39.72 -28.90 -7.95
C LYS H 224 -38.57 -28.13 -7.26
N LEU H 225 -37.46 -27.97 -7.98
CA LEU H 225 -36.29 -27.28 -7.44
C LEU H 225 -36.36 -25.76 -7.70
N ILE H 226 -37.16 -25.36 -8.69
CA ILE H 226 -37.11 -23.98 -9.15
C ILE H 226 -38.41 -23.23 -8.97
N ASN H 227 -39.51 -23.96 -8.83
CA ASN H 227 -40.82 -23.32 -8.70
C ASN H 227 -41.44 -23.53 -7.33
N LEU H 228 -42.02 -22.46 -6.80
CA LEU H 228 -42.71 -22.50 -5.52
C LEU H 228 -43.89 -23.42 -5.66
N GLY H 229 -44.49 -23.41 -6.83
CA GLY H 229 -45.59 -24.30 -7.12
C GLY H 229 -46.31 -23.92 -8.38
N GLN H 230 -47.58 -24.30 -8.46
CA GLN H 230 -48.36 -24.15 -9.66
C GLN H 230 -49.60 -23.34 -9.35
N PHE H 231 -49.98 -22.43 -10.25
CA PHE H 231 -51.25 -21.72 -10.11
C PHE H 231 -52.22 -22.19 -11.19
N GLY H 232 -53.50 -21.93 -11.01
CA GLY H 232 -54.48 -22.34 -12.00
C GLY H 232 -55.88 -21.91 -11.68
N TRP H 233 -56.74 -21.90 -12.68
CA TRP H 233 -58.13 -21.54 -12.47
C TRP H 233 -59.08 -22.36 -13.31
N VAL H 234 -60.34 -22.37 -12.92
CA VAL H 234 -61.33 -23.18 -13.59
C VAL H 234 -62.56 -22.33 -13.60
N ALA H 235 -63.37 -22.45 -14.66
CA ALA H 235 -64.67 -21.75 -14.68
C ALA H 235 -65.73 -22.67 -15.23
N TYR H 236 -66.70 -23.06 -14.39
CA TYR H 236 -67.72 -24.01 -14.85
C TYR H 236 -69.16 -23.57 -14.66
N SER H 237 -70.05 -24.27 -15.37
CA SER H 237 -71.49 -24.04 -15.27
C SER H 237 -71.89 -22.60 -15.50
N GLY H 238 -71.01 -21.81 -16.11
CA GLY H 238 -71.33 -20.45 -16.46
C GLY H 238 -71.62 -20.28 -17.94
N PRO H 239 -71.53 -19.03 -18.42
CA PRO H 239 -71.76 -18.67 -19.81
C PRO H 239 -70.45 -18.74 -20.53
N THR H 240 -70.44 -18.36 -21.80
CA THR H 240 -69.21 -18.37 -22.57
C THR H 240 -68.71 -16.94 -22.78
N ALA H 241 -67.88 -16.47 -21.86
CA ALA H 241 -67.43 -15.06 -21.91
C ALA H 241 -66.18 -14.77 -21.08
N GLU H 242 -65.78 -13.51 -21.08
CA GLU H 242 -64.70 -13.10 -20.23
C GLU H 242 -65.30 -12.77 -18.89
N LEU H 243 -65.01 -13.60 -17.89
CA LEU H 243 -65.63 -13.46 -16.58
C LEU H 243 -64.92 -12.44 -15.69
N GLY H 244 -63.59 -12.46 -15.67
CA GLY H 244 -62.86 -11.50 -14.84
C GLY H 244 -61.38 -11.34 -15.09
N ASP H 245 -60.79 -10.39 -14.37
CA ASP H 245 -59.35 -10.21 -14.35
C ASP H 245 -58.72 -10.93 -13.13
N ILE H 246 -57.61 -11.62 -13.37
CA ILE H 246 -56.89 -12.21 -12.26
C ILE H 246 -55.59 -11.43 -12.05
N PHE H 247 -55.41 -10.90 -10.86
CA PHE H 247 -54.19 -10.16 -10.56
C PHE H 247 -53.39 -10.97 -9.58
N VAL H 248 -52.11 -10.64 -9.47
CA VAL H 248 -51.25 -11.23 -8.44
C VAL H 248 -50.59 -10.11 -7.68
N GLU H 249 -50.58 -10.26 -6.37
CA GLU H 249 -49.99 -9.27 -5.48
C GLU H 249 -48.94 -10.02 -4.68
N TYR H 250 -47.76 -9.43 -4.54
CA TYR H 250 -46.68 -10.19 -3.93
C TYR H 250 -45.61 -9.30 -3.35
N THR H 251 -44.76 -9.92 -2.55
CA THR H 251 -43.55 -9.30 -2.06
C THR H 251 -42.47 -10.34 -2.19
N VAL H 252 -41.54 -10.10 -3.12
CA VAL H 252 -40.37 -10.98 -3.31
C VAL H 252 -39.06 -10.39 -2.87
N ASP H 253 -38.15 -11.27 -2.45
CA ASP H 253 -36.74 -10.92 -2.38
C ASP H 253 -36.05 -11.51 -3.61
N LEU H 254 -35.19 -10.73 -4.25
CA LEU H 254 -34.37 -11.25 -5.32
C LEU H 254 -32.93 -11.23 -4.86
N PHE H 255 -32.15 -12.22 -5.26
CA PHE H 255 -30.75 -12.24 -4.86
C PHE H 255 -29.80 -12.47 -6.02
N GLU H 256 -28.57 -12.01 -5.83
CA GLU H 256 -27.48 -12.28 -6.74
C GLU H 256 -27.71 -11.67 -8.14
N ALA H 257 -27.20 -10.46 -8.33
CA ALA H 257 -27.22 -9.81 -9.62
C ALA H 257 -26.43 -10.58 -10.65
N GLN H 258 -27.02 -10.77 -11.81
CA GLN H 258 -26.33 -11.43 -12.91
C GLN H 258 -26.51 -10.62 -14.21
N PRO H 259 -25.77 -10.97 -15.27
CA PRO H 259 -26.06 -10.32 -16.56
C PRO H 259 -27.42 -10.71 -17.03
N THR H 260 -28.13 -9.77 -17.66
CA THR H 260 -29.56 -9.90 -17.94
C THR H 260 -29.92 -11.10 -18.80
N SER H 261 -30.88 -11.91 -18.36
CA SER H 261 -31.42 -12.95 -19.23
C SER H 261 -32.16 -12.29 -20.37
N PRO H 262 -32.14 -12.90 -21.56
CA PRO H 262 -32.72 -12.22 -22.70
C PRO H 262 -34.20 -11.88 -22.50
N LEU H 263 -34.57 -10.63 -22.77
CA LEU H 263 -35.95 -10.21 -22.56
C LEU H 263 -36.71 -10.26 -23.87
N LEU H 264 -36.27 -11.11 -24.78
CA LEU H 264 -36.91 -11.23 -26.08
C LEU H 264 -37.07 -12.69 -26.41
N GLU H 265 -37.76 -12.99 -27.50
CA GLU H 265 -37.92 -14.39 -27.86
C GLU H 265 -37.29 -14.68 -29.22
N SER H 266 -36.61 -15.82 -29.30
CA SER H 266 -36.10 -16.32 -30.57
C SER H 266 -36.64 -17.74 -30.73
N LEU H 267 -37.53 -17.92 -31.72
CA LEU H 267 -38.17 -19.22 -31.93
C LEU H 267 -37.91 -19.72 -33.34
N PHE H 268 -37.15 -20.81 -33.45
CA PHE H 268 -36.68 -21.31 -34.72
C PHE H 268 -37.26 -22.68 -35.03
N ARG H 269 -37.43 -22.97 -36.32
CA ARG H 269 -38.10 -24.18 -36.78
C ARG H 269 -37.56 -24.64 -38.14
N GLU H 270 -37.56 -25.95 -38.34
CA GLU H 270 -37.20 -26.56 -39.62
C GLU H 270 -37.73 -28.00 -39.64
N SER H 271 -38.10 -28.63 -40.78
CA SER H 271 -38.05 -28.11 -42.16
C SER H 271 -36.71 -27.60 -42.68
N ALA H 272 -35.77 -28.48 -43.00
CA ALA H 272 -35.98 -29.93 -43.11
C ALA H 272 -35.51 -30.64 -41.85
N SER H 273 -36.47 -30.96 -40.99
CA SER H 273 -36.22 -31.61 -39.71
C SER H 273 -37.58 -31.62 -39.00
N SER H 274 -37.56 -31.37 -37.68
CA SER H 274 -38.76 -31.08 -36.93
C SER H 274 -38.39 -30.27 -35.69
N VAL H 275 -37.09 -30.12 -35.48
CA VAL H 275 -36.53 -29.41 -34.33
C VAL H 275 -36.99 -27.95 -34.23
N GLN H 276 -37.26 -27.52 -33.01
CA GLN H 276 -38.00 -26.29 -32.78
C GLN H 276 -37.41 -25.48 -31.64
N THR H 277 -36.10 -25.23 -31.68
CA THR H 277 -35.39 -24.61 -30.57
C THR H 277 -35.86 -23.17 -30.23
N ARG H 278 -36.11 -22.95 -28.95
CA ARG H 278 -36.59 -21.67 -28.43
C ARG H 278 -35.61 -21.07 -27.43
N MET H 279 -35.53 -19.75 -27.43
CA MET H 279 -34.52 -19.06 -26.65
C MET H 279 -35.06 -17.70 -26.20
N GLY H 280 -35.03 -17.45 -24.90
CA GLY H 280 -35.66 -16.27 -24.36
C GLY H 280 -37.01 -16.62 -23.75
N LEU H 281 -37.77 -15.59 -23.38
CA LEU H 281 -39.10 -15.75 -22.78
C LEU H 281 -40.00 -16.45 -23.76
N PRO H 282 -40.97 -17.21 -23.24
CA PRO H 282 -41.93 -17.95 -24.07
C PRO H 282 -43.20 -17.14 -24.34
N TYR H 283 -43.05 -15.95 -24.91
CA TYR H 283 -44.19 -15.13 -25.24
C TYR H 283 -45.10 -15.83 -26.24
N PHE H 284 -44.54 -16.25 -27.37
CA PHE H 284 -45.32 -16.92 -28.42
C PHE H 284 -44.93 -18.36 -28.55
N SER H 285 -45.87 -19.17 -29.00
CA SER H 285 -45.61 -20.57 -29.22
C SER H 285 -45.96 -20.90 -30.65
N LEU H 286 -45.44 -22.01 -31.14
CA LEU H 286 -45.61 -22.41 -32.51
C LEU H 286 -46.58 -23.59 -32.62
N GLU H 287 -47.73 -23.36 -33.24
CA GLU H 287 -48.79 -24.35 -33.36
C GLU H 287 -48.56 -25.28 -34.54
N VAL H 288 -48.39 -24.71 -35.74
CA VAL H 288 -47.94 -25.48 -36.90
C VAL H 288 -47.08 -24.72 -37.90
N ALA H 289 -46.08 -25.43 -38.41
CA ALA H 289 -45.22 -24.94 -39.47
C ALA H 289 -45.32 -25.91 -40.65
N SER H 290 -46.21 -25.58 -41.58
CA SER H 290 -46.47 -26.42 -42.73
C SER H 290 -45.53 -26.11 -43.88
N ALA H 291 -46.13 -25.68 -44.99
CA ALA H 291 -45.42 -25.13 -46.12
C ALA H 291 -46.44 -24.19 -46.74
N THR H 292 -47.68 -24.34 -46.28
CA THR H 292 -48.80 -23.51 -46.68
C THR H 292 -49.10 -22.44 -45.65
N ASP H 293 -48.95 -22.80 -44.38
CA ASP H 293 -49.36 -21.90 -43.30
C ASP H 293 -48.42 -21.86 -42.09
N LEU H 294 -48.33 -20.68 -41.48
CA LEU H 294 -47.58 -20.46 -40.24
C LEU H 294 -48.47 -19.84 -39.17
N VAL H 295 -48.62 -20.56 -38.05
CA VAL H 295 -49.47 -20.11 -36.96
C VAL H 295 -48.75 -20.05 -35.62
N TRP H 296 -48.70 -18.83 -35.08
CA TRP H 296 -48.07 -18.62 -33.80
C TRP H 296 -49.17 -18.26 -32.83
N GLN H 297 -49.28 -18.99 -31.73
CA GLN H 297 -50.25 -18.61 -30.71
C GLN H 297 -49.55 -17.82 -29.62
N ALA H 298 -50.26 -16.82 -29.12
CA ALA H 298 -49.73 -15.93 -28.13
C ALA H 298 -50.09 -16.34 -26.69
N ARG H 299 -49.06 -16.72 -25.91
CA ARG H 299 -49.22 -17.18 -24.55
C ARG H 299 -49.25 -16.02 -23.58
N VAL H 300 -48.89 -14.84 -24.03
CA VAL H 300 -48.82 -13.72 -23.11
C VAL H 300 -49.49 -12.47 -23.63
N PRO H 301 -50.53 -12.02 -22.95
CA PRO H 301 -51.25 -10.78 -23.27
C PRO H 301 -50.36 -9.56 -23.31
N GLY H 302 -50.52 -8.74 -24.36
CA GLY H 302 -49.85 -7.45 -24.41
C GLY H 302 -49.52 -6.93 -25.80
N THR H 303 -48.84 -5.79 -25.83
CA THR H 303 -48.41 -5.18 -27.08
C THR H 303 -46.95 -5.57 -27.41
N TYR H 304 -46.73 -5.99 -28.65
CA TYR H 304 -45.43 -6.51 -29.06
C TYR H 304 -44.91 -5.85 -30.32
N VAL H 305 -43.68 -6.18 -30.69
CA VAL H 305 -43.17 -5.94 -32.04
C VAL H 305 -42.58 -7.24 -32.48
N VAL H 306 -43.20 -7.84 -33.49
CA VAL H 306 -42.76 -9.17 -33.95
C VAL H 306 -41.99 -9.08 -35.25
N THR H 307 -40.97 -9.91 -35.38
CA THR H 307 -40.25 -10.06 -36.62
C THR H 307 -40.29 -11.53 -36.98
N ILE H 308 -40.94 -11.85 -38.07
CA ILE H 308 -41.00 -13.23 -38.53
C ILE H 308 -40.30 -13.35 -39.87
N ILE H 309 -39.42 -14.34 -39.96
CA ILE H 309 -38.65 -14.50 -41.17
C ILE H 309 -38.64 -15.97 -41.57
N PHE H 310 -38.73 -16.23 -42.88
CA PHE H 310 -38.86 -17.61 -43.39
C PHE H 310 -38.42 -17.81 -44.84
N ASN H 311 -38.47 -19.07 -45.27
CA ASN H 311 -38.10 -19.44 -46.63
C ASN H 311 -39.26 -20.07 -47.37
N SER H 312 -39.83 -19.35 -48.35
CA SER H 312 -40.88 -19.93 -49.17
C SER H 312 -40.47 -19.95 -50.65
N THR H 313 -41.41 -19.69 -51.54
CA THR H 313 -41.12 -19.56 -52.97
C THR H 313 -42.15 -18.57 -53.53
N VAL H 314 -41.99 -17.29 -53.19
CA VAL H 314 -42.98 -16.22 -53.44
C VAL H 314 -44.28 -16.33 -52.62
N GLY H 315 -45.07 -15.27 -52.62
CA GLY H 315 -46.39 -15.29 -52.02
C GLY H 315 -46.51 -14.49 -50.73
N GLY H 316 -46.82 -15.18 -49.64
CA GLY H 316 -46.68 -14.61 -48.31
C GLY H 316 -47.85 -13.81 -47.76
N LEU H 317 -48.13 -12.63 -48.33
CA LEU H 317 -49.04 -11.63 -47.72
C LEU H 317 -50.40 -12.14 -47.31
N THR H 318 -50.47 -12.72 -46.13
CA THR H 318 -51.75 -13.08 -45.56
C THR H 318 -51.61 -13.06 -44.03
N PRO H 319 -51.65 -11.85 -43.44
CA PRO H 319 -51.62 -11.74 -41.99
C PRO H 319 -53.01 -11.57 -41.37
N SER H 320 -53.26 -12.27 -40.27
CA SER H 320 -54.52 -12.12 -39.55
C SER H 320 -54.39 -12.54 -38.07
N ILE H 321 -55.31 -12.05 -37.25
CA ILE H 321 -55.36 -12.39 -35.85
C ILE H 321 -56.56 -13.27 -35.54
N SER H 322 -56.29 -14.57 -35.38
CA SER H 322 -57.33 -15.55 -35.13
C SER H 322 -57.66 -15.61 -33.63
N GLY H 323 -57.82 -14.43 -33.03
CA GLY H 323 -58.21 -14.31 -31.64
C GLY H 323 -58.58 -12.87 -31.40
N GLY H 324 -58.43 -12.41 -30.15
CA GLY H 324 -58.65 -11.01 -29.85
C GLY H 324 -57.34 -10.22 -29.91
N GLY H 325 -57.20 -9.39 -30.94
CA GLY H 325 -55.97 -8.65 -31.15
C GLY H 325 -56.07 -7.59 -32.24
N THR H 326 -55.00 -6.82 -32.41
CA THR H 326 -55.00 -5.72 -33.39
C THR H 326 -53.61 -5.45 -33.99
N ILE H 327 -53.37 -5.92 -35.21
CA ILE H 327 -52.15 -5.59 -35.94
C ILE H 327 -52.06 -4.08 -36.17
N ASN H 328 -51.53 -3.35 -35.19
CA ASN H 328 -51.56 -1.89 -35.21
C ASN H 328 -50.61 -1.24 -36.22
N SER H 329 -49.65 -2.02 -36.71
CA SER H 329 -48.66 -1.53 -37.66
C SER H 329 -48.09 -2.72 -38.40
N SER H 330 -47.89 -2.58 -39.70
CA SER H 330 -47.34 -3.70 -40.40
C SER H 330 -46.41 -3.42 -41.58
N PHE H 331 -45.44 -4.31 -41.75
CA PHE H 331 -44.51 -4.21 -42.85
C PHE H 331 -44.24 -5.61 -43.38
N SER H 332 -44.28 -5.74 -44.69
CA SER H 332 -44.09 -7.04 -45.30
C SER H 332 -43.13 -6.92 -46.46
N VAL H 333 -42.39 -7.99 -46.69
CA VAL H 333 -41.57 -8.09 -47.89
C VAL H 333 -41.32 -9.56 -48.22
N SER H 334 -41.69 -9.94 -49.43
CA SER H 334 -41.63 -11.33 -49.82
C SER H 334 -41.22 -11.54 -51.30
N THR H 335 -40.26 -12.43 -51.51
CA THR H 335 -39.76 -12.74 -52.85
C THR H 335 -39.58 -14.25 -52.91
N ALA H 336 -38.44 -14.70 -53.41
CA ALA H 336 -38.14 -16.13 -53.49
C ALA H 336 -37.99 -16.78 -52.11
N GLY H 337 -37.11 -17.77 -52.02
CA GLY H 337 -36.83 -18.47 -50.76
C GLY H 337 -36.31 -17.57 -49.68
N SER H 338 -37.14 -16.60 -49.29
CA SER H 338 -36.75 -15.52 -48.39
C SER H 338 -37.87 -14.50 -48.30
N SER H 339 -38.49 -14.39 -47.13
CA SER H 339 -39.49 -13.36 -46.88
C SER H 339 -39.43 -12.92 -45.42
N ALA H 340 -40.04 -11.79 -45.10
CA ALA H 340 -39.91 -11.22 -43.76
C ALA H 340 -41.08 -10.30 -43.39
N TYR H 341 -41.57 -10.48 -42.16
CA TYR H 341 -42.76 -9.76 -41.71
C TYR H 341 -42.47 -9.14 -40.34
N VAL H 342 -42.63 -7.82 -40.23
CA VAL H 342 -42.58 -7.17 -38.94
C VAL H 342 -43.86 -6.38 -38.68
N ALA H 343 -44.30 -6.38 -37.43
CA ALA H 343 -45.60 -5.83 -37.09
C ALA H 343 -45.72 -5.54 -35.60
N ASN H 344 -46.51 -4.52 -35.29
CA ASN H 344 -46.78 -4.09 -33.92
C ASN H 344 -48.14 -4.54 -33.40
N ILE H 345 -48.29 -5.84 -33.18
CA ILE H 345 -49.56 -6.39 -32.71
C ILE H 345 -49.84 -6.11 -31.22
N THR H 346 -51.12 -5.94 -30.88
CA THR H 346 -51.58 -5.92 -29.50
C THR H 346 -52.41 -7.17 -29.30
N ILE H 347 -51.70 -8.29 -29.17
CA ILE H 347 -52.28 -9.60 -28.91
C ILE H 347 -52.76 -9.63 -27.47
N ARG H 348 -53.63 -10.58 -27.13
CA ARG H 348 -54.22 -10.57 -25.80
C ARG H 348 -54.90 -11.90 -25.49
N VAL H 349 -55.32 -12.04 -24.24
CA VAL H 349 -55.88 -13.29 -23.71
C VAL H 349 -55.03 -14.48 -24.12
N ASN H 350 -55.08 -14.79 -25.42
CA ASN H 350 -54.52 -15.99 -25.93
C ASN H 350 -54.87 -16.11 -27.39
N ALA H 351 -54.69 -15.00 -28.11
CA ALA H 351 -55.04 -14.93 -29.53
C ALA H 351 -54.08 -15.70 -30.49
N ASN H 352 -54.05 -15.26 -31.74
CA ASN H 352 -53.38 -16.02 -32.79
C ASN H 352 -52.80 -15.20 -33.93
N LEU H 353 -51.71 -15.71 -34.50
CA LEU H 353 -51.02 -15.04 -35.58
C LEU H 353 -50.80 -16.03 -36.72
N SER H 354 -51.32 -15.66 -37.88
CA SER H 354 -51.41 -16.57 -39.02
C SER H 354 -50.85 -15.98 -40.30
N LEU H 355 -49.93 -16.72 -40.91
CA LEU H 355 -49.43 -16.42 -42.23
C LEU H 355 -49.99 -17.45 -43.21
N SER H 356 -51.00 -17.05 -43.99
CA SER H 356 -51.84 -17.98 -44.77
C SER H 356 -51.35 -18.34 -46.18
N GLY H 357 -51.18 -17.34 -47.05
CA GLY H 357 -50.87 -17.60 -48.44
C GLY H 357 -49.49 -18.15 -48.72
N LEU H 358 -48.88 -18.84 -47.77
CA LEU H 358 -47.54 -19.38 -48.00
C LEU H 358 -47.57 -20.47 -49.02
N THR H 359 -46.42 -20.66 -49.62
CA THR H 359 -46.28 -21.64 -50.67
C THR H 359 -44.84 -22.12 -50.72
N GLY H 360 -44.64 -23.36 -50.29
CA GLY H 360 -43.34 -24.01 -50.35
C GLY H 360 -42.41 -23.55 -49.25
N ALA H 361 -42.98 -23.30 -48.08
CA ALA H 361 -42.21 -22.82 -46.94
C ALA H 361 -41.53 -23.94 -46.14
N THR H 362 -40.37 -23.62 -45.58
CA THR H 362 -39.57 -24.57 -44.83
C THR H 362 -39.11 -23.95 -43.52
N ASN H 363 -37.94 -23.34 -43.52
CA ASN H 363 -37.43 -22.66 -42.34
C ASN H 363 -38.28 -21.46 -41.93
N ALA H 364 -38.36 -21.21 -40.63
CA ALA H 364 -39.04 -20.02 -40.11
C ALA H 364 -38.52 -19.66 -38.73
N GLN H 365 -38.59 -18.37 -38.40
CA GLN H 365 -38.13 -17.90 -37.10
C GLN H 365 -38.93 -16.70 -36.65
N LEU H 366 -39.28 -16.71 -35.36
CA LEU H 366 -40.02 -15.61 -34.76
C LEU H 366 -39.10 -14.85 -33.81
N PHE H 367 -39.21 -13.52 -33.85
CA PHE H 367 -38.53 -12.67 -32.88
C PHE H 367 -39.54 -11.79 -32.18
N ALA H 368 -39.75 -12.01 -30.88
CA ALA H 368 -40.75 -11.24 -30.13
C ALA H 368 -40.15 -10.36 -29.05
N VAL H 369 -40.48 -9.09 -29.07
CA VAL H 369 -40.18 -8.25 -27.93
C VAL H 369 -41.44 -7.50 -27.51
N ARG H 370 -41.48 -7.10 -26.25
CA ARG H 370 -42.64 -6.42 -25.75
C ARG H 370 -42.47 -4.92 -25.95
N ALA H 371 -43.52 -4.24 -26.40
CA ALA H 371 -43.43 -2.80 -26.60
C ALA H 371 -44.76 -2.12 -26.34
N ILE H 372 -44.80 -0.81 -26.51
CA ILE H 372 -46.08 -0.11 -26.58
C ILE H 372 -46.60 -0.11 -28.01
N THR H 373 -47.44 0.87 -28.33
CA THR H 373 -48.01 0.96 -29.67
C THR H 373 -47.29 2.03 -30.48
N GLU H 374 -46.79 3.07 -29.82
CA GLU H 374 -46.03 4.14 -30.49
C GLU H 374 -44.69 3.64 -31.01
N ASN H 375 -44.35 2.41 -30.63
CA ASN H 375 -43.36 1.65 -31.36
C ASN H 375 -44.11 1.10 -32.55
N ALA H 376 -44.48 1.95 -33.49
CA ALA H 376 -45.25 1.52 -34.66
C ALA H 376 -44.35 1.49 -35.89
N VAL H 377 -44.45 0.42 -36.68
CA VAL H 377 -43.68 0.38 -37.92
C VAL H 377 -44.20 1.46 -38.88
N GLN H 378 -43.32 2.11 -39.61
CA GLN H 378 -43.74 3.25 -40.42
C GLN H 378 -43.23 3.19 -41.87
N VAL H 379 -42.54 2.11 -42.19
CA VAL H 379 -42.19 1.84 -43.58
C VAL H 379 -43.08 0.70 -44.07
N VAL H 380 -43.34 0.68 -45.37
CA VAL H 380 -44.42 -0.15 -45.93
C VAL H 380 -43.96 -1.30 -46.82
N ILE I 60 -33.84 -70.76 34.94
CA ILE I 60 -32.91 -70.16 35.89
C ILE I 60 -31.67 -71.03 36.05
N ALA I 61 -30.56 -70.46 36.54
CA ALA I 61 -29.41 -71.26 37.04
C ALA I 61 -28.61 -72.05 35.99
N HIS I 62 -27.40 -71.71 35.73
CA HIS I 62 -26.56 -72.36 34.70
CA HIS I 62 -26.55 -72.34 34.69
C HIS I 62 -25.38 -73.18 35.23
N PRO I 63 -25.17 -74.37 34.77
CA PRO I 63 -24.21 -75.36 35.29
C PRO I 63 -22.74 -74.93 35.26
N GLN I 64 -22.02 -75.25 36.33
CA GLN I 64 -20.57 -75.06 36.45
C GLN I 64 -20.09 -73.73 35.87
N ALA I 65 -20.65 -72.63 36.36
CA ALA I 65 -20.31 -71.33 35.83
C ALA I 65 -19.91 -70.34 36.91
N PHE I 66 -18.95 -69.47 36.59
CA PHE I 66 -18.64 -68.34 37.44
C PHE I 66 -19.32 -67.16 36.85
N PRO I 67 -19.64 -66.18 37.68
CA PRO I 67 -20.28 -64.97 37.17
C PRO I 67 -19.35 -64.22 36.22
N GLY I 68 -19.92 -63.49 35.25
CA GLY I 68 -19.11 -62.79 34.25
C GLY I 68 -18.98 -63.64 33.00
N ALA I 69 -19.34 -64.90 33.15
CA ALA I 69 -19.44 -65.82 32.04
C ALA I 69 -20.45 -65.25 31.09
N ILE I 70 -20.30 -65.48 29.81
CA ILE I 70 -21.42 -65.24 28.93
C ILE I 70 -21.84 -66.60 28.34
N ALA I 71 -23.12 -66.91 28.44
CA ALA I 71 -23.60 -68.21 28.10
C ALA I 71 -24.41 -68.14 26.82
N ALA I 72 -24.05 -68.99 25.86
CA ALA I 72 -24.69 -69.03 24.57
C ALA I 72 -25.89 -69.96 24.59
N PRO I 73 -27.08 -69.42 24.28
CA PRO I 73 -28.25 -70.25 24.05
C PRO I 73 -28.11 -70.87 22.69
N ILE I 74 -29.07 -71.70 22.31
CA ILE I 74 -28.99 -72.42 21.05
C ILE I 74 -29.82 -71.70 20.00
N SER I 75 -30.73 -70.84 20.45
CA SER I 75 -31.60 -70.12 19.54
C SER I 75 -32.31 -69.03 20.30
N TYR I 76 -32.65 -67.94 19.63
CA TYR I 76 -33.40 -66.86 20.26
C TYR I 76 -34.78 -66.76 19.65
N ALA I 77 -35.82 -66.67 20.47
CA ALA I 77 -37.15 -66.37 19.95
C ALA I 77 -37.48 -64.96 20.32
N TYR I 78 -37.75 -64.10 19.34
CA TYR I 78 -38.37 -62.81 19.62
C TYR I 78 -39.75 -62.90 19.04
N ALA I 79 -40.71 -62.30 19.72
CA ALA I 79 -42.09 -62.46 19.30
C ALA I 79 -42.62 -61.15 18.77
N VAL I 80 -43.05 -61.13 17.52
CA VAL I 80 -43.66 -59.91 16.98
C VAL I 80 -45.19 -59.99 16.84
N LYS I 81 -45.87 -58.99 17.40
CA LYS I 81 -47.33 -58.90 17.32
C LYS I 81 -47.71 -57.81 16.35
N GLY I 82 -48.97 -57.81 15.94
CA GLY I 82 -49.47 -56.83 14.98
C GLY I 82 -49.55 -55.46 15.62
N ARG I 83 -49.37 -54.42 14.81
CA ARG I 83 -49.32 -53.06 15.33
C ARG I 83 -50.26 -52.15 14.58
N LYS I 84 -51.16 -51.52 15.32
CA LYS I 84 -52.12 -50.62 14.74
C LYS I 84 -51.47 -49.31 14.50
N PRO I 85 -51.87 -48.64 13.41
CA PRO I 85 -51.30 -47.35 13.07
C PRO I 85 -51.92 -46.24 13.91
N ARG I 86 -51.15 -45.20 14.19
CA ARG I 86 -51.67 -44.04 14.88
C ARG I 86 -51.67 -42.82 13.97
N PHE I 87 -52.82 -42.16 13.89
CA PHE I 87 -52.94 -40.88 13.19
C PHE I 87 -53.19 -39.76 14.17
N GLN I 88 -52.68 -38.58 13.83
CA GLN I 88 -53.01 -37.36 14.56
C GLN I 88 -52.54 -36.19 13.73
N THR I 89 -53.20 -35.06 13.86
CA THR I 89 -52.81 -33.89 13.07
C THR I 89 -52.08 -32.84 13.88
N ALA I 90 -50.83 -32.58 13.49
CA ALA I 90 -50.00 -31.52 14.09
C ALA I 90 -50.33 -30.14 13.51
N LYS I 91 -51.63 -29.80 13.60
CA LYS I 91 -52.22 -28.58 13.01
C LYS I 91 -52.03 -28.38 11.50
N GLY I 92 -50.82 -28.64 11.02
CA GLY I 92 -50.52 -28.48 9.61
C GLY I 92 -50.39 -29.79 8.88
N SER I 93 -49.88 -30.78 9.59
CA SER I 93 -49.57 -32.08 9.01
C SER I 93 -50.41 -33.19 9.61
N VAL I 94 -50.63 -34.27 8.85
CA VAL I 94 -51.12 -35.48 9.48
C VAL I 94 -49.91 -36.35 9.80
N ARG I 95 -49.92 -36.99 10.97
CA ARG I 95 -48.75 -37.70 11.44
C ARG I 95 -49.11 -39.12 11.63
N ILE I 96 -48.37 -40.01 10.98
CA ILE I 96 -48.67 -41.44 11.02
C ILE I 96 -47.53 -42.23 11.64
N THR I 97 -47.87 -43.11 12.58
CA THR I 97 -46.89 -44.01 13.14
C THR I 97 -47.34 -45.44 12.92
N HIS I 98 -46.44 -46.26 12.36
CA HIS I 98 -46.81 -47.62 12.02
C HIS I 98 -45.56 -48.45 11.82
N ARG I 99 -45.76 -49.77 11.69
CA ARG I 99 -44.66 -50.68 11.43
CA ARG I 99 -44.66 -50.70 11.45
C ARG I 99 -44.96 -51.54 10.22
N GLU I 100 -44.08 -51.52 9.24
CA GLU I 100 -44.33 -52.31 8.03
C GLU I 100 -43.21 -53.28 7.68
N TYR I 101 -43.53 -54.24 6.82
CA TYR I 101 -42.55 -55.28 6.53
C TYR I 101 -41.76 -54.95 5.28
N VAL I 102 -40.47 -54.66 5.46
CA VAL I 102 -39.62 -54.35 4.33
C VAL I 102 -39.40 -55.57 3.45
N SER I 103 -38.64 -56.52 3.96
CA SER I 103 -38.20 -57.65 3.16
C SER I 103 -37.63 -58.74 4.04
N VAL I 104 -37.55 -59.97 3.51
CA VAL I 104 -36.81 -61.00 4.23
C VAL I 104 -35.36 -60.80 3.84
N LEU I 105 -34.46 -61.14 4.75
CA LEU I 105 -33.03 -60.95 4.49
C LEU I 105 -32.38 -62.30 4.28
N SER I 106 -31.90 -62.54 3.07
CA SER I 106 -31.26 -63.81 2.77
C SER I 106 -29.82 -63.63 2.36
N GLY I 107 -29.06 -64.69 2.49
CA GLY I 107 -27.71 -64.69 1.98
C GLY I 107 -27.56 -65.98 1.21
N THR I 108 -26.60 -66.02 0.31
CA THR I 108 -26.25 -67.29 -0.30
C THR I 108 -24.78 -67.61 0.00
N ASN I 109 -24.48 -68.90 0.07
CA ASN I 109 -23.18 -69.35 0.53
C ASN I 109 -22.01 -68.95 -0.36
N GLY I 110 -20.96 -68.42 0.25
CA GLY I 110 -19.76 -68.07 -0.50
C GLY I 110 -19.96 -66.86 -1.39
N GLU I 111 -21.07 -66.15 -1.16
CA GLU I 111 -21.32 -64.92 -1.88
C GLU I 111 -21.32 -63.76 -0.92
N PHE I 112 -21.01 -62.58 -1.45
CA PHE I 112 -21.19 -61.35 -0.71
C PHE I 112 -22.50 -60.86 -1.25
N LEU I 113 -23.59 -61.26 -0.62
CA LEU I 113 -24.93 -61.02 -1.17
C LEU I 113 -25.55 -59.70 -0.73
N ARG I 114 -25.62 -58.76 -1.66
CA ARG I 114 -26.03 -57.40 -1.34
C ARG I 114 -27.48 -57.14 -1.74
N ASN I 115 -28.31 -56.79 -0.77
CA ASN I 115 -29.76 -56.60 -0.99
C ASN I 115 -30.41 -57.83 -1.61
N ASN I 116 -30.10 -59.00 -1.03
CA ASN I 116 -30.43 -60.29 -1.66
C ASN I 116 -29.89 -60.30 -3.09
N GLY I 117 -30.66 -60.80 -4.05
CA GLY I 117 -30.21 -60.66 -5.43
C GLY I 117 -30.05 -59.22 -5.87
N THR I 118 -31.12 -58.66 -6.44
CA THR I 118 -31.30 -57.23 -6.76
C THR I 118 -30.06 -56.35 -6.98
N GLY I 119 -29.40 -55.99 -5.88
CA GLY I 119 -28.40 -54.93 -5.87
C GLY I 119 -29.09 -53.62 -5.54
N PRO I 120 -28.34 -52.62 -5.04
CA PRO I 120 -28.92 -51.35 -4.57
C PRO I 120 -29.34 -50.44 -5.69
N ASN I 121 -30.65 -50.42 -5.96
CA ASN I 121 -31.22 -49.54 -7.00
C ASN I 121 -32.18 -48.48 -6.43
N ASN I 122 -33.05 -47.89 -7.26
CA ASN I 122 -34.09 -46.95 -6.73
C ASN I 122 -35.45 -47.52 -6.45
N ASP I 123 -35.46 -48.35 -5.45
CA ASP I 123 -36.67 -48.60 -4.76
C ASP I 123 -36.24 -49.11 -3.41
N PHE I 124 -34.98 -48.87 -3.09
CA PHE I 124 -34.52 -48.95 -1.71
C PHE I 124 -34.36 -47.52 -1.25
N SER I 125 -34.93 -46.60 -2.01
CA SER I 125 -34.90 -45.19 -1.67
C SER I 125 -36.05 -44.90 -0.72
N ILE I 126 -35.77 -44.10 0.30
CA ILE I 126 -36.78 -43.78 1.28
C ILE I 126 -37.63 -42.58 0.83
N ASN I 127 -38.92 -42.85 0.62
CA ASN I 127 -39.92 -41.89 0.13
C ASN I 127 -41.20 -42.65 0.28
N PRO I 128 -42.34 -41.95 0.36
CA PRO I 128 -43.11 -42.97 1.04
C PRO I 128 -44.58 -43.20 0.78
N LEU I 129 -45.14 -43.69 -0.34
CA LEU I 129 -44.71 -43.75 -1.74
C LEU I 129 -43.75 -44.77 -2.26
N ASN I 130 -43.14 -45.53 -1.37
CA ASN I 130 -42.32 -46.63 -1.85
C ASN I 130 -42.88 -47.98 -1.42
N PRO I 131 -43.58 -48.63 -2.34
CA PRO I 131 -44.32 -49.89 -2.14
C PRO I 131 -43.48 -50.97 -1.46
N PHE I 132 -42.18 -50.99 -1.75
CA PHE I 132 -41.30 -52.01 -1.21
C PHE I 132 -41.06 -51.76 0.27
N LEU I 133 -40.70 -50.51 0.58
CA LEU I 133 -40.42 -50.10 1.96
C LEU I 133 -41.67 -49.81 2.78
N PHE I 134 -42.74 -49.34 2.15
CA PHE I 134 -43.95 -49.00 2.90
C PHE I 134 -45.23 -49.41 2.19
N PRO I 135 -45.49 -50.73 2.10
CA PRO I 135 -46.67 -51.31 1.46
C PRO I 135 -47.96 -50.66 1.88
N TRP I 136 -48.17 -50.53 3.18
CA TRP I 136 -49.43 -50.02 3.68
C TRP I 136 -49.55 -48.49 3.51
N LEU I 137 -48.44 -47.79 3.75
CA LEU I 137 -48.42 -46.33 3.78
C LEU I 137 -48.66 -45.70 2.41
N VAL I 138 -48.27 -46.43 1.36
CA VAL I 138 -48.36 -45.92 -0.01
C VAL I 138 -49.70 -45.26 -0.25
N ASN I 139 -50.76 -45.99 0.10
CA ASN I 139 -52.11 -45.58 -0.17
C ASN I 139 -52.46 -44.24 0.47
N ILE I 140 -51.99 -44.04 1.69
CA ILE I 140 -52.28 -42.78 2.36
C ILE I 140 -51.45 -41.69 1.75
N ALA I 141 -50.18 -41.97 1.51
CA ALA I 141 -49.26 -40.96 1.03
C ALA I 141 -49.67 -40.38 -0.32
N ALA I 142 -50.35 -41.19 -1.14
CA ALA I 142 -50.78 -40.75 -2.47
C ALA I 142 -51.66 -39.52 -2.39
N ASN I 143 -52.33 -39.35 -1.24
CA ASN I 143 -53.25 -38.25 -1.01
C ASN I 143 -52.56 -36.98 -0.54
N PHE I 144 -51.24 -36.97 -0.54
CA PHE I 144 -50.54 -35.80 -0.06
C PHE I 144 -49.39 -35.38 -0.94
N ASP I 145 -48.92 -34.14 -0.78
CA ASP I 145 -47.89 -33.62 -1.66
C ASP I 145 -46.48 -33.72 -1.11
N GLN I 146 -46.31 -33.59 0.20
CA GLN I 146 -44.96 -33.70 0.73
C GLN I 146 -44.91 -34.32 2.12
N TYR I 147 -43.72 -34.75 2.52
CA TYR I 147 -43.59 -35.56 3.71
C TYR I 147 -42.35 -35.12 4.46
N LYS I 148 -42.29 -35.49 5.73
CA LYS I 148 -41.09 -35.30 6.52
C LYS I 148 -41.02 -36.39 7.57
N PHE I 149 -40.01 -37.24 7.50
CA PHE I 149 -39.89 -38.28 8.49
C PHE I 149 -39.41 -37.74 9.84
N ASN I 150 -40.05 -38.20 10.91
CA ASN I 150 -39.64 -37.84 12.25
C ASN I 150 -38.73 -38.84 12.86
N SER I 151 -39.19 -40.07 12.91
CA SER I 151 -38.33 -41.14 13.39
C SER I 151 -38.39 -42.24 12.36
N LEU I 152 -37.27 -42.95 12.19
CA LEU I 152 -37.23 -43.99 11.17
C LEU I 152 -36.21 -45.03 11.58
N ARG I 153 -36.71 -46.22 11.93
CA ARG I 153 -35.83 -47.32 12.37
C ARG I 153 -36.09 -48.59 11.60
N PHE I 154 -35.01 -49.20 11.16
CA PHE I 154 -35.06 -50.53 10.57
C PHE I 154 -34.68 -51.57 11.62
N GLU I 155 -35.46 -52.63 11.73
CA GLU I 155 -35.28 -53.60 12.78
C GLU I 155 -35.13 -55.01 12.17
N TYR I 156 -34.13 -55.76 12.60
CA TYR I 156 -33.90 -57.08 12.05
C TYR I 156 -34.22 -58.14 13.10
N VAL I 157 -35.17 -59.02 12.81
CA VAL I 157 -35.50 -60.08 13.77
C VAL I 157 -35.09 -61.44 13.27
N PRO I 158 -34.15 -62.09 13.96
CA PRO I 158 -33.54 -63.33 13.48
C PRO I 158 -34.54 -64.45 13.18
N LEU I 159 -34.29 -65.17 12.10
CA LEU I 159 -35.14 -66.24 11.63
C LEU I 159 -34.45 -67.57 11.95
N VAL I 160 -33.27 -67.48 12.57
CA VAL I 160 -32.29 -68.54 12.50
C VAL I 160 -31.59 -68.81 13.85
N ASN I 161 -31.14 -70.05 14.06
CA ASN I 161 -30.52 -70.45 15.34
C ASN I 161 -29.05 -70.05 15.44
N THR I 162 -28.48 -70.12 16.64
CA THR I 162 -27.13 -69.56 16.84
C THR I 162 -25.98 -70.45 16.45
N THR I 163 -26.25 -71.55 15.75
CA THR I 163 -25.17 -72.33 15.18
C THR I 163 -24.98 -71.86 13.76
N THR I 164 -25.67 -70.79 13.39
CA THR I 164 -25.79 -70.43 11.97
C THR I 164 -24.55 -69.80 11.35
N ASN I 165 -23.99 -68.78 12.01
CA ASN I 165 -22.78 -68.07 11.53
C ASN I 165 -22.80 -67.35 10.18
N GLY I 166 -21.84 -66.44 10.00
CA GLY I 166 -21.89 -65.45 8.95
C GLY I 166 -22.17 -64.08 9.55
N ARG I 167 -22.43 -63.12 8.68
CA ARG I 167 -22.66 -61.73 9.06
C ARG I 167 -23.89 -61.19 8.33
N VAL I 168 -24.72 -60.43 9.03
CA VAL I 168 -25.73 -59.63 8.35
C VAL I 168 -25.44 -58.22 8.75
N ALA I 169 -25.66 -57.29 7.82
CA ALA I 169 -25.36 -55.90 8.10
C ALA I 169 -26.42 -54.98 7.48
N LEU I 170 -26.85 -53.99 8.25
CA LEU I 170 -27.78 -53.00 7.73
C LEU I 170 -27.07 -51.66 7.57
N TYR I 171 -27.29 -51.00 6.44
CA TYR I 171 -26.69 -49.71 6.27
C TYR I 171 -27.67 -48.68 5.72
N PHE I 172 -27.33 -47.41 5.89
CA PHE I 172 -28.12 -46.32 5.35
C PHE I 172 -27.18 -45.26 4.80
N ASP I 173 -27.56 -44.67 3.67
CA ASP I 173 -26.74 -43.62 3.07
C ASP I 173 -27.63 -42.48 2.55
N LYS I 174 -27.23 -41.24 2.73
CA LYS I 174 -28.10 -40.12 2.39
C LYS I 174 -28.23 -39.93 0.90
N ASP I 175 -27.20 -40.34 0.18
CA ASP I 175 -27.27 -40.31 -1.27
C ASP I 175 -28.30 -41.35 -1.72
N SER I 176 -29.51 -40.88 -2.00
CA SER I 176 -30.59 -41.75 -2.42
C SER I 176 -30.16 -42.76 -3.49
N GLU I 177 -29.23 -42.34 -4.35
CA GLU I 177 -28.76 -43.21 -5.40
C GLU I 177 -27.28 -43.50 -5.27
N ASP I 178 -26.86 -43.65 -4.03
CA ASP I 178 -25.57 -44.24 -3.70
C ASP I 178 -25.48 -45.64 -4.32
N PRO I 179 -24.34 -45.97 -4.93
CA PRO I 179 -24.13 -47.31 -5.51
C PRO I 179 -23.91 -48.33 -4.41
N GLY I 180 -23.44 -49.52 -4.77
CA GLY I 180 -23.22 -50.52 -3.74
C GLY I 180 -21.97 -50.31 -2.90
N PRO I 181 -21.95 -50.90 -1.69
CA PRO I 181 -20.68 -51.24 -1.09
C PRO I 181 -20.14 -52.44 -1.88
N ASP I 182 -18.90 -52.35 -2.31
CA ASP I 182 -18.35 -53.32 -3.24
C ASP I 182 -17.88 -54.61 -2.60
N ASP I 183 -17.53 -54.55 -1.32
CA ASP I 183 -17.03 -55.72 -0.63
C ASP I 183 -17.15 -55.46 0.87
N ARG I 184 -16.74 -56.44 1.67
CA ARG I 184 -16.96 -56.35 3.12
C ARG I 184 -16.22 -55.17 3.73
N ALA I 185 -15.13 -54.75 3.07
CA ALA I 185 -14.29 -53.72 3.63
C ALA I 185 -14.91 -52.37 3.39
N ALA I 186 -15.57 -52.22 2.25
CA ALA I 186 -16.19 -50.95 1.90
C ALA I 186 -17.41 -50.75 2.77
N LEU I 187 -18.16 -51.84 2.93
CA LEU I 187 -19.36 -51.89 3.75
C LEU I 187 -19.09 -51.29 5.14
N ALA I 188 -17.87 -51.42 5.64
CA ALA I 188 -17.55 -50.93 6.97
C ALA I 188 -17.49 -49.41 7.03
N ASN I 189 -17.22 -48.76 5.90
CA ASN I 189 -16.96 -47.32 5.92
C ASN I 189 -18.22 -46.47 6.10
N TYR I 190 -19.39 -47.09 6.02
CA TYR I 190 -20.63 -46.33 6.19
C TYR I 190 -20.67 -45.72 7.57
N ALA I 191 -21.30 -44.56 7.69
CA ALA I 191 -21.45 -43.93 8.98
C ALA I 191 -22.61 -44.57 9.74
N HIS I 192 -23.60 -45.06 9.00
CA HIS I 192 -24.81 -45.61 9.60
C HIS I 192 -24.95 -47.07 9.27
N LEU I 193 -24.34 -47.89 10.12
CA LEU I 193 -24.14 -49.28 9.80
C LEU I 193 -24.42 -50.05 11.05
N SER I 194 -25.02 -51.22 10.89
CA SER I 194 -25.08 -52.18 11.98
C SER I 194 -24.64 -53.59 11.53
N GLU I 195 -23.62 -54.12 12.19
CA GLU I 195 -23.12 -55.43 11.82
C GLU I 195 -23.31 -56.43 12.96
N ILE I 196 -23.95 -57.56 12.71
CA ILE I 196 -24.20 -58.52 13.76
C ILE I 196 -24.07 -59.93 13.20
N SER I 197 -24.11 -60.91 14.10
CA SER I 197 -24.25 -62.32 13.75
C SER I 197 -25.71 -62.52 13.33
N PRO I 198 -25.99 -63.45 12.43
CA PRO I 198 -27.34 -63.56 11.88
C PRO I 198 -28.37 -64.03 12.91
N TRP I 199 -27.91 -64.66 13.98
CA TRP I 199 -28.85 -65.22 14.94
C TRP I 199 -29.26 -64.20 15.98
N ALA I 200 -28.78 -62.98 15.84
CA ALA I 200 -29.04 -61.96 16.84
C ALA I 200 -30.02 -60.96 16.32
N ILE I 201 -30.43 -60.03 17.17
CA ILE I 201 -31.38 -59.01 16.79
C ILE I 201 -30.63 -57.70 16.75
N THR I 202 -31.08 -56.76 15.94
CA THR I 202 -30.45 -55.45 15.90
C THR I 202 -31.39 -54.44 15.28
N LYS I 203 -31.00 -53.18 15.31
CA LYS I 203 -31.79 -52.19 14.61
C LYS I 203 -30.92 -51.05 14.19
N LEU I 204 -31.26 -50.45 13.05
CA LEU I 204 -30.52 -49.34 12.52
C LEU I 204 -31.40 -48.12 12.56
N THR I 205 -30.94 -47.06 13.22
CA THR I 205 -31.74 -45.86 13.31
C THR I 205 -31.28 -44.87 12.24
N VAL I 206 -32.20 -44.46 11.39
CA VAL I 206 -31.84 -43.52 10.34
C VAL I 206 -31.97 -42.08 10.84
N PRO I 207 -30.92 -41.28 10.64
CA PRO I 207 -30.97 -39.86 11.02
C PRO I 207 -31.99 -39.13 10.16
N THR I 208 -32.91 -38.45 10.83
CA THR I 208 -33.97 -37.76 10.13
C THR I 208 -33.65 -36.30 10.10
N ASP I 209 -33.63 -35.69 8.92
CA ASP I 209 -33.47 -34.25 8.90
C ASP I 209 -34.78 -33.58 8.99
N ASN I 210 -34.75 -32.29 8.77
CA ASN I 210 -35.97 -31.57 9.02
C ASN I 210 -36.42 -30.67 7.79
N VAL I 211 -36.51 -31.34 6.66
CA VAL I 211 -36.92 -30.66 5.46
C VAL I 211 -38.01 -31.41 4.70
N LYS I 212 -39.03 -30.67 4.27
CA LYS I 212 -40.09 -31.29 3.49
C LYS I 212 -39.54 -31.59 2.13
N ARG I 213 -39.82 -32.79 1.64
CA ARG I 213 -39.48 -33.13 0.28
C ARG I 213 -40.74 -33.71 -0.32
N PHE I 214 -40.82 -33.73 -1.66
CA PHE I 214 -42.05 -34.18 -2.30
C PHE I 214 -42.27 -35.68 -2.20
N ILE I 215 -43.54 -36.06 -2.05
CA ILE I 215 -43.93 -37.45 -2.12
C ILE I 215 -44.03 -37.76 -3.59
N SER I 216 -43.17 -38.66 -4.09
CA SER I 216 -43.13 -38.95 -5.51
C SER I 216 -42.49 -40.29 -5.83
N ASP I 217 -42.96 -40.92 -6.91
CA ASP I 217 -42.30 -42.10 -7.46
C ASP I 217 -40.91 -41.71 -7.98
N THR I 218 -40.01 -42.68 -8.05
CA THR I 218 -38.60 -42.38 -8.30
C THR I 218 -38.36 -41.84 -9.72
N SER I 219 -39.43 -41.78 -10.49
CA SER I 219 -39.39 -41.24 -11.82
C SER I 219 -39.98 -39.84 -11.88
N SER I 220 -39.35 -38.93 -11.15
CA SER I 220 -39.72 -37.53 -11.18
C SER I 220 -38.50 -36.70 -10.77
N GLY I 221 -37.56 -36.56 -11.72
CA GLY I 221 -36.36 -35.77 -11.50
C GLY I 221 -35.48 -36.24 -10.35
N ASP I 222 -34.40 -35.49 -10.14
CA ASP I 222 -33.32 -35.86 -9.22
C ASP I 222 -33.78 -36.54 -7.93
N PRO I 223 -33.46 -37.84 -7.78
CA PRO I 223 -33.83 -38.64 -6.61
C PRO I 223 -33.26 -38.03 -5.34
N LYS I 224 -32.23 -37.20 -5.47
CA LYS I 224 -31.64 -36.57 -4.31
C LYS I 224 -32.55 -35.47 -3.73
N LEU I 225 -33.56 -35.09 -4.49
CA LEU I 225 -34.47 -34.04 -4.06
C LEU I 225 -35.65 -34.59 -3.29
N ILE I 226 -36.09 -35.80 -3.66
CA ILE I 226 -37.34 -36.32 -3.15
C ILE I 226 -37.15 -37.38 -2.09
N ASN I 227 -36.04 -38.12 -2.16
CA ASN I 227 -35.81 -39.22 -1.23
C ASN I 227 -34.90 -38.83 -0.10
N LEU I 228 -35.20 -39.35 1.09
CA LEU I 228 -34.41 -39.05 2.30
C LEU I 228 -33.03 -39.66 2.25
N GLY I 229 -32.98 -40.91 1.80
CA GLY I 229 -31.73 -41.61 1.61
C GLY I 229 -31.96 -42.99 1.02
N GLN I 230 -31.06 -43.91 1.31
CA GLN I 230 -31.17 -45.24 0.78
C GLN I 230 -30.94 -46.24 1.89
N PHE I 231 -31.78 -47.26 1.95
CA PHE I 231 -31.56 -48.37 2.86
C PHE I 231 -30.95 -49.56 2.13
N GLY I 232 -30.23 -50.41 2.85
CA GLY I 232 -29.58 -51.53 2.21
C GLY I 232 -28.98 -52.51 3.18
N TRP I 233 -28.86 -53.76 2.76
CA TRP I 233 -28.31 -54.78 3.64
C TRP I 233 -27.38 -55.70 2.90
N VAL I 234 -26.58 -56.45 3.65
CA VAL I 234 -25.57 -57.31 3.06
C VAL I 234 -25.49 -58.54 3.94
N ALA I 235 -25.22 -59.68 3.34
CA ALA I 235 -24.97 -60.90 4.08
C ALA I 235 -23.80 -61.62 3.44
N TYR I 236 -22.69 -61.69 4.15
CA TYR I 236 -21.53 -62.36 3.62
C TYR I 236 -21.08 -63.40 4.61
N SER I 237 -20.15 -64.24 4.17
CA SER I 237 -19.86 -65.48 4.86
C SER I 237 -21.12 -66.23 5.05
N GLY I 238 -21.19 -67.03 6.09
CA GLY I 238 -22.47 -67.67 6.39
C GLY I 238 -23.15 -68.53 5.32
N PRO I 239 -24.27 -69.15 5.68
CA PRO I 239 -24.87 -70.19 4.87
C PRO I 239 -25.68 -69.58 3.78
N THR I 240 -26.44 -70.43 3.09
CA THR I 240 -27.32 -69.96 2.06
C THR I 240 -28.77 -70.22 2.56
N ALA I 241 -29.40 -69.17 3.10
CA ALA I 241 -30.70 -69.29 3.78
C ALA I 241 -31.36 -67.94 4.00
N GLU I 242 -32.59 -68.00 4.48
CA GLU I 242 -33.34 -66.81 4.87
C GLU I 242 -33.05 -66.56 6.35
N LEU I 243 -32.32 -65.49 6.61
CA LEU I 243 -31.70 -65.26 7.91
C LEU I 243 -32.55 -64.47 8.90
N GLY I 244 -33.37 -63.55 8.40
CA GLY I 244 -34.15 -62.73 9.31
C GLY I 244 -35.19 -61.87 8.63
N ASP I 245 -36.15 -61.38 9.41
CA ASP I 245 -37.13 -60.44 8.91
C ASP I 245 -36.58 -59.02 9.06
N ILE I 246 -36.95 -58.13 8.13
CA ILE I 246 -36.60 -56.74 8.25
C ILE I 246 -37.87 -55.91 8.32
N PHE I 247 -38.10 -55.33 9.48
CA PHE I 247 -39.24 -54.44 9.69
C PHE I 247 -38.77 -52.99 9.69
N VAL I 248 -39.68 -52.09 9.37
CA VAL I 248 -39.40 -50.65 9.53
C VAL I 248 -40.44 -50.02 10.46
N GLU I 249 -39.97 -49.23 11.42
CA GLU I 249 -40.86 -48.48 12.28
C GLU I 249 -40.70 -47.05 11.85
N TYR I 250 -41.81 -46.32 11.74
CA TYR I 250 -41.71 -44.95 11.26
C TYR I 250 -42.73 -43.99 11.84
N THR I 251 -42.37 -42.72 11.80
CA THR I 251 -43.32 -41.66 12.07
C THR I 251 -43.18 -40.60 11.00
N VAL I 252 -44.20 -40.43 10.15
CA VAL I 252 -44.12 -39.46 9.09
C VAL I 252 -45.08 -38.34 9.33
N ASP I 253 -44.74 -37.16 8.82
CA ASP I 253 -45.69 -36.08 8.72
C ASP I 253 -46.00 -35.91 7.25
N LEU I 254 -47.29 -35.87 6.91
CA LEU I 254 -47.69 -35.63 5.53
C LEU I 254 -48.32 -34.26 5.40
N PHE I 255 -47.94 -33.54 4.36
CA PHE I 255 -48.39 -32.16 4.19
C PHE I 255 -49.16 -31.97 2.90
N GLU I 256 -49.97 -30.92 2.87
CA GLU I 256 -50.65 -30.49 1.66
C GLU I 256 -51.48 -31.59 1.04
N ALA I 257 -52.72 -31.75 1.51
CA ALA I 257 -53.65 -32.66 0.86
C ALA I 257 -53.87 -32.24 -0.59
N GLN I 258 -53.99 -33.23 -1.46
CA GLN I 258 -54.17 -32.98 -2.88
C GLN I 258 -55.02 -34.11 -3.42
N PRO I 259 -55.51 -33.96 -4.66
CA PRO I 259 -56.21 -35.06 -5.30
C PRO I 259 -55.27 -36.26 -5.53
N THR I 260 -55.80 -37.47 -5.35
CA THR I 260 -55.02 -38.69 -5.25
C THR I 260 -54.12 -38.95 -6.44
N SER I 261 -52.85 -39.18 -6.15
CA SER I 261 -51.88 -39.61 -7.15
C SER I 261 -52.20 -41.03 -7.58
N PRO I 262 -51.96 -41.36 -8.86
CA PRO I 262 -52.23 -42.70 -9.37
C PRO I 262 -51.20 -43.70 -8.82
N LEU I 263 -51.64 -44.91 -8.54
CA LEU I 263 -50.74 -45.90 -8.01
C LEU I 263 -50.50 -47.10 -8.97
N LEU I 264 -50.63 -46.84 -10.27
CA LEU I 264 -50.39 -47.89 -11.27
C LEU I 264 -49.00 -47.74 -11.84
N GLU I 265 -48.54 -48.76 -12.55
CA GLU I 265 -47.24 -48.66 -13.21
C GLU I 265 -47.35 -48.62 -14.74
N SER I 266 -46.56 -47.75 -15.37
CA SER I 266 -46.53 -47.68 -16.81
C SER I 266 -45.10 -47.70 -17.27
N LEU I 267 -44.62 -48.89 -17.62
CA LEU I 267 -43.23 -49.08 -18.00
C LEU I 267 -43.12 -49.38 -19.50
N PHE I 268 -42.44 -48.50 -20.23
CA PHE I 268 -42.40 -48.58 -21.69
C PHE I 268 -40.98 -48.54 -22.26
N ARG I 269 -40.74 -49.35 -23.29
CA ARG I 269 -39.45 -49.36 -23.95
C ARG I 269 -39.57 -49.29 -25.46
N GLU I 270 -38.61 -48.58 -26.07
CA GLU I 270 -38.29 -48.68 -27.48
C GLU I 270 -36.76 -48.62 -27.53
N SER I 271 -36.05 -49.39 -28.38
CA SER I 271 -36.53 -50.15 -29.54
C SER I 271 -37.26 -49.33 -30.62
N ALA I 272 -36.49 -48.69 -31.49
CA ALA I 272 -35.04 -48.87 -31.52
C ALA I 272 -34.27 -47.92 -30.61
N SER I 273 -34.91 -46.81 -30.25
CA SER I 273 -34.26 -45.74 -29.49
C SER I 273 -33.50 -46.15 -28.19
N SER I 274 -33.60 -47.42 -27.78
CA SER I 274 -32.89 -47.99 -26.61
C SER I 274 -33.36 -47.59 -25.22
N VAL I 275 -34.12 -46.50 -25.13
CA VAL I 275 -34.49 -45.97 -23.82
C VAL I 275 -35.80 -46.55 -23.31
N GLN I 276 -35.86 -46.71 -21.99
CA GLN I 276 -37.09 -47.14 -21.33
C GLN I 276 -37.53 -46.09 -20.32
N THR I 277 -38.84 -45.86 -20.28
CA THR I 277 -39.41 -44.83 -19.44
C THR I 277 -40.46 -45.41 -18.51
N ARG I 278 -40.39 -45.04 -17.24
CA ARG I 278 -41.35 -45.51 -16.26
C ARG I 278 -42.14 -44.37 -15.63
N MET I 279 -43.46 -44.52 -15.54
CA MET I 279 -44.27 -43.65 -14.71
C MET I 279 -44.98 -44.49 -13.68
N GLY I 280 -45.20 -43.92 -12.50
CA GLY I 280 -45.89 -44.64 -11.45
C GLY I 280 -44.95 -45.45 -10.58
N LEU I 281 -45.50 -46.38 -9.80
CA LEU I 281 -44.71 -47.11 -8.82
C LEU I 281 -43.82 -48.18 -9.46
N PRO I 282 -42.71 -48.51 -8.81
CA PRO I 282 -41.81 -49.50 -9.37
C PRO I 282 -42.14 -50.94 -8.92
N TYR I 283 -43.33 -51.43 -9.28
CA TYR I 283 -43.69 -52.81 -8.99
C TYR I 283 -42.84 -53.76 -9.82
N PHE I 284 -42.72 -53.44 -11.10
CA PHE I 284 -41.94 -54.27 -12.01
C PHE I 284 -40.80 -53.47 -12.61
N SER I 285 -39.80 -54.19 -13.12
CA SER I 285 -38.68 -53.61 -13.82
C SER I 285 -38.43 -54.39 -15.10
N LEU I 286 -37.86 -53.72 -16.11
CA LEU I 286 -37.55 -54.39 -17.36
C LEU I 286 -36.10 -54.86 -17.38
N GLU I 287 -35.90 -56.14 -17.60
CA GLU I 287 -34.57 -56.74 -17.47
C GLU I 287 -33.97 -57.12 -18.81
N VAL I 288 -34.77 -57.74 -19.68
CA VAL I 288 -34.30 -58.02 -21.03
C VAL I 288 -35.16 -57.40 -22.14
N ALA I 289 -34.47 -56.74 -23.06
CA ALA I 289 -35.07 -56.11 -24.23
C ALA I 289 -35.40 -57.18 -25.25
N SER I 290 -34.41 -57.50 -26.08
CA SER I 290 -34.50 -58.58 -27.05
C SER I 290 -35.62 -58.43 -28.09
N ALA I 291 -35.59 -59.32 -29.07
CA ALA I 291 -36.63 -59.42 -30.08
C ALA I 291 -37.19 -60.82 -30.00
N THR I 292 -36.60 -61.61 -29.10
CA THR I 292 -36.94 -63.01 -28.94
C THR I 292 -37.63 -63.23 -27.59
N ASP I 293 -37.29 -62.36 -26.63
CA ASP I 293 -37.77 -62.47 -25.26
C ASP I 293 -38.09 -61.12 -24.65
N LEU I 294 -39.09 -61.08 -23.78
CA LEU I 294 -39.32 -59.93 -22.94
C LEU I 294 -39.46 -60.44 -21.50
N VAL I 295 -38.57 -60.01 -20.61
CA VAL I 295 -38.71 -60.37 -19.21
C VAL I 295 -38.81 -59.18 -18.26
N TRP I 296 -39.85 -59.22 -17.44
CA TRP I 296 -40.09 -58.18 -16.46
C TRP I 296 -39.80 -58.85 -15.14
N GLN I 297 -39.34 -58.07 -14.16
CA GLN I 297 -39.00 -58.60 -12.86
C GLN I 297 -39.79 -57.94 -11.74
N ALA I 298 -40.34 -58.76 -10.86
CA ALA I 298 -41.08 -58.26 -9.72
C ALA I 298 -40.14 -57.67 -8.67
N ARG I 299 -40.43 -56.44 -8.26
CA ARG I 299 -39.64 -55.76 -7.26
C ARG I 299 -40.45 -55.69 -5.98
N VAL I 300 -41.76 -55.83 -6.12
CA VAL I 300 -42.64 -55.73 -4.97
C VAL I 300 -43.59 -56.90 -4.98
N PRO I 301 -43.45 -57.80 -3.99
CA PRO I 301 -44.28 -59.01 -3.93
C PRO I 301 -45.75 -58.66 -3.81
N GLY I 302 -46.58 -59.41 -4.53
CA GLY I 302 -48.01 -59.17 -4.47
C GLY I 302 -48.75 -59.73 -5.66
N THR I 303 -50.05 -59.52 -5.68
CA THR I 303 -50.87 -59.96 -6.79
C THR I 303 -51.23 -58.78 -7.69
N TYR I 304 -51.00 -58.93 -8.97
CA TYR I 304 -51.19 -57.84 -9.91
C TYR I 304 -52.11 -58.23 -11.04
N VAL I 305 -52.68 -57.24 -11.71
CA VAL I 305 -53.34 -57.45 -12.98
C VAL I 305 -52.48 -56.67 -13.95
N VAL I 306 -51.65 -57.40 -14.67
CA VAL I 306 -50.71 -56.78 -15.59
C VAL I 306 -51.25 -56.81 -17.03
N THR I 307 -51.04 -55.72 -17.75
CA THR I 307 -51.44 -55.60 -19.16
C THR I 307 -50.17 -55.32 -19.93
N ILE I 308 -49.87 -56.17 -20.91
CA ILE I 308 -48.62 -56.01 -21.68
C ILE I 308 -48.92 -55.97 -23.16
N ILE I 309 -48.48 -54.91 -23.81
CA ILE I 309 -48.74 -54.72 -25.23
C ILE I 309 -47.44 -54.41 -25.93
N PHE I 310 -47.25 -54.99 -27.11
CA PHE I 310 -45.99 -54.84 -27.82
C PHE I 310 -46.11 -55.07 -29.31
N ASN I 311 -45.03 -54.73 -30.01
CA ASN I 311 -44.93 -54.90 -31.44
C ASN I 311 -43.92 -55.99 -31.88
N SER I 312 -44.43 -57.19 -32.14
CA SER I 312 -43.60 -58.23 -32.77
C SER I 312 -43.92 -58.25 -34.26
N THR I 313 -43.35 -59.21 -34.98
CA THR I 313 -43.84 -59.49 -36.33
C THR I 313 -44.41 -60.89 -36.39
N VAL I 314 -45.73 -60.96 -36.15
CA VAL I 314 -46.46 -62.19 -36.27
C VAL I 314 -45.95 -63.14 -35.14
N GLY I 315 -46.28 -64.42 -35.17
CA GLY I 315 -45.89 -65.31 -34.09
C GLY I 315 -46.80 -65.06 -32.91
N GLY I 316 -46.55 -65.77 -31.83
CA GLY I 316 -47.29 -65.55 -30.60
C GLY I 316 -46.31 -65.28 -29.48
N LEU I 317 -46.65 -65.76 -28.31
CA LEU I 317 -45.82 -65.52 -27.13
C LEU I 317 -45.88 -66.72 -26.24
N THR I 318 -44.86 -66.89 -25.42
CA THR I 318 -44.86 -67.95 -24.43
C THR I 318 -44.55 -67.39 -23.05
N PRO I 319 -45.60 -67.22 -22.24
CA PRO I 319 -45.50 -66.65 -20.91
C PRO I 319 -45.10 -67.69 -19.89
N SER I 320 -44.30 -67.28 -18.92
CA SER I 320 -43.97 -68.15 -17.80
C SER I 320 -43.57 -67.29 -16.62
N ILE I 321 -43.63 -67.86 -15.42
CA ILE I 321 -43.05 -67.19 -14.26
C ILE I 321 -41.86 -67.96 -13.73
N SER I 322 -40.67 -67.54 -14.18
CA SER I 322 -39.43 -68.05 -13.63
C SER I 322 -39.30 -67.46 -12.24
N GLY I 323 -38.80 -68.27 -11.30
CA GLY I 323 -38.71 -67.81 -9.94
C GLY I 323 -40.00 -68.15 -9.24
N GLY I 324 -40.21 -67.55 -8.08
CA GLY I 324 -41.42 -67.81 -7.31
C GLY I 324 -42.61 -67.01 -7.78
N GLY I 325 -43.68 -67.70 -8.17
CA GLY I 325 -44.89 -67.00 -8.58
C GLY I 325 -45.77 -67.93 -9.37
N THR I 326 -47.06 -67.59 -9.46
CA THR I 326 -47.99 -68.35 -10.30
C THR I 326 -48.86 -67.42 -11.16
N ILE I 327 -49.25 -67.90 -12.35
CA ILE I 327 -50.20 -67.14 -13.16
C ILE I 327 -51.60 -67.68 -12.86
N ASN I 328 -52.55 -66.78 -12.61
CA ASN I 328 -53.87 -67.23 -12.22
C ASN I 328 -54.88 -67.17 -13.34
N SER I 329 -54.74 -66.20 -14.24
CA SER I 329 -55.71 -66.03 -15.34
C SER I 329 -55.06 -65.36 -16.53
N SER I 330 -54.77 -66.14 -17.57
CA SER I 330 -54.13 -65.60 -18.78
C SER I 330 -55.18 -65.24 -19.82
N PHE I 331 -54.82 -64.27 -20.64
CA PHE I 331 -55.53 -64.02 -21.89
C PHE I 331 -54.54 -63.39 -22.86
N SER I 332 -54.49 -63.90 -24.07
CA SER I 332 -53.62 -63.28 -25.05
C SER I 332 -54.23 -63.27 -26.42
N VAL I 333 -53.86 -62.24 -27.17
CA VAL I 333 -54.19 -62.13 -28.57
C VAL I 333 -52.96 -61.61 -29.26
N SER I 334 -52.41 -62.41 -30.18
CA SER I 334 -51.15 -62.07 -30.83
C SER I 334 -51.15 -62.35 -32.32
N THR I 335 -50.83 -61.33 -33.10
CA THR I 335 -50.77 -61.43 -34.56
C THR I 335 -49.79 -60.44 -35.17
N ALA I 336 -49.97 -60.23 -36.48
CA ALA I 336 -49.49 -59.06 -37.23
C ALA I 336 -48.27 -58.38 -36.66
N GLY I 337 -48.42 -57.10 -36.32
CA GLY I 337 -47.36 -56.35 -35.69
C GLY I 337 -47.80 -55.86 -34.33
N SER I 338 -48.86 -56.48 -33.80
CA SER I 338 -49.44 -56.09 -32.53
C SER I 338 -49.79 -57.31 -31.72
N SER I 339 -49.46 -57.29 -30.43
CA SER I 339 -49.83 -58.37 -29.53
C SER I 339 -50.25 -57.78 -28.21
N ALA I 340 -51.11 -58.51 -27.50
CA ALA I 340 -51.56 -58.05 -26.19
C ALA I 340 -51.80 -59.24 -25.25
N TYR I 341 -51.27 -59.12 -24.03
CA TYR I 341 -51.35 -60.15 -23.01
C TYR I 341 -51.76 -59.52 -21.70
N VAL I 342 -52.90 -59.96 -21.14
CA VAL I 342 -53.32 -59.46 -19.84
C VAL I 342 -53.52 -60.65 -18.91
N ALA I 343 -53.05 -60.50 -17.68
CA ALA I 343 -52.95 -61.63 -16.77
C ALA I 343 -53.11 -61.22 -15.32
N ASN I 344 -53.44 -62.19 -14.49
CA ASN I 344 -53.61 -61.95 -13.07
C ASN I 344 -52.58 -62.76 -12.35
N ILE I 345 -51.43 -62.15 -12.08
CA ILE I 345 -50.34 -62.91 -11.51
C ILE I 345 -50.14 -62.62 -10.05
N THR I 346 -49.67 -63.63 -9.33
CA THR I 346 -49.16 -63.47 -7.97
C THR I 346 -47.68 -63.77 -8.07
N ILE I 347 -46.87 -62.91 -7.48
CA ILE I 347 -45.45 -62.98 -7.76
C ILE I 347 -44.63 -62.53 -6.58
N ARG I 348 -43.41 -63.06 -6.50
CA ARG I 348 -42.50 -62.69 -5.44
C ARG I 348 -41.33 -61.86 -5.90
N VAL I 349 -40.64 -61.33 -4.92
CA VAL I 349 -39.54 -60.43 -5.14
C VAL I 349 -38.48 -61.16 -5.92
N ASN I 350 -38.00 -60.50 -6.97
CA ASN I 350 -36.99 -61.05 -7.87
C ASN I 350 -37.39 -62.22 -8.77
N ALA I 351 -38.68 -62.54 -8.84
CA ALA I 351 -39.18 -63.49 -9.83
C ALA I 351 -39.36 -62.79 -11.18
N ASN I 352 -39.46 -63.57 -12.23
CA ASN I 352 -39.56 -62.99 -13.56
C ASN I 352 -40.83 -63.40 -14.28
N LEU I 353 -41.39 -62.45 -15.01
CA LEU I 353 -42.50 -62.73 -15.87
C LEU I 353 -41.88 -62.63 -17.21
N SER I 354 -41.71 -63.77 -17.88
CA SER I 354 -41.07 -63.77 -19.19
C SER I 354 -42.07 -64.02 -20.30
N LEU I 355 -41.97 -63.22 -21.35
CA LEU I 355 -42.69 -63.50 -22.57
C LEU I 355 -41.67 -64.03 -23.57
N SER I 356 -41.61 -65.35 -23.72
CA SER I 356 -40.62 -65.99 -24.59
C SER I 356 -41.23 -66.43 -25.92
N GLY I 357 -40.36 -66.90 -26.81
CA GLY I 357 -40.81 -67.39 -28.11
C GLY I 357 -41.26 -66.26 -28.99
N LEU I 358 -40.82 -65.05 -28.67
CA LEU I 358 -41.15 -63.88 -29.48
C LEU I 358 -40.36 -63.91 -30.78
N THR I 359 -40.78 -63.12 -31.74
CA THR I 359 -40.14 -63.15 -33.04
C THR I 359 -40.19 -61.78 -33.72
N GLY I 360 -39.09 -61.06 -33.60
CA GLY I 360 -38.97 -59.75 -34.21
C GLY I 360 -39.73 -58.70 -33.41
N ALA I 361 -39.51 -58.71 -32.11
CA ALA I 361 -40.27 -57.87 -31.18
C ALA I 361 -39.56 -56.56 -30.84
N THR I 362 -40.24 -55.46 -31.12
CA THR I 362 -39.76 -54.14 -30.76
C THR I 362 -40.86 -53.52 -29.94
N ASN I 363 -40.57 -52.47 -29.19
CA ASN I 363 -41.64 -51.68 -28.56
C ASN I 363 -42.57 -52.44 -27.61
N ALA I 364 -42.30 -52.37 -26.32
CA ALA I 364 -43.15 -53.06 -25.36
C ALA I 364 -43.59 -52.12 -24.24
N GLN I 365 -44.83 -52.28 -23.80
CA GLN I 365 -45.32 -51.50 -22.69
C GLN I 365 -46.09 -52.36 -21.69
N LEU I 366 -45.91 -52.04 -20.41
CA LEU I 366 -46.50 -52.79 -19.32
C LEU I 366 -47.35 -51.89 -18.44
N PHE I 367 -48.51 -52.39 -18.06
CA PHE I 367 -49.38 -51.68 -17.12
C PHE I 367 -49.64 -52.62 -15.98
N ALA I 368 -49.22 -52.24 -14.79
CA ALA I 368 -49.46 -53.10 -13.63
C ALA I 368 -50.25 -52.35 -12.57
N VAL I 369 -51.30 -52.99 -12.06
CA VAL I 369 -51.99 -52.49 -10.87
C VAL I 369 -52.14 -53.60 -9.86
N ARG I 370 -52.23 -53.22 -8.59
CA ARG I 370 -52.38 -54.20 -7.54
C ARG I 370 -53.81 -54.67 -7.60
N ALA I 371 -54.00 -55.99 -7.52
CA ALA I 371 -55.33 -56.53 -7.39
C ALA I 371 -55.31 -57.70 -6.42
N ILE I 372 -56.44 -58.34 -6.24
CA ILE I 372 -56.46 -59.60 -5.53
C ILE I 372 -56.65 -60.70 -6.57
N THR I 373 -56.43 -61.94 -6.16
CA THR I 373 -56.38 -63.05 -7.09
C THR I 373 -57.69 -63.20 -7.85
N GLU I 374 -58.78 -62.78 -7.20
CA GLU I 374 -60.14 -62.99 -7.70
C GLU I 374 -60.56 -62.01 -8.79
N ASN I 375 -59.75 -60.97 -9.01
CA ASN I 375 -59.92 -60.12 -10.19
C ASN I 375 -59.44 -60.86 -11.44
N ALA I 376 -60.02 -62.03 -11.71
CA ALA I 376 -59.48 -62.92 -12.72
C ALA I 376 -59.95 -62.53 -14.11
N VAL I 377 -59.08 -62.73 -15.11
CA VAL I 377 -59.47 -62.47 -16.49
C VAL I 377 -60.41 -63.60 -16.93
N GLN I 378 -61.50 -63.26 -17.59
CA GLN I 378 -62.57 -64.23 -17.80
C GLN I 378 -62.77 -64.63 -19.26
N VAL I 379 -62.08 -63.95 -20.17
CA VAL I 379 -62.22 -64.27 -21.57
C VAL I 379 -60.98 -65.04 -22.04
N VAL I 380 -60.99 -65.51 -23.28
CA VAL I 380 -59.83 -66.17 -23.86
C VAL I 380 -59.74 -65.99 -25.37
N GLY J 92 -43.95 0.18 -1.65
CA GLY J 92 -43.04 1.28 -1.40
C GLY J 92 -41.82 1.33 -2.32
N SER J 93 -40.65 1.58 -1.73
CA SER J 93 -39.42 1.71 -2.51
C SER J 93 -38.62 0.41 -2.66
N VAL J 94 -37.86 0.31 -3.75
CA VAL J 94 -36.86 -0.75 -3.88
C VAL J 94 -35.44 -0.18 -3.88
N ARG J 95 -34.46 -0.95 -3.43
CA ARG J 95 -33.11 -0.43 -3.39
C ARG J 95 -32.11 -1.38 -4.01
N ILE J 96 -31.47 -0.93 -5.09
CA ILE J 96 -30.55 -1.76 -5.84
C ILE J 96 -29.13 -1.32 -5.59
N THR J 97 -28.24 -2.27 -5.37
CA THR J 97 -26.80 -1.96 -5.34
C THR J 97 -26.11 -2.80 -6.39
N HIS J 98 -25.38 -2.17 -7.30
CA HIS J 98 -24.85 -2.90 -8.43
C HIS J 98 -23.66 -2.20 -9.05
N ARG J 99 -22.92 -2.93 -9.87
CA ARG J 99 -21.81 -2.38 -10.61
CA ARG J 99 -21.79 -2.40 -10.60
C ARG J 99 -21.98 -2.83 -12.05
N GLU J 100 -21.83 -1.90 -12.99
CA GLU J 100 -22.01 -2.24 -14.39
C GLU J 100 -21.13 -1.46 -15.36
N TYR J 101 -21.15 -1.86 -16.63
CA TYR J 101 -20.19 -1.33 -17.60
C TYR J 101 -20.62 -0.01 -18.21
N VAL J 102 -19.70 0.95 -18.29
CA VAL J 102 -20.07 2.27 -18.81
C VAL J 102 -19.63 2.41 -20.23
N SER J 103 -18.32 2.33 -20.44
CA SER J 103 -17.73 2.50 -21.75
C SER J 103 -16.24 2.32 -21.68
N VAL J 104 -15.63 2.06 -22.82
CA VAL J 104 -14.19 1.98 -22.85
C VAL J 104 -13.63 3.39 -23.00
N LEU J 105 -12.57 3.70 -22.26
CA LEU J 105 -12.02 5.04 -22.27
C LEU J 105 -10.83 5.02 -23.20
N SER J 106 -10.87 5.84 -24.24
CA SER J 106 -9.78 5.85 -25.21
C SER J 106 -9.26 7.25 -25.37
N GLY J 107 -8.03 7.35 -25.89
CA GLY J 107 -7.42 8.64 -26.16
C GLY J 107 -6.83 8.58 -27.54
N THR J 108 -6.64 9.73 -28.17
CA THR J 108 -5.90 9.77 -29.43
C THR J 108 -4.72 10.71 -29.26
N ASN J 109 -3.64 10.44 -29.99
CA ASN J 109 -2.39 11.14 -29.75
C ASN J 109 -2.40 12.63 -30.08
N GLY J 110 -1.72 13.42 -29.26
CA GLY J 110 -1.66 14.86 -29.45
C GLY J 110 -3.04 15.49 -29.48
N GLU J 111 -3.86 15.17 -28.48
CA GLU J 111 -5.20 15.66 -28.48
C GLU J 111 -5.82 15.60 -27.09
N PHE J 112 -6.39 16.73 -26.68
CA PHE J 112 -7.15 16.81 -25.44
C PHE J 112 -8.50 16.26 -25.82
N LEU J 113 -8.76 15.02 -25.44
CA LEU J 113 -9.89 14.31 -25.99
C LEU J 113 -10.89 13.93 -24.90
N ARG J 114 -12.01 14.64 -24.86
CA ARG J 114 -13.05 14.34 -23.88
C ARG J 114 -14.13 13.40 -24.41
N ASN J 115 -14.50 12.43 -23.58
CA ASN J 115 -15.63 11.55 -23.83
C ASN J 115 -15.43 10.86 -25.16
N ASN J 116 -14.18 10.46 -25.40
CA ASN J 116 -13.82 9.69 -26.59
C ASN J 116 -14.04 10.38 -27.94
N GLY J 117 -14.32 11.67 -27.92
CA GLY J 117 -14.50 12.40 -29.16
C GLY J 117 -15.92 12.85 -29.40
N THR J 118 -16.85 12.24 -28.68
CA THR J 118 -18.26 12.62 -28.74
C THR J 118 -18.52 14.04 -28.25
N GLY J 119 -17.70 14.51 -27.31
CA GLY J 119 -17.96 15.75 -26.60
C GLY J 119 -18.99 15.55 -25.49
N PRO J 120 -19.03 16.45 -24.47
CA PRO J 120 -20.03 16.35 -23.39
C PRO J 120 -21.48 16.33 -23.92
N ASN J 121 -21.94 15.13 -24.28
CA ASN J 121 -23.23 14.96 -24.92
C ASN J 121 -24.39 14.91 -23.95
N ASN J 122 -25.54 14.47 -24.47
CA ASN J 122 -26.71 14.18 -23.65
C ASN J 122 -26.61 12.78 -23.10
N ASP J 123 -25.67 12.03 -23.65
CA ASP J 123 -25.52 10.63 -23.32
C ASP J 123 -25.10 10.48 -21.88
N PHE J 124 -24.33 11.43 -21.38
CA PHE J 124 -23.63 11.20 -20.12
C PHE J 124 -24.32 11.77 -18.91
N SER J 125 -25.59 12.12 -19.06
CA SER J 125 -26.38 12.61 -17.96
C SER J 125 -26.69 11.44 -17.04
N ILE J 126 -26.56 11.65 -15.74
CA ILE J 126 -26.78 10.57 -14.79
C ILE J 126 -28.26 10.40 -14.49
N ASN J 127 -28.84 9.34 -15.05
CA ASN J 127 -30.26 9.05 -14.86
C ASN J 127 -30.52 7.58 -15.12
N PRO J 128 -31.27 6.94 -14.23
CA PRO J 128 -31.37 5.49 -14.31
C PRO J 128 -31.92 4.98 -15.63
N LEU J 129 -32.60 5.81 -16.41
CA LEU J 129 -33.21 5.31 -17.65
C LEU J 129 -32.27 5.53 -18.82
N ASN J 130 -31.02 5.82 -18.49
CA ASN J 130 -30.02 6.12 -19.50
C ASN J 130 -29.08 4.95 -19.70
N PRO J 131 -29.32 4.17 -20.75
CA PRO J 131 -28.65 2.89 -20.95
C PRO J 131 -27.18 3.10 -21.21
N PHE J 132 -26.74 4.34 -21.34
CA PHE J 132 -25.34 4.50 -21.61
C PHE J 132 -24.52 4.28 -20.36
N LEU J 133 -24.93 4.93 -19.28
CA LEU J 133 -24.32 4.72 -17.97
C LEU J 133 -24.90 3.52 -17.24
N PHE J 134 -26.15 3.18 -17.50
CA PHE J 134 -26.76 2.11 -16.74
C PHE J 134 -27.43 1.03 -17.58
N PRO J 135 -26.61 0.20 -18.25
CA PRO J 135 -27.11 -0.79 -19.19
C PRO J 135 -27.90 -1.86 -18.46
N TRP J 136 -27.62 -2.02 -17.18
CA TRP J 136 -28.26 -3.07 -16.42
C TRP J 136 -29.45 -2.50 -15.69
N LEU J 137 -29.22 -1.39 -14.98
CA LEU J 137 -30.24 -0.73 -14.17
C LEU J 137 -31.47 -0.34 -14.97
N VAL J 138 -31.25 0.00 -16.24
CA VAL J 138 -32.33 0.49 -17.09
C VAL J 138 -33.52 -0.50 -17.14
N ASN J 139 -33.25 -1.80 -17.10
CA ASN J 139 -34.31 -2.79 -17.10
C ASN J 139 -35.20 -2.68 -15.88
N ILE J 140 -34.61 -2.31 -14.76
CA ILE J 140 -35.38 -2.15 -13.54
C ILE J 140 -36.05 -0.77 -13.49
N ALA J 141 -35.28 0.25 -13.87
CA ALA J 141 -35.75 1.63 -13.85
C ALA J 141 -36.93 1.84 -14.75
N ALA J 142 -37.03 1.03 -15.81
CA ALA J 142 -38.14 1.14 -16.73
C ALA J 142 -39.47 0.96 -16.00
N ASN J 143 -39.44 0.24 -14.87
CA ASN J 143 -40.64 -0.06 -14.10
C ASN J 143 -41.05 0.98 -13.06
N PHE J 144 -40.30 2.07 -12.95
CA PHE J 144 -40.53 3.04 -11.87
C PHE J 144 -40.61 4.48 -12.36
N ASP J 145 -41.04 5.37 -11.47
CA ASP J 145 -41.24 6.76 -11.82
C ASP J 145 -40.13 7.67 -11.30
N GLN J 146 -39.64 7.41 -10.09
CA GLN J 146 -38.67 8.30 -9.49
C GLN J 146 -37.50 7.52 -8.93
N TYR J 147 -36.40 8.24 -8.73
CA TYR J 147 -35.14 7.65 -8.27
C TYR J 147 -34.38 8.60 -7.35
N LYS J 148 -33.51 8.03 -6.54
CA LYS J 148 -32.67 8.77 -5.62
C LYS J 148 -31.42 7.95 -5.40
N PHE J 149 -30.29 8.50 -5.80
CA PHE J 149 -29.03 7.79 -5.57
C PHE J 149 -28.59 8.00 -4.15
N ASN J 150 -28.11 6.93 -3.52
CA ASN J 150 -27.52 7.03 -2.19
C ASN J 150 -26.02 6.99 -2.25
N SER J 151 -25.49 6.28 -3.24
CA SER J 151 -24.06 6.15 -3.41
C SER J 151 -23.77 6.11 -4.90
N LEU J 152 -22.66 6.71 -5.32
CA LEU J 152 -22.32 6.69 -6.73
C LEU J 152 -20.83 6.92 -6.95
N ARG J 153 -20.21 5.96 -7.64
CA ARG J 153 -18.79 6.00 -7.94
C ARG J 153 -18.60 5.56 -9.37
N PHE J 154 -17.58 6.08 -10.01
CA PHE J 154 -17.16 5.58 -11.32
C PHE J 154 -15.76 5.04 -11.13
N GLU J 155 -15.38 4.09 -11.95
CA GLU J 155 -14.17 3.32 -11.70
C GLU J 155 -13.49 3.14 -13.02
N TYR J 156 -12.17 3.22 -13.02
CA TYR J 156 -11.39 3.04 -14.24
C TYR J 156 -10.44 1.91 -13.99
N VAL J 157 -10.49 0.90 -14.85
CA VAL J 157 -9.53 -0.19 -14.73
C VAL J 157 -8.73 -0.34 -16.02
N PRO J 158 -7.40 -0.19 -15.93
CA PRO J 158 -6.50 -0.06 -17.07
C PRO J 158 -6.43 -1.28 -18.00
N LEU J 159 -6.60 -1.04 -19.29
CA LEU J 159 -6.46 -2.08 -20.30
C LEU J 159 -5.04 -2.05 -20.80
N VAL J 160 -4.33 -1.01 -20.39
CA VAL J 160 -3.04 -0.66 -20.96
C VAL J 160 -1.91 -0.94 -19.97
N ASN J 161 -0.69 -1.08 -20.50
CA ASN J 161 0.42 -1.52 -19.67
C ASN J 161 1.21 -0.36 -19.11
N THR J 162 2.14 -0.69 -18.24
CA THR J 162 2.82 0.28 -17.40
C THR J 162 3.74 1.29 -18.14
N THR J 163 4.04 1.04 -19.41
CA THR J 163 4.97 1.91 -20.12
C THR J 163 4.20 2.93 -20.92
N THR J 164 2.89 2.98 -20.69
CA THR J 164 2.04 3.92 -21.40
C THR J 164 2.13 5.32 -20.80
N ASN J 165 2.41 6.33 -21.62
CA ASN J 165 2.37 7.69 -21.11
C ASN J 165 0.96 8.20 -21.07
N GLY J 166 0.78 9.37 -20.49
CA GLY J 166 -0.49 10.03 -20.58
C GLY J 166 -1.23 10.32 -19.28
N ARG J 167 -2.52 10.55 -19.43
CA ARG J 167 -3.36 10.99 -18.36
C ARG J 167 -4.75 10.56 -18.71
N VAL J 168 -5.46 10.03 -17.72
CA VAL J 168 -6.92 9.92 -17.81
C VAL J 168 -7.48 10.65 -16.61
N ALA J 169 -8.62 11.31 -16.80
CA ALA J 169 -9.26 12.03 -15.74
C ALA J 169 -10.73 11.64 -15.76
N LEU J 170 -11.30 11.47 -14.59
CA LEU J 170 -12.73 11.32 -14.49
C LEU J 170 -13.28 12.54 -13.79
N TYR J 171 -14.36 13.11 -14.28
CA TYR J 171 -14.94 14.22 -13.57
C TYR J 171 -16.47 14.14 -13.50
N PHE J 172 -17.04 15.07 -12.74
CA PHE J 172 -18.47 15.12 -12.55
C PHE J 172 -18.85 16.57 -12.33
N ASP J 173 -19.83 17.06 -13.07
CA ASP J 173 -20.39 18.39 -12.78
C ASP J 173 -21.86 18.20 -12.37
N LYS J 174 -22.30 18.94 -11.36
CA LYS J 174 -23.69 18.87 -10.92
C LYS J 174 -24.67 19.34 -12.03
N ASP J 175 -24.23 20.31 -12.84
CA ASP J 175 -25.04 20.82 -13.94
C ASP J 175 -25.02 19.83 -15.06
N SER J 176 -26.17 19.21 -15.28
CA SER J 176 -26.30 18.15 -16.27
C SER J 176 -25.94 18.61 -17.67
N GLU J 177 -26.13 19.90 -17.95
CA GLU J 177 -25.77 20.45 -19.26
C GLU J 177 -24.54 21.36 -19.22
N ASP J 178 -23.62 21.03 -18.32
CA ASP J 178 -22.30 21.67 -18.25
C ASP J 178 -21.58 21.48 -19.58
N PRO J 179 -20.94 22.54 -20.08
CA PRO J 179 -20.24 22.49 -21.38
C PRO J 179 -19.07 21.51 -21.42
N GLY J 180 -18.37 21.33 -20.31
CA GLY J 180 -17.13 20.58 -20.33
C GLY J 180 -15.92 21.49 -20.38
N PRO J 181 -14.76 20.98 -19.99
CA PRO J 181 -13.53 21.77 -19.96
C PRO J 181 -12.83 21.87 -21.32
N ASP J 182 -12.14 22.98 -21.55
CA ASP J 182 -11.46 23.20 -22.83
C ASP J 182 -10.03 22.73 -22.77
N ASP J 183 -9.31 23.15 -21.75
CA ASP J 183 -7.91 22.79 -21.62
C ASP J 183 -7.68 21.95 -20.35
N ARG J 184 -6.46 21.51 -20.15
CA ARG J 184 -6.16 20.66 -19.02
C ARG J 184 -6.14 21.45 -17.72
N ALA J 185 -6.18 22.79 -17.82
CA ALA J 185 -6.14 23.64 -16.63
C ALA J 185 -7.54 23.87 -16.09
N ALA J 186 -8.51 23.97 -17.00
CA ALA J 186 -9.90 24.11 -16.65
C ALA J 186 -10.45 22.79 -16.09
N LEU J 187 -9.90 21.69 -16.58
CA LEU J 187 -10.31 20.36 -16.18
C LEU J 187 -10.08 20.16 -14.70
N ALA J 188 -9.10 20.87 -14.14
CA ALA J 188 -8.73 20.66 -12.74
C ALA J 188 -9.70 21.37 -11.79
N ASN J 189 -10.45 22.36 -12.30
CA ASN J 189 -11.29 23.16 -11.43
C ASN J 189 -12.54 22.47 -10.91
N TYR J 190 -12.89 21.32 -11.49
CA TYR J 190 -14.02 20.55 -10.97
C TYR J 190 -13.80 20.12 -9.53
N ALA J 191 -14.89 20.09 -8.79
CA ALA J 191 -14.81 19.73 -7.38
C ALA J 191 -14.55 18.26 -7.32
N HIS J 192 -15.08 17.55 -8.30
CA HIS J 192 -15.00 16.10 -8.29
C HIS J 192 -14.23 15.55 -9.46
N LEU J 193 -12.95 15.29 -9.21
CA LEU J 193 -12.04 14.95 -10.28
C LEU J 193 -11.11 13.87 -9.80
N SER J 194 -10.64 13.04 -10.72
CA SER J 194 -9.58 12.08 -10.42
C SER J 194 -8.67 12.00 -11.60
N GLU J 195 -7.42 12.40 -11.43
CA GLU J 195 -6.46 12.24 -12.50
C GLU J 195 -5.42 11.16 -12.16
N ILE J 196 -5.13 10.24 -13.07
CA ILE J 196 -4.00 9.34 -12.89
C ILE J 196 -3.28 8.98 -14.19
N SER J 197 -2.17 8.26 -14.03
CA SER J 197 -1.47 7.66 -15.15
C SER J 197 -2.42 6.59 -15.68
N PRO J 198 -2.49 6.44 -17.00
CA PRO J 198 -3.49 5.54 -17.61
C PRO J 198 -3.30 4.07 -17.28
N TRP J 199 -2.17 3.70 -16.70
CA TRP J 199 -1.94 2.29 -16.37
C TRP J 199 -2.37 1.90 -14.96
N ALA J 200 -3.06 2.81 -14.26
CA ALA J 200 -3.41 2.64 -12.86
C ALA J 200 -4.93 2.76 -12.61
N ILE J 201 -5.39 2.21 -11.49
CA ILE J 201 -6.80 2.25 -11.14
C ILE J 201 -7.08 3.57 -10.49
N THR J 202 -8.35 3.97 -10.50
CA THR J 202 -8.76 5.18 -9.80
C THR J 202 -10.25 5.12 -9.68
N LYS J 203 -10.79 5.76 -8.64
CA LYS J 203 -12.23 5.88 -8.47
C LYS J 203 -12.60 7.33 -8.38
N LEU J 204 -13.81 7.67 -8.83
CA LEU J 204 -14.33 9.01 -8.66
C LEU J 204 -15.57 8.88 -7.83
N THR J 205 -15.61 9.48 -6.66
CA THR J 205 -16.82 9.39 -5.85
C THR J 205 -17.64 10.65 -6.04
N VAL J 206 -18.87 10.50 -6.56
CA VAL J 206 -19.74 11.65 -6.85
C VAL J 206 -20.73 11.84 -5.73
N PRO J 207 -20.94 13.12 -5.35
CA PRO J 207 -21.80 13.46 -4.23
C PRO J 207 -23.25 13.19 -4.55
N THR J 208 -23.87 12.38 -3.72
CA THR J 208 -25.27 12.06 -3.86
C THR J 208 -26.05 13.07 -3.06
N ASP J 209 -27.11 13.63 -3.62
CA ASP J 209 -27.99 14.45 -2.80
C ASP J 209 -29.25 13.72 -2.37
N ASN J 210 -30.16 14.46 -1.74
CA ASN J 210 -31.36 13.85 -1.18
C ASN J 210 -32.68 14.36 -1.77
N VAL J 211 -32.76 14.40 -3.09
CA VAL J 211 -33.99 14.79 -3.74
C VAL J 211 -34.38 13.73 -4.79
N LYS J 212 -35.63 13.27 -4.74
CA LYS J 212 -36.14 12.36 -5.75
C LYS J 212 -36.25 13.15 -7.03
N ARG J 213 -35.89 12.52 -8.14
CA ARG J 213 -36.05 13.11 -9.47
C ARG J 213 -36.70 12.07 -10.33
N PHE J 214 -37.24 12.49 -11.47
CA PHE J 214 -37.93 11.55 -12.34
C PHE J 214 -37.02 10.67 -13.16
N ILE J 215 -37.32 9.39 -13.17
CA ILE J 215 -36.66 8.47 -14.08
C ILE J 215 -37.19 8.85 -15.45
N SER J 216 -36.31 9.25 -16.35
CA SER J 216 -36.76 9.67 -17.66
C SER J 216 -35.66 9.56 -18.67
N ASP J 217 -36.04 9.51 -19.94
CA ASP J 217 -35.07 9.54 -21.02
C ASP J 217 -34.40 10.91 -20.99
N THR J 218 -33.08 10.94 -21.13
CA THR J 218 -32.32 12.16 -20.84
C THR J 218 -32.55 13.31 -21.81
N SER J 219 -33.16 13.01 -22.95
CA SER J 219 -33.56 14.06 -23.87
C SER J 219 -35.09 14.19 -23.83
N SER J 220 -35.61 14.69 -22.72
CA SER J 220 -37.03 14.75 -22.50
C SER J 220 -37.38 15.98 -21.65
N GLY J 221 -37.18 15.87 -20.34
CA GLY J 221 -37.42 17.00 -19.45
C GLY J 221 -36.23 17.93 -19.33
N ASP J 222 -36.39 19.02 -18.59
CA ASP J 222 -35.29 19.91 -18.25
C ASP J 222 -34.21 19.11 -17.56
N PRO J 223 -33.03 19.03 -18.18
CA PRO J 223 -31.91 18.23 -17.68
C PRO J 223 -31.51 18.62 -16.27
N LYS J 224 -31.73 19.87 -15.90
CA LYS J 224 -31.46 20.32 -14.53
C LYS J 224 -32.48 19.78 -13.52
N LEU J 225 -33.63 19.33 -14.03
CA LEU J 225 -34.70 18.84 -13.16
C LEU J 225 -34.64 17.33 -13.00
N ILE J 226 -34.13 16.62 -14.00
CA ILE J 226 -34.27 15.19 -13.95
C ILE J 226 -32.96 14.44 -13.68
N ASN J 227 -31.83 15.09 -13.88
CA ASN J 227 -30.54 14.42 -13.81
C ASN J 227 -29.70 14.88 -12.61
N LEU J 228 -29.06 13.93 -11.94
CA LEU J 228 -28.18 14.25 -10.81
C LEU J 228 -27.00 15.09 -11.27
N GLY J 229 -26.63 14.91 -12.52
CA GLY J 229 -25.53 15.66 -13.09
C GLY J 229 -24.94 14.88 -14.25
N GLN J 230 -23.81 15.35 -14.77
CA GLN J 230 -23.16 14.61 -15.83
C GLN J 230 -21.81 14.04 -15.40
N PHE J 231 -21.45 12.92 -16.00
CA PHE J 231 -20.16 12.28 -15.76
C PHE J 231 -19.39 12.46 -17.04
N GLY J 232 -18.07 12.55 -16.94
CA GLY J 232 -17.27 12.78 -18.14
C GLY J 232 -15.88 12.25 -17.94
N TRP J 233 -15.11 12.14 -19.03
CA TRP J 233 -13.69 11.81 -18.90
C TRP J 233 -12.84 12.50 -19.94
N VAL J 234 -11.55 12.61 -19.65
CA VAL J 234 -10.63 13.27 -20.58
C VAL J 234 -9.39 12.42 -20.63
N ALA J 235 -8.73 12.40 -21.78
CA ALA J 235 -7.47 11.71 -21.91
C ALA J 235 -6.55 12.57 -22.77
N TYR J 236 -5.43 12.96 -22.18
CA TYR J 236 -4.48 13.76 -22.92
C TYR J 236 -3.04 13.33 -22.72
N SER J 237 -2.16 13.89 -23.54
CA SER J 237 -0.76 13.48 -23.60
C SER J 237 -0.51 12.02 -24.00
N GLY J 238 -1.02 11.68 -25.19
CA GLY J 238 -0.77 10.41 -25.88
C GLY J 238 -1.13 9.22 -25.04
N PRO J 239 -1.08 8.01 -25.62
CA PRO J 239 -0.89 7.74 -27.03
C PRO J 239 -2.28 7.64 -27.58
N THR J 240 -2.43 6.86 -28.64
CA THR J 240 -3.71 6.71 -29.28
C THR J 240 -4.12 5.25 -29.19
N ALA J 241 -4.86 4.95 -28.13
CA ALA J 241 -5.28 3.58 -27.83
C ALA J 241 -6.63 3.51 -27.09
N GLU J 242 -7.05 2.29 -26.80
CA GLU J 242 -8.17 2.08 -25.92
C GLU J 242 -7.55 1.82 -24.57
N LEU J 243 -7.60 2.83 -23.70
CA LEU J 243 -6.80 2.85 -22.48
C LEU J 243 -7.31 1.94 -21.36
N GLY J 244 -8.59 2.03 -21.03
CA GLY J 244 -9.11 1.25 -19.92
C GLY J 244 -10.62 1.15 -19.97
N ASP J 245 -11.16 0.34 -19.06
CA ASP J 245 -12.62 0.17 -18.93
C ASP J 245 -13.13 1.12 -17.84
N ILE J 246 -14.38 1.56 -17.99
CA ILE J 246 -15.00 2.39 -16.96
C ILE J 246 -16.25 1.72 -16.38
N PHE J 247 -16.27 1.54 -15.07
CA PHE J 247 -17.43 0.99 -14.44
C PHE J 247 -18.19 2.01 -13.57
N VAL J 248 -19.50 1.82 -13.43
CA VAL J 248 -20.27 2.62 -12.49
C VAL J 248 -20.73 1.72 -11.37
N GLU J 249 -20.63 2.21 -10.15
CA GLU J 249 -21.04 1.45 -8.99
C GLU J 249 -21.93 2.33 -8.16
N TYR J 250 -23.10 1.84 -7.82
CA TYR J 250 -24.09 2.72 -7.19
C TYR J 250 -25.00 2.00 -6.22
N THR J 251 -25.78 2.79 -5.48
CA THR J 251 -26.91 2.26 -4.74
C THR J 251 -28.08 3.22 -4.93
N VAL J 252 -29.17 2.74 -5.50
CA VAL J 252 -30.31 3.62 -5.74
C VAL J 252 -31.56 3.16 -5.05
N ASP J 253 -32.42 4.12 -4.77
CA ASP J 253 -33.76 3.85 -4.34
C ASP J 253 -34.68 4.22 -5.50
N LEU J 254 -35.55 3.30 -5.89
CA LEU J 254 -36.53 3.59 -6.93
C LEU J 254 -37.91 3.68 -6.34
N PHE J 255 -38.68 4.66 -6.79
CA PHE J 255 -39.97 4.92 -6.19
C PHE J 255 -41.07 4.88 -7.22
N GLU J 256 -42.24 4.46 -6.76
CA GLU J 256 -43.48 4.55 -7.52
C GLU J 256 -43.46 3.68 -8.77
N ALA J 257 -44.08 2.52 -8.68
CA ALA J 257 -44.16 1.65 -9.84
C ALA J 257 -45.16 2.14 -10.89
N GLN J 258 -44.81 1.91 -12.14
CA GLN J 258 -45.61 2.38 -13.27
C GLN J 258 -45.56 1.27 -14.30
N PRO J 259 -46.41 1.33 -15.33
CA PRO J 259 -46.28 0.35 -16.42
C PRO J 259 -44.93 0.48 -17.12
N THR J 260 -44.35 -0.63 -17.55
CA THR J 260 -42.95 -0.66 -17.97
C THR J 260 -42.71 0.22 -19.18
N SER J 261 -41.81 1.17 -19.05
CA SER J 261 -41.35 1.95 -20.20
C SER J 261 -40.67 1.00 -21.20
N PRO J 262 -40.78 1.27 -22.50
CA PRO J 262 -40.34 0.29 -23.48
C PRO J 262 -38.83 0.03 -23.47
N LEU J 263 -38.46 -1.26 -23.45
CA LEU J 263 -37.05 -1.65 -23.36
C LEU J 263 -36.48 -2.08 -24.73
N LEU J 264 -36.93 -1.37 -25.76
CA LEU J 264 -36.40 -1.58 -27.08
C LEU J 264 -36.20 -0.21 -27.72
N GLU J 265 -35.64 -0.19 -28.91
CA GLU J 265 -35.57 1.06 -29.63
C GLU J 265 -36.38 0.97 -30.92
N SER J 266 -37.05 2.07 -31.27
CA SER J 266 -37.67 2.17 -32.56
C SER J 266 -37.26 3.52 -33.12
N LEU J 267 -36.25 3.50 -33.97
CA LEU J 267 -35.77 4.71 -34.62
C LEU J 267 -36.19 4.69 -36.08
N PHE J 268 -36.88 5.73 -36.51
CA PHE J 268 -37.45 5.81 -37.85
C PHE J 268 -37.13 7.14 -38.48
N ARG J 269 -36.87 7.13 -39.78
CA ARG J 269 -36.65 8.38 -40.51
C ARG J 269 -37.25 8.37 -41.91
N GLU J 270 -37.83 9.51 -42.28
CA GLU J 270 -38.01 9.90 -43.66
C GLU J 270 -37.30 11.26 -43.78
N SER J 271 -36.66 11.60 -44.91
CA SER J 271 -36.59 10.86 -46.19
C SER J 271 -37.93 10.55 -46.86
N ALA J 272 -38.58 11.56 -47.41
CA ALA J 272 -38.05 12.92 -47.39
C ALA J 272 -38.94 13.86 -46.56
N SER J 273 -38.32 14.41 -45.51
CA SER J 273 -38.92 15.42 -44.62
C SER J 273 -37.86 15.79 -43.59
N SER J 274 -36.73 15.07 -43.66
CA SER J 274 -35.58 15.27 -42.78
C SER J 274 -35.84 15.01 -41.28
N VAL J 275 -37.07 14.67 -40.93
CA VAL J 275 -37.41 14.41 -39.53
C VAL J 275 -37.15 12.94 -39.18
N GLN J 276 -36.72 12.70 -37.95
CA GLN J 276 -36.54 11.35 -37.48
C GLN J 276 -37.00 11.25 -36.05
N THR J 277 -37.73 10.18 -35.75
CA THR J 277 -38.29 10.01 -34.42
C THR J 277 -37.77 8.75 -33.75
N ARG J 278 -37.28 8.93 -32.52
CA ARG J 278 -36.81 7.81 -31.73
C ARG J 278 -37.82 7.44 -30.67
N MET J 279 -37.95 6.15 -30.43
CA MET J 279 -38.88 5.67 -29.43
C MET J 279 -38.16 4.62 -28.61
N GLY J 280 -38.12 4.81 -27.29
CA GLY J 280 -37.43 3.89 -26.40
C GLY J 280 -35.98 4.26 -26.17
N LEU J 281 -35.19 3.29 -25.72
CA LEU J 281 -33.80 3.54 -25.33
C LEU J 281 -32.90 3.90 -26.50
N PRO J 282 -32.05 4.90 -26.30
CA PRO J 282 -31.16 5.39 -27.35
C PRO J 282 -29.95 4.50 -27.56
N TYR J 283 -30.17 3.24 -27.90
CA TYR J 283 -29.08 2.35 -28.24
C TYR J 283 -28.31 2.81 -29.48
N PHE J 284 -29.01 2.93 -30.60
CA PHE J 284 -28.38 3.39 -31.84
C PHE J 284 -28.83 4.78 -32.26
N SER J 285 -27.94 5.50 -32.95
CA SER J 285 -28.25 6.78 -33.56
C SER J 285 -28.23 6.62 -35.05
N LEU J 286 -28.93 7.50 -35.75
CA LEU J 286 -28.87 7.48 -37.21
C LEU J 286 -27.89 8.53 -37.70
N GLU J 287 -26.82 8.08 -38.37
CA GLU J 287 -25.73 8.96 -38.76
C GLU J 287 -25.84 9.47 -40.18
N VAL J 288 -25.94 8.58 -41.15
CA VAL J 288 -26.18 8.98 -42.53
C VAL J 288 -27.40 8.31 -43.17
N ALA J 289 -28.17 9.12 -43.87
CA ALA J 289 -29.33 8.64 -44.58
C ALA J 289 -29.35 9.19 -46.00
N SER J 290 -28.70 8.48 -46.91
CA SER J 290 -28.73 8.83 -48.33
C SER J 290 -29.42 7.71 -49.06
N ALA J 291 -29.69 7.92 -50.34
CA ALA J 291 -30.26 6.85 -51.16
C ALA J 291 -29.19 5.78 -51.36
N THR J 292 -27.93 6.19 -51.30
CA THR J 292 -26.79 5.33 -51.55
C THR J 292 -26.46 4.46 -50.33
N ASP J 293 -26.26 5.10 -49.18
CA ASP J 293 -25.82 4.41 -47.98
C ASP J 293 -26.73 4.64 -46.77
N LEU J 294 -26.59 3.76 -45.78
CA LEU J 294 -27.40 3.80 -44.56
C LEU J 294 -26.57 3.32 -43.37
N VAL J 295 -26.08 4.25 -42.54
CA VAL J 295 -25.32 3.86 -41.36
C VAL J 295 -25.90 4.31 -40.02
N TRP J 296 -25.79 3.42 -39.02
CA TRP J 296 -26.32 3.66 -37.66
C TRP J 296 -25.13 3.45 -36.79
N GLN J 297 -25.03 4.30 -35.77
CA GLN J 297 -23.93 4.22 -34.85
C GLN J 297 -24.41 3.61 -33.55
N ALA J 298 -23.67 2.62 -33.08
CA ALA J 298 -24.01 1.96 -31.83
C ALA J 298 -23.39 2.76 -30.68
N ARG J 299 -24.24 3.31 -29.82
CA ARG J 299 -23.77 4.11 -28.70
C ARG J 299 -23.46 3.23 -27.50
N VAL J 300 -24.31 2.25 -27.29
CA VAL J 300 -24.26 1.49 -26.08
C VAL J 300 -23.71 0.10 -26.36
N PRO J 301 -22.57 -0.23 -25.73
CA PRO J 301 -21.90 -1.51 -25.92
C PRO J 301 -22.82 -2.68 -25.59
N GLY J 302 -22.59 -3.80 -26.26
CA GLY J 302 -23.30 -5.04 -25.95
C GLY J 302 -23.76 -5.84 -27.16
N THR J 303 -24.47 -6.92 -26.89
CA THR J 303 -25.03 -7.73 -27.94
C THR J 303 -26.50 -7.41 -28.18
N TYR J 304 -26.88 -7.23 -29.44
CA TYR J 304 -28.27 -6.85 -29.77
C TYR J 304 -28.85 -7.74 -30.85
N VAL J 305 -30.18 -7.80 -30.92
CA VAL J 305 -30.85 -8.19 -32.16
C VAL J 305 -31.42 -6.94 -32.82
N VAL J 306 -31.10 -6.73 -34.09
CA VAL J 306 -31.61 -5.57 -34.78
C VAL J 306 -32.51 -5.93 -35.97
N THR J 307 -33.53 -5.14 -36.18
CA THR J 307 -34.34 -5.26 -37.38
C THR J 307 -34.34 -3.92 -38.10
N ILE J 308 -33.71 -3.90 -39.27
CA ILE J 308 -33.71 -2.72 -40.07
C ILE J 308 -34.55 -2.99 -41.29
N ILE J 309 -35.48 -2.08 -41.56
CA ILE J 309 -36.33 -2.15 -42.74
C ILE J 309 -36.37 -0.79 -43.43
N PHE J 310 -36.28 -0.83 -44.76
CA PHE J 310 -36.24 0.41 -45.52
C PHE J 310 -36.92 0.30 -46.88
N ASN J 311 -37.27 1.47 -47.42
CA ASN J 311 -37.81 1.58 -48.77
C ASN J 311 -36.71 1.93 -49.76
N SER J 312 -36.40 0.97 -50.64
CA SER J 312 -35.43 1.16 -51.69
C SER J 312 -36.15 1.08 -53.05
N THR J 313 -35.42 1.03 -54.17
CA THR J 313 -35.96 0.71 -55.50
C THR J 313 -34.94 -0.17 -56.20
N VAL J 314 -35.29 -1.43 -56.41
CA VAL J 314 -34.34 -2.45 -56.83
C VAL J 314 -33.44 -2.95 -55.70
N GLY J 315 -33.03 -2.03 -54.85
CA GLY J 315 -32.31 -2.39 -53.65
C GLY J 315 -31.07 -3.22 -53.81
N GLY J 316 -30.98 -4.26 -52.99
CA GLY J 316 -29.72 -4.94 -52.76
C GLY J 316 -29.02 -4.17 -51.65
N LEU J 317 -28.16 -4.84 -50.90
CA LEU J 317 -27.53 -4.20 -49.76
C LEU J 317 -26.29 -4.94 -49.32
N THR J 318 -25.43 -4.24 -48.60
CA THR J 318 -24.19 -4.82 -48.10
C THR J 318 -23.91 -4.39 -46.66
N PRO J 319 -24.01 -5.35 -45.72
CA PRO J 319 -23.78 -5.10 -44.29
C PRO J 319 -22.30 -5.05 -43.96
N SER J 320 -21.92 -4.13 -43.09
CA SER J 320 -20.53 -4.02 -42.65
C SER J 320 -20.46 -3.27 -41.32
N ILE J 321 -19.67 -3.77 -40.37
CA ILE J 321 -19.50 -3.09 -39.11
C ILE J 321 -18.17 -2.39 -39.01
N SER J 322 -18.25 -1.07 -38.99
CA SER J 322 -17.07 -0.23 -38.99
C SER J 322 -16.58 -0.01 -37.57
N GLY J 323 -15.63 -0.84 -37.16
CA GLY J 323 -14.96 -0.59 -35.90
C GLY J 323 -15.12 -1.76 -34.98
N GLY J 324 -15.06 -1.48 -33.68
CA GLY J 324 -15.27 -2.53 -32.70
C GLY J 324 -16.69 -3.07 -32.78
N GLY J 325 -16.90 -4.05 -33.66
CA GLY J 325 -18.20 -4.66 -33.80
C GLY J 325 -18.06 -6.06 -34.32
N THR J 326 -19.19 -6.73 -34.55
CA THR J 326 -19.23 -8.08 -35.12
C THR J 326 -20.65 -8.51 -35.47
N ILE J 327 -20.86 -8.95 -36.70
CA ILE J 327 -22.11 -9.62 -37.05
C ILE J 327 -21.96 -11.09 -36.69
N ASN J 328 -22.88 -11.62 -35.90
CA ASN J 328 -22.80 -13.01 -35.45
C ASN J 328 -23.78 -13.88 -36.23
N SER J 329 -24.91 -13.26 -36.60
CA SER J 329 -25.98 -13.94 -37.30
C SER J 329 -26.64 -12.93 -38.21
N SER J 330 -26.76 -13.25 -39.50
CA SER J 330 -27.24 -12.28 -40.46
C SER J 330 -28.37 -12.87 -41.31
N PHE J 331 -29.36 -12.05 -41.62
CA PHE J 331 -30.41 -12.41 -42.56
C PHE J 331 -30.83 -11.19 -43.35
N SER J 332 -30.96 -11.34 -44.66
CA SER J 332 -31.45 -10.25 -45.49
C SER J 332 -32.41 -10.74 -46.56
N VAL J 333 -33.30 -9.84 -46.97
CA VAL J 333 -34.23 -10.07 -48.05
C VAL J 333 -34.43 -8.73 -48.73
N SER J 334 -33.97 -8.61 -49.96
CA SER J 334 -33.96 -7.32 -50.64
C SER J 334 -34.53 -7.35 -52.05
N THR J 335 -35.67 -6.71 -52.21
CA THR J 335 -36.30 -6.55 -53.52
C THR J 335 -36.51 -5.07 -53.80
N ALA J 336 -37.23 -4.78 -54.87
CA ALA J 336 -37.58 -3.40 -55.18
C ALA J 336 -38.69 -2.95 -54.27
N GLY J 337 -38.66 -1.68 -53.90
CA GLY J 337 -39.70 -1.08 -53.08
C GLY J 337 -39.45 -1.16 -51.57
N SER J 338 -38.90 -2.29 -51.13
CA SER J 338 -38.72 -2.52 -49.71
C SER J 338 -37.81 -3.71 -49.45
N SER J 339 -36.91 -3.56 -48.47
CA SER J 339 -36.00 -4.63 -48.10
C SER J 339 -35.87 -4.70 -46.57
N ALA J 340 -35.44 -5.84 -46.05
CA ALA J 340 -35.35 -6.02 -44.61
C ALA J 340 -34.07 -6.71 -44.20
N TYR J 341 -33.45 -6.18 -43.15
CA TYR J 341 -32.24 -6.77 -42.57
C TYR J 341 -32.44 -7.16 -41.11
N VAL J 342 -32.13 -8.40 -40.76
CA VAL J 342 -32.21 -8.84 -39.38
C VAL J 342 -30.91 -9.49 -38.92
N ALA J 343 -30.32 -8.93 -37.85
CA ALA J 343 -29.00 -9.37 -37.42
C ALA J 343 -28.83 -9.43 -35.91
N ASN J 344 -27.94 -10.32 -35.49
CA ASN J 344 -27.52 -10.42 -34.12
C ASN J 344 -26.07 -9.97 -34.03
N ILE J 345 -25.86 -8.79 -33.47
CA ILE J 345 -24.53 -8.19 -33.49
C ILE J 345 -24.00 -7.87 -32.10
N THR J 346 -22.68 -7.66 -32.03
CA THR J 346 -22.02 -7.26 -30.79
C THR J 346 -21.14 -6.04 -31.03
N ILE J 347 -21.41 -4.97 -30.29
CA ILE J 347 -20.68 -3.72 -30.45
C ILE J 347 -20.04 -3.35 -29.13
N ARG J 348 -18.85 -2.77 -29.16
CA ARG J 348 -18.14 -2.54 -27.90
C ARG J 348 -17.60 -1.11 -27.71
N VAL J 349 -17.56 -0.37 -28.82
CA VAL J 349 -17.27 1.05 -28.77
C VAL J 349 -18.27 1.63 -29.76
N ASN J 350 -18.23 2.94 -29.97
CA ASN J 350 -18.99 3.58 -31.03
C ASN J 350 -18.66 3.03 -32.40
N ALA J 351 -19.18 1.85 -32.71
CA ALA J 351 -18.99 1.27 -34.04
C ALA J 351 -20.24 1.54 -34.85
N ASN J 352 -20.06 1.80 -36.14
CA ASN J 352 -21.19 1.92 -37.06
C ASN J 352 -21.46 0.58 -37.75
N LEU J 353 -22.71 0.33 -38.07
CA LEU J 353 -23.00 -0.74 -38.98
C LEU J 353 -23.60 -0.08 -40.22
N SER J 354 -23.14 -0.53 -41.38
CA SER J 354 -23.45 0.15 -42.61
C SER J 354 -24.19 -0.76 -43.56
N LEU J 355 -25.32 -0.27 -44.03
CA LEU J 355 -25.99 -0.83 -45.18
C LEU J 355 -25.71 0.10 -46.34
N SER J 356 -24.93 -0.39 -47.31
CA SER J 356 -24.29 0.52 -48.25
C SER J 356 -24.56 0.28 -49.74
N GLY J 357 -24.84 -0.97 -50.11
CA GLY J 357 -25.10 -1.29 -51.50
C GLY J 357 -26.36 -0.64 -52.06
N LEU J 358 -27.05 0.12 -51.22
CA LEU J 358 -28.36 0.67 -51.54
C LEU J 358 -28.39 1.51 -52.82
N THR J 359 -29.48 1.38 -53.57
CA THR J 359 -29.76 2.28 -54.69
C THR J 359 -31.14 2.88 -54.56
N GLY J 360 -31.21 4.20 -54.54
CA GLY J 360 -32.48 4.89 -54.43
C GLY J 360 -33.31 4.49 -53.23
N ALA J 361 -32.80 4.79 -52.04
CA ALA J 361 -33.47 4.43 -50.80
C ALA J 361 -34.06 5.68 -50.15
N THR J 362 -35.10 5.51 -49.33
CA THR J 362 -35.62 6.66 -48.54
C THR J 362 -35.97 6.37 -47.10
N ASN J 363 -37.21 5.96 -46.83
CA ASN J 363 -37.63 5.65 -45.45
C ASN J 363 -36.91 4.44 -44.89
N ALA J 364 -36.40 4.57 -43.67
CA ALA J 364 -35.71 3.47 -43.01
C ALA J 364 -36.09 3.48 -41.55
N GLN J 365 -36.27 2.28 -41.01
CA GLN J 365 -36.56 2.16 -39.58
C GLN J 365 -35.74 1.07 -38.93
N LEU J 366 -35.28 1.36 -37.70
CA LEU J 366 -34.45 0.44 -36.90
C LEU J 366 -35.16 0.00 -35.65
N PHE J 367 -35.15 -1.32 -35.41
CA PHE J 367 -35.64 -1.86 -34.16
C PHE J 367 -34.49 -2.55 -33.47
N ALA J 368 -34.19 -2.14 -32.25
CA ALA J 368 -33.05 -2.73 -31.55
C ALA J 368 -33.47 -3.21 -30.17
N VAL J 369 -32.92 -4.33 -29.73
CA VAL J 369 -33.23 -4.83 -28.41
C VAL J 369 -32.11 -5.65 -27.85
N ARG J 370 -31.77 -5.38 -26.61
CA ARG J 370 -30.72 -6.07 -25.89
C ARG J 370 -30.90 -7.58 -25.88
N ALA J 371 -30.06 -8.28 -26.62
CA ALA J 371 -30.11 -9.75 -26.63
C ALA J 371 -28.78 -10.42 -26.30
N ILE J 372 -28.71 -11.72 -26.54
CA ILE J 372 -27.48 -12.48 -26.40
C ILE J 372 -27.14 -13.23 -27.67
N THR J 373 -25.97 -13.84 -27.70
CA THR J 373 -25.50 -14.47 -28.92
C THR J 373 -26.31 -15.69 -29.35
N GLU J 374 -26.83 -16.48 -28.41
CA GLU J 374 -27.64 -17.64 -28.78
C GLU J 374 -29.03 -17.27 -29.25
N ASN J 375 -29.33 -15.98 -29.29
CA ASN J 375 -30.56 -15.54 -29.93
C ASN J 375 -30.22 -15.33 -31.38
N ALA J 376 -29.62 -16.33 -32.01
CA ALA J 376 -29.07 -16.18 -33.37
C ALA J 376 -30.13 -16.22 -34.47
N VAL J 377 -29.99 -15.37 -35.46
CA VAL J 377 -30.85 -15.47 -36.64
C VAL J 377 -30.42 -16.77 -37.34
N GLN J 378 -31.38 -17.51 -37.88
CA GLN J 378 -31.09 -18.86 -38.39
C GLN J 378 -31.64 -19.10 -39.79
N VAL J 379 -32.60 -18.28 -40.19
CA VAL J 379 -33.13 -18.31 -41.54
C VAL J 379 -32.15 -17.55 -42.42
N VAL J 380 -32.05 -17.95 -43.69
CA VAL J 380 -31.19 -17.28 -44.65
C VAL J 380 -31.63 -17.52 -46.09
N ALA K 90 -21.36 21.24 5.50
CA ALA K 90 -20.71 20.96 4.22
C ALA K 90 -19.37 21.68 4.07
N LYS K 91 -18.51 21.12 3.21
CA LYS K 91 -17.20 21.73 2.99
C LYS K 91 -16.75 21.75 1.53
N GLY K 92 -17.71 21.78 0.63
CA GLY K 92 -17.47 22.29 -0.71
C GLY K 92 -18.29 23.55 -0.76
N SER K 93 -18.85 23.90 0.41
CA SER K 93 -19.79 25.01 0.55
C SER K 93 -19.17 26.30 1.08
N VAL K 94 -19.14 27.32 0.24
CA VAL K 94 -18.67 28.63 0.68
C VAL K 94 -19.85 29.56 1.00
N ARG K 95 -19.73 30.38 2.03
CA ARG K 95 -20.83 31.29 2.35
C ARG K 95 -20.45 32.76 2.38
N ILE K 96 -21.13 33.56 1.58
CA ILE K 96 -20.79 34.96 1.43
C ILE K 96 -21.90 35.90 1.93
N THR K 97 -21.49 36.90 2.73
CA THR K 97 -22.40 37.98 3.11
C THR K 97 -21.86 39.29 2.55
N HIS K 98 -22.70 40.05 1.85
CA HIS K 98 -22.23 41.27 1.20
C HIS K 98 -23.36 42.22 0.82
N ARG K 99 -22.99 43.47 0.54
CA ARG K 99 -23.93 44.49 0.06
CA ARG K 99 -23.92 44.49 0.07
C ARG K 99 -23.31 45.17 -1.14
N GLU K 100 -23.95 44.98 -2.30
CA GLU K 100 -23.47 45.59 -3.54
C GLU K 100 -24.50 46.46 -4.28
N TYR K 101 -24.08 47.00 -5.43
CA TYR K 101 -24.91 47.97 -6.15
C TYR K 101 -25.81 47.38 -7.23
N VAL K 102 -27.12 47.50 -7.08
CA VAL K 102 -28.04 47.04 -8.11
C VAL K 102 -28.04 48.03 -9.27
N SER K 103 -28.73 49.15 -9.06
CA SER K 103 -28.94 50.10 -10.13
C SER K 103 -29.43 51.41 -9.55
N VAL K 104 -29.45 52.45 -10.38
CA VAL K 104 -30.04 53.71 -9.99
C VAL K 104 -31.52 53.67 -10.37
N LEU K 105 -32.39 54.08 -9.43
CA LEU K 105 -33.83 54.11 -9.64
C LEU K 105 -34.17 55.44 -10.21
N SER K 106 -34.64 55.47 -11.46
CA SER K 106 -34.94 56.76 -12.09
C SER K 106 -36.37 56.82 -12.52
N GLY K 107 -36.88 58.04 -12.61
CA GLY K 107 -38.23 58.30 -13.04
C GLY K 107 -38.30 59.31 -14.19
N THR K 108 -39.37 59.26 -14.95
CA THR K 108 -39.62 60.28 -15.94
C THR K 108 -40.96 60.91 -15.61
N ASN K 109 -41.07 62.20 -15.87
CA ASN K 109 -42.22 62.99 -15.44
C ASN K 109 -43.53 62.52 -16.07
N GLY K 110 -44.53 62.31 -15.23
CA GLY K 110 -45.82 61.86 -15.72
C GLY K 110 -45.77 60.55 -16.49
N GLU K 111 -45.02 59.60 -15.96
CA GLU K 111 -45.01 58.26 -16.53
C GLU K 111 -44.95 57.26 -15.40
N PHE K 112 -45.28 56.00 -15.70
CA PHE K 112 -45.18 54.94 -14.72
C PHE K 112 -43.73 54.53 -14.56
N LEU K 113 -43.13 54.06 -15.65
CA LEU K 113 -41.71 53.74 -15.64
C LEU K 113 -41.31 52.65 -14.64
N ARG K 114 -41.47 51.42 -15.11
CA ARG K 114 -41.08 50.25 -14.35
C ARG K 114 -39.68 49.90 -14.81
N ASN K 115 -38.79 49.66 -13.86
CA ASN K 115 -37.40 49.30 -14.15
C ASN K 115 -36.72 50.26 -15.10
N ASN K 116 -36.88 51.55 -14.89
CA ASN K 116 -36.22 52.55 -15.73
C ASN K 116 -36.58 52.48 -17.21
N GLY K 117 -37.66 51.78 -17.52
CA GLY K 117 -38.13 51.68 -18.88
C GLY K 117 -37.44 50.59 -19.66
N THR K 118 -36.64 49.78 -18.96
CA THR K 118 -35.87 48.71 -19.58
C THR K 118 -36.70 47.62 -20.30
N GLY K 119 -37.72 47.10 -19.62
CA GLY K 119 -38.69 46.24 -20.28
C GLY K 119 -38.61 44.77 -19.94
N PRO K 120 -37.98 43.97 -20.82
CA PRO K 120 -37.87 42.50 -20.73
C PRO K 120 -37.44 41.94 -19.35
N ASN K 121 -38.43 41.65 -18.51
CA ASN K 121 -38.23 41.20 -17.13
C ASN K 121 -37.44 39.91 -17.01
N ASN K 122 -36.26 39.88 -17.64
CA ASN K 122 -35.44 38.70 -17.73
C ASN K 122 -34.13 38.91 -16.98
N ASP K 123 -33.56 40.10 -17.12
CA ASP K 123 -32.29 40.44 -16.46
C ASP K 123 -32.54 41.03 -15.09
N PHE K 124 -33.70 40.71 -14.50
CA PHE K 124 -34.04 41.10 -13.13
C PHE K 124 -34.42 39.86 -12.35
N SER K 125 -34.10 38.71 -12.91
CA SER K 125 -34.29 37.47 -12.21
C SER K 125 -33.19 37.34 -11.19
N ILE K 126 -33.56 36.90 -9.99
CA ILE K 126 -32.58 36.67 -8.92
C ILE K 126 -31.85 35.32 -9.08
N ASN K 127 -30.74 35.39 -9.78
CA ASN K 127 -29.78 34.30 -9.87
C ASN K 127 -28.46 34.95 -9.74
N PRO K 128 -27.39 34.29 -9.31
CA PRO K 128 -26.22 35.04 -8.87
C PRO K 128 -24.89 34.60 -9.43
N LEU K 129 -24.43 35.27 -10.47
CA LEU K 129 -24.79 35.20 -11.88
C LEU K 129 -25.47 36.26 -12.69
N ASN K 130 -26.44 36.94 -12.12
CA ASN K 130 -27.04 38.05 -12.83
C ASN K 130 -26.24 39.30 -12.51
N PRO K 131 -25.38 39.73 -13.43
CA PRO K 131 -24.47 40.85 -13.20
C PRO K 131 -25.20 42.17 -13.10
N PHE K 132 -26.50 42.20 -13.35
CA PHE K 132 -27.25 43.41 -13.06
C PHE K 132 -27.55 43.56 -11.57
N LEU K 133 -28.19 42.55 -11.00
CA LEU K 133 -28.41 42.49 -9.56
C LEU K 133 -27.13 42.23 -8.72
N PHE K 134 -26.23 41.38 -9.17
CA PHE K 134 -25.08 41.02 -8.36
C PHE K 134 -23.73 41.23 -9.06
N PRO K 135 -23.35 42.47 -9.28
CA PRO K 135 -22.14 42.77 -10.05
C PRO K 135 -20.85 42.39 -9.31
N TRP K 136 -20.96 42.08 -8.03
CA TRP K 136 -19.79 41.77 -7.22
C TRP K 136 -19.76 40.29 -6.96
N LEU K 137 -20.94 39.72 -6.72
CA LEU K 137 -21.04 38.28 -6.46
C LEU K 137 -20.74 37.46 -7.73
N VAL K 138 -20.96 38.07 -8.89
CA VAL K 138 -20.83 37.33 -10.14
C VAL K 138 -19.42 36.73 -10.32
N ASN K 139 -18.38 37.43 -9.87
CA ASN K 139 -17.00 36.92 -10.05
C ASN K 139 -16.80 35.71 -9.19
N ILE K 140 -17.60 35.59 -8.13
CA ILE K 140 -17.46 34.43 -7.28
C ILE K 140 -18.35 33.32 -7.83
N ALA K 141 -19.60 33.67 -8.10
CA ALA K 141 -20.57 32.65 -8.49
C ALA K 141 -20.24 32.00 -9.80
N ALA K 142 -19.48 32.68 -10.63
CA ALA K 142 -18.99 32.08 -11.87
C ALA K 142 -18.20 30.80 -11.60
N ASN K 143 -17.74 30.60 -10.36
CA ASN K 143 -16.93 29.45 -10.04
C ASN K 143 -17.72 28.30 -9.44
N PHE K 144 -19.03 28.46 -9.33
CA PHE K 144 -19.83 27.44 -8.65
C PHE K 144 -21.08 27.06 -9.43
N ASP K 145 -21.65 25.91 -9.10
CA ASP K 145 -22.78 25.37 -9.84
C ASP K 145 -24.12 25.65 -9.16
N GLN K 146 -24.12 25.74 -7.83
CA GLN K 146 -25.39 25.91 -7.11
C GLN K 146 -25.39 27.00 -6.05
N TYR K 147 -26.59 27.53 -5.77
CA TYR K 147 -26.72 28.59 -4.78
C TYR K 147 -28.00 28.45 -3.95
N LYS K 148 -27.93 28.97 -2.74
CA LYS K 148 -29.09 29.09 -1.88
C LYS K 148 -28.94 30.39 -1.12
N PHE K 149 -29.98 31.22 -1.15
CA PHE K 149 -29.95 32.46 -0.40
C PHE K 149 -30.49 32.21 0.99
N ASN K 150 -29.84 32.79 1.99
CA ASN K 150 -30.31 32.65 3.35
C ASN K 150 -30.99 33.90 3.82
N SER K 151 -30.52 35.04 3.33
CA SER K 151 -31.25 36.28 3.56
C SER K 151 -30.97 37.21 2.41
N LEU K 152 -31.99 37.96 2.01
CA LEU K 152 -31.89 38.77 0.80
C LEU K 152 -32.77 39.99 0.97
N ARG K 153 -32.19 41.17 0.76
CA ARG K 153 -32.88 42.40 1.07
C ARG K 153 -32.41 43.52 0.16
N PHE K 154 -33.35 44.25 -0.43
CA PHE K 154 -33.00 45.35 -1.31
C PHE K 154 -33.29 46.66 -0.60
N GLU K 155 -32.46 47.66 -0.86
CA GLU K 155 -32.47 48.86 -0.05
C GLU K 155 -32.44 50.10 -0.93
N TYR K 156 -33.36 51.01 -0.68
CA TYR K 156 -33.43 52.23 -1.48
C TYR K 156 -32.92 53.40 -0.67
N VAL K 157 -31.90 54.06 -1.19
CA VAL K 157 -31.32 55.22 -0.54
C VAL K 157 -31.42 56.44 -1.47
N PRO K 158 -32.12 57.48 -1.03
CA PRO K 158 -32.47 58.60 -1.90
C PRO K 158 -31.27 59.40 -2.38
N LEU K 159 -31.39 59.89 -3.60
CA LEU K 159 -30.35 60.64 -4.23
C LEU K 159 -30.96 62.02 -4.38
N VAL K 160 -32.25 62.08 -4.08
CA VAL K 160 -33.05 63.24 -4.43
C VAL K 160 -33.49 64.00 -3.18
N ASN K 161 -33.90 65.24 -3.34
CA ASN K 161 -34.07 66.05 -2.15
C ASN K 161 -35.47 65.97 -1.60
N THR K 162 -35.68 66.75 -0.54
CA THR K 162 -36.77 66.53 0.36
C THR K 162 -38.07 67.15 -0.17
N THR K 163 -37.97 67.99 -1.19
CA THR K 163 -39.15 68.61 -1.74
C THR K 163 -39.65 67.84 -2.94
N THR K 164 -38.91 66.81 -3.34
CA THR K 164 -39.30 65.98 -4.48
C THR K 164 -40.65 65.31 -4.26
N ASN K 165 -41.52 65.37 -5.26
CA ASN K 165 -42.82 64.72 -5.14
C ASN K 165 -42.73 63.31 -5.68
N GLY K 166 -43.85 62.59 -5.63
CA GLY K 166 -43.88 61.28 -6.25
C GLY K 166 -43.70 60.16 -5.26
N ARG K 167 -43.27 59.02 -5.79
CA ARG K 167 -43.27 57.75 -5.06
C ARG K 167 -42.44 56.72 -5.78
N VAL K 168 -41.57 56.05 -5.05
CA VAL K 168 -40.85 54.88 -5.61
C VAL K 168 -41.39 53.62 -4.95
N ALA K 169 -41.16 52.49 -5.61
CA ALA K 169 -41.74 51.25 -5.11
C ALA K 169 -40.83 50.14 -5.49
N LEU K 170 -40.60 49.23 -4.54
CA LEU K 170 -39.84 48.02 -4.80
C LEU K 170 -40.76 46.81 -4.66
N TYR K 171 -40.65 45.85 -5.55
CA TYR K 171 -41.51 44.67 -5.46
C TYR K 171 -40.73 43.42 -5.76
N PHE K 172 -41.33 42.28 -5.43
CA PHE K 172 -40.70 40.99 -5.64
C PHE K 172 -41.76 39.96 -5.93
N ASP K 173 -41.60 39.22 -7.04
CA ASP K 173 -42.50 38.09 -7.32
C ASP K 173 -41.72 36.78 -7.24
N LYS K 174 -42.35 35.72 -6.76
CA LYS K 174 -41.69 34.43 -6.64
C LYS K 174 -41.50 33.81 -8.03
N ASP K 175 -42.42 34.16 -8.94
CA ASP K 175 -42.40 33.69 -10.31
C ASP K 175 -41.51 34.62 -11.12
N SER K 176 -40.30 34.18 -11.45
CA SER K 176 -39.35 35.06 -12.14
C SER K 176 -39.73 35.31 -13.59
N GLU K 177 -40.88 34.77 -13.99
CA GLU K 177 -41.25 34.71 -15.39
C GLU K 177 -42.55 35.48 -15.64
N ASP K 178 -43.28 35.77 -14.57
CA ASP K 178 -44.47 36.57 -14.68
C ASP K 178 -44.06 37.97 -15.15
N PRO K 179 -44.95 38.66 -15.84
CA PRO K 179 -44.61 39.98 -16.38
C PRO K 179 -44.70 41.02 -15.29
N GLY K 180 -44.08 42.17 -15.49
CA GLY K 180 -44.12 43.21 -14.49
C GLY K 180 -45.49 43.80 -14.29
N PRO K 181 -45.63 44.65 -13.26
CA PRO K 181 -46.84 45.44 -13.07
C PRO K 181 -46.93 46.53 -14.12
N ASP K 182 -48.11 46.72 -14.70
CA ASP K 182 -48.30 47.77 -15.70
C ASP K 182 -48.89 49.06 -15.12
N ASP K 183 -49.83 48.92 -14.20
CA ASP K 183 -50.48 50.05 -13.57
C ASP K 183 -50.22 50.01 -12.07
N ARG K 184 -50.68 51.04 -11.37
CA ARG K 184 -50.41 51.15 -9.94
C ARG K 184 -51.28 50.15 -9.20
N ALA K 185 -52.37 49.74 -9.84
CA ALA K 185 -53.30 48.84 -9.20
C ALA K 185 -52.67 47.45 -9.07
N ALA K 186 -51.91 47.08 -10.09
CA ALA K 186 -51.24 45.79 -10.13
C ALA K 186 -50.10 45.78 -9.12
N LEU K 187 -49.33 46.87 -9.14
CA LEU K 187 -48.23 47.07 -8.23
C LEU K 187 -48.67 46.84 -6.79
N ALA K 188 -49.90 47.22 -6.46
CA ALA K 188 -50.34 47.18 -5.08
C ALA K 188 -50.74 45.77 -4.60
N ASN K 189 -50.98 44.86 -5.53
CA ASN K 189 -51.45 43.53 -5.16
C ASN K 189 -50.31 42.55 -4.93
N TYR K 190 -49.09 42.98 -5.27
CA TYR K 190 -47.90 42.19 -4.96
C TYR K 190 -47.79 41.97 -3.46
N ALA K 191 -47.59 40.73 -3.06
CA ALA K 191 -47.56 40.41 -1.65
C ALA K 191 -46.37 41.07 -0.98
N HIS K 192 -45.25 41.13 -1.71
CA HIS K 192 -44.02 41.71 -1.19
C HIS K 192 -43.68 43.02 -1.88
N LEU K 193 -44.14 44.11 -1.29
CA LEU K 193 -44.12 45.41 -1.91
C LEU K 193 -43.68 46.40 -0.86
N SER K 194 -43.02 47.46 -1.30
CA SER K 194 -42.65 48.52 -0.40
C SER K 194 -42.59 49.85 -1.15
N GLU K 195 -43.34 50.83 -0.66
CA GLU K 195 -43.41 52.11 -1.37
C GLU K 195 -43.14 53.26 -0.42
N ILE K 196 -42.32 54.22 -0.86
CA ILE K 196 -42.13 55.38 -0.06
C ILE K 196 -41.76 56.54 -0.95
N SER K 197 -41.90 57.74 -0.42
CA SER K 197 -41.60 58.95 -1.15
C SER K 197 -40.11 59.03 -1.43
N PRO K 198 -39.73 59.56 -2.59
CA PRO K 198 -38.39 59.38 -3.15
C PRO K 198 -37.29 59.95 -2.27
N TRP K 199 -37.61 60.87 -1.35
CA TRP K 199 -36.55 61.46 -0.51
C TRP K 199 -36.28 60.65 0.76
N ALA K 200 -37.09 59.62 0.99
CA ALA K 200 -36.93 58.82 2.18
C ALA K 200 -36.25 57.47 1.87
N ILE K 201 -35.94 56.72 2.93
CA ILE K 201 -35.30 55.43 2.77
C ILE K 201 -36.35 54.35 3.00
N THR K 202 -36.36 53.34 2.15
CA THR K 202 -37.16 52.15 2.45
C THR K 202 -36.37 50.93 2.05
N LYS K 203 -36.95 49.78 2.34
CA LYS K 203 -36.29 48.54 1.96
C LYS K 203 -37.28 47.42 1.80
N LEU K 204 -36.89 46.40 1.05
CA LEU K 204 -37.77 45.29 0.80
C LEU K 204 -36.99 44.04 1.14
N THR K 205 -37.59 43.19 1.97
CA THR K 205 -36.95 41.93 2.34
C THR K 205 -37.67 40.82 1.59
N VAL K 206 -37.01 40.23 0.60
CA VAL K 206 -37.63 39.13 -0.11
C VAL K 206 -37.44 37.88 0.74
N PRO K 207 -38.39 36.95 0.63
CA PRO K 207 -38.33 35.74 1.45
C PRO K 207 -37.52 34.66 0.76
N THR K 208 -36.65 34.02 1.53
CA THR K 208 -35.76 33.01 0.99
C THR K 208 -36.31 31.66 1.35
N ASP K 209 -36.18 30.70 0.46
CA ASP K 209 -36.58 29.35 0.79
C ASP K 209 -35.34 28.52 0.98
N ASN K 210 -35.54 27.21 0.94
CA ASN K 210 -34.53 26.31 1.43
C ASN K 210 -33.90 25.44 0.37
N VAL K 211 -34.16 25.77 -0.89
CA VAL K 211 -33.76 24.89 -1.97
C VAL K 211 -32.50 25.35 -2.71
N LYS K 212 -31.63 24.40 -3.04
CA LYS K 212 -30.49 24.71 -3.87
C LYS K 212 -31.02 24.86 -5.27
N ARG K 213 -30.57 25.89 -5.98
CA ARG K 213 -30.87 26.04 -7.40
C ARG K 213 -29.58 26.19 -8.18
N PHE K 214 -29.68 26.17 -9.51
CA PHE K 214 -28.47 26.30 -10.32
C PHE K 214 -28.06 27.74 -10.56
N ILE K 215 -26.77 28.01 -10.46
CA ILE K 215 -26.24 29.27 -10.91
C ILE K 215 -26.12 29.16 -12.42
N SER K 216 -26.95 29.90 -13.15
CA SER K 216 -26.83 29.91 -14.60
C SER K 216 -27.32 31.21 -15.21
N ASP K 217 -27.49 31.20 -16.52
CA ASP K 217 -27.57 32.43 -17.29
C ASP K 217 -28.78 33.32 -17.09
N THR K 218 -29.81 32.81 -16.43
CA THR K 218 -31.16 33.39 -16.48
C THR K 218 -31.60 33.45 -17.94
N SER K 219 -31.28 32.39 -18.68
CA SER K 219 -31.62 32.24 -20.10
C SER K 219 -31.18 30.84 -20.45
N SER K 220 -30.59 30.17 -19.46
CA SER K 220 -30.10 28.84 -19.63
C SER K 220 -31.11 27.86 -19.01
N GLY K 221 -32.36 27.95 -19.44
CA GLY K 221 -33.37 27.00 -19.02
C GLY K 221 -34.51 27.59 -18.20
N ASP K 222 -35.38 26.72 -17.68
CA ASP K 222 -36.63 27.13 -17.01
C ASP K 222 -36.40 28.06 -15.84
N PRO K 223 -36.85 29.31 -15.99
CA PRO K 223 -36.76 30.35 -14.97
C PRO K 223 -37.17 29.86 -13.58
N LYS K 224 -38.26 29.13 -13.47
CA LYS K 224 -38.77 28.75 -12.16
C LYS K 224 -37.85 27.75 -11.46
N LEU K 225 -37.01 27.06 -12.24
CA LEU K 225 -36.09 26.07 -11.69
C LEU K 225 -34.78 26.70 -11.24
N ILE K 226 -34.46 27.87 -11.76
CA ILE K 226 -33.13 28.41 -11.55
C ILE K 226 -33.13 29.70 -10.75
N ASN K 227 -34.26 30.40 -10.74
CA ASN K 227 -34.35 31.70 -10.09
C ASN K 227 -35.25 31.70 -8.86
N LEU K 228 -34.80 32.37 -7.80
CA LEU K 228 -35.56 32.52 -6.58
C LEU K 228 -36.81 33.30 -6.89
N GLY K 229 -36.68 34.21 -7.85
CA GLY K 229 -37.80 35.03 -8.26
C GLY K 229 -37.33 36.25 -9.02
N GLN K 230 -38.16 37.28 -9.02
CA GLN K 230 -37.95 38.44 -9.85
C GLN K 230 -37.94 39.66 -8.95
N PHE K 231 -37.07 40.61 -9.24
CA PHE K 231 -37.05 41.88 -8.52
C PHE K 231 -37.50 42.97 -9.49
N GLY K 232 -37.90 44.12 -8.97
CA GLY K 232 -38.32 45.21 -9.83
C GLY K 232 -38.69 46.47 -9.08
N TRP K 233 -38.73 47.60 -9.77
CA TRP K 233 -39.11 48.84 -9.14
C TRP K 233 -39.94 49.71 -10.05
N VAL K 234 -40.63 50.67 -9.45
CA VAL K 234 -41.49 51.56 -10.21
C VAL K 234 -41.32 52.95 -9.58
N ALA K 235 -41.43 53.99 -10.39
CA ALA K 235 -41.41 55.34 -9.84
C ALA K 235 -42.45 56.15 -10.57
N TYR K 236 -43.47 56.58 -9.85
CA TYR K 236 -44.53 57.35 -10.47
C TYR K 236 -44.83 58.70 -9.83
N SER K 237 -45.57 59.51 -10.57
CA SER K 237 -46.06 60.82 -10.09
C SER K 237 -44.95 61.73 -9.61
N GLY K 238 -43.72 61.42 -9.97
CA GLY K 238 -42.58 62.24 -9.58
C GLY K 238 -42.07 63.10 -10.71
N PRO K 239 -40.83 63.59 -10.57
CA PRO K 239 -40.14 64.38 -11.59
C PRO K 239 -39.38 63.46 -12.48
N THR K 240 -38.64 64.04 -13.41
CA THR K 240 -37.86 63.25 -14.33
C THR K 240 -36.37 63.32 -13.99
N ALA K 241 -35.91 62.44 -13.11
CA ALA K 241 -34.53 62.49 -12.62
C ALA K 241 -34.01 61.18 -12.02
N GLU K 242 -32.79 61.21 -11.51
CA GLU K 242 -32.27 60.07 -10.79
C GLU K 242 -32.73 60.23 -9.36
N LEU K 243 -33.64 59.35 -8.94
CA LEU K 243 -34.22 59.46 -7.61
C LEU K 243 -33.36 58.83 -6.52
N GLY K 244 -32.81 57.64 -6.79
CA GLY K 244 -31.99 56.98 -5.79
C GLY K 244 -31.14 55.79 -6.23
N ASP K 245 -30.32 55.30 -5.30
CA ASP K 245 -29.53 54.10 -5.49
C ASP K 245 -30.26 52.92 -4.88
N ILE K 246 -30.25 51.80 -5.57
CA ILE K 246 -30.83 50.59 -5.00
C ILE K 246 -29.70 49.62 -4.73
N PHE K 247 -29.56 49.20 -3.48
CA PHE K 247 -28.53 48.23 -3.12
C PHE K 247 -29.17 46.91 -2.78
N VAL K 248 -28.36 45.85 -2.83
CA VAL K 248 -28.84 44.55 -2.38
C VAL K 248 -27.89 44.02 -1.34
N GLU K 249 -28.44 43.50 -0.27
CA GLU K 249 -27.65 43.00 0.83
C GLU K 249 -28.07 41.56 0.97
N TYR K 250 -27.13 40.66 1.18
CA TYR K 250 -27.48 39.25 1.15
C TYR K 250 -26.49 38.37 1.86
N THR K 251 -26.92 37.14 2.09
CA THR K 251 -26.06 36.09 2.58
C THR K 251 -26.39 34.86 1.76
N VAL K 252 -25.47 34.46 0.87
CA VAL K 252 -25.62 33.24 0.09
C VAL K 252 -24.71 32.08 0.49
N ASP K 253 -25.20 30.88 0.26
CA ASP K 253 -24.31 29.73 0.21
C ASP K 253 -24.10 29.37 -1.26
N LEU K 254 -22.85 29.10 -1.64
CA LEU K 254 -22.62 28.59 -2.98
C LEU K 254 -22.13 27.17 -2.83
N PHE K 255 -22.46 26.32 -3.79
CA PHE K 255 -22.01 24.93 -3.73
C PHE K 255 -21.41 24.44 -5.03
N GLU K 256 -20.57 23.42 -4.89
CA GLU K 256 -19.99 22.73 -6.04
C GLU K 256 -19.12 23.62 -6.92
N ALA K 257 -17.82 23.63 -6.61
CA ALA K 257 -16.84 24.31 -7.44
C ALA K 257 -16.81 23.76 -8.87
N GLN K 258 -16.82 24.65 -9.85
CA GLN K 258 -16.70 24.22 -11.23
C GLN K 258 -15.67 25.07 -11.95
N PRO K 259 -15.27 24.70 -13.18
CA PRO K 259 -14.41 25.62 -13.94
C PRO K 259 -15.19 26.87 -14.27
N THR K 260 -14.50 28.01 -14.28
CA THR K 260 -15.15 29.31 -14.26
C THR K 260 -16.01 29.55 -15.48
N SER K 261 -17.23 30.02 -15.28
CA SER K 261 -18.06 30.47 -16.40
C SER K 261 -17.42 31.73 -16.95
N PRO K 262 -17.57 31.97 -18.25
CA PRO K 262 -16.86 33.10 -18.84
C PRO K 262 -17.29 34.43 -18.21
N LEU K 263 -16.31 35.25 -17.80
CA LEU K 263 -16.63 36.53 -17.18
C LEU K 263 -16.55 37.65 -18.19
N LEU K 264 -16.74 37.31 -19.47
CA LEU K 264 -16.68 38.30 -20.54
C LEU K 264 -17.85 38.10 -21.46
N GLU K 265 -18.04 39.02 -22.40
CA GLU K 265 -19.15 38.86 -23.31
C GLU K 265 -18.69 38.72 -24.75
N SER K 266 -19.30 37.78 -25.46
CA SER K 266 -19.09 37.64 -26.89
C SER K 266 -20.44 37.75 -27.56
N LEU K 267 -20.64 38.83 -28.31
CA LEU K 267 -21.93 39.05 -28.96
C LEU K 267 -21.78 39.18 -30.48
N PHE K 268 -22.33 38.21 -31.21
CA PHE K 268 -22.12 38.08 -32.64
C PHE K 268 -23.41 38.29 -33.41
N ARG K 269 -23.29 38.78 -34.64
CA ARG K 269 -24.43 39.16 -35.44
C ARG K 269 -24.15 39.05 -36.94
N GLU K 270 -25.18 38.72 -37.72
CA GLU K 270 -25.09 38.67 -39.16
C GLU K 270 -26.53 38.69 -39.71
N SER K 271 -26.83 39.22 -40.91
CA SER K 271 -25.92 39.84 -41.90
C SER K 271 -24.73 39.02 -42.38
N ALA K 272 -24.94 38.03 -43.26
CA ALA K 272 -26.21 37.80 -43.95
C ALA K 272 -27.02 36.70 -43.27
N SER K 273 -28.00 37.13 -42.48
CA SER K 273 -28.88 36.26 -41.70
C SER K 273 -29.70 37.19 -40.83
N SER K 274 -29.92 36.77 -39.59
CA SER K 274 -30.45 37.66 -38.56
C SER K 274 -30.01 37.15 -37.19
N VAL K 275 -29.40 35.96 -37.20
CA VAL K 275 -28.97 35.27 -35.99
C VAL K 275 -27.96 36.08 -35.16
N GLN K 276 -28.12 36.03 -33.84
CA GLN K 276 -27.50 36.99 -32.95
C GLN K 276 -26.96 36.31 -31.70
N THR K 277 -26.18 35.24 -31.88
CA THR K 277 -25.73 34.41 -30.77
C THR K 277 -24.86 35.16 -29.73
N ARG K 278 -25.20 34.98 -28.45
CA ARG K 278 -24.52 35.64 -27.34
C ARG K 278 -23.93 34.60 -26.38
N MET K 279 -22.78 34.93 -25.81
CA MET K 279 -22.00 33.98 -25.02
C MET K 279 -21.24 34.71 -23.93
N GLY K 280 -21.47 34.31 -22.68
CA GLY K 280 -20.94 35.04 -21.55
C GLY K 280 -22.02 35.88 -20.89
N LEU K 281 -21.60 36.75 -19.98
CA LEU K 281 -22.51 37.63 -19.27
C LEU K 281 -23.19 38.57 -20.25
N PRO K 282 -24.42 39.02 -19.94
CA PRO K 282 -25.18 39.91 -20.82
C PRO K 282 -24.96 41.36 -20.42
N TYR K 283 -23.71 41.81 -20.42
CA TYR K 283 -23.40 43.20 -20.13
C TYR K 283 -24.05 44.13 -21.14
N PHE K 284 -23.76 43.92 -22.42
CA PHE K 284 -24.31 44.77 -23.48
C PHE K 284 -25.32 44.01 -24.30
N SER K 285 -26.25 44.74 -24.89
CA SER K 285 -27.24 44.15 -25.77
C SER K 285 -27.18 44.89 -27.08
N LEU K 286 -27.73 44.26 -28.10
CA LEU K 286 -27.66 44.80 -29.44
C LEU K 286 -29.02 45.30 -29.88
N GLU K 287 -29.08 46.60 -30.13
CA GLU K 287 -30.33 47.27 -30.46
C GLU K 287 -30.62 47.20 -31.95
N VAL K 288 -29.70 47.72 -32.76
CA VAL K 288 -29.77 47.47 -34.21
C VAL K 288 -28.41 47.31 -34.91
N ALA K 289 -28.41 46.38 -35.87
CA ALA K 289 -27.28 46.15 -36.75
C ALA K 289 -27.73 46.35 -38.18
N SER K 290 -27.55 47.57 -38.66
CA SER K 290 -27.98 47.97 -39.99
C SER K 290 -26.91 47.65 -41.04
N ALA K 291 -26.44 48.71 -41.70
CA ALA K 291 -25.29 48.69 -42.58
C ALA K 291 -24.72 50.09 -42.47
N THR K 292 -25.54 50.98 -41.91
CA THR K 292 -25.18 52.36 -41.67
C THR K 292 -24.78 52.58 -40.23
N ASP K 293 -25.43 51.87 -39.31
CA ASP K 293 -25.23 52.12 -37.88
C ASP K 293 -25.19 50.86 -36.99
N LEU K 294 -24.38 50.95 -35.95
CA LEU K 294 -24.29 49.93 -34.91
C LEU K 294 -24.53 50.52 -33.52
N VAL K 295 -25.56 50.01 -32.85
CA VAL K 295 -25.93 50.51 -31.53
C VAL K 295 -26.00 49.41 -30.48
N TRP K 296 -25.15 49.54 -29.48
CA TRP K 296 -25.14 48.60 -28.38
C TRP K 296 -25.65 49.33 -27.17
N GLN K 297 -26.68 48.80 -26.50
CA GLN K 297 -27.12 49.39 -25.25
C GLN K 297 -26.52 48.63 -24.08
N ALA K 298 -26.16 49.39 -23.06
CA ALA K 298 -25.50 48.85 -21.90
C ALA K 298 -26.47 48.52 -20.76
N ARG K 299 -26.60 47.23 -20.45
CA ARG K 299 -27.52 46.73 -19.43
C ARG K 299 -26.89 46.75 -18.06
N VAL K 300 -25.58 47.00 -18.00
CA VAL K 300 -24.93 46.94 -16.71
C VAL K 300 -24.00 48.10 -16.49
N PRO K 301 -24.32 48.94 -15.50
CA PRO K 301 -23.47 50.06 -15.07
C PRO K 301 -22.05 49.65 -14.72
N GLY K 302 -21.08 50.39 -15.26
CA GLY K 302 -19.70 50.23 -14.83
C GLY K 302 -18.65 50.62 -15.87
N THR K 303 -17.40 50.40 -15.51
CA THR K 303 -16.28 50.66 -16.40
C THR K 303 -15.85 49.39 -17.16
N TYR K 304 -15.71 49.51 -18.47
CA TYR K 304 -15.44 48.35 -19.31
C TYR K 304 -14.25 48.57 -20.23
N VAL K 305 -13.88 47.51 -20.94
CA VAL K 305 -13.00 47.62 -22.09
C VAL K 305 -13.69 46.84 -23.18
N VAL K 306 -14.12 47.55 -24.21
CA VAL K 306 -14.88 46.93 -25.29
C VAL K 306 -14.02 46.73 -26.51
N THR K 307 -14.22 45.61 -27.19
CA THR K 307 -13.63 45.38 -28.49
C THR K 307 -14.75 45.08 -29.45
N ILE K 308 -14.93 45.97 -30.44
CA ILE K 308 -15.95 45.76 -31.45
C ILE K 308 -15.30 45.58 -32.81
N ILE K 309 -15.73 44.56 -33.52
CA ILE K 309 -15.12 44.25 -34.80
C ILE K 309 -16.20 43.92 -35.82
N PHE K 310 -16.03 44.39 -37.05
CA PHE K 310 -17.07 44.26 -38.08
C PHE K 310 -16.54 44.34 -39.53
N ASN K 311 -17.46 44.15 -40.46
CA ASN K 311 -17.17 44.20 -41.89
C ASN K 311 -17.96 45.28 -42.60
N SER K 312 -17.29 46.36 -42.98
CA SER K 312 -17.97 47.40 -43.78
C SER K 312 -17.29 47.56 -45.15
N THR K 313 -17.18 48.81 -45.62
CA THR K 313 -16.47 49.11 -46.87
C THR K 313 -15.89 50.52 -46.72
N VAL K 314 -14.89 50.65 -45.83
CA VAL K 314 -14.32 51.94 -45.39
C VAL K 314 -15.25 52.74 -44.48
N GLY K 315 -14.70 53.77 -43.84
CA GLY K 315 -15.50 54.71 -43.06
C GLY K 315 -15.30 54.58 -41.56
N GLY K 316 -16.37 54.25 -40.86
CA GLY K 316 -16.28 53.85 -39.47
C GLY K 316 -16.32 54.94 -38.40
N LEU K 317 -15.27 55.78 -38.32
CA LEU K 317 -15.04 56.65 -37.15
C LEU K 317 -16.19 57.52 -36.77
N THR K 318 -17.09 56.99 -35.97
CA THR K 318 -18.14 57.80 -35.38
C THR K 318 -18.58 57.14 -34.08
N PRO K 319 -17.78 57.33 -33.02
CA PRO K 319 -18.16 56.80 -31.70
C PRO K 319 -18.83 57.85 -30.82
N SER K 320 -19.89 57.44 -30.13
CA SER K 320 -20.55 58.33 -29.19
C SER K 320 -21.34 57.57 -28.11
N ILE K 321 -21.59 58.25 -26.99
CA ILE K 321 -22.36 57.66 -25.89
C ILE K 321 -23.75 58.33 -25.79
N SER K 322 -24.76 57.64 -26.32
CA SER K 322 -26.13 58.17 -26.33
C SER K 322 -26.83 57.90 -24.99
N GLY K 323 -26.13 58.19 -23.90
CA GLY K 323 -26.65 58.08 -22.56
C GLY K 323 -25.69 58.77 -21.63
N GLY K 324 -25.67 58.35 -20.37
CA GLY K 324 -24.68 58.85 -19.42
C GLY K 324 -23.44 57.97 -19.37
N GLY K 325 -22.33 58.48 -19.91
CA GLY K 325 -21.10 57.71 -20.01
C GLY K 325 -19.90 58.49 -20.49
N THR K 326 -18.74 57.86 -20.52
CA THR K 326 -17.50 58.55 -20.85
C THR K 326 -16.46 57.64 -21.51
N ILE K 327 -16.34 57.73 -22.84
CA ILE K 327 -15.29 57.02 -23.56
C ILE K 327 -13.88 57.47 -23.10
N ASN K 328 -13.39 56.88 -22.03
CA ASN K 328 -12.18 57.37 -21.38
C ASN K 328 -10.90 57.11 -22.16
N SER K 329 -10.97 56.21 -23.13
CA SER K 329 -9.80 55.81 -23.94
C SER K 329 -10.31 55.18 -25.22
N SER K 330 -9.65 55.47 -26.32
CA SER K 330 -10.19 55.05 -27.60
C SER K 330 -9.10 54.64 -28.59
N PHE K 331 -9.36 53.59 -29.34
CA PHE K 331 -8.51 53.20 -30.44
C PHE K 331 -9.37 52.74 -31.60
N SER K 332 -9.05 53.21 -32.79
CA SER K 332 -9.83 52.86 -33.95
C SER K 332 -8.92 52.48 -35.10
N VAL K 333 -9.40 51.55 -35.91
CA VAL K 333 -8.74 51.23 -37.18
C VAL K 333 -9.78 50.69 -38.17
N SER K 334 -9.84 51.31 -39.34
CA SER K 334 -10.85 50.98 -40.31
C SER K 334 -10.35 51.10 -41.76
N THR K 335 -10.60 50.03 -42.52
CA THR K 335 -10.22 49.96 -43.92
C THR K 335 -11.37 49.36 -44.72
N ALA K 336 -11.09 48.41 -45.59
CA ALA K 336 -12.13 47.74 -46.37
C ALA K 336 -13.07 46.91 -45.50
N GLY K 337 -13.55 45.79 -46.05
CA GLY K 337 -14.43 44.88 -45.31
C GLY K 337 -13.82 44.32 -44.04
N SER K 338 -13.47 45.21 -43.11
CA SER K 338 -12.71 44.87 -41.91
C SER K 338 -12.38 46.14 -41.14
N SER K 339 -12.94 46.29 -39.94
CA SER K 339 -12.60 47.40 -39.07
C SER K 339 -12.70 46.95 -37.61
N ALA K 340 -12.14 47.74 -36.70
CA ALA K 340 -12.04 47.32 -35.31
C ALA K 340 -11.91 48.49 -34.34
N TYR K 341 -12.70 48.45 -33.27
CA TYR K 341 -12.76 49.54 -32.30
C TYR K 341 -12.58 49.00 -30.89
N VAL K 342 -11.57 49.50 -30.19
CA VAL K 342 -11.43 49.19 -28.77
C VAL K 342 -11.42 50.47 -27.93
N ALA K 343 -12.07 50.41 -26.77
CA ALA K 343 -12.27 51.61 -25.97
C ALA K 343 -12.57 51.27 -24.52
N ASN K 344 -12.16 52.17 -23.63
CA ASN K 344 -12.38 52.02 -22.19
C ASN K 344 -13.53 52.89 -21.66
N ILE K 345 -14.76 52.54 -22.02
CA ILE K 345 -15.91 53.33 -21.63
C ILE K 345 -16.29 53.14 -20.16
N THR K 346 -16.81 54.19 -19.53
CA THR K 346 -17.44 54.10 -18.22
C THR K 346 -18.94 54.37 -18.46
N ILE K 347 -19.62 53.36 -18.99
CA ILE K 347 -21.05 53.37 -19.23
C ILE K 347 -21.76 53.27 -17.90
N ARG K 348 -23.04 53.63 -17.85
CA ARG K 348 -23.74 53.70 -16.58
C ARG K 348 -25.26 53.75 -16.76
N VAL K 349 -25.99 53.59 -15.66
CA VAL K 349 -27.45 53.48 -15.67
C VAL K 349 -27.93 52.51 -16.73
N ASN K 350 -27.79 52.93 -17.98
CA ASN K 350 -28.38 52.24 -19.09
C ASN K 350 -28.12 53.06 -20.34
N ALA K 351 -26.85 53.44 -20.53
CA ALA K 351 -26.50 54.31 -21.64
C ALA K 351 -26.42 53.63 -23.01
N ASN K 352 -25.57 54.15 -23.88
CA ASN K 352 -25.58 53.72 -25.27
C ASN K 352 -24.25 53.90 -26.04
N LEU K 353 -24.02 52.96 -26.95
CA LEU K 353 -22.80 52.95 -27.74
C LEU K 353 -23.14 52.84 -29.22
N SER K 354 -22.68 53.85 -29.96
CA SER K 354 -23.10 54.05 -31.33
C SER K 354 -21.94 54.19 -32.30
N LEU K 355 -21.99 53.39 -33.35
CA LEU K 355 -21.08 53.53 -34.46
C LEU K 355 -21.84 54.06 -35.68
N SER K 356 -21.71 55.36 -35.96
CA SER K 356 -22.57 56.05 -36.94
C SER K 356 -22.17 56.00 -38.41
N GLY K 357 -20.97 56.48 -38.71
CA GLY K 357 -20.60 56.60 -40.11
C GLY K 357 -20.35 55.32 -40.88
N LEU K 358 -20.97 54.22 -40.47
CA LEU K 358 -20.79 52.98 -41.18
C LEU K 358 -21.33 53.08 -42.58
N THR K 359 -20.81 52.20 -43.42
CA THR K 359 -21.20 52.17 -44.81
C THR K 359 -20.97 50.78 -45.36
N GLY K 360 -22.06 50.05 -45.55
CA GLY K 360 -22.01 48.73 -46.15
C GLY K 360 -21.60 47.67 -45.16
N ALA K 361 -22.06 47.82 -43.93
CA ALA K 361 -21.68 46.90 -42.88
C ALA K 361 -22.56 45.67 -42.82
N THR K 362 -21.98 44.55 -42.40
CA THR K 362 -22.69 43.28 -42.34
C THR K 362 -22.44 42.58 -41.01
N ASN K 363 -21.43 41.70 -40.97
CA ASN K 363 -21.02 41.06 -39.73
C ASN K 363 -20.52 42.03 -38.67
N ALA K 364 -20.77 41.71 -37.40
CA ALA K 364 -20.26 42.51 -36.29
C ALA K 364 -20.19 41.67 -35.03
N GLN K 365 -19.24 42.00 -34.15
CA GLN K 365 -19.09 41.27 -32.91
C GLN K 365 -18.60 42.17 -31.79
N LEU K 366 -19.20 42.01 -30.61
CA LEU K 366 -18.81 42.77 -29.44
C LEU K 366 -18.10 41.89 -28.41
N PHE K 367 -17.01 42.41 -27.87
CA PHE K 367 -16.31 41.75 -26.77
C PHE K 367 -16.26 42.67 -25.55
N ALA K 368 -17.00 42.30 -24.50
CA ALA K 368 -17.04 43.13 -23.30
C ALA K 368 -16.39 42.48 -22.07
N VAL K 369 -15.46 43.19 -21.45
CA VAL K 369 -14.99 42.78 -20.14
C VAL K 369 -15.05 43.97 -19.20
N ARG K 370 -15.12 43.68 -17.91
CA ARG K 370 -15.26 44.73 -16.95
C ARG K 370 -13.86 45.10 -16.50
N ALA K 371 -13.59 46.40 -16.42
CA ALA K 371 -12.29 46.88 -15.94
C ALA K 371 -12.40 48.16 -15.13
N ILE K 372 -11.25 48.67 -14.68
CA ILE K 372 -11.18 50.02 -14.12
C ILE K 372 -10.95 51.00 -15.24
N THR K 373 -10.37 52.16 -14.92
CA THR K 373 -10.10 53.17 -15.93
C THR K 373 -8.63 53.14 -16.31
N GLU K 374 -7.76 52.83 -15.36
CA GLU K 374 -6.33 52.75 -15.65
C GLU K 374 -5.99 51.58 -16.59
N ASN K 375 -6.98 50.74 -16.87
CA ASN K 375 -6.91 49.88 -18.05
C ASN K 375 -7.31 50.78 -19.21
N ALA K 376 -6.46 51.74 -19.54
CA ALA K 376 -6.77 52.69 -20.60
C ALA K 376 -5.99 52.34 -21.86
N VAL K 377 -6.66 52.37 -23.02
CA VAL K 377 -5.95 52.14 -24.27
C VAL K 377 -4.97 53.29 -24.52
N GLN K 378 -3.78 52.97 -25.01
CA GLN K 378 -2.74 53.98 -25.12
C GLN K 378 -2.09 54.05 -26.50
N VAL K 379 -2.58 53.22 -27.42
CA VAL K 379 -2.19 53.33 -28.80
C VAL K 379 -3.36 53.94 -29.57
N VAL K 380 -3.04 54.63 -30.67
CA VAL K 380 -4.00 55.52 -31.34
C VAL K 380 -4.40 55.07 -32.74
N ILE L 60 -85.60 -5.02 4.85
CA ILE L 60 -85.05 -6.03 5.72
C ILE L 60 -85.30 -7.44 5.23
N ALA L 61 -84.53 -8.41 5.72
CA ALA L 61 -84.83 -9.84 5.57
C ALA L 61 -84.79 -10.41 4.13
N HIS L 62 -83.87 -11.27 3.85
CA HIS L 62 -83.70 -11.82 2.49
CA HIS L 62 -83.67 -11.82 2.50
C HIS L 62 -84.06 -13.30 2.36
N PRO L 63 -84.85 -13.69 1.33
CA PRO L 63 -85.42 -15.03 1.15
C PRO L 63 -84.40 -16.17 1.01
N GLN L 64 -84.71 -17.31 1.65
CA GLN L 64 -83.96 -18.57 1.56
C GLN L 64 -82.46 -18.41 1.62
N ALA L 65 -81.97 -17.73 2.64
CA ALA L 65 -80.55 -17.42 2.68
C ALA L 65 -79.92 -17.86 3.99
N PHE L 66 -78.66 -18.28 3.91
CA PHE L 66 -77.86 -18.53 5.11
C PHE L 66 -76.94 -17.36 5.25
N PRO L 67 -76.54 -17.05 6.50
CA PRO L 67 -75.65 -15.93 6.74
C PRO L 67 -74.31 -16.19 6.06
N GLY L 68 -73.60 -15.12 5.70
CA GLY L 68 -72.34 -15.25 4.98
C GLY L 68 -72.54 -15.18 3.46
N ALA L 69 -73.81 -15.30 3.07
CA ALA L 69 -74.26 -15.10 1.71
C ALA L 69 -73.90 -13.69 1.36
N ILE L 70 -73.58 -13.42 0.11
CA ILE L 70 -73.57 -12.02 -0.32
C ILE L 70 -74.68 -11.85 -1.37
N ALA L 71 -75.51 -10.85 -1.17
CA ALA L 71 -76.71 -10.72 -1.97
C ALA L 71 -76.58 -9.53 -2.88
N ALA L 72 -76.82 -9.77 -4.16
CA ALA L 72 -76.68 -8.73 -5.17
C ALA L 72 -77.99 -8.00 -5.34
N PRO L 73 -77.95 -6.68 -5.13
CA PRO L 73 -79.09 -5.83 -5.50
C PRO L 73 -79.06 -5.60 -7.00
N ILE L 74 -80.06 -4.91 -7.53
CA ILE L 74 -80.17 -4.75 -8.96
C ILE L 74 -79.57 -3.41 -9.38
N SER L 75 -79.44 -2.50 -8.42
CA SER L 75 -78.90 -1.18 -8.68
C SER L 75 -78.56 -0.49 -7.36
N TYR L 76 -77.56 0.38 -7.38
CA TYR L 76 -77.21 1.13 -6.19
C TYR L 76 -77.53 2.60 -6.42
N ALA L 77 -78.15 3.24 -5.45
CA ALA L 77 -78.32 4.68 -5.51
C ALA L 77 -77.42 5.27 -4.46
N TYR L 78 -76.51 6.14 -4.90
CA TYR L 78 -75.78 6.98 -3.96
C TYR L 78 -76.27 8.38 -4.22
N ALA L 79 -76.39 9.17 -3.15
CA ALA L 79 -76.98 10.48 -3.31
C ALA L 79 -75.94 11.53 -3.07
N VAL L 80 -75.69 12.39 -4.05
CA VAL L 80 -74.76 13.49 -3.85
C VAL L 80 -75.45 14.85 -3.70
N LYS L 81 -75.10 15.57 -2.63
CA LYS L 81 -75.64 16.90 -2.36
C LYS L 81 -74.55 17.92 -2.60
N GLY L 82 -74.96 19.18 -2.76
CA GLY L 82 -74.04 20.25 -3.04
C GLY L 82 -73.15 20.50 -1.85
N ARG L 83 -71.94 20.98 -2.12
CA ARG L 83 -70.96 21.18 -1.07
C ARG L 83 -70.34 22.58 -1.09
N LYS L 84 -70.49 23.30 0.00
CA LYS L 84 -69.96 24.65 0.10
C LYS L 84 -68.47 24.57 0.35
N PRO L 85 -67.73 25.53 -0.20
CA PRO L 85 -66.28 25.54 -0.03
C PRO L 85 -65.92 26.12 1.33
N ARG L 86 -64.82 25.65 1.92
CA ARG L 86 -64.31 26.23 3.15
C ARG L 86 -62.98 26.94 2.92
N PHE L 87 -62.91 28.19 3.39
CA PHE L 87 -61.67 28.95 3.38
C PHE L 87 -61.19 29.17 4.79
N GLN L 88 -59.87 29.21 4.95
CA GLN L 88 -59.25 29.60 6.20
C GLN L 88 -57.79 29.86 5.92
N THR L 89 -57.16 30.76 6.66
CA THR L 89 -55.75 31.07 6.44
C THR L 89 -54.83 30.44 7.48
N ALA L 90 -53.94 29.57 7.03
CA ALA L 90 -52.92 28.95 7.87
C ALA L 90 -51.73 29.90 8.04
N LYS L 91 -52.04 31.12 8.49
CA LYS L 91 -51.08 32.20 8.70
C LYS L 91 -50.29 32.65 7.46
N GLY L 92 -49.82 31.69 6.68
CA GLY L 92 -49.06 32.00 5.48
C GLY L 92 -49.85 31.75 4.21
N SER L 93 -50.73 30.75 4.28
CA SER L 93 -51.45 30.26 3.11
C SER L 93 -52.94 30.42 3.28
N VAL L 94 -53.68 30.54 2.18
CA VAL L 94 -55.13 30.37 2.26
C VAL L 94 -55.41 28.93 1.89
N ARG L 95 -56.36 28.31 2.59
CA ARG L 95 -56.59 26.89 2.46
C ARG L 95 -58.02 26.68 2.06
N ILE L 96 -58.21 26.03 0.92
CA ILE L 96 -59.55 25.82 0.39
C ILE L 96 -59.91 24.35 0.33
N THR L 97 -61.10 24.03 0.82
CA THR L 97 -61.62 22.68 0.70
C THR L 97 -62.91 22.72 -0.09
N HIS L 98 -63.01 21.88 -1.10
CA HIS L 98 -64.19 21.90 -1.96
C HIS L 98 -64.28 20.61 -2.74
N ARG L 99 -65.43 20.42 -3.41
CA ARG L 99 -65.61 19.27 -4.27
CA ARG L 99 -65.65 19.26 -4.24
C ARG L 99 -66.07 19.72 -5.64
N GLU L 100 -65.35 19.29 -6.67
CA GLU L 100 -65.70 19.72 -8.01
C GLU L 100 -65.91 18.55 -8.97
N TYR L 101 -66.55 18.83 -10.10
CA TYR L 101 -66.88 17.77 -11.04
C TYR L 101 -65.81 17.65 -12.10
N VAL L 102 -65.08 16.54 -12.08
CA VAL L 102 -64.08 16.29 -13.09
C VAL L 102 -64.70 16.07 -14.47
N SER L 103 -65.35 14.91 -14.62
CA SER L 103 -65.83 14.47 -15.90
C SER L 103 -66.74 13.26 -15.77
N VAL L 104 -67.54 12.98 -16.78
CA VAL L 104 -68.33 11.76 -16.78
C VAL L 104 -67.42 10.68 -17.32
N LEU L 105 -67.63 9.45 -16.87
CA LEU L 105 -66.75 8.37 -17.28
C LEU L 105 -67.54 7.47 -18.19
N SER L 106 -67.11 7.39 -19.45
CA SER L 106 -67.80 6.55 -20.43
C SER L 106 -66.88 5.49 -20.98
N GLY L 107 -67.48 4.42 -21.48
CA GLY L 107 -66.74 3.41 -22.18
C GLY L 107 -67.46 3.16 -23.48
N THR L 108 -66.76 2.66 -24.48
CA THR L 108 -67.45 2.19 -25.68
C THR L 108 -67.17 0.70 -25.85
N ASN L 109 -68.15 0.01 -26.41
CA ASN L 109 -68.12 -1.45 -26.46
C ASN L 109 -66.97 -2.02 -27.29
N GLY L 110 -66.29 -3.02 -26.74
CA GLY L 110 -65.19 -3.67 -27.45
C GLY L 110 -63.97 -2.78 -27.65
N GLU L 111 -63.95 -1.67 -26.93
CA GLU L 111 -62.79 -0.82 -26.91
C GLU L 111 -62.15 -0.82 -25.54
N PHE L 112 -60.85 -0.57 -25.51
CA PHE L 112 -60.16 -0.28 -24.26
C PHE L 112 -60.12 1.23 -24.23
N LEU L 113 -61.17 1.83 -23.69
CA LEU L 113 -61.37 3.27 -23.79
C LEU L 113 -60.68 4.07 -22.67
N ARG L 114 -59.60 4.76 -23.04
CA ARG L 114 -58.76 5.44 -22.07
C ARG L 114 -59.05 6.95 -22.01
N ASN L 115 -59.46 7.45 -20.86
CA ASN L 115 -59.85 8.85 -20.70
C ASN L 115 -60.94 9.26 -21.66
N ASN L 116 -61.98 8.44 -21.75
CA ASN L 116 -62.98 8.54 -22.81
C ASN L 116 -62.27 8.58 -24.18
N GLY L 117 -62.69 9.44 -25.09
CA GLY L 117 -61.92 9.59 -26.31
C GLY L 117 -60.48 10.06 -26.06
N THR L 118 -60.29 11.38 -26.05
CA THR L 118 -59.06 12.10 -25.66
C THR L 118 -57.71 11.35 -25.68
N GLY L 119 -57.50 10.47 -24.70
CA GLY L 119 -56.18 9.93 -24.41
C GLY L 119 -55.49 10.83 -23.38
N PRO L 120 -54.51 10.30 -22.64
CA PRO L 120 -53.87 11.03 -21.53
C PRO L 120 -52.90 12.12 -22.00
N ASN L 121 -53.37 13.36 -21.98
CA ASN L 121 -52.56 14.52 -22.37
C ASN L 121 -52.32 15.49 -21.22
N ASN L 122 -52.03 16.75 -21.55
CA ASN L 122 -51.70 17.77 -20.55
C ASN L 122 -52.86 18.64 -20.16
N ASP L 123 -53.90 18.02 -19.67
CA ASP L 123 -54.90 18.76 -18.94
C ASP L 123 -55.61 17.75 -18.07
N PHE L 124 -54.97 16.59 -17.92
CA PHE L 124 -55.32 15.69 -16.85
C PHE L 124 -54.19 15.82 -15.85
N SER L 125 -53.42 16.89 -15.97
CA SER L 125 -52.34 17.16 -15.04
C SER L 125 -52.92 17.90 -13.84
N ILE L 126 -52.45 17.56 -12.66
CA ILE L 126 -52.99 18.18 -11.47
C ILE L 126 -52.21 19.46 -11.16
N ASN L 127 -52.92 20.59 -11.17
CA ASN L 127 -52.40 21.93 -10.96
C ASN L 127 -53.62 22.79 -10.95
N PRO L 128 -53.54 23.99 -10.34
CA PRO L 128 -54.96 24.10 -10.08
C PRO L 128 -55.70 25.43 -10.11
N LEU L 129 -55.97 26.19 -11.18
CA LEU L 129 -55.40 26.27 -12.53
C LEU L 129 -55.65 25.26 -13.62
N ASN L 130 -56.29 24.16 -13.32
CA ASN L 130 -56.70 23.27 -14.41
C ASN L 130 -58.21 23.18 -14.55
N PRO L 131 -58.75 23.89 -15.54
CA PRO L 131 -60.19 24.10 -15.77
C PRO L 131 -60.98 22.79 -15.84
N PHE L 132 -60.34 21.77 -16.40
CA PHE L 132 -60.96 20.48 -16.52
C PHE L 132 -61.15 19.81 -15.15
N LEU L 133 -60.04 19.75 -14.40
CA LEU L 133 -60.07 19.16 -13.08
C LEU L 133 -60.64 20.03 -11.98
N PHE L 134 -60.51 21.35 -12.10
CA PHE L 134 -60.99 22.25 -11.05
C PHE L 134 -61.68 23.51 -11.58
N PRO L 135 -62.86 23.35 -12.18
CA PRO L 135 -63.61 24.44 -12.81
C PRO L 135 -63.77 25.64 -11.90
N TRP L 136 -64.16 25.38 -10.66
CA TRP L 136 -64.49 26.47 -9.75
C TRP L 136 -63.25 27.11 -9.17
N LEU L 137 -62.27 26.26 -8.83
CA LEU L 137 -61.03 26.68 -8.15
C LEU L 137 -60.16 27.61 -9.01
N VAL L 138 -60.20 27.40 -10.33
CA VAL L 138 -59.38 28.15 -11.28
C VAL L 138 -59.34 29.61 -10.93
N ASN L 139 -60.52 30.19 -10.78
CA ASN L 139 -60.66 31.62 -10.53
C ASN L 139 -59.92 32.08 -9.32
N ILE L 140 -59.98 31.32 -8.24
CA ILE L 140 -59.30 31.72 -7.02
C ILE L 140 -57.81 31.56 -7.23
N ALA L 141 -57.42 30.43 -7.80
CA ALA L 141 -56.00 30.10 -7.96
C ALA L 141 -55.21 31.11 -8.79
N ALA L 142 -55.90 31.77 -9.72
CA ALA L 142 -55.31 32.78 -10.58
C ALA L 142 -54.71 33.92 -9.77
N ASN L 143 -55.24 34.12 -8.57
CA ASN L 143 -54.79 35.20 -7.69
C ASN L 143 -53.60 34.84 -6.82
N PHE L 144 -52.95 33.70 -7.10
CA PHE L 144 -51.85 33.25 -6.26
C PHE L 144 -50.72 32.69 -7.06
N ASP L 145 -49.55 32.58 -6.44
CA ASP L 145 -48.38 32.15 -7.19
C ASP L 145 -48.02 30.69 -7.02
N GLN L 146 -48.30 30.10 -5.86
CA GLN L 146 -47.97 28.69 -5.71
C GLN L 146 -48.91 27.94 -4.78
N TYR L 147 -48.90 26.62 -4.90
CA TYR L 147 -49.91 25.81 -4.25
C TYR L 147 -49.26 24.59 -3.65
N LYS L 148 -49.97 23.97 -2.72
CA LYS L 148 -49.58 22.68 -2.21
C LYS L 148 -50.83 21.92 -1.83
N PHE L 149 -51.05 20.78 -2.44
CA PHE L 149 -52.20 19.97 -2.08
C PHE L 149 -52.00 19.24 -0.75
N ASN L 150 -53.02 19.30 0.10
CA ASN L 150 -53.01 18.57 1.35
C ASN L 150 -53.66 17.22 1.25
N SER L 151 -54.89 17.20 0.78
CA SER L 151 -55.56 15.94 0.53
C SER L 151 -56.17 16.02 -0.85
N LEU L 152 -56.22 14.90 -1.54
CA LEU L 152 -56.72 14.91 -2.89
C LEU L 152 -57.30 13.55 -3.23
N ARG L 153 -58.62 13.49 -3.36
CA ARG L 153 -59.30 12.22 -3.64
C ARG L 153 -60.20 12.35 -4.84
N PHE L 154 -60.10 11.35 -5.72
CA PHE L 154 -61.03 11.21 -6.81
C PHE L 154 -62.08 10.15 -6.45
N GLU L 155 -63.34 10.46 -6.72
CA GLU L 155 -64.45 9.63 -6.28
C GLU L 155 -65.31 9.28 -7.48
N TYR L 156 -65.64 8.02 -7.65
CA TYR L 156 -66.47 7.58 -8.76
C TYR L 156 -67.84 7.16 -8.25
N VAL L 157 -68.90 7.80 -8.72
CA VAL L 157 -70.25 7.43 -8.31
C VAL L 157 -71.03 6.82 -9.47
N PRO L 158 -71.39 5.54 -9.36
CA PRO L 158 -71.99 4.80 -10.48
C PRO L 158 -73.27 5.44 -11.05
N LEU L 159 -73.40 5.36 -12.37
CA LEU L 159 -74.50 5.96 -13.09
C LEU L 159 -75.40 4.85 -13.56
N VAL L 160 -75.02 3.63 -13.23
CA VAL L 160 -75.48 2.47 -13.96
C VAL L 160 -75.86 1.27 -13.05
N ASN L 161 -76.80 0.43 -13.49
CA ASN L 161 -77.27 -0.71 -12.69
C ASN L 161 -76.32 -1.93 -12.72
N THR L 162 -76.55 -2.89 -11.83
CA THR L 162 -75.57 -3.97 -11.64
C THR L 162 -75.65 -5.11 -12.64
N THR L 163 -76.42 -4.96 -13.70
CA THR L 163 -76.43 -5.97 -14.73
C THR L 163 -75.47 -5.49 -15.78
N THR L 164 -74.79 -4.38 -15.47
CA THR L 164 -74.05 -3.66 -16.51
C THR L 164 -72.76 -4.33 -17.01
N ASN L 165 -71.92 -4.77 -16.09
CA ASN L 165 -70.63 -5.42 -16.41
C ASN L 165 -69.56 -4.67 -17.24
N GLY L 166 -68.35 -5.20 -17.18
CA GLY L 166 -67.16 -4.47 -17.62
C GLY L 166 -66.34 -3.99 -16.43
N ARG L 167 -65.38 -3.13 -16.70
CA ARG L 167 -64.47 -2.63 -15.68
C ARG L 167 -64.35 -1.13 -15.83
N VAL L 168 -64.27 -0.43 -14.72
CA VAL L 168 -63.80 0.95 -14.75
C VAL L 168 -62.61 0.98 -13.81
N ALA L 169 -61.64 1.83 -14.12
CA ALA L 169 -60.43 1.89 -13.31
C ALA L 169 -59.95 3.32 -13.20
N LEU L 170 -59.53 3.71 -12.01
CA LEU L 170 -58.96 5.04 -11.82
C LEU L 170 -57.46 4.90 -11.50
N TYR L 171 -56.64 5.70 -12.16
CA TYR L 171 -55.24 5.66 -11.83
C TYR L 171 -54.64 7.04 -11.64
N PHE L 172 -53.49 7.08 -10.98
CA PHE L 172 -52.72 8.30 -10.79
C PHE L 172 -51.24 8.00 -10.98
N ASP L 173 -50.53 8.92 -11.63
CA ASP L 173 -49.08 8.76 -11.82
C ASP L 173 -48.37 10.08 -11.58
N LYS L 174 -47.23 10.05 -10.90
CA LYS L 174 -46.56 11.29 -10.53
C LYS L 174 -45.94 12.01 -11.73
N ASP L 175 -45.55 11.23 -12.73
CA ASP L 175 -45.06 11.84 -13.95
C ASP L 175 -46.24 12.57 -14.60
N SER L 176 -46.29 13.88 -14.39
CA SER L 176 -47.34 14.72 -14.95
C SER L 176 -47.63 14.40 -16.43
N GLU L 177 -46.58 14.05 -17.16
CA GLU L 177 -46.74 13.74 -18.57
C GLU L 177 -46.38 12.30 -18.88
N ASP L 178 -46.80 11.42 -17.98
CA ASP L 178 -46.81 9.98 -18.20
C ASP L 178 -47.72 9.70 -19.39
N PRO L 179 -47.27 8.81 -20.30
CA PRO L 179 -48.11 8.43 -21.46
C PRO L 179 -49.23 7.53 -21.02
N GLY L 180 -49.90 6.90 -21.97
CA GLY L 180 -50.96 5.99 -21.54
C GLY L 180 -50.54 4.65 -20.95
N PRO L 181 -51.46 4.01 -20.21
CA PRO L 181 -51.38 2.57 -20.09
C PRO L 181 -51.87 2.01 -21.41
N ASP L 182 -51.12 1.07 -21.98
CA ASP L 182 -51.37 0.65 -23.34
C ASP L 182 -52.46 -0.38 -23.49
N ASP L 183 -52.72 -1.14 -22.44
CA ASP L 183 -53.71 -2.20 -22.46
C ASP L 183 -54.05 -2.57 -21.02
N ARG L 184 -54.98 -3.50 -20.85
CA ARG L 184 -55.45 -3.81 -19.51
C ARG L 184 -54.36 -4.36 -18.58
N ALA L 185 -53.33 -4.96 -19.15
CA ALA L 185 -52.27 -5.55 -18.36
C ALA L 185 -51.34 -4.49 -17.83
N ALA L 186 -51.10 -3.46 -18.64
CA ALA L 186 -50.19 -2.38 -18.26
C ALA L 186 -50.86 -1.56 -17.18
N LEU L 187 -52.14 -1.28 -17.40
CA LEU L 187 -52.98 -0.55 -16.46
C LEU L 187 -52.84 -1.09 -15.03
N ALA L 188 -52.57 -2.40 -14.89
CA ALA L 188 -52.47 -3.01 -13.58
C ALA L 188 -51.21 -2.58 -12.82
N ASN L 189 -50.15 -2.22 -13.55
CA ASN L 189 -48.87 -2.00 -12.93
C ASN L 189 -48.76 -0.67 -12.15
N TYR L 190 -49.76 0.19 -12.28
CA TYR L 190 -49.72 1.43 -11.54
C TYR L 190 -49.71 1.16 -10.04
N ALA L 191 -49.07 2.04 -9.29
CA ALA L 191 -49.06 1.89 -7.84
C ALA L 191 -50.34 2.45 -7.25
N HIS L 192 -50.92 3.42 -7.94
CA HIS L 192 -52.13 4.08 -7.43
C HIS L 192 -53.30 3.87 -8.35
N LEU L 193 -54.00 2.76 -8.11
CA LEU L 193 -54.96 2.25 -9.05
C LEU L 193 -56.14 1.75 -8.29
N SER L 194 -57.32 1.99 -8.82
CA SER L 194 -58.51 1.35 -8.29
C SER L 194 -59.37 0.73 -9.41
N GLU L 195 -59.61 -0.58 -9.31
CA GLU L 195 -60.36 -1.27 -10.35
C GLU L 195 -61.64 -1.84 -9.75
N ILE L 196 -62.78 -1.56 -10.38
CA ILE L 196 -64.05 -2.01 -9.85
C ILE L 196 -64.98 -2.34 -10.98
N SER L 197 -66.14 -2.93 -10.64
CA SER L 197 -67.24 -3.11 -11.58
C SER L 197 -67.91 -1.77 -11.73
N PRO L 198 -68.52 -1.50 -12.89
CA PRO L 198 -68.96 -0.13 -13.16
C PRO L 198 -70.13 0.27 -12.27
N TRP L 199 -70.83 -0.72 -11.74
CA TRP L 199 -72.04 -0.43 -10.98
C TRP L 199 -71.74 -0.12 -9.53
N ALA L 200 -70.46 -0.13 -9.19
CA ALA L 200 -70.05 0.06 -7.82
C ALA L 200 -69.46 1.45 -7.60
N ILE L 201 -69.17 1.76 -6.35
CA ILE L 201 -68.61 3.05 -6.02
C ILE L 201 -67.17 2.82 -5.60
N THR L 202 -66.31 3.81 -5.77
CA THR L 202 -64.92 3.67 -5.35
C THR L 202 -64.29 5.03 -5.24
N LYS L 203 -63.08 5.08 -4.73
CA LYS L 203 -62.37 6.32 -4.74
C LYS L 203 -60.90 6.05 -4.76
N LEU L 204 -60.16 6.95 -5.40
CA LEU L 204 -58.71 6.82 -5.50
C LEU L 204 -58.09 7.97 -4.74
N THR L 205 -57.23 7.67 -3.77
CA THR L 205 -56.61 8.74 -2.98
C THR L 205 -55.22 9.05 -3.52
N VAL L 206 -55.00 10.29 -3.91
CA VAL L 206 -53.71 10.65 -4.45
C VAL L 206 -52.72 11.02 -3.35
N PRO L 207 -51.55 10.38 -3.34
CA PRO L 207 -50.52 10.76 -2.36
C PRO L 207 -50.07 12.19 -2.58
N THR L 208 -50.15 12.99 -1.53
CA THR L 208 -49.77 14.39 -1.61
C THR L 208 -48.40 14.57 -1.00
N ASP L 209 -47.50 15.19 -1.74
CA ASP L 209 -46.21 15.48 -1.13
C ASP L 209 -46.25 16.83 -0.46
N ASN L 210 -45.06 17.29 -0.13
CA ASN L 210 -44.97 18.41 0.74
C ASN L 210 -44.04 19.49 0.15
N VAL L 211 -44.31 19.87 -1.09
CA VAL L 211 -43.50 20.86 -1.78
C VAL L 211 -44.35 21.85 -2.56
N LYS L 212 -44.06 23.14 -2.40
CA LYS L 212 -44.78 24.16 -3.14
C LYS L 212 -44.34 24.09 -4.58
N ARG L 213 -45.30 24.13 -5.49
CA ARG L 213 -44.99 24.22 -6.91
C ARG L 213 -45.79 25.38 -7.47
N PHE L 214 -45.38 25.91 -8.61
CA PHE L 214 -46.06 27.09 -9.14
C PHE L 214 -47.44 26.80 -9.69
N ILE L 215 -48.36 27.73 -9.48
CA ILE L 215 -49.65 27.65 -10.12
C ILE L 215 -49.43 28.17 -11.53
N SER L 216 -49.64 27.31 -12.52
CA SER L 216 -49.39 27.72 -13.90
C SER L 216 -50.13 26.87 -14.92
N ASP L 217 -50.49 27.46 -16.05
CA ASP L 217 -51.03 26.70 -17.18
C ASP L 217 -49.93 25.82 -17.72
N THR L 218 -50.32 24.75 -18.42
CA THR L 218 -49.36 23.70 -18.78
C THR L 218 -48.33 24.16 -19.81
N SER L 219 -48.47 25.40 -20.26
CA SER L 219 -47.53 26.00 -21.18
C SER L 219 -46.60 26.98 -20.45
N SER L 220 -45.82 26.44 -19.52
CA SER L 220 -44.81 27.21 -18.81
C SER L 220 -43.72 26.27 -18.33
N GLY L 221 -42.87 25.84 -19.25
CA GLY L 221 -41.77 24.95 -18.95
C GLY L 221 -42.17 23.61 -18.35
N ASP L 222 -41.16 22.80 -18.04
CA ASP L 222 -41.31 21.41 -17.61
C ASP L 222 -42.51 21.12 -16.71
N PRO L 223 -43.52 20.39 -17.22
CA PRO L 223 -44.73 20.05 -16.49
C PRO L 223 -44.42 19.25 -15.24
N LYS L 224 -43.23 18.67 -15.18
CA LYS L 224 -42.82 17.94 -14.00
C LYS L 224 -42.49 18.88 -12.85
N LEU L 225 -42.37 20.16 -13.14
CA LEU L 225 -42.04 21.13 -12.11
C LEU L 225 -43.26 21.72 -11.47
N ILE L 226 -44.32 21.87 -12.27
CA ILE L 226 -45.51 22.58 -11.80
C ILE L 226 -46.67 21.69 -11.38
N ASN L 227 -46.78 20.52 -11.99
CA ASN L 227 -47.90 19.64 -11.73
C ASN L 227 -47.57 18.54 -10.75
N LEU L 228 -48.53 18.18 -9.92
CA LEU L 228 -48.35 17.18 -8.88
C LEU L 228 -48.22 15.80 -9.48
N GLY L 229 -49.09 15.54 -10.45
CA GLY L 229 -49.07 14.29 -11.17
C GLY L 229 -50.13 14.26 -12.26
N GLN L 230 -50.60 13.06 -12.59
CA GLN L 230 -51.57 12.94 -13.64
C GLN L 230 -52.69 12.03 -13.18
N PHE L 231 -53.93 12.41 -13.47
CA PHE L 231 -55.06 11.57 -13.21
C PHE L 231 -55.51 10.92 -14.50
N GLY L 232 -56.11 9.74 -14.40
CA GLY L 232 -56.58 9.08 -15.61
C GLY L 232 -57.52 7.93 -15.30
N TRP L 233 -58.37 7.59 -16.26
CA TRP L 233 -59.27 6.46 -16.08
C TRP L 233 -59.36 5.63 -17.33
N VAL L 234 -59.91 4.43 -17.20
CA VAL L 234 -59.97 3.47 -18.30
C VAL L 234 -61.25 2.70 -18.12
N ALA L 235 -61.89 2.35 -19.23
CA ALA L 235 -63.06 1.48 -19.17
C ALA L 235 -62.94 0.43 -20.28
N TYR L 236 -62.74 -0.82 -19.91
CA TYR L 236 -62.63 -1.86 -20.91
C TYR L 236 -63.63 -2.93 -20.64
N SER L 237 -63.78 -3.83 -21.62
CA SER L 237 -64.89 -4.77 -21.66
C SER L 237 -66.14 -3.96 -21.54
N GLY L 238 -67.19 -4.50 -20.95
CA GLY L 238 -68.39 -3.69 -20.77
C GLY L 238 -69.06 -3.02 -21.97
N PRO L 239 -70.18 -2.33 -21.70
CA PRO L 239 -71.04 -1.83 -22.77
C PRO L 239 -70.51 -0.51 -23.23
N THR L 240 -71.32 0.15 -24.04
CA THR L 240 -70.98 1.44 -24.57
C THR L 240 -71.98 2.45 -23.99
N ALA L 241 -71.55 3.12 -22.92
CA ALA L 241 -72.43 3.97 -22.13
C ALA L 241 -71.69 4.92 -21.20
N GLU L 242 -72.46 5.78 -20.55
CA GLU L 242 -71.90 6.68 -19.57
C GLU L 242 -72.08 6.00 -18.23
N LEU L 243 -70.97 5.52 -17.68
CA LEU L 243 -70.94 4.60 -16.54
C LEU L 243 -71.01 5.26 -15.14
N GLY L 244 -70.40 6.43 -14.96
CA GLY L 244 -70.38 7.07 -13.67
C GLY L 244 -69.88 8.50 -13.68
N ASP L 245 -70.16 9.20 -12.59
CA ASP L 245 -69.63 10.53 -12.38
C ASP L 245 -68.26 10.44 -11.71
N ILE L 246 -67.38 11.39 -12.02
CA ILE L 246 -66.09 11.45 -11.36
C ILE L 246 -65.95 12.79 -10.68
N PHE L 247 -65.95 12.76 -9.35
CA PHE L 247 -65.80 13.96 -8.55
C PHE L 247 -64.40 13.99 -7.98
N VAL L 248 -63.92 15.18 -7.65
CA VAL L 248 -62.67 15.34 -6.92
C VAL L 248 -62.90 16.12 -5.61
N GLU L 249 -62.39 15.59 -4.50
CA GLU L 249 -62.45 16.31 -3.25
C GLU L 249 -61.05 16.77 -3.01
N TYR L 250 -60.88 18.02 -2.58
CA TYR L 250 -59.53 18.54 -2.36
C TYR L 250 -59.37 19.50 -1.21
N THR L 251 -58.13 19.61 -0.74
CA THR L 251 -57.76 20.68 0.16
C THR L 251 -56.44 21.23 -0.30
N VAL L 252 -56.44 22.49 -0.76
CA VAL L 252 -55.22 23.10 -1.27
C VAL L 252 -54.81 24.21 -0.39
N ASP L 253 -53.52 24.49 -0.38
CA ASP L 253 -52.99 25.68 0.25
C ASP L 253 -52.51 26.54 -0.89
N LEU L 254 -52.90 27.81 -0.89
CA LEU L 254 -52.40 28.74 -1.91
C LEU L 254 -51.49 29.75 -1.26
N PHE L 255 -50.37 30.03 -1.92
CA PHE L 255 -49.38 30.91 -1.36
C PHE L 255 -49.09 32.12 -2.23
N GLU L 256 -48.54 33.15 -1.62
CA GLU L 256 -48.08 34.35 -2.33
C GLU L 256 -49.16 34.99 -3.20
N ALA L 257 -49.93 35.89 -2.63
CA ALA L 257 -50.92 36.62 -3.40
C ALA L 257 -50.19 37.45 -4.42
N GLN L 258 -50.79 37.59 -5.59
CA GLN L 258 -50.17 38.32 -6.69
C GLN L 258 -51.28 38.93 -7.49
N PRO L 259 -50.96 39.86 -8.41
CA PRO L 259 -51.95 40.35 -9.37
C PRO L 259 -52.43 39.24 -10.29
N THR L 260 -53.75 39.24 -10.55
CA THR L 260 -54.47 38.14 -11.20
C THR L 260 -53.89 37.70 -12.54
N SER L 261 -53.62 36.41 -12.65
CA SER L 261 -53.21 35.82 -13.91
C SER L 261 -54.40 35.80 -14.86
N PRO L 262 -54.12 35.93 -16.17
CA PRO L 262 -55.19 35.94 -17.18
C PRO L 262 -55.76 34.56 -17.37
N LEU L 263 -57.05 34.46 -17.60
CA LEU L 263 -57.70 33.17 -17.76
C LEU L 263 -58.25 32.93 -19.18
N LEU L 264 -57.64 33.58 -20.17
CA LEU L 264 -58.08 33.39 -21.55
C LEU L 264 -57.15 32.43 -22.23
N GLU L 265 -57.53 31.99 -23.43
CA GLU L 265 -56.66 31.10 -24.21
C GLU L 265 -56.17 31.74 -25.50
N SER L 266 -54.91 31.54 -25.84
CA SER L 266 -54.32 32.09 -27.04
C SER L 266 -53.55 30.98 -27.70
N LEU L 267 -54.20 30.33 -28.65
CA LEU L 267 -53.61 29.19 -29.34
C LEU L 267 -53.29 29.57 -30.78
N PHE L 268 -52.03 29.46 -31.16
CA PHE L 268 -51.60 29.97 -32.47
C PHE L 268 -50.77 28.95 -33.22
N ARG L 269 -50.99 28.86 -34.52
CA ARG L 269 -50.21 27.96 -35.35
C ARG L 269 -49.66 28.64 -36.61
N GLU L 270 -48.46 28.22 -37.00
CA GLU L 270 -47.92 28.43 -38.34
C GLU L 270 -47.20 27.10 -38.67
N SER L 271 -47.22 26.57 -39.89
CA SER L 271 -47.69 27.18 -41.16
C SER L 271 -46.96 28.45 -41.57
N ALA L 272 -45.80 28.29 -42.20
CA ALA L 272 -45.30 26.97 -42.60
C ALA L 272 -44.48 26.26 -41.51
N SER L 273 -43.95 27.02 -40.57
CA SER L 273 -43.04 26.52 -39.53
C SER L 273 -43.50 25.26 -38.73
N SER L 274 -44.75 24.83 -38.93
CA SER L 274 -45.31 23.59 -38.35
C SER L 274 -45.64 23.62 -36.86
N VAL L 275 -45.09 24.59 -36.12
CA VAL L 275 -45.25 24.61 -34.67
C VAL L 275 -46.49 25.38 -34.22
N GLN L 276 -47.10 24.91 -33.14
CA GLN L 276 -48.22 25.62 -32.54
C GLN L 276 -47.88 25.97 -31.10
N THR L 277 -48.29 27.17 -30.70
CA THR L 277 -47.95 27.68 -29.39
C THR L 277 -49.20 28.09 -28.64
N ARG L 278 -49.29 27.69 -27.38
CA ARG L 278 -50.43 28.03 -26.56
C ARG L 278 -50.04 28.86 -25.35
N MET L 279 -50.78 29.93 -25.09
CA MET L 279 -50.68 30.60 -23.80
C MET L 279 -52.04 30.57 -23.14
N GLY L 280 -52.06 30.50 -21.81
CA GLY L 280 -53.32 30.50 -21.10
C GLY L 280 -53.88 29.11 -20.92
N LEU L 281 -55.16 29.03 -20.56
CA LEU L 281 -55.78 27.77 -20.20
C LEU L 281 -56.07 26.87 -21.41
N PRO L 282 -56.06 25.56 -21.22
CA PRO L 282 -56.31 24.66 -22.34
C PRO L 282 -57.79 24.36 -22.53
N TYR L 283 -58.60 25.37 -22.81
CA TYR L 283 -60.02 25.15 -23.14
C TYR L 283 -60.15 24.39 -24.45
N PHE L 284 -59.42 24.86 -25.45
CA PHE L 284 -59.45 24.25 -26.77
C PHE L 284 -58.09 23.72 -27.15
N SER L 285 -58.07 22.85 -28.16
CA SER L 285 -56.83 22.29 -28.69
C SER L 285 -56.95 22.28 -30.19
N LEU L 286 -55.81 22.35 -30.87
CA LEU L 286 -55.80 22.31 -32.32
C LEU L 286 -55.54 20.91 -32.84
N GLU L 287 -56.46 20.39 -33.66
CA GLU L 287 -56.42 19.00 -34.09
C GLU L 287 -56.02 18.83 -35.56
N VAL L 288 -56.59 19.67 -36.43
CA VAL L 288 -56.15 19.67 -37.82
C VAL L 288 -55.63 21.01 -38.34
N ALA L 289 -54.45 20.95 -38.94
CA ALA L 289 -53.80 22.11 -39.55
C ALA L 289 -54.51 22.45 -40.85
N SER L 290 -54.06 21.79 -41.92
CA SER L 290 -54.68 21.87 -43.23
C SER L 290 -54.71 23.29 -43.84
N ALA L 291 -55.09 23.34 -45.12
CA ALA L 291 -55.26 24.59 -45.83
C ALA L 291 -56.69 24.60 -46.31
N THR L 292 -57.39 23.53 -46.00
CA THR L 292 -58.77 23.32 -46.43
C THR L 292 -59.71 23.36 -45.23
N ASP L 293 -59.16 22.99 -44.07
CA ASP L 293 -59.95 22.89 -42.85
C ASP L 293 -59.14 23.39 -41.64
N LEU L 294 -59.86 23.96 -40.66
CA LEU L 294 -59.30 24.21 -39.35
C LEU L 294 -60.27 23.65 -38.31
N VAL L 295 -59.84 22.65 -37.52
CA VAL L 295 -60.67 22.15 -36.44
C VAL L 295 -60.04 22.25 -35.05
N TRP L 296 -60.79 22.86 -34.15
CA TRP L 296 -60.37 23.05 -32.79
C TRP L 296 -61.24 22.09 -32.00
N GLN L 297 -60.72 21.61 -30.87
CA GLN L 297 -61.46 20.66 -30.06
C GLN L 297 -61.66 21.16 -28.64
N ALA L 298 -62.89 21.06 -28.14
CA ALA L 298 -63.20 21.47 -26.79
C ALA L 298 -62.65 20.46 -25.78
N ARG L 299 -61.85 20.93 -24.84
CA ARG L 299 -61.31 20.07 -23.81
C ARG L 299 -62.05 20.33 -22.50
N VAL L 300 -62.70 21.48 -22.43
CA VAL L 300 -63.37 21.88 -21.21
C VAL L 300 -64.77 22.36 -21.55
N PRO L 301 -65.77 21.58 -21.15
CA PRO L 301 -67.17 21.92 -21.46
C PRO L 301 -67.55 23.28 -20.93
N GLY L 302 -68.30 24.03 -21.74
CA GLY L 302 -68.79 25.32 -21.30
C GLY L 302 -69.13 26.25 -22.44
N THR L 303 -69.52 27.47 -22.09
CA THR L 303 -69.86 28.46 -23.08
C THR L 303 -68.73 29.48 -23.25
N TYR L 304 -68.32 29.70 -24.49
CA TYR L 304 -67.16 30.53 -24.77
C TYR L 304 -67.49 31.61 -25.77
N VAL L 305 -66.69 32.66 -25.77
CA VAL L 305 -66.72 33.65 -26.84
C VAL L 305 -65.37 33.50 -27.49
N VAL L 306 -65.36 32.79 -28.61
CA VAL L 306 -64.12 32.50 -29.29
C VAL L 306 -63.88 33.48 -30.44
N THR L 307 -62.63 33.91 -30.61
CA THR L 307 -62.25 34.81 -31.70
C THR L 307 -61.19 34.10 -32.51
N ILE L 308 -61.44 33.91 -33.80
CA ILE L 308 -60.52 33.14 -34.63
C ILE L 308 -60.10 33.96 -35.82
N ILE L 309 -58.80 34.10 -35.99
CA ILE L 309 -58.27 34.92 -37.08
C ILE L 309 -57.19 34.13 -37.81
N PHE L 310 -57.19 34.22 -39.14
CA PHE L 310 -56.29 33.40 -39.95
C PHE L 310 -56.01 33.97 -41.34
N ASN L 311 -55.05 33.36 -42.01
CA ASN L 311 -54.65 33.76 -43.34
C ASN L 311 -54.94 32.69 -44.42
N SER L 312 -56.07 32.85 -45.09
CA SER L 312 -56.36 32.03 -46.26
C SER L 312 -56.00 32.84 -47.50
N THR L 313 -56.33 32.33 -48.68
CA THR L 313 -56.30 33.18 -49.87
C THR L 313 -57.71 33.26 -50.42
N VAL L 314 -58.40 34.32 -50.01
CA VAL L 314 -59.75 34.62 -50.46
C VAL L 314 -60.69 33.45 -50.05
N GLY L 315 -61.85 33.34 -50.66
CA GLY L 315 -62.80 32.34 -50.20
C GLY L 315 -63.39 32.78 -48.88
N GLY L 316 -64.23 31.92 -48.32
CA GLY L 316 -64.82 32.18 -47.02
C GLY L 316 -64.56 31.00 -46.13
N LEU L 317 -65.50 30.73 -45.24
CA LEU L 317 -65.35 29.66 -44.26
C LEU L 317 -66.68 29.02 -44.01
N THR L 318 -66.66 27.76 -43.60
CA THR L 318 -67.88 27.08 -43.24
C THR L 318 -67.77 26.49 -41.84
N PRO L 319 -68.34 27.19 -40.84
CA PRO L 319 -68.28 26.79 -39.44
C PRO L 319 -69.32 25.75 -39.13
N SER L 320 -68.98 24.81 -38.24
CA SER L 320 -69.93 23.84 -37.74
C SER L 320 -69.46 23.35 -36.39
N ILE L 321 -70.35 22.74 -35.63
CA ILE L 321 -69.92 22.05 -34.43
C ILE L 321 -70.21 20.57 -34.57
N SER L 322 -69.20 19.83 -35.02
CA SER L 322 -69.27 18.38 -34.99
C SER L 322 -69.21 17.93 -33.53
N GLY L 323 -69.96 16.89 -33.20
CA GLY L 323 -70.03 16.46 -31.81
C GLY L 323 -71.12 17.23 -31.10
N GLY L 324 -71.08 17.20 -29.77
CA GLY L 324 -72.09 17.90 -28.99
C GLY L 324 -71.78 19.37 -28.79
N GLY L 325 -72.67 20.24 -29.25
CA GLY L 325 -72.46 21.66 -29.08
C GLY L 325 -73.36 22.44 -29.99
N THR L 326 -73.61 23.70 -29.66
CA THR L 326 -74.37 24.59 -30.53
C THR L 326 -73.68 25.95 -30.69
N ILE L 327 -73.86 26.59 -31.85
CA ILE L 327 -73.35 27.95 -32.03
C ILE L 327 -74.50 28.91 -31.77
N ASN L 328 -74.25 29.93 -30.95
CA ASN L 328 -75.35 30.80 -30.54
C ASN L 328 -75.37 32.12 -31.27
N SER L 329 -74.19 32.62 -31.65
CA SER L 329 -74.10 33.93 -32.32
C SER L 329 -72.85 34.00 -33.18
N SER L 330 -73.02 33.90 -34.50
CA SER L 330 -71.89 33.94 -35.42
C SER L 330 -71.70 35.32 -35.97
N PHE L 331 -70.46 35.61 -36.32
CA PHE L 331 -70.12 36.76 -37.14
C PHE L 331 -68.82 36.46 -37.87
N SER L 332 -68.80 36.68 -39.18
CA SER L 332 -67.56 36.47 -39.91
C SER L 332 -67.36 37.52 -40.96
N VAL L 333 -66.09 37.78 -41.22
CA VAL L 333 -65.67 38.61 -42.33
C VAL L 333 -64.46 37.95 -42.93
N SER L 334 -64.57 37.54 -44.20
CA SER L 334 -63.52 36.77 -44.84
C SER L 334 -63.25 37.23 -46.26
N THR L 335 -61.99 37.53 -46.54
CA THR L 335 -61.56 38.00 -47.86
C THR L 335 -60.11 37.66 -48.13
N ALA L 336 -59.57 38.38 -49.13
CA ALA L 336 -58.13 38.59 -49.34
C ALA L 336 -57.21 37.52 -48.78
N GLY L 337 -56.32 37.94 -47.88
CA GLY L 337 -55.44 37.03 -47.18
C GLY L 337 -55.70 37.05 -45.68
N SER L 338 -56.86 37.58 -45.31
CA SER L 338 -57.24 37.74 -43.90
C SER L 338 -58.70 37.39 -43.71
N SER L 339 -58.99 36.65 -42.66
CA SER L 339 -60.36 36.31 -42.30
C SER L 339 -60.50 36.38 -40.80
N ALA L 340 -61.71 36.66 -40.34
CA ALA L 340 -61.97 36.72 -38.90
C ALA L 340 -63.37 36.21 -38.58
N TYR L 341 -63.45 35.36 -37.56
CA TYR L 341 -64.70 34.73 -37.13
C TYR L 341 -64.77 34.82 -35.63
N VAL L 342 -65.80 35.47 -35.13
CA VAL L 342 -66.03 35.50 -33.69
C VAL L 342 -67.43 34.96 -33.39
N ALA L 343 -67.51 34.14 -32.36
CA ALA L 343 -68.74 33.39 -32.12
C ALA L 343 -68.97 33.14 -30.64
N ASN L 344 -70.21 32.84 -30.29
CA ASN L 344 -70.57 32.55 -28.94
C ASN L 344 -71.04 31.11 -28.90
N ILE L 345 -70.13 30.20 -28.62
CA ILE L 345 -70.45 28.79 -28.65
C ILE L 345 -70.65 28.17 -27.28
N THR L 346 -71.53 27.17 -27.21
CA THR L 346 -71.64 26.30 -26.08
C THR L 346 -71.19 24.95 -26.59
N ILE L 347 -70.32 24.28 -25.84
CA ILE L 347 -69.69 23.10 -26.40
C ILE L 347 -69.37 22.08 -25.32
N ARG L 348 -69.32 20.81 -25.72
CA ARG L 348 -68.98 19.73 -24.80
C ARG L 348 -67.62 19.18 -25.04
N VAL L 349 -67.21 18.34 -24.09
CA VAL L 349 -65.89 17.74 -24.10
C VAL L 349 -65.77 16.87 -25.33
N ASN L 350 -64.65 17.04 -26.02
CA ASN L 350 -64.35 16.30 -27.25
C ASN L 350 -65.21 16.61 -28.47
N ALA L 351 -66.00 17.68 -28.43
CA ALA L 351 -66.65 18.17 -29.63
C ALA L 351 -65.68 19.04 -30.43
N ASN L 352 -66.01 19.27 -31.69
CA ASN L 352 -65.12 20.04 -32.56
C ASN L 352 -65.79 21.28 -33.12
N LEU L 353 -65.00 22.34 -33.22
CA LEU L 353 -65.43 23.54 -33.90
C LEU L 353 -64.61 23.56 -35.14
N SER L 354 -65.25 23.28 -36.27
CA SER L 354 -64.50 23.17 -37.51
C SER L 354 -64.77 24.37 -38.41
N LEU L 355 -63.70 24.91 -38.98
CA LEU L 355 -63.83 25.89 -40.02
C LEU L 355 -63.49 25.21 -41.33
N SER L 356 -64.53 24.80 -42.07
CA SER L 356 -64.37 24.05 -43.32
C SER L 356 -64.53 24.92 -44.55
N GLY L 357 -64.25 24.32 -45.71
CA GLY L 357 -64.37 25.02 -46.97
C GLY L 357 -63.33 26.10 -47.11
N LEU L 358 -62.24 25.97 -46.36
CA LEU L 358 -61.15 26.93 -46.47
C LEU L 358 -60.39 26.69 -47.76
N THR L 359 -59.59 27.67 -48.16
CA THR L 359 -58.90 27.58 -49.43
C THR L 359 -57.55 28.31 -49.39
N GLY L 360 -56.49 27.53 -49.16
CA GLY L 360 -55.15 28.07 -49.10
C GLY L 360 -54.88 28.76 -47.77
N ALA L 361 -55.25 28.07 -46.70
CA ALA L 361 -55.19 28.67 -45.37
C ALA L 361 -53.91 28.33 -44.61
N THR L 362 -53.18 29.37 -44.25
CA THR L 362 -52.00 29.23 -43.42
C THR L 362 -52.24 30.09 -42.18
N ASN L 363 -51.51 29.87 -41.09
CA ASN L 363 -51.52 30.83 -39.98
C ASN L 363 -52.88 31.06 -39.33
N ALA L 364 -53.14 30.39 -38.22
CA ALA L 364 -54.41 30.57 -37.54
C ALA L 364 -54.19 30.84 -36.05
N GLN L 365 -55.02 31.71 -35.50
CA GLN L 365 -54.95 31.98 -34.08
C GLN L 365 -56.34 32.04 -33.47
N LEU L 366 -56.44 31.50 -32.26
CA LEU L 366 -57.70 31.39 -31.53
C LEU L 366 -57.61 32.14 -30.20
N PHE L 367 -58.69 32.83 -29.87
CA PHE L 367 -58.78 33.47 -28.58
C PHE L 367 -60.06 32.98 -27.97
N ALA L 368 -59.97 32.32 -26.82
CA ALA L 368 -61.17 31.84 -26.16
C ALA L 368 -61.25 32.39 -24.75
N VAL L 369 -62.42 32.92 -24.38
CA VAL L 369 -62.72 33.25 -22.98
C VAL L 369 -64.07 32.67 -22.58
N ARG L 370 -64.22 32.39 -21.30
CA ARG L 370 -65.47 31.84 -20.80
C ARG L 370 -66.47 32.97 -20.78
N ALA L 371 -67.67 32.70 -21.26
CA ALA L 371 -68.76 33.66 -21.16
C ALA L 371 -70.03 32.91 -20.88
N ILE L 372 -71.12 33.64 -20.79
CA ILE L 372 -72.43 33.02 -20.74
C ILE L 372 -73.07 33.24 -22.11
N THR L 373 -74.13 32.50 -22.37
CA THR L 373 -74.72 32.44 -23.70
C THR L 373 -75.14 33.82 -24.17
N GLU L 374 -75.47 34.68 -23.20
CA GLU L 374 -76.10 35.98 -23.46
C GLU L 374 -75.12 37.04 -23.89
N ASN L 375 -73.83 36.76 -23.75
CA ASN L 375 -72.78 37.60 -24.33
C ASN L 375 -72.74 37.41 -25.84
N ALA L 376 -73.88 37.63 -26.50
CA ALA L 376 -74.05 37.26 -27.91
C ALA L 376 -73.44 38.29 -28.83
N VAL L 377 -72.89 37.84 -29.95
CA VAL L 377 -72.38 38.76 -30.97
C VAL L 377 -73.58 39.38 -31.70
N GLN L 378 -73.55 40.69 -31.90
CA GLN L 378 -74.75 41.40 -32.33
C GLN L 378 -74.67 41.98 -33.74
N VAL L 379 -73.49 41.94 -34.32
CA VAL L 379 -73.35 42.46 -35.67
C VAL L 379 -73.28 41.30 -36.66
N VAL L 380 -73.25 41.61 -37.95
CA VAL L 380 -73.11 40.58 -38.97
C VAL L 380 -72.43 41.11 -40.23
N GLY M 92 -18.38 39.33 7.29
CA GLY M 92 -17.18 38.73 7.84
C GLY M 92 -16.29 38.04 6.81
N SER M 93 -15.78 36.86 7.17
CA SER M 93 -14.86 36.13 6.30
C SER M 93 -15.57 35.09 5.43
N VAL M 94 -14.94 34.74 4.29
CA VAL M 94 -15.37 33.58 3.49
C VAL M 94 -14.28 32.50 3.49
N ARG M 95 -14.66 31.25 3.30
CA ARG M 95 -13.66 30.21 3.34
C ARG M 95 -13.77 29.25 2.16
N ILE M 96 -12.75 29.22 1.33
CA ILE M 96 -12.79 28.44 0.13
C ILE M 96 -11.91 27.21 0.27
N THR M 97 -12.40 26.06 -0.16
CA THR M 97 -11.52 24.89 -0.25
C THR M 97 -11.58 24.38 -1.69
N HIS M 98 -10.41 24.30 -2.35
CA HIS M 98 -10.40 23.97 -3.77
C HIS M 98 -9.10 23.36 -4.21
N ARG M 99 -9.13 22.77 -5.41
CA ARG M 99 -7.92 22.23 -6.02
CA ARG M 99 -7.93 22.21 -6.02
C ARG M 99 -7.87 22.73 -7.44
N GLU M 100 -6.71 23.22 -7.87
CA GLU M 100 -6.62 23.81 -9.21
C GLU M 100 -5.25 23.63 -9.87
N TYR M 101 -5.17 24.01 -11.14
CA TYR M 101 -3.99 23.65 -11.93
C TYR M 101 -2.87 24.67 -11.76
N VAL M 102 -1.66 24.19 -11.51
CA VAL M 102 -0.53 25.10 -11.36
C VAL M 102 0.24 25.28 -12.66
N SER M 103 0.81 24.19 -13.13
CA SER M 103 1.65 24.19 -14.32
C SER M 103 2.13 22.78 -14.62
N VAL M 104 2.58 22.59 -15.86
CA VAL M 104 3.14 21.30 -16.20
C VAL M 104 4.62 21.31 -15.80
N LEU M 105 5.08 20.21 -15.22
CA LEU M 105 6.45 20.15 -14.73
C LEU M 105 7.27 19.43 -15.76
N SER M 106 8.28 20.09 -16.29
CA SER M 106 9.10 19.51 -17.33
C SER M 106 10.57 19.52 -16.93
N GLY M 107 11.35 18.65 -17.55
CA GLY M 107 12.78 18.63 -17.38
C GLY M 107 13.45 18.58 -18.73
N THR M 108 14.71 18.97 -18.78
CA THR M 108 15.46 18.80 -20.01
C THR M 108 16.70 18.01 -19.65
N ASN M 109 17.22 17.27 -20.63
CA ASN M 109 18.26 16.28 -20.35
C ASN M 109 19.60 16.86 -19.96
N GLY M 110 20.27 16.21 -19.02
CA GLY M 110 21.55 16.68 -18.55
C GLY M 110 21.50 18.11 -18.04
N GLU M 111 20.52 18.37 -17.17
CA GLU M 111 20.36 19.72 -16.66
C GLU M 111 19.59 19.74 -15.35
N PHE M 112 20.15 20.46 -14.38
CA PHE M 112 19.46 20.69 -13.13
C PHE M 112 18.57 21.84 -13.44
N LEU M 113 17.30 21.54 -13.66
CA LEU M 113 16.37 22.52 -14.21
C LEU M 113 15.27 22.89 -13.24
N ARG M 114 15.33 24.10 -12.68
CA ARG M 114 14.31 24.55 -11.74
C ARG M 114 13.23 25.41 -12.38
N ASN M 115 12.00 25.15 -11.99
CA ASN M 115 10.85 25.92 -12.44
C ASN M 115 10.84 26.00 -13.96
N ASN M 116 11.10 24.86 -14.58
CA ASN M 116 10.99 24.73 -16.04
C ASN M 116 11.93 25.61 -16.86
N GLY M 117 12.86 26.30 -16.18
CA GLY M 117 13.85 27.08 -16.88
C GLY M 117 13.69 28.56 -16.65
N THR M 118 12.54 28.94 -16.11
CA THR M 118 12.26 30.34 -15.75
C THR M 118 13.18 30.84 -14.62
N GLY M 119 13.59 29.91 -13.75
CA GLY M 119 14.27 30.27 -12.51
C GLY M 119 13.27 30.69 -11.43
N PRO M 120 13.67 30.65 -10.14
CA PRO M 120 12.79 31.13 -9.05
C PRO M 120 12.34 32.57 -9.25
N ASN M 121 11.26 32.75 -10.01
CA ASN M 121 10.76 34.05 -10.40
C ASN M 121 9.88 34.73 -9.34
N ASN M 122 9.18 35.77 -9.76
CA ASN M 122 8.15 36.41 -8.95
C ASN M 122 6.84 35.70 -9.14
N ASP M 123 6.81 34.81 -10.12
CA ASP M 123 5.60 34.12 -10.49
C ASP M 123 5.18 33.17 -9.40
N PHE M 124 6.15 32.64 -8.67
CA PHE M 124 5.87 31.50 -7.81
C PHE M 124 5.62 31.86 -6.36
N SER M 125 5.37 33.14 -6.11
CA SER M 125 5.07 33.60 -4.75
C SER M 125 3.64 33.19 -4.45
N ILE M 126 3.44 32.65 -3.26
CA ILE M 126 2.12 32.19 -2.83
C ILE M 126 1.27 33.37 -2.35
N ASN M 127 0.29 33.72 -3.18
CA ASN M 127 -0.62 34.81 -2.88
C ASN M 127 -1.87 34.66 -3.75
N PRO M 128 -3.05 34.79 -3.12
CA PRO M 128 -4.29 34.46 -3.83
C PRO M 128 -4.52 35.28 -5.09
N LEU M 129 -3.81 36.39 -5.28
CA LEU M 129 -4.07 37.21 -6.46
C LEU M 129 -3.07 36.87 -7.56
N ASN M 130 -2.41 35.73 -7.38
CA ASN M 130 -1.40 35.31 -8.32
C ASN M 130 -1.88 34.18 -9.21
N PRO M 131 -2.30 34.51 -10.43
CA PRO M 131 -3.02 33.60 -11.30
C PRO M 131 -2.14 32.46 -11.72
N PHE M 132 -0.86 32.54 -11.44
CA PHE M 132 -0.02 31.43 -11.83
C PHE M 132 -0.28 30.18 -10.98
N LEU M 133 -0.25 30.37 -9.67
CA LEU M 133 -0.61 29.31 -8.74
C LEU M 133 -2.12 29.19 -8.51
N PHE M 134 -2.86 30.28 -8.67
CA PHE M 134 -4.27 30.22 -8.34
C PHE M 134 -5.20 30.76 -9.44
N PRO M 135 -5.27 30.04 -10.58
CA PRO M 135 -6.01 30.49 -11.76
C PRO M 135 -7.49 30.61 -11.45
N TRP M 136 -7.95 29.84 -10.47
CA TRP M 136 -9.37 29.79 -10.14
C TRP M 136 -9.65 30.74 -8.98
N LEU M 137 -8.88 30.61 -7.91
CA LEU M 137 -9.04 31.43 -6.73
C LEU M 137 -8.97 32.91 -7.01
N VAL M 138 -8.19 33.29 -8.03
CA VAL M 138 -7.93 34.69 -8.33
C VAL M 138 -9.25 35.48 -8.59
N ASN M 139 -10.23 34.81 -9.20
CA ASN M 139 -11.54 35.44 -9.44
C ASN M 139 -12.23 35.81 -8.16
N ILE M 140 -12.03 35.03 -7.11
CA ILE M 140 -12.67 35.32 -5.85
C ILE M 140 -11.83 36.30 -5.05
N ALA M 141 -10.51 36.07 -5.06
CA ALA M 141 -9.56 36.90 -4.33
C ALA M 141 -9.59 38.34 -4.81
N ALA M 142 -9.92 38.55 -6.07
CA ALA M 142 -10.01 39.90 -6.59
C ALA M 142 -10.99 40.76 -5.77
N ASN M 143 -11.96 40.11 -5.12
CA ASN M 143 -12.98 40.79 -4.34
C ASN M 143 -12.64 41.08 -2.87
N PHE M 144 -11.44 40.71 -2.44
CA PHE M 144 -11.07 40.83 -1.03
C PHE M 144 -9.75 41.51 -0.79
N ASP M 145 -9.52 41.87 0.46
CA ASP M 145 -8.31 42.62 0.83
C ASP M 145 -7.25 41.74 1.47
N GLN M 146 -7.68 40.81 2.32
CA GLN M 146 -6.72 40.02 3.08
C GLN M 146 -7.04 38.53 3.00
N TYR M 147 -6.02 37.71 3.22
CA TYR M 147 -6.16 36.27 3.13
C TYR M 147 -5.33 35.57 4.22
N LYS M 148 -5.72 34.34 4.52
CA LYS M 148 -4.99 33.53 5.46
C LYS M 148 -5.22 32.09 5.06
N PHE M 149 -4.14 31.37 4.75
CA PHE M 149 -4.27 29.98 4.37
C PHE M 149 -4.38 29.16 5.62
N ASN M 150 -5.28 28.18 5.61
CA ASN M 150 -5.38 27.20 6.68
C ASN M 150 -4.75 25.87 6.32
N SER M 151 -4.77 25.54 5.03
CA SER M 151 -4.17 24.31 4.55
C SER M 151 -3.60 24.57 3.18
N LEU M 152 -2.46 23.95 2.88
CA LEU M 152 -1.83 24.16 1.57
C LEU M 152 -0.95 22.98 1.19
N ARG M 153 -1.26 22.41 0.04
CA ARG M 153 -0.51 21.27 -0.47
C ARG M 153 -0.33 21.49 -1.95
N PHE M 154 0.79 20.98 -2.49
CA PHE M 154 0.98 20.90 -3.92
C PHE M 154 1.05 19.44 -4.26
N GLU M 155 0.69 19.12 -5.50
CA GLU M 155 0.51 17.71 -5.86
C GLU M 155 1.09 17.50 -7.24
N TYR M 156 1.75 16.36 -7.42
CA TYR M 156 2.37 16.06 -8.71
C TYR M 156 1.78 14.77 -9.22
N VAL M 157 1.20 14.82 -10.41
CA VAL M 157 0.65 13.61 -11.01
C VAL M 157 1.30 13.32 -12.36
N PRO M 158 1.97 12.17 -12.47
CA PRO M 158 2.86 11.82 -13.57
C PRO M 158 2.18 11.71 -14.94
N LEU M 159 2.74 12.41 -15.93
CA LEU M 159 2.27 12.30 -17.30
C LEU M 159 3.07 11.25 -18.01
N VAL M 160 4.10 10.79 -17.32
CA VAL M 160 5.15 9.99 -17.91
C VAL M 160 5.09 8.54 -17.38
N ASN M 161 5.67 7.62 -18.14
CA ASN M 161 5.50 6.22 -17.82
C ASN M 161 6.65 5.68 -17.00
N THR M 162 6.49 4.44 -16.56
CA THR M 162 7.30 3.84 -15.51
C THR M 162 8.78 3.59 -15.87
N THR M 163 9.13 3.71 -17.15
CA THR M 163 10.51 3.45 -17.56
C THR M 163 11.31 4.74 -17.65
N THR M 164 10.70 5.81 -17.17
CA THR M 164 11.35 7.12 -17.19
C THR M 164 12.37 7.26 -16.07
N ASN M 165 13.61 7.60 -16.40
CA ASN M 165 14.54 7.91 -15.33
C ASN M 165 14.36 9.32 -14.80
N GLY M 166 15.07 9.64 -13.73
CA GLY M 166 15.11 10.99 -13.26
C GLY M 166 14.57 11.23 -11.86
N ARG M 167 14.26 12.50 -11.62
CA ARG M 167 13.90 13.00 -10.31
C ARG M 167 13.03 14.21 -10.53
N VAL M 168 11.94 14.30 -9.77
CA VAL M 168 11.26 15.58 -9.62
C VAL M 168 11.23 15.88 -8.14
N ALA M 169 11.37 17.16 -7.81
CA ALA M 169 11.32 17.60 -6.42
C ALA M 169 10.38 18.76 -6.32
N LEU M 170 9.56 18.77 -5.28
CA LEU M 170 8.76 19.94 -4.95
C LEU M 170 9.30 20.57 -3.66
N TYR M 171 9.52 21.87 -3.66
CA TYR M 171 9.96 22.48 -2.43
C TYR M 171 9.19 23.77 -2.11
N PHE M 172 9.48 24.30 -0.94
CA PHE M 172 8.82 25.49 -0.45
C PHE M 172 9.79 26.20 0.46
N ASP M 173 10.04 27.48 0.23
CA ASP M 173 10.79 28.29 1.19
C ASP M 173 9.87 29.39 1.74
N LYS M 174 9.93 29.62 3.05
CA LYS M 174 9.14 30.67 3.69
C LYS M 174 9.49 32.07 3.14
N ASP M 175 10.75 32.27 2.77
CA ASP M 175 11.18 33.54 2.19
C ASP M 175 10.72 33.61 0.75
N SER M 176 9.78 34.52 0.50
CA SER M 176 9.18 34.65 -0.81
C SER M 176 10.20 34.98 -1.88
N GLU M 177 11.27 35.67 -1.52
CA GLU M 177 12.34 35.99 -2.47
C GLU M 177 13.63 35.18 -2.25
N ASP M 178 13.46 33.92 -1.84
CA ASP M 178 14.55 32.96 -1.73
C ASP M 178 15.14 32.75 -3.11
N PRO M 179 16.46 32.69 -3.19
CA PRO M 179 17.16 32.53 -4.47
C PRO M 179 16.87 31.21 -5.20
N GLY M 180 16.65 30.14 -4.44
CA GLY M 180 16.56 28.82 -5.04
C GLY M 180 17.87 28.05 -4.90
N PRO M 181 17.82 26.73 -5.08
CA PRO M 181 19.01 25.89 -4.88
C PRO M 181 19.85 25.78 -6.15
N ASP M 182 21.16 25.61 -5.98
CA ASP M 182 22.06 25.54 -7.13
C ASP M 182 22.26 24.11 -7.56
N ASP M 183 22.57 23.26 -6.60
CA ASP M 183 22.83 21.87 -6.89
C ASP M 183 21.82 20.95 -6.23
N ARG M 184 21.91 19.66 -6.52
CA ARG M 184 20.95 18.73 -5.97
C ARG M 184 21.17 18.51 -4.47
N ALA M 185 22.30 19.00 -3.95
CA ALA M 185 22.63 18.77 -2.55
C ALA M 185 22.05 19.90 -1.71
N ALA M 186 22.00 21.09 -2.29
CA ALA M 186 21.40 22.25 -1.63
C ALA M 186 19.90 22.12 -1.64
N LEU M 187 19.38 21.48 -2.67
CA LEU M 187 17.95 21.25 -2.85
C LEU M 187 17.37 20.48 -1.69
N ALA M 188 18.20 19.67 -1.04
CA ALA M 188 17.72 18.76 -0.01
C ALA M 188 17.56 19.47 1.30
N ASN M 189 18.24 20.60 1.46
CA ASN M 189 18.27 21.29 2.76
C ASN M 189 16.96 21.97 3.14
N TYR M 190 16.06 22.12 2.18
CA TYR M 190 14.77 22.73 2.49
C TYR M 190 14.03 21.89 3.52
N ALA M 191 13.25 22.57 4.35
CA ALA M 191 12.49 21.89 5.39
C ALA M 191 11.37 21.15 4.73
N HIS M 192 10.87 21.75 3.67
CA HIS M 192 9.70 21.22 3.04
C HIS M 192 10.00 20.78 1.63
N LEU M 193 10.28 19.50 1.47
CA LEU M 193 10.71 18.96 0.20
C LEU M 193 10.06 17.61 -0.07
N SER M 194 9.88 17.29 -1.34
CA SER M 194 9.41 15.96 -1.72
C SER M 194 10.14 15.56 -2.97
N GLU M 195 10.97 14.53 -2.87
CA GLU M 195 11.62 13.99 -4.07
C GLU M 195 11.06 12.59 -4.43
N ILE M 196 10.69 12.39 -5.70
CA ILE M 196 10.36 11.05 -6.15
C ILE M 196 10.79 10.78 -7.57
N SER M 197 10.63 9.52 -7.99
CA SER M 197 10.83 9.13 -9.37
C SER M 197 9.71 9.83 -10.11
N PRO M 198 9.99 10.33 -11.33
CA PRO M 198 9.01 11.12 -12.08
C PRO M 198 7.75 10.36 -12.47
N TRP M 199 7.74 9.04 -12.37
CA TRP M 199 6.55 8.28 -12.76
C TRP M 199 5.57 8.03 -11.62
N ALA M 200 5.85 8.64 -10.46
CA ALA M 200 5.05 8.46 -9.24
C ALA M 200 4.37 9.74 -8.70
N ILE M 201 3.32 9.55 -7.91
CA ILE M 201 2.66 10.67 -7.29
C ILE M 201 3.42 11.13 -6.06
N THR M 202 3.23 12.37 -5.66
CA THR M 202 3.82 12.84 -4.42
C THR M 202 3.07 14.10 -4.06
N LYS M 203 3.02 14.42 -2.77
CA LYS M 203 2.43 15.68 -2.31
C LYS M 203 3.45 16.42 -1.49
N LEU M 204 3.35 17.73 -1.50
CA LEU M 204 4.18 18.54 -0.63
C LEU M 204 3.24 19.32 0.28
N THR M 205 3.33 19.09 1.57
CA THR M 205 2.48 19.85 2.48
C THR M 205 3.25 21.04 3.04
N VAL M 206 2.78 22.25 2.74
CA VAL M 206 3.46 23.46 3.17
C VAL M 206 2.82 23.98 4.45
N PRO M 207 3.65 24.48 5.38
CA PRO M 207 3.18 24.92 6.70
C PRO M 207 2.43 26.23 6.60
N THR M 208 1.22 26.21 7.10
CA THR M 208 0.39 27.40 7.05
C THR M 208 0.60 28.10 8.37
N ASP M 209 0.76 29.43 8.36
CA ASP M 209 0.84 30.14 9.63
C ASP M 209 -0.45 30.87 9.89
N ASN M 210 -0.45 31.69 10.95
CA ASN M 210 -1.68 32.34 11.37
C ASN M 210 -1.64 33.86 11.32
N VAL M 211 -1.19 34.39 10.20
CA VAL M 211 -1.19 35.83 10.05
C VAL M 211 -1.88 36.24 8.74
N LYS M 212 -2.83 37.17 8.82
CA LYS M 212 -3.46 37.72 7.64
C LYS M 212 -2.41 38.53 6.91
N ARG M 213 -2.40 38.40 5.58
CA ARG M 213 -1.54 39.21 4.73
C ARG M 213 -2.42 39.79 3.63
N PHE M 214 -1.91 40.79 2.94
CA PHE M 214 -2.71 41.42 1.89
C PHE M 214 -2.77 40.61 0.60
N ILE M 215 -3.98 40.46 0.08
CA ILE M 215 -4.16 39.93 -1.27
C ILE M 215 -3.63 41.01 -2.20
N SER M 216 -2.61 40.68 -2.98
CA SER M 216 -2.01 41.69 -3.82
C SER M 216 -1.28 41.05 -4.98
N ASP M 217 -1.06 41.82 -6.03
CA ASP M 217 -0.24 41.38 -7.13
C ASP M 217 1.17 41.21 -6.62
N THR M 218 1.83 40.10 -6.97
CA THR M 218 3.09 39.72 -6.32
C THR M 218 4.27 40.64 -6.59
N SER M 219 4.15 41.49 -7.61
CA SER M 219 5.16 42.51 -7.87
C SER M 219 4.61 43.88 -7.49
N SER M 220 4.41 44.06 -6.20
CA SER M 220 3.76 45.24 -5.67
C SER M 220 4.35 45.65 -4.32
N GLY M 221 3.88 45.01 -3.25
CA GLY M 221 4.45 45.23 -1.95
C GLY M 221 5.70 44.41 -1.67
N ASP M 222 6.28 44.61 -0.49
CA ASP M 222 7.42 43.83 -0.01
C ASP M 222 6.98 42.37 0.02
N PRO M 223 7.64 41.53 -0.78
CA PRO M 223 7.32 40.11 -0.92
C PRO M 223 7.32 39.38 0.41
N LYS M 224 8.13 39.85 1.34
CA LYS M 224 8.17 39.27 2.68
C LYS M 224 6.94 39.63 3.53
N LEU M 225 6.19 40.64 3.09
CA LEU M 225 5.04 41.12 3.84
C LEU M 225 3.77 40.52 3.30
N ILE M 226 3.75 40.18 2.02
CA ILE M 226 2.46 39.89 1.41
C ILE M 226 2.33 38.45 1.00
N ASN M 227 3.44 37.72 0.94
CA ASN M 227 3.42 36.34 0.46
C ASN M 227 3.75 35.32 1.55
N LEU M 228 3.00 34.23 1.61
CA LEU M 228 3.27 33.16 2.56
C LEU M 228 4.65 32.55 2.32
N GLY M 229 5.08 32.58 1.06
CA GLY M 229 6.37 32.05 0.69
C GLY M 229 6.35 31.71 -0.78
N GLN M 230 7.40 31.03 -1.25
CA GLN M 230 7.43 30.62 -2.63
C GLN M 230 7.38 29.11 -2.74
N PHE M 231 6.79 28.64 -3.84
CA PHE M 231 6.78 27.24 -4.20
C PHE M 231 7.70 27.08 -5.38
N GLY M 232 8.29 25.91 -5.55
CA GLY M 232 9.21 25.70 -6.66
C GLY M 232 9.35 24.24 -6.97
N TRP M 233 9.96 23.91 -8.10
CA TRP M 233 10.26 22.51 -8.38
C TRP M 233 11.57 22.38 -9.13
N VAL M 234 12.16 21.19 -9.09
CA VAL M 234 13.39 20.93 -9.81
C VAL M 234 13.22 19.57 -10.48
N ALA M 235 13.88 19.39 -11.62
CA ALA M 235 13.86 18.09 -12.28
C ALA M 235 15.26 17.85 -12.82
N TYR M 236 15.90 16.78 -12.33
CA TYR M 236 17.22 16.48 -12.81
C TYR M 236 17.41 15.01 -13.12
N SER M 237 18.53 14.72 -13.77
CA SER M 237 18.84 13.39 -14.25
C SER M 237 17.87 12.86 -15.32
N GLY M 238 17.74 13.65 -16.41
CA GLY M 238 17.03 13.30 -17.63
C GLY M 238 15.61 12.88 -17.37
N PRO M 239 14.82 12.65 -18.42
CA PRO M 239 15.13 12.90 -19.81
C PRO M 239 14.59 14.27 -20.07
N THR M 240 14.24 14.53 -21.32
CA THR M 240 13.80 15.85 -21.68
C THR M 240 12.39 15.73 -22.19
N ALA M 241 11.44 15.93 -21.27
CA ALA M 241 10.02 15.76 -21.56
C ALA M 241 9.12 16.64 -20.69
N GLU M 242 7.82 16.53 -20.89
CA GLU M 242 6.88 17.14 -19.98
C GLU M 242 6.50 16.04 -19.01
N LEU M 243 7.07 16.08 -17.81
CA LEU M 243 6.98 14.97 -16.89
C LEU M 243 5.62 14.74 -16.26
N GLY M 244 5.02 15.79 -15.70
CA GLY M 244 3.78 15.60 -14.98
C GLY M 244 3.04 16.89 -14.76
N ASP M 245 1.81 16.79 -14.26
CA ASP M 245 1.02 17.96 -13.91
C ASP M 245 1.22 18.31 -12.42
N ILE M 246 1.09 19.59 -12.09
CA ILE M 246 1.17 20.04 -10.71
C ILE M 246 -0.14 20.69 -10.29
N PHE M 247 -0.73 20.22 -9.20
CA PHE M 247 -1.94 20.86 -8.69
C PHE M 247 -1.69 21.51 -7.34
N VAL M 248 -2.47 22.54 -7.03
CA VAL M 248 -2.47 23.12 -5.69
C VAL M 248 -3.80 22.87 -5.03
N GLU M 249 -3.75 22.47 -3.79
CA GLU M 249 -4.95 22.19 -3.04
C GLU M 249 -4.85 22.96 -1.74
N TYR M 250 -5.90 23.69 -1.41
CA TYR M 250 -5.79 24.61 -0.29
C TYR M 250 -7.12 24.84 0.42
N THR M 251 -7.05 25.47 1.58
CA THR M 251 -8.21 26.06 2.20
C THR M 251 -7.85 27.47 2.67
N VAL M 252 -8.56 28.49 2.18
CA VAL M 252 -8.25 29.85 2.58
C VAL M 252 -9.40 30.54 3.23
N ASP M 253 -9.05 31.51 4.07
CA ASP M 253 -10.01 32.48 4.58
C ASP M 253 -9.68 33.80 3.93
N LEU M 254 -10.69 34.45 3.37
CA LEU M 254 -10.52 35.76 2.75
C LEU M 254 -11.26 36.79 3.57
N PHE M 255 -10.64 37.94 3.78
CA PHE M 255 -11.20 38.92 4.67
C PHE M 255 -11.38 40.23 3.95
N GLU M 256 -12.37 40.98 4.41
CA GLU M 256 -12.57 42.37 4.01
C GLU M 256 -12.86 42.56 2.54
N ALA M 257 -14.13 42.71 2.19
CA ALA M 257 -14.51 42.87 0.79
C ALA M 257 -14.19 44.27 0.33
N GLN M 258 -13.85 44.39 -0.95
CA GLN M 258 -13.41 45.64 -1.56
C GLN M 258 -13.94 45.60 -2.97
N PRO M 259 -13.93 46.74 -3.68
CA PRO M 259 -14.34 46.69 -5.09
C PRO M 259 -13.39 45.80 -5.88
N THR M 260 -13.92 45.11 -6.89
CA THR M 260 -13.19 44.03 -7.55
C THR M 260 -11.96 44.52 -8.27
N SER M 261 -10.81 43.97 -7.91
CA SER M 261 -9.58 44.21 -8.62
C SER M 261 -9.74 43.68 -10.04
N PRO M 262 -9.12 44.33 -11.04
CA PRO M 262 -9.42 43.97 -12.43
C PRO M 262 -9.01 42.56 -12.81
N LEU M 263 -9.91 41.84 -13.46
CA LEU M 263 -9.65 40.46 -13.82
C LEU M 263 -9.26 40.29 -15.29
N LEU M 264 -8.57 41.29 -15.82
CA LEU M 264 -8.05 41.23 -17.18
C LEU M 264 -6.63 41.72 -17.16
N GLU M 265 -5.95 41.63 -18.28
CA GLU M 265 -4.65 42.23 -18.37
C GLU M 265 -4.65 43.38 -19.36
N SER M 266 -3.90 44.42 -19.05
CA SER M 266 -3.65 45.47 -20.02
C SER M 266 -2.15 45.73 -19.98
N LEU M 267 -1.45 45.15 -20.95
CA LEU M 267 -0.01 45.33 -21.06
C LEU M 267 0.29 46.21 -22.25
N PHE M 268 1.00 47.30 -21.99
CA PHE M 268 1.27 48.29 -23.02
C PHE M 268 2.73 48.68 -23.04
N ARG M 269 3.27 48.92 -24.23
CA ARG M 269 4.65 49.38 -24.35
C ARG M 269 4.86 50.41 -25.44
N GLU M 270 5.67 51.40 -25.14
CA GLU M 270 6.39 52.18 -26.13
C GLU M 270 7.86 52.03 -25.76
N SER M 271 8.80 51.97 -26.72
CA SER M 271 8.65 52.14 -28.17
C SER M 271 8.03 53.46 -28.63
N ALA M 272 8.79 54.53 -28.52
CA ALA M 272 10.14 54.48 -28.00
C ALA M 272 10.28 55.26 -26.68
N SER M 273 10.65 54.52 -25.64
CA SER M 273 10.93 55.06 -24.31
C SER M 273 11.35 53.87 -23.45
N SER M 274 11.29 52.68 -24.06
CA SER M 274 11.63 51.40 -23.42
C SER M 274 10.81 51.01 -22.17
N VAL M 275 9.85 51.85 -21.79
CA VAL M 275 9.02 51.57 -20.63
C VAL M 275 7.80 50.77 -21.04
N GLN M 276 7.39 49.86 -20.17
CA GLN M 276 6.16 49.10 -20.39
C GLN M 276 5.38 48.95 -19.10
N THR M 277 4.08 49.15 -19.18
CA THR M 277 3.25 49.14 -18.01
C THR M 277 2.19 48.05 -18.09
N ARG M 278 2.14 47.24 -17.04
CA ARG M 278 1.14 46.18 -16.96
C ARG M 278 0.05 46.57 -16.00
N MET M 279 -1.17 46.18 -16.33
CA MET M 279 -2.29 46.49 -15.48
C MET M 279 -3.12 45.23 -15.35
N GLY M 280 -3.39 44.80 -14.12
CA GLY M 280 -4.20 43.60 -13.91
C GLY M 280 -3.35 42.36 -13.82
N LEU M 281 -3.96 41.19 -14.03
CA LEU M 281 -3.28 39.90 -13.85
C LEU M 281 -2.17 39.64 -14.87
N PRO M 282 -1.04 39.12 -14.40
CA PRO M 282 0.12 38.87 -15.27
C PRO M 282 -0.03 37.60 -16.08
N TYR M 283 -1.07 37.53 -16.91
CA TYR M 283 -1.22 36.41 -17.85
C TYR M 283 -0.07 36.33 -18.84
N PHE M 284 0.11 37.39 -19.63
CA PHE M 284 1.17 37.44 -20.63
C PHE M 284 2.28 38.41 -20.26
N SER M 285 3.48 38.09 -20.73
CA SER M 285 4.61 38.99 -20.61
C SER M 285 4.99 39.46 -22.00
N LEU M 286 5.66 40.59 -22.09
CA LEU M 286 6.18 41.06 -23.36
C LEU M 286 7.65 40.69 -23.50
N GLU M 287 7.94 39.86 -24.50
CA GLU M 287 9.27 39.31 -24.68
C GLU M 287 10.14 40.06 -25.67
N VAL M 288 9.67 40.22 -26.90
CA VAL M 288 10.38 41.07 -27.83
C VAL M 288 9.50 42.16 -28.47
N ALA M 289 10.09 43.34 -28.59
CA ALA M 289 9.42 44.47 -29.17
C ALA M 289 10.35 45.17 -30.16
N SER M 290 10.32 44.71 -31.40
CA SER M 290 11.09 45.32 -32.47
C SER M 290 10.10 45.85 -33.49
N ALA M 291 10.59 46.62 -34.46
CA ALA M 291 9.73 47.08 -35.54
C ALA M 291 9.37 45.88 -36.41
N THR M 292 10.24 44.88 -36.39
CA THR M 292 10.09 43.70 -37.23
C THR M 292 9.10 42.69 -36.62
N ASP M 293 9.34 42.29 -35.38
CA ASP M 293 8.55 41.26 -34.72
C ASP M 293 7.94 41.71 -33.39
N LEU M 294 6.94 40.96 -32.94
CA LEU M 294 6.21 41.25 -31.71
C LEU M 294 5.79 39.94 -31.08
N VAL M 295 6.48 39.50 -30.02
CA VAL M 295 6.05 38.29 -29.32
C VAL M 295 5.76 38.46 -27.81
N TRP M 296 4.74 37.73 -27.37
CA TRP M 296 4.25 37.78 -25.98
C TRP M 296 4.29 36.35 -25.53
N GLN M 297 4.72 36.17 -24.30
CA GLN M 297 4.80 34.83 -23.76
C GLN M 297 3.66 34.61 -22.81
N ALA M 298 2.98 33.48 -22.98
CA ALA M 298 1.88 33.13 -22.10
C ALA M 298 2.45 32.45 -20.87
N ARG M 299 2.23 33.05 -19.71
CA ARG M 299 2.71 32.49 -18.46
C ARG M 299 1.71 31.52 -17.87
N VAL M 300 0.44 31.89 -17.95
CA VAL M 300 -0.59 31.17 -17.27
C VAL M 300 -1.39 30.35 -18.24
N PRO M 301 -1.37 29.02 -18.08
CA PRO M 301 -2.08 28.10 -18.95
C PRO M 301 -3.58 28.40 -19.02
N GLY M 302 -4.20 28.08 -20.15
CA GLY M 302 -5.64 28.21 -20.30
C GLY M 302 -6.11 28.83 -21.61
N THR M 303 -7.42 29.03 -21.71
CA THR M 303 -7.98 29.60 -22.91
C THR M 303 -8.26 31.08 -22.68
N TYR M 304 -7.84 31.93 -23.61
CA TYR M 304 -8.02 33.39 -23.47
C TYR M 304 -8.67 34.01 -24.69
N VAL M 305 -9.24 35.20 -24.52
CA VAL M 305 -9.47 36.09 -25.67
C VAL M 305 -8.47 37.21 -25.55
N VAL M 306 -7.73 37.46 -26.62
CA VAL M 306 -6.73 38.52 -26.62
C VAL M 306 -7.03 39.61 -27.63
N THR M 307 -6.73 40.84 -27.25
CA THR M 307 -6.83 41.94 -28.20
C THR M 307 -5.47 42.60 -28.23
N ILE M 308 -4.79 42.48 -29.37
CA ILE M 308 -3.52 43.13 -29.55
C ILE M 308 -3.71 44.23 -30.57
N ILE M 309 -3.27 45.44 -30.21
CA ILE M 309 -3.28 46.58 -31.11
C ILE M 309 -1.93 47.29 -31.08
N PHE M 310 -1.47 47.68 -32.26
CA PHE M 310 -0.16 48.31 -32.38
C PHE M 310 -0.08 49.36 -33.48
N ASN M 311 0.92 50.22 -33.34
CA ASN M 311 1.23 51.21 -34.37
C ASN M 311 2.34 50.70 -35.31
N SER M 312 1.95 50.42 -36.54
CA SER M 312 2.89 50.01 -37.57
C SER M 312 2.99 51.12 -38.64
N THR M 313 3.66 50.86 -39.77
CA THR M 313 3.58 51.70 -40.97
C THR M 313 3.54 50.76 -42.17
N VAL M 314 2.42 50.77 -42.88
CA VAL M 314 2.06 49.78 -43.91
C VAL M 314 1.68 48.40 -43.30
N GLY M 315 2.35 48.03 -42.22
CA GLY M 315 1.95 46.87 -41.45
C GLY M 315 1.85 45.57 -42.23
N GLY M 316 0.74 44.87 -42.01
CA GLY M 316 0.62 43.47 -42.35
C GLY M 316 1.20 42.69 -41.19
N LEU M 317 0.76 41.46 -41.02
CA LEU M 317 1.19 40.70 -39.84
C LEU M 317 0.97 39.21 -40.03
N THR M 318 1.69 38.43 -39.23
CA THR M 318 1.59 36.97 -39.29
C THR M 318 1.58 36.36 -37.89
N PRO M 319 0.43 35.81 -37.50
CA PRO M 319 0.24 35.18 -36.20
C PRO M 319 0.79 33.76 -36.17
N SER M 320 1.44 33.40 -35.07
CA SER M 320 1.99 32.05 -34.91
C SER M 320 2.20 31.75 -33.42
N ILE M 321 1.81 30.55 -32.99
CA ILE M 321 2.02 30.17 -31.60
C ILE M 321 3.16 29.18 -31.43
N SER M 322 4.23 29.69 -30.85
CA SER M 322 5.44 28.90 -30.69
C SER M 322 5.32 28.04 -29.45
N GLY M 323 4.94 26.78 -29.65
CA GLY M 323 5.02 25.82 -28.57
C GLY M 323 3.66 25.28 -28.25
N GLY M 324 3.49 24.84 -27.01
CA GLY M 324 2.20 24.36 -26.57
C GLY M 324 1.15 25.45 -26.62
N GLY M 325 0.54 25.64 -27.78
CA GLY M 325 -0.50 26.64 -27.92
C GLY M 325 -1.42 26.26 -29.05
N THR M 326 -2.40 27.13 -29.34
CA THR M 326 -3.34 26.94 -30.45
C THR M 326 -4.21 28.18 -30.67
N ILE M 327 -4.28 28.66 -31.90
CA ILE M 327 -5.25 29.70 -32.24
C ILE M 327 -6.53 28.98 -32.63
N ASN M 328 -7.63 29.36 -32.00
CA ASN M 328 -8.90 28.67 -32.25
C ASN M 328 -9.78 29.54 -33.14
N SER M 329 -9.64 30.84 -32.97
CA SER M 329 -10.45 31.83 -33.68
C SER M 329 -9.62 33.09 -33.86
N SER M 330 -9.50 33.55 -35.10
CA SER M 330 -8.57 34.62 -35.40
C SER M 330 -9.25 35.71 -36.20
N PHE M 331 -8.89 36.95 -35.91
CA PHE M 331 -9.33 38.08 -36.70
C PHE M 331 -8.23 39.13 -36.75
N SER M 332 -7.95 39.64 -37.95
CA SER M 332 -6.98 40.73 -38.07
C SER M 332 -7.46 41.81 -39.03
N VAL M 333 -6.96 43.01 -38.80
CA VAL M 333 -7.18 44.14 -39.67
C VAL M 333 -5.92 44.98 -39.63
N SER M 334 -5.21 45.05 -40.76
CA SER M 334 -3.91 45.70 -40.77
C SER M 334 -3.70 46.71 -41.89
N THR M 335 -3.62 47.97 -41.52
CA THR M 335 -3.31 49.02 -42.46
C THR M 335 -2.07 49.78 -42.00
N ALA M 336 -1.78 50.89 -42.68
CA ALA M 336 -0.69 51.75 -42.28
C ALA M 336 -1.09 52.56 -41.05
N GLY M 337 -0.14 52.76 -40.15
CA GLY M 337 -0.35 53.57 -38.97
C GLY M 337 -0.82 52.79 -37.75
N SER M 338 -1.67 51.79 -37.98
CA SER M 338 -2.27 51.05 -36.88
C SER M 338 -2.94 49.79 -37.36
N SER M 339 -2.78 48.71 -36.61
CA SER M 339 -3.39 47.43 -36.96
C SER M 339 -3.90 46.75 -35.68
N ALA M 340 -4.85 45.84 -35.83
CA ALA M 340 -5.44 45.19 -34.68
C ALA M 340 -5.63 43.68 -34.87
N TYR M 341 -5.27 42.92 -33.84
CA TYR M 341 -5.42 41.46 -33.84
C TYR M 341 -6.31 41.01 -32.68
N VAL M 342 -7.34 40.25 -33.00
CA VAL M 342 -8.21 39.67 -31.97
C VAL M 342 -8.33 38.13 -32.12
N ALA M 343 -7.95 37.42 -31.05
CA ALA M 343 -7.87 35.98 -31.13
C ALA M 343 -8.35 35.25 -29.88
N ASN M 344 -8.90 34.06 -30.10
CA ASN M 344 -9.24 33.14 -29.02
C ASN M 344 -8.24 31.99 -29.02
N ILE M 345 -7.36 31.98 -28.04
CA ILE M 345 -6.29 31.01 -28.03
C ILE M 345 -6.27 30.14 -26.78
N THR M 346 -5.55 29.02 -26.88
CA THR M 346 -5.34 28.14 -25.75
C THR M 346 -3.84 27.83 -25.58
N ILE M 347 -3.31 28.14 -24.40
CA ILE M 347 -1.89 27.94 -24.13
C ILE M 347 -1.73 27.02 -22.95
N ARG M 348 -0.71 26.15 -22.96
CA ARG M 348 -0.63 25.15 -21.90
C ARG M 348 0.72 25.07 -21.19
N VAL M 349 1.73 25.68 -21.81
CA VAL M 349 3.02 25.84 -21.16
C VAL M 349 3.42 27.23 -21.57
N ASN M 350 4.59 27.68 -21.16
CA ASN M 350 5.13 28.94 -21.65
C ASN M 350 5.27 28.97 -23.15
N ALA M 351 4.16 29.15 -23.85
CA ALA M 351 4.20 29.29 -25.29
C ALA M 351 4.17 30.77 -25.66
N ASN M 352 4.87 31.13 -26.72
CA ASN M 352 4.81 32.49 -27.24
C ASN M 352 3.80 32.54 -28.37
N LEU M 353 3.16 33.69 -28.52
CA LEU M 353 2.45 33.95 -29.76
C LEU M 353 3.17 35.11 -30.41
N SER M 354 3.36 35.00 -31.71
CA SER M 354 4.21 35.93 -32.44
C SER M 354 3.45 36.64 -33.53
N LEU M 355 3.52 37.96 -33.50
CA LEU M 355 3.13 38.76 -34.64
C LEU M 355 4.44 39.21 -35.29
N SER M 356 4.69 38.73 -36.50
CA SER M 356 6.05 38.79 -37.01
C SER M 356 6.24 39.48 -38.37
N GLY M 357 5.20 39.46 -39.21
CA GLY M 357 5.31 40.11 -40.51
C GLY M 357 5.47 41.63 -40.47
N LEU M 358 5.54 42.18 -39.25
CA LEU M 358 5.51 43.61 -39.03
C LEU M 358 6.63 44.35 -39.77
N THR M 359 6.32 45.52 -40.28
CA THR M 359 7.33 46.43 -40.81
C THR M 359 7.17 47.80 -40.14
N GLY M 360 8.23 48.27 -39.49
CA GLY M 360 8.23 49.57 -38.84
C GLY M 360 7.13 49.75 -37.82
N ALA M 361 7.22 48.99 -36.74
CA ALA M 361 6.20 49.02 -35.69
C ALA M 361 6.77 49.70 -34.45
N THR M 362 5.91 50.27 -33.61
CA THR M 362 6.36 50.80 -32.31
C THR M 362 5.46 50.48 -31.13
N ASN M 363 4.50 51.36 -30.85
CA ASN M 363 3.60 51.16 -29.71
C ASN M 363 2.73 49.92 -29.89
N ALA M 364 2.67 49.08 -28.86
CA ALA M 364 1.83 47.89 -28.89
C ALA M 364 1.16 47.69 -27.54
N GLN M 365 -0.11 47.30 -27.57
CA GLN M 365 -0.81 47.00 -26.35
C GLN M 365 -1.56 45.68 -26.43
N LEU M 366 -1.52 44.93 -25.34
CA LEU M 366 -2.21 43.64 -25.21
C LEU M 366 -3.32 43.68 -24.16
N PHE M 367 -4.49 43.17 -24.55
CA PHE M 367 -5.59 42.99 -23.62
C PHE M 367 -5.88 41.51 -23.55
N ALA M 368 -5.82 40.93 -22.36
CA ALA M 368 -6.08 39.50 -22.21
C ALA M 368 -7.15 39.25 -21.17
N VAL M 369 -7.99 38.27 -21.41
CA VAL M 369 -8.98 37.91 -20.42
C VAL M 369 -9.37 36.43 -20.52
N ARG M 370 -9.40 35.78 -19.36
CA ARG M 370 -9.75 34.39 -19.25
C ARG M 370 -11.09 34.11 -19.91
N ALA M 371 -11.06 33.40 -21.04
CA ALA M 371 -12.32 32.97 -21.67
C ALA M 371 -12.43 31.47 -21.95
N ILE M 372 -13.41 31.11 -22.77
CA ILE M 372 -13.55 29.75 -23.21
C ILE M 372 -13.61 29.66 -24.72
N THR M 373 -13.60 28.44 -25.25
CA THR M 373 -13.50 28.26 -26.68
C THR M 373 -14.74 28.74 -27.46
N GLU M 374 -15.93 28.62 -26.88
CA GLU M 374 -17.13 29.09 -27.56
C GLU M 374 -17.27 30.61 -27.55
N ASN M 375 -16.33 31.29 -26.91
CA ASN M 375 -16.25 32.73 -27.07
C ASN M 375 -15.43 33.01 -28.31
N ALA M 376 -15.82 32.41 -29.43
CA ALA M 376 -15.00 32.45 -30.64
C ALA M 376 -15.14 33.77 -31.41
N VAL M 377 -14.01 34.28 -31.92
CA VAL M 377 -14.08 35.41 -32.85
C VAL M 377 -14.74 34.86 -34.11
N GLN M 378 -15.58 35.66 -34.75
CA GLN M 378 -16.41 35.16 -35.85
C GLN M 378 -16.37 36.08 -37.06
N VAL M 379 -15.95 37.32 -36.85
CA VAL M 379 -15.77 38.26 -37.94
C VAL M 379 -14.41 37.95 -38.55
N VAL M 380 -14.28 38.20 -39.86
CA VAL M 380 -13.02 38.00 -40.57
C VAL M 380 -12.97 38.83 -41.85
N ALA N 90 6.53 23.43 18.57
CA ALA N 90 7.02 23.23 17.20
C ALA N 90 8.25 22.33 17.13
N LYS N 91 8.46 21.71 15.97
CA LYS N 91 9.60 20.82 15.78
C LYS N 91 10.31 20.95 14.44
N GLY N 92 10.20 22.13 13.84
CA GLY N 92 11.16 22.57 12.87
C GLY N 92 11.89 23.70 13.58
N SER N 93 11.55 23.88 14.86
CA SER N 93 12.03 25.00 15.68
C SER N 93 13.21 24.65 16.60
N VAL N 94 14.36 25.25 16.34
CA VAL N 94 15.50 25.10 17.22
C VAL N 94 15.64 26.32 18.13
N ARG N 95 16.02 26.10 19.38
CA ARG N 95 16.23 27.22 20.29
C ARG N 95 17.64 27.31 20.88
N ILE N 96 18.27 28.46 20.67
CA ILE N 96 19.63 28.71 21.12
C ILE N 96 19.75 29.78 22.21
N THR N 97 20.49 29.47 23.27
CA THR N 97 20.86 30.46 24.28
C THR N 97 22.38 30.57 24.29
N HIS N 98 22.89 31.80 24.21
CA HIS N 98 24.34 32.00 24.08
C HIS N 98 24.77 33.45 24.42
N ARG N 99 26.07 33.60 24.68
CA ARG N 99 26.65 34.90 24.91
CA ARG N 99 26.66 34.90 24.92
C ARG N 99 27.88 35.00 24.05
N GLU N 100 27.85 35.94 23.10
CA GLU N 100 28.98 36.17 22.18
C GLU N 100 29.50 37.61 22.12
N TYR N 101 30.52 37.82 21.28
CA TYR N 101 31.24 39.09 21.26
C TYR N 101 30.71 40.11 20.25
N VAL N 102 30.23 41.25 20.72
CA VAL N 102 29.78 42.27 19.79
C VAL N 102 30.97 43.02 19.20
N SER N 103 31.55 43.89 20.03
CA SER N 103 32.61 44.75 19.56
C SER N 103 33.29 45.35 20.76
N VAL N 104 34.42 46.03 20.50
CA VAL N 104 35.10 46.79 21.54
C VAL N 104 34.55 48.21 21.50
N LEU N 105 34.22 48.76 22.67
CA LEU N 105 33.68 50.10 22.76
C LEU N 105 34.86 51.03 22.94
N SER N 106 35.07 51.92 21.98
CA SER N 106 36.24 52.80 22.06
C SER N 106 35.80 54.23 21.97
N GLY N 107 36.62 55.11 22.54
CA GLY N 107 36.37 56.53 22.54
C GLY N 107 37.58 57.33 22.07
N THR N 108 37.33 58.53 21.58
CA THR N 108 38.43 59.41 21.24
C THR N 108 38.27 60.64 22.10
N ASN N 109 39.40 61.23 22.49
CA ASN N 109 39.40 62.34 23.42
C ASN N 109 38.65 63.56 22.91
N GLY N 110 37.73 64.08 23.71
CA GLY N 110 36.96 65.26 23.36
C GLY N 110 36.12 65.11 22.10
N GLU N 111 35.50 63.96 21.96
CA GLU N 111 34.60 63.72 20.85
C GLU N 111 33.39 62.95 21.35
N PHE N 112 32.32 62.93 20.56
CA PHE N 112 31.15 62.17 20.95
C PHE N 112 31.37 60.70 20.60
N LEU N 113 31.61 60.44 19.32
CA LEU N 113 31.99 59.08 18.91
C LEU N 113 30.92 58.03 19.19
N ARG N 114 29.95 57.98 18.28
CA ARG N 114 28.91 56.98 18.32
C ARG N 114 29.39 55.81 17.48
N ASN N 115 29.22 54.60 18.02
CA ASN N 115 29.61 53.38 17.34
C ASN N 115 31.03 53.39 16.81
N ASN N 116 31.97 53.89 17.62
CA ASN N 116 33.39 53.92 17.24
C ASN N 116 33.67 54.76 16.00
N GLY N 117 32.73 55.63 15.64
CA GLY N 117 32.89 56.48 14.48
C GLY N 117 32.56 55.79 13.17
N THR N 118 31.94 54.63 13.26
CA THR N 118 31.62 53.81 12.09
C THR N 118 30.62 54.45 11.13
N GLY N 119 29.52 54.94 11.67
CA GLY N 119 28.60 55.76 10.89
C GLY N 119 27.28 55.08 10.51
N PRO N 120 27.18 54.60 9.25
CA PRO N 120 25.98 54.02 8.62
C PRO N 120 25.25 52.98 9.48
N ASN N 121 24.30 53.47 10.28
CA ASN N 121 23.56 52.66 11.25
C ASN N 121 22.75 51.53 10.60
N ASN N 122 23.45 50.70 9.83
CA ASN N 122 22.85 49.64 9.04
C ASN N 122 23.33 48.28 9.54
N ASP N 123 24.61 48.21 9.86
CA ASP N 123 25.23 46.98 10.32
C ASP N 123 25.13 46.88 11.84
N PHE N 124 24.18 47.62 12.41
CA PHE N 124 23.88 47.54 13.84
C PHE N 124 22.43 47.19 14.03
N SER N 125 21.81 46.72 12.97
CA SER N 125 20.45 46.25 13.06
C SER N 125 20.48 44.87 13.68
N ILE N 126 19.54 44.62 14.58
CA ILE N 126 19.41 43.31 15.22
C ILE N 126 18.66 42.29 14.34
N ASN N 127 19.42 41.57 13.54
CA ASN N 127 18.95 40.45 12.77
C ASN N 127 20.09 39.45 12.88
N PRO N 128 19.81 38.18 12.63
CA PRO N 128 20.97 37.60 13.29
C PRO N 128 21.61 36.36 12.72
N LEU N 129 22.43 36.27 11.66
CA LEU N 129 22.62 37.08 10.44
C LEU N 129 23.43 38.34 10.36
N ASN N 130 23.39 39.18 11.36
CA ASN N 130 24.31 40.30 11.38
C ASN N 130 25.61 39.91 12.08
N PRO N 131 26.65 39.60 11.31
CA PRO N 131 27.88 39.05 11.83
C PRO N 131 28.65 40.06 12.66
N PHE N 132 28.18 41.30 12.70
CA PHE N 132 28.77 42.23 13.64
C PHE N 132 28.27 42.01 15.07
N LEU N 133 26.94 42.01 15.22
CA LEU N 133 26.33 41.69 16.50
C LEU N 133 26.38 40.22 16.87
N PHE N 134 26.21 39.32 15.89
CA PHE N 134 26.12 37.89 16.21
C PHE N 134 27.12 37.03 15.43
N PRO N 135 28.41 37.16 15.74
CA PRO N 135 29.44 36.44 14.98
C PRO N 135 29.42 34.92 15.20
N TRP N 136 28.68 34.45 16.20
CA TRP N 136 28.70 33.04 16.52
C TRP N 136 27.36 32.46 16.09
N LEU N 137 26.30 33.24 16.23
CA LEU N 137 24.97 32.80 15.84
C LEU N 137 24.84 32.74 14.32
N VAL N 138 25.66 33.52 13.62
CA VAL N 138 25.50 33.63 12.19
C VAL N 138 25.65 32.27 11.49
N ASN N 139 26.57 31.41 11.95
CA ASN N 139 26.80 30.12 11.31
C ASN N 139 25.59 29.24 11.46
N ILE N 140 24.78 29.52 12.48
CA ILE N 140 23.58 28.73 12.69
C ILE N 140 22.46 29.35 11.88
N ALA N 141 22.26 30.65 12.05
CA ALA N 141 21.12 31.33 11.44
C ALA N 141 21.17 31.32 9.93
N ALA N 142 22.38 31.15 9.36
CA ALA N 142 22.51 30.98 7.92
C ALA N 142 21.66 29.81 7.42
N ASN N 143 21.31 28.89 8.31
CA ASN N 143 20.57 27.70 7.92
C ASN N 143 19.08 27.80 8.11
N PHE N 144 18.61 28.97 8.51
CA PHE N 144 17.19 29.13 8.78
C PHE N 144 16.57 30.40 8.18
N ASP N 145 15.24 30.40 8.05
CA ASP N 145 14.55 31.48 7.40
C ASP N 145 13.98 32.51 8.37
N GLN N 146 13.63 32.07 9.58
CA GLN N 146 12.99 33.00 10.51
C GLN N 146 13.53 32.95 11.92
N TYR N 147 13.35 34.05 12.65
CA TYR N 147 13.83 34.16 14.01
C TYR N 147 12.89 34.96 14.90
N LYS N 148 12.91 34.61 16.18
CA LYS N 148 12.21 35.35 17.22
C LYS N 148 13.11 35.33 18.45
N PHE N 149 13.41 36.52 18.99
CA PHE N 149 14.19 36.59 20.21
C PHE N 149 13.26 36.47 21.40
N ASN N 150 13.67 35.74 22.41
CA ASN N 150 12.89 35.63 23.63
C ASN N 150 13.46 36.49 24.72
N SER N 151 14.79 36.62 24.74
CA SER N 151 15.44 37.54 25.63
C SER N 151 16.73 38.01 24.98
N LEU N 152 17.08 39.26 25.19
CA LEU N 152 18.20 39.87 24.50
C LEU N 152 18.77 40.95 25.38
N ARG N 153 20.08 40.88 25.60
CA ARG N 153 20.69 41.78 26.55
C ARG N 153 22.14 42.04 26.17
N PHE N 154 22.53 43.32 26.16
CA PHE N 154 23.90 43.69 25.87
C PHE N 154 24.62 44.06 27.16
N GLU N 155 25.91 43.78 27.22
CA GLU N 155 26.61 43.87 28.47
C GLU N 155 27.96 44.53 28.23
N TYR N 156 28.26 45.53 29.04
CA TYR N 156 29.52 46.23 28.89
C TYR N 156 30.42 45.82 30.04
N VAL N 157 31.62 45.34 29.69
CA VAL N 157 32.60 44.99 30.69
C VAL N 157 33.88 45.79 30.45
N PRO N 158 34.30 46.59 31.45
CA PRO N 158 35.39 47.54 31.28
C PRO N 158 36.74 46.89 31.01
N LEU N 159 37.50 47.56 30.17
CA LEU N 159 38.81 47.13 29.76
C LEU N 159 39.75 48.14 30.37
N VAL N 160 39.15 49.21 30.89
CA VAL N 160 39.88 50.40 31.30
C VAL N 160 39.89 50.57 32.81
N ASN N 161 40.79 51.39 33.33
CA ASN N 161 40.99 51.34 34.75
C ASN N 161 40.15 52.36 35.44
N THR N 162 40.33 52.39 36.75
CA THR N 162 39.36 52.97 37.66
C THR N 162 39.51 54.48 37.73
N THR N 163 40.60 55.03 37.20
CA THR N 163 40.80 56.47 37.25
C THR N 163 40.35 57.13 35.96
N THR N 164 39.94 56.29 35.01
CA THR N 164 39.48 56.78 33.71
C THR N 164 38.26 57.67 33.88
N ASN N 165 38.26 58.81 33.20
CA ASN N 165 37.11 59.69 33.23
C ASN N 165 36.15 59.38 32.09
N GLY N 166 35.05 60.11 32.04
CA GLY N 166 34.12 59.97 30.94
C GLY N 166 32.93 59.10 31.24
N ARG N 167 32.33 58.57 30.18
CA ARG N 167 31.05 57.91 30.24
C ARG N 167 30.77 57.11 28.96
N VAL N 168 30.37 55.86 29.13
CA VAL N 168 29.88 55.10 28.01
C VAL N 168 28.38 54.94 28.11
N ALA N 169 27.75 54.64 26.99
CA ALA N 169 26.31 54.55 26.97
C ALA N 169 25.89 53.52 25.95
N LEU N 170 24.93 52.68 26.30
CA LEU N 170 24.36 51.73 25.37
C LEU N 170 22.90 52.12 25.14
N TYR N 171 22.43 52.07 23.89
CA TYR N 171 21.05 52.42 23.62
C TYR N 171 20.45 51.45 22.63
N PHE N 172 19.12 51.48 22.54
CA PHE N 172 18.41 50.60 21.62
C PHE N 172 17.18 51.31 21.09
N ASP N 173 17.00 51.33 19.77
CA ASP N 173 15.77 51.88 19.21
C ASP N 173 14.99 50.78 18.53
N LYS N 174 13.66 50.82 18.64
CA LYS N 174 12.81 49.81 18.00
C LYS N 174 12.87 49.96 16.46
N ASP N 175 13.04 51.20 16.00
CA ASP N 175 13.15 51.53 14.59
C ASP N 175 14.58 51.34 14.12
N SER N 176 14.84 50.25 13.41
CA SER N 176 16.21 49.92 13.02
C SER N 176 16.76 50.87 11.98
N GLU N 177 15.94 51.84 11.58
CA GLU N 177 16.18 52.65 10.40
C GLU N 177 16.36 54.11 10.80
N ASP N 178 15.94 54.45 12.01
CA ASP N 178 16.13 55.78 12.52
C ASP N 178 17.64 56.03 12.66
N PRO N 179 18.06 57.30 12.52
CA PRO N 179 19.48 57.60 12.58
C PRO N 179 19.91 57.62 14.02
N GLY N 180 21.22 57.51 14.25
CA GLY N 180 21.71 57.51 15.62
C GLY N 180 21.54 58.83 16.34
N PRO N 181 21.86 58.85 17.63
CA PRO N 181 21.93 60.08 18.40
C PRO N 181 23.15 60.89 17.98
N ASP N 182 22.98 62.19 17.79
CA ASP N 182 24.12 63.04 17.46
C ASP N 182 24.76 63.73 18.66
N ASP N 183 23.91 64.18 19.58
CA ASP N 183 24.36 64.89 20.76
C ASP N 183 23.95 64.10 21.97
N ARG N 184 24.37 64.56 23.14
CA ARG N 184 24.10 63.85 24.38
C ARG N 184 22.63 64.02 24.74
N ALA N 185 22.03 65.10 24.25
CA ALA N 185 20.65 65.41 24.59
C ALA N 185 19.72 64.40 23.94
N ALA N 186 20.11 63.94 22.75
CA ALA N 186 19.32 62.98 21.98
C ALA N 186 19.46 61.64 22.64
N LEU N 187 20.71 61.29 22.93
CA LEU N 187 21.05 60.06 23.62
C LEU N 187 20.19 59.85 24.86
N ALA N 188 19.83 60.93 25.53
CA ALA N 188 19.16 60.82 26.81
C ALA N 188 17.66 60.57 26.68
N ASN N 189 17.12 60.82 25.48
CA ASN N 189 15.68 60.68 25.28
C ASN N 189 15.27 59.30 24.84
N TYR N 190 16.26 58.47 24.51
CA TYR N 190 15.99 57.08 24.17
C TYR N 190 15.35 56.40 25.36
N ALA N 191 14.30 55.64 25.10
CA ALA N 191 13.56 55.01 26.16
C ALA N 191 14.42 53.94 26.81
N HIS N 192 15.19 53.24 25.99
CA HIS N 192 16.03 52.16 26.46
C HIS N 192 17.51 52.55 26.38
N LEU N 193 17.98 53.09 27.49
CA LEU N 193 19.31 53.67 27.55
C LEU N 193 19.98 53.21 28.84
N SER N 194 21.30 53.12 28.80
CA SER N 194 22.04 52.80 30.01
C SER N 194 23.43 53.40 29.94
N GLU N 195 23.77 54.22 30.92
CA GLU N 195 25.05 54.92 30.89
C GLU N 195 25.79 54.70 32.20
N ILE N 196 27.09 54.48 32.09
CA ILE N 196 27.87 54.37 33.31
C ILE N 196 29.31 54.72 33.01
N SER N 197 30.07 55.00 34.05
CA SER N 197 31.45 55.39 33.89
C SER N 197 32.25 54.20 33.36
N PRO N 198 33.25 54.45 32.51
CA PRO N 198 33.89 53.43 31.69
C PRO N 198 34.51 52.30 32.50
N TRP N 199 34.86 52.54 33.77
CA TRP N 199 35.53 51.50 34.54
C TRP N 199 34.54 50.60 35.24
N ALA N 200 33.25 50.91 35.11
CA ALA N 200 32.25 50.07 35.75
C ALA N 200 31.54 49.15 34.76
N ILE N 201 30.70 48.25 35.28
CA ILE N 201 29.93 47.34 34.44
C ILE N 201 28.52 47.85 34.35
N THR N 202 27.94 47.81 33.16
CA THR N 202 26.52 48.07 33.03
C THR N 202 25.98 47.14 32.01
N LYS N 203 24.66 47.17 31.83
CA LYS N 203 24.06 46.37 30.78
C LYS N 203 22.75 46.96 30.34
N LEU N 204 22.30 46.55 29.16
CA LEU N 204 21.06 47.05 28.60
C LEU N 204 20.24 45.87 28.16
N THR N 205 19.01 45.81 28.64
CA THR N 205 18.10 44.74 28.25
C THR N 205 17.11 45.31 27.25
N VAL N 206 17.23 44.92 25.99
CA VAL N 206 16.28 45.37 24.99
C VAL N 206 15.05 44.51 25.14
N PRO N 207 13.89 45.08 24.78
CA PRO N 207 12.64 44.35 24.94
C PRO N 207 12.33 43.55 23.69
N THR N 208 11.89 42.32 23.90
CA THR N 208 11.63 41.41 22.80
C THR N 208 10.15 41.39 22.60
N ASP N 209 9.72 41.26 21.35
CA ASP N 209 8.31 41.05 21.10
C ASP N 209 8.08 39.63 20.69
N ASN N 210 6.91 39.40 20.10
CA ASN N 210 6.43 38.04 19.92
C ASN N 210 6.31 37.62 18.46
N VAL N 211 6.91 38.40 17.57
CA VAL N 211 6.71 38.17 16.16
C VAL N 211 7.91 37.47 15.50
N LYS N 212 7.61 36.53 14.61
CA LYS N 212 8.65 35.94 13.81
C LYS N 212 9.02 36.95 12.77
N ARG N 213 10.32 37.15 12.56
CA ARG N 213 10.80 37.95 11.43
C ARG N 213 11.75 37.13 10.55
N PHE N 214 12.10 37.68 9.38
CA PHE N 214 13.03 36.96 8.50
C PHE N 214 14.50 37.14 8.85
N ILE N 215 15.25 36.05 8.79
CA ILE N 215 16.69 36.14 8.88
C ILE N 215 17.15 36.55 7.50
N SER N 216 17.64 37.77 7.38
CA SER N 216 18.20 38.22 6.10
C SER N 216 19.27 39.29 6.26
N ASP N 217 19.65 39.89 5.15
CA ASP N 217 20.91 40.60 5.03
C ASP N 217 21.05 41.88 5.86
N THR N 218 19.94 42.37 6.40
CA THR N 218 19.87 43.77 6.87
C THR N 218 20.20 44.71 5.71
N SER N 219 19.73 44.35 4.53
CA SER N 219 19.93 45.12 3.32
C SER N 219 19.07 44.42 2.30
N SER N 220 18.43 43.35 2.74
CA SER N 220 17.57 42.54 1.90
C SER N 220 16.11 42.89 2.14
N GLY N 221 15.78 44.16 2.03
CA GLY N 221 14.41 44.59 2.19
C GLY N 221 14.12 45.50 3.39
N ASP N 222 12.84 45.81 3.62
CA ASP N 222 12.42 46.78 4.64
C ASP N 222 12.94 46.45 6.04
N PRO N 223 13.81 47.32 6.57
CA PRO N 223 14.38 47.19 7.90
C PRO N 223 13.35 46.89 9.00
N LYS N 224 12.20 47.57 8.97
CA LYS N 224 11.22 47.43 10.03
C LYS N 224 10.52 46.07 10.02
N LEU N 225 10.58 45.40 8.87
CA LEU N 225 9.97 44.07 8.70
C LEU N 225 10.91 42.93 9.12
N ILE N 226 12.22 43.21 9.14
CA ILE N 226 13.17 42.14 9.31
C ILE N 226 14.01 42.27 10.57
N ASN N 227 14.08 43.49 11.12
CA ASN N 227 14.91 43.72 12.30
C ASN N 227 14.09 44.07 13.54
N LEU N 228 14.46 43.48 14.68
CA LEU N 228 13.84 43.77 15.96
C LEU N 228 14.07 45.23 16.28
N GLY N 229 15.24 45.74 15.89
CA GLY N 229 15.55 47.13 16.10
C GLY N 229 17.00 47.42 15.85
N GLN N 230 17.48 48.48 16.49
CA GLN N 230 18.84 48.94 16.28
C GLN N 230 19.58 48.97 17.63
N PHE N 231 20.86 48.62 17.63
CA PHE N 231 21.68 48.75 18.83
C PHE N 231 22.75 49.80 18.55
N GLY N 232 23.37 50.32 19.60
CA GLY N 232 24.39 51.33 19.43
C GLY N 232 25.00 51.78 20.74
N TRP N 233 26.15 52.45 20.65
CA TRP N 233 26.82 52.93 21.84
C TRP N 233 27.51 54.24 21.60
N VAL N 234 27.78 54.94 22.69
CA VAL N 234 28.39 56.26 22.60
C VAL N 234 29.42 56.29 23.72
N ALA N 235 30.50 57.03 23.52
CA ALA N 235 31.47 57.22 24.60
C ALA N 235 31.95 58.65 24.56
N TYR N 236 31.64 59.41 25.62
CA TYR N 236 32.02 60.82 25.61
C TYR N 236 32.77 61.29 26.85
N SER N 237 33.39 62.47 26.70
CA SER N 237 34.11 63.14 27.78
C SER N 237 35.17 62.26 28.43
N GLY N 238 35.60 61.21 27.74
CA GLY N 238 36.65 60.36 28.25
C GLY N 238 37.96 60.55 27.52
N PRO N 239 38.85 59.55 27.62
CA PRO N 239 40.15 59.56 26.98
C PRO N 239 40.01 58.93 25.63
N THR N 240 41.13 58.79 24.94
CA THR N 240 41.12 58.19 23.63
C THR N 240 41.73 56.78 23.65
N ALA N 241 40.88 55.77 23.87
CA ALA N 241 41.35 54.41 24.06
C ALA N 241 40.27 53.35 23.91
N GLU N 242 40.66 52.09 24.09
CA GLU N 242 39.69 51.01 24.14
C GLU N 242 39.14 50.96 25.55
N LEU N 243 37.87 51.31 25.69
CA LEU N 243 37.26 51.39 27.00
C LEU N 243 36.73 50.07 27.50
N GLY N 244 36.07 49.30 26.64
CA GLY N 244 35.55 48.00 27.07
C GLY N 244 35.06 47.05 26.00
N ASP N 245 34.71 45.84 26.43
CA ASP N 245 34.11 44.83 25.56
C ASP N 245 32.59 44.90 25.69
N ILE N 246 31.90 44.81 24.56
CA ILE N 246 30.47 44.72 24.62
C ILE N 246 30.09 43.32 24.19
N PHE N 247 29.35 42.62 25.05
CA PHE N 247 28.88 41.28 24.73
C PHE N 247 27.39 41.31 24.51
N VAL N 248 26.86 40.26 23.89
CA VAL N 248 25.42 40.14 23.77
C VAL N 248 25.04 38.76 24.26
N GLU N 249 23.98 38.70 25.06
CA GLU N 249 23.53 37.46 25.63
C GLU N 249 22.10 37.30 25.22
N TYR N 250 21.71 36.12 24.74
CA TYR N 250 20.38 36.01 24.15
C TYR N 250 19.84 34.60 24.21
N THR N 251 18.54 34.50 23.94
CA THR N 251 17.90 33.25 23.68
C THR N 251 17.01 33.45 22.47
N VAL N 252 17.37 32.83 21.34
CA VAL N 252 16.53 32.88 20.14
C VAL N 252 15.82 31.58 19.81
N ASP N 253 14.67 31.71 19.16
CA ASP N 253 14.12 30.60 18.41
C ASP N 253 14.43 30.82 16.93
N LEU N 254 14.90 29.79 16.23
CA LEU N 254 15.02 29.87 14.77
C LEU N 254 14.00 28.95 14.13
N PHE N 255 13.46 29.33 12.97
CA PHE N 255 12.48 28.47 12.34
C PHE N 255 12.77 28.26 10.88
N GLU N 256 12.26 27.14 10.35
CA GLU N 256 12.29 26.84 8.94
C GLU N 256 13.70 26.67 8.38
N ALA N 257 14.20 25.45 8.42
CA ALA N 257 15.47 25.09 7.81
C ALA N 257 15.50 25.37 6.31
N GLN N 258 16.59 25.98 5.86
CA GLN N 258 16.71 26.27 4.44
C GLN N 258 18.12 25.94 4.02
N PRO N 259 18.40 25.89 2.71
CA PRO N 259 19.79 25.70 2.29
C PRO N 259 20.63 26.89 2.73
N THR N 260 21.87 26.64 3.14
CA THR N 260 22.68 27.62 3.85
C THR N 260 22.93 28.90 3.05
N SER N 261 22.73 30.04 3.69
CA SER N 261 23.12 31.32 3.09
C SER N 261 24.62 31.38 3.07
N PRO N 262 25.21 32.04 2.08
CA PRO N 262 26.66 31.97 1.94
C PRO N 262 27.34 32.53 3.16
N LEU N 263 28.30 31.80 3.70
CA LEU N 263 29.04 32.25 4.88
C LEU N 263 30.35 32.89 4.47
N LEU N 264 30.40 33.41 3.26
CA LEU N 264 31.61 34.03 2.79
C LEU N 264 31.23 35.34 2.12
N GLU N 265 32.23 36.12 1.73
CA GLU N 265 31.95 37.38 1.09
C GLU N 265 32.51 37.43 -0.32
N SER N 266 31.71 37.92 -1.26
CA SER N 266 32.19 38.22 -2.59
C SER N 266 31.90 39.69 -2.88
N LEU N 267 32.96 40.48 -3.01
CA LEU N 267 32.80 41.92 -3.20
C LEU N 267 33.48 42.37 -4.48
N PHE N 268 32.68 42.78 -5.45
CA PHE N 268 33.16 43.09 -6.79
C PHE N 268 33.03 44.57 -7.12
N ARG N 269 33.92 45.07 -7.99
CA ARG N 269 34.00 46.49 -8.28
C ARG N 269 34.53 46.73 -9.70
N GLU N 270 34.08 47.81 -10.32
CA GLU N 270 34.58 48.25 -11.62
C GLU N 270 34.17 49.73 -11.80
N SER N 271 34.91 50.59 -12.53
CA SER N 271 36.12 50.33 -13.33
C SER N 271 36.09 49.19 -14.34
N ALA N 272 35.47 49.40 -15.50
CA ALA N 272 34.98 50.69 -15.96
C ALA N 272 33.49 50.84 -15.72
N SER N 273 33.15 51.55 -14.65
CA SER N 273 31.78 51.76 -14.19
C SER N 273 31.91 52.44 -12.84
N SER N 274 31.06 52.04 -11.90
CA SER N 274 31.20 52.43 -10.50
C SER N 274 30.49 51.39 -9.63
N VAL N 275 29.78 50.49 -10.29
CA VAL N 275 28.98 49.46 -9.64
C VAL N 275 29.82 48.55 -8.74
N GLN N 276 29.26 48.20 -7.59
CA GLN N 276 30.03 47.62 -6.51
C GLN N 276 29.28 46.47 -5.84
N THR N 277 28.81 45.50 -6.63
CA THR N 277 27.92 44.46 -6.13
C THR N 277 28.56 43.57 -5.06
N ARG N 278 27.82 43.34 -3.97
CA ARG N 278 28.28 42.54 -2.84
C ARG N 278 27.37 41.35 -2.61
N MET N 279 27.95 40.23 -2.19
CA MET N 279 27.21 38.98 -2.06
C MET N 279 27.79 38.17 -0.93
N GLY N 280 26.94 37.78 0.01
CA GLY N 280 27.42 37.12 1.22
C GLY N 280 27.45 38.11 2.37
N LEU N 281 28.02 37.69 3.49
CA LEU N 281 28.09 38.50 4.69
C LEU N 281 28.91 39.73 4.41
N PRO N 282 28.64 40.84 5.11
CA PRO N 282 29.37 42.10 4.90
C PRO N 282 30.54 42.22 5.86
N TYR N 283 31.46 41.27 5.84
CA TYR N 283 32.64 41.32 6.67
C TYR N 283 33.49 42.55 6.33
N PHE N 284 33.87 42.69 5.05
CA PHE N 284 34.69 43.81 4.61
C PHE N 284 33.90 44.75 3.75
N SER N 285 34.31 46.02 3.76
CA SER N 285 33.69 47.02 2.94
C SER N 285 34.78 47.67 2.10
N LEU N 286 34.35 48.33 1.04
CA LEU N 286 35.28 48.92 0.11
C LEU N 286 35.27 50.45 0.22
N GLU N 287 36.42 50.98 0.62
CA GLU N 287 36.55 52.41 0.88
C GLU N 287 36.88 53.19 -0.39
N VAL N 288 37.99 52.84 -1.04
CA VAL N 288 38.22 53.35 -2.39
C VAL N 288 38.91 52.36 -3.34
N ALA N 289 38.47 52.40 -4.59
CA ALA N 289 39.06 51.65 -5.68
C ALA N 289 39.52 52.63 -6.75
N SER N 290 40.78 53.00 -6.67
CA SER N 290 41.36 53.98 -7.56
C SER N 290 41.91 53.33 -8.82
N ALA N 291 43.22 53.49 -9.00
CA ALA N 291 44.00 52.78 -9.99
C ALA N 291 45.38 52.68 -9.37
N THR N 292 45.59 53.51 -8.34
CA THR N 292 46.81 53.52 -7.56
C THR N 292 46.69 52.70 -6.29
N ASP N 293 45.50 52.73 -5.68
CA ASP N 293 45.32 52.12 -4.36
C ASP N 293 43.99 51.38 -4.16
N LEU N 294 44.05 50.30 -3.38
CA LEU N 294 42.88 49.54 -2.97
C LEU N 294 42.81 49.42 -1.45
N VAL N 295 41.71 49.93 -0.89
CA VAL N 295 41.51 49.93 0.56
C VAL N 295 40.21 49.28 0.98
N TRP N 296 40.35 48.22 1.75
CA TRP N 296 39.19 47.52 2.27
C TRP N 296 39.19 47.74 3.76
N GLN N 297 38.07 48.26 4.29
CA GLN N 297 37.94 48.39 5.74
C GLN N 297 37.17 47.21 6.30
N ALA N 298 37.60 46.74 7.47
CA ALA N 298 37.02 45.55 8.09
C ALA N 298 35.93 45.91 9.12
N ARG N 299 34.70 45.54 8.79
CA ARG N 299 33.55 45.81 9.66
C ARG N 299 33.41 44.75 10.75
N VAL N 300 34.14 43.66 10.65
CA VAL N 300 33.96 42.60 11.61
C VAL N 300 35.26 42.06 12.17
N PRO N 301 35.46 42.24 13.47
CA PRO N 301 36.64 41.71 14.18
C PRO N 301 36.78 40.21 14.03
N GLY N 302 38.00 39.76 13.73
CA GLY N 302 38.34 38.35 13.76
C GLY N 302 39.46 37.93 12.82
N THR N 303 39.70 36.63 12.77
CA THR N 303 40.71 36.07 11.90
C THR N 303 40.09 35.57 10.59
N TYR N 304 40.70 35.93 9.47
CA TYR N 304 40.14 35.65 8.15
C TYR N 304 41.14 34.98 7.23
N VAL N 305 40.66 34.57 6.06
CA VAL N 305 41.54 34.26 4.94
C VAL N 305 40.96 35.02 3.76
N VAL N 306 41.72 36.00 3.27
CA VAL N 306 41.22 36.85 2.21
C VAL N 306 41.85 36.47 0.87
N THR N 307 41.06 36.56 -0.19
CA THR N 307 41.58 36.44 -1.54
C THR N 307 41.16 37.68 -2.28
N ILE N 308 42.16 38.46 -2.71
CA ILE N 308 41.86 39.66 -3.47
C ILE N 308 42.47 39.54 -4.85
N ILE N 309 41.67 39.86 -5.86
CA ILE N 309 42.12 39.68 -7.22
C ILE N 309 41.71 40.89 -8.04
N PHE N 310 42.59 41.33 -8.94
CA PHE N 310 42.36 42.56 -9.70
C PHE N 310 43.15 42.65 -11.02
N ASN N 311 42.91 43.74 -11.74
CA ASN N 311 43.55 44.01 -13.02
C ASN N 311 44.36 45.30 -12.98
N SER N 312 45.68 45.18 -12.97
CA SER N 312 46.55 46.35 -13.05
C SER N 312 47.40 46.33 -14.31
N THR N 313 48.66 46.77 -14.21
CA THR N 313 49.65 46.72 -15.28
C THR N 313 51.02 46.59 -14.61
N VAL N 314 51.26 45.45 -13.96
CA VAL N 314 52.44 45.19 -13.10
C VAL N 314 52.41 45.92 -11.76
N GLY N 315 53.30 45.53 -10.85
CA GLY N 315 53.46 46.24 -9.60
C GLY N 315 52.92 45.47 -8.40
N GLY N 316 51.93 46.06 -7.72
CA GLY N 316 51.17 45.35 -6.70
C GLY N 316 51.71 45.35 -5.29
N LEU N 317 52.81 44.63 -5.04
CA LEU N 317 53.27 44.30 -3.67
C LEU N 317 53.37 45.44 -2.70
N THR N 318 52.25 45.80 -2.08
CA THR N 318 52.28 46.76 -1.00
C THR N 318 51.09 46.47 -0.08
N PRO N 319 51.25 45.45 0.78
CA PRO N 319 50.19 45.14 1.75
C PRO N 319 50.48 45.74 3.13
N SER N 320 49.46 46.31 3.76
CA SER N 320 49.61 46.82 5.12
C SER N 320 48.27 46.88 5.85
N ILE N 321 48.34 46.90 7.19
CA ILE N 321 47.15 47.00 8.02
C ILE N 321 47.05 48.38 8.68
N SER N 322 46.23 49.25 8.10
CA SER N 322 46.07 50.62 8.58
C SER N 322 45.09 50.67 9.76
N GLY N 323 45.29 49.77 10.72
CA GLY N 323 44.49 49.72 11.93
C GLY N 323 45.16 48.74 12.88
N GLY N 324 44.38 48.13 13.76
CA GLY N 324 44.90 47.07 14.62
C GLY N 324 44.70 45.69 14.01
N GLY N 325 45.78 45.07 13.55
CA GLY N 325 45.72 43.79 12.87
C GLY N 325 47.08 43.15 12.59
N THR N 326 47.07 41.94 12.06
CA THR N 326 48.30 41.20 11.85
C THR N 326 48.21 40.23 10.67
N ILE N 327 48.77 40.62 9.52
CA ILE N 327 48.89 39.74 8.36
C ILE N 327 49.72 38.50 8.68
N ASN N 328 49.09 37.48 9.25
CA ASN N 328 49.80 36.32 9.81
C ASN N 328 50.40 35.41 8.76
N SER N 329 49.92 35.53 7.52
CA SER N 329 50.37 34.67 6.41
C SER N 329 50.06 35.37 5.10
N SER N 330 50.96 35.29 4.15
CA SER N 330 50.81 36.11 2.96
C SER N 330 51.30 35.38 1.70
N PHE N 331 50.56 35.57 0.62
CA PHE N 331 50.98 35.08 -0.68
C PHE N 331 50.60 36.12 -1.71
N SER N 332 51.51 36.41 -2.62
CA SER N 332 51.27 37.40 -3.63
C SER N 332 51.74 36.89 -4.96
N VAL N 333 51.04 37.33 -6.00
CA VAL N 333 51.50 37.11 -7.37
C VAL N 333 50.92 38.21 -8.28
N SER N 334 51.81 38.86 -9.02
CA SER N 334 51.43 39.99 -9.81
C SER N 334 52.23 40.10 -11.11
N THR N 335 51.49 40.29 -12.21
CA THR N 335 52.09 40.42 -13.53
C THR N 335 51.34 41.54 -14.25
N ALA N 336 50.97 41.31 -15.49
CA ALA N 336 50.21 42.29 -16.27
C ALA N 336 48.80 42.55 -15.70
N GLY N 337 47.84 42.80 -16.59
CA GLY N 337 46.46 43.04 -16.20
C GLY N 337 45.82 41.86 -15.48
N SER N 338 46.42 41.50 -14.34
CA SER N 338 46.05 40.31 -13.60
C SER N 338 47.00 40.15 -12.43
N SER N 339 46.48 40.25 -11.22
CA SER N 339 47.27 39.98 -10.01
C SER N 339 46.36 39.40 -8.92
N ALA N 340 46.95 38.81 -7.88
CA ALA N 340 46.16 38.08 -6.89
C ALA N 340 46.88 37.98 -5.54
N TYR N 341 46.13 38.27 -4.47
CA TYR N 341 46.69 38.33 -3.14
C TYR N 341 45.84 37.49 -2.21
N VAL N 342 46.46 36.53 -1.53
CA VAL N 342 45.77 35.79 -0.49
C VAL N 342 46.55 35.88 0.82
N ALA N 343 45.83 36.03 1.94
CA ALA N 343 46.46 36.27 3.23
C ALA N 343 45.56 35.91 4.41
N ASN N 344 46.19 35.53 5.51
CA ASN N 344 45.49 35.13 6.74
C ASN N 344 45.55 36.22 7.80
N ILE N 345 44.86 37.32 7.57
CA ILE N 345 44.89 38.44 8.49
C ILE N 345 44.06 38.18 9.75
N THR N 346 44.50 38.77 10.87
CA THR N 346 43.70 38.83 12.10
C THR N 346 43.35 40.30 12.31
N ILE N 347 42.41 40.77 11.51
CA ILE N 347 41.91 42.11 11.62
C ILE N 347 41.04 42.20 12.86
N ARG N 348 40.75 43.43 13.30
CA ARG N 348 40.01 43.59 14.55
C ARG N 348 39.46 45.01 14.70
N VAL N 349 38.66 45.23 15.74
CA VAL N 349 37.96 46.49 15.99
C VAL N 349 37.30 46.98 14.71
N ASN N 350 38.14 47.46 13.80
CA ASN N 350 37.68 48.16 12.64
C ASN N 350 38.89 48.62 11.85
N ALA N 351 39.83 47.69 11.64
CA ALA N 351 41.09 48.04 10.99
C ALA N 351 40.99 48.23 9.48
N ASN N 352 42.11 48.02 8.79
CA ASN N 352 42.22 48.39 7.39
C ASN N 352 43.18 47.56 6.54
N LEU N 353 42.81 47.38 5.28
CA LEU N 353 43.60 46.60 4.34
C LEU N 353 43.89 47.40 3.08
N SER N 354 45.17 47.56 2.81
CA SER N 354 45.63 48.50 1.79
C SER N 354 46.60 47.88 0.79
N LEU N 355 46.24 48.01 -0.49
CA LEU N 355 47.12 47.65 -1.58
C LEU N 355 47.64 48.93 -2.25
N SER N 356 48.88 49.30 -1.93
CA SER N 356 49.43 50.63 -2.24
C SER N 356 50.07 50.81 -3.63
N GLY N 357 51.09 50.02 -3.93
CA GLY N 357 51.83 50.23 -5.16
C GLY N 357 51.13 49.90 -6.46
N LEU N 358 49.80 49.96 -6.47
CA LEU N 358 49.06 49.68 -7.69
C LEU N 358 49.38 50.68 -8.76
N THR N 359 49.19 50.25 -10.01
CA THR N 359 49.45 51.08 -11.16
C THR N 359 48.59 50.64 -12.34
N GLY N 360 47.56 51.44 -12.62
CA GLY N 360 46.70 51.19 -13.75
C GLY N 360 45.64 50.15 -13.43
N ALA N 361 45.14 50.17 -12.20
CA ALA N 361 44.18 49.17 -11.77
C ALA N 361 42.75 49.54 -12.11
N THR N 362 41.94 48.52 -12.38
CA THR N 362 40.54 48.73 -12.75
C THR N 362 39.61 47.81 -11.96
N ASN N 363 39.32 46.64 -12.53
CA ASN N 363 38.53 45.63 -11.82
C ASN N 363 39.20 45.11 -10.55
N ALA N 364 38.40 44.79 -9.55
CA ALA N 364 38.90 44.17 -8.33
C ALA N 364 37.81 43.40 -7.62
N GLN N 365 38.20 42.36 -6.90
CA GLN N 365 37.25 41.54 -6.17
C GLN N 365 37.84 40.99 -4.88
N LEU N 366 37.05 41.06 -3.81
CA LEU N 366 37.44 40.52 -2.52
C LEU N 366 36.67 39.25 -2.18
N PHE N 367 37.40 38.24 -1.68
CA PHE N 367 36.78 37.04 -1.17
C PHE N 367 37.17 36.84 0.30
N ALA N 368 36.21 36.99 1.21
CA ALA N 368 36.49 36.83 2.64
C ALA N 368 35.80 35.63 3.27
N VAL N 369 36.58 34.81 3.96
CA VAL N 369 35.98 33.80 4.82
C VAL N 369 36.61 33.88 6.19
N ARG N 370 35.89 33.42 7.18
CA ARG N 370 36.38 33.49 8.53
C ARG N 370 37.15 32.21 8.84
N ALA N 371 38.32 32.35 9.44
CA ALA N 371 39.11 31.18 9.81
C ALA N 371 39.89 31.40 11.11
N ILE N 372 40.65 30.38 11.51
CA ILE N 372 41.64 30.55 12.57
C ILE N 372 42.94 31.05 11.99
N THR N 373 44.05 30.81 12.69
CA THR N 373 45.35 31.25 12.21
C THR N 373 46.12 30.09 11.60
N GLU N 374 45.91 28.88 12.12
CA GLU N 374 46.54 27.69 11.56
C GLU N 374 46.01 27.35 10.15
N ASN N 375 44.99 28.09 9.72
CA ASN N 375 44.70 28.20 8.30
C ASN N 375 45.65 29.23 7.76
N ALA N 376 46.94 28.90 7.73
CA ALA N 376 47.98 29.85 7.32
C ALA N 376 48.46 29.51 5.93
N VAL N 377 48.57 30.52 5.06
CA VAL N 377 49.10 30.26 3.72
C VAL N 377 50.56 29.82 3.85
N GLN N 378 50.98 28.87 3.02
CA GLN N 378 52.32 28.32 3.18
C GLN N 378 53.10 28.26 1.87
N VAL N 379 52.50 28.76 0.81
CA VAL N 379 53.25 28.96 -0.43
C VAL N 379 53.51 30.47 -0.61
N VAL N 380 54.59 30.79 -1.30
CA VAL N 380 55.14 32.14 -1.27
C VAL N 380 55.06 32.89 -2.60
N ILE O 60 -43.04 71.68 18.69
CA ILE O 60 -43.97 70.63 19.10
C ILE O 60 -45.14 70.60 18.10
N ALA O 61 -45.74 69.42 17.84
CA ALA O 61 -47.05 69.34 17.11
C ALA O 61 -47.03 69.65 15.61
N HIS O 62 -47.25 68.69 14.79
CA HIS O 62 -47.17 68.87 13.32
CA HIS O 62 -47.17 68.84 13.32
C HIS O 62 -48.52 68.74 12.59
N PRO O 63 -48.85 69.65 11.68
CA PRO O 63 -50.15 69.82 11.02
C PRO O 63 -50.63 68.62 10.21
N GLN O 64 -51.94 68.33 10.33
CA GLN O 64 -52.64 67.32 9.53
C GLN O 64 -51.84 66.02 9.33
N ALA O 65 -51.40 65.43 10.43
CA ALA O 65 -50.53 64.25 10.33
C ALA O 65 -51.08 63.08 11.15
N PHE O 66 -50.87 61.87 10.63
CA PHE O 66 -51.12 60.68 11.42
C PHE O 66 -49.79 60.21 11.90
N PRO O 67 -49.78 59.50 13.04
CA PRO O 67 -48.52 58.97 13.57
C PRO O 67 -47.94 57.95 12.61
N GLY O 68 -46.61 57.83 12.59
CA GLY O 68 -45.94 56.93 11.68
C GLY O 68 -45.46 57.68 10.45
N ALA O 69 -45.99 58.89 10.29
CA ALA O 69 -45.54 59.83 9.29
C ALA O 69 -44.08 60.09 9.57
N ILE O 70 -43.29 60.35 8.54
CA ILE O 70 -41.99 60.94 8.79
C ILE O 70 -42.01 62.33 8.17
N ALA O 71 -41.59 63.31 8.96
CA ALA O 71 -41.72 64.70 8.57
C ALA O 71 -40.37 65.26 8.27
N ALA O 72 -40.24 65.85 7.09
CA ALA O 72 -38.98 66.43 6.65
C ALA O 72 -38.86 67.88 7.10
N PRO O 73 -37.82 68.18 7.88
CA PRO O 73 -37.49 69.57 8.19
C PRO O 73 -36.82 70.18 6.98
N ILE O 74 -36.51 71.46 7.03
CA ILE O 74 -35.93 72.13 5.87
C ILE O 74 -34.42 72.18 6.00
N SER O 75 -33.93 72.03 7.22
CA SER O 75 -32.49 72.04 7.46
C SER O 75 -32.20 71.48 8.85
N TYR O 76 -31.01 70.90 9.03
CA TYR O 76 -30.63 70.37 10.34
C TYR O 76 -29.47 71.17 10.88
N ALA O 77 -29.54 71.62 12.13
CA ALA O 77 -28.38 72.23 12.78
C ALA O 77 -27.83 71.26 13.79
N TYR O 78 -26.56 70.90 13.63
CA TYR O 78 -25.88 70.16 14.68
C TYR O 78 -24.83 71.12 15.17
N ALA O 79 -24.61 71.12 16.48
CA ALA O 79 -23.70 72.09 17.04
C ALA O 79 -22.42 71.40 17.52
N VAL O 80 -21.28 71.83 17.01
CA VAL O 80 -20.03 71.26 17.48
C VAL O 80 -19.24 72.24 18.37
N LYS O 81 -18.83 71.77 19.55
CA LYS O 81 -18.07 72.57 20.49
C LYS O 81 -16.65 72.03 20.52
N GLY O 82 -15.72 72.85 21.02
CA GLY O 82 -14.32 72.47 21.13
C GLY O 82 -14.10 71.35 22.11
N ARG O 83 -13.11 70.51 21.83
CA ARG O 83 -12.88 69.34 22.64
C ARG O 83 -11.44 69.27 23.11
N LYS O 84 -11.27 69.24 24.43
CA LYS O 84 -9.93 69.13 25.01
C LYS O 84 -9.42 67.71 24.92
N PRO O 85 -8.12 67.55 24.72
CA PRO O 85 -7.54 66.24 24.57
C PRO O 85 -7.34 65.61 25.95
N ARG O 86 -7.42 64.28 26.03
CA ARG O 86 -7.14 63.55 27.25
C ARG O 86 -5.92 62.68 27.10
N PHE O 87 -5.01 62.86 28.05
CA PHE O 87 -3.82 62.02 28.16
C PHE O 87 -3.90 61.11 29.39
N GLN O 88 -3.35 59.91 29.26
CA GLN O 88 -3.15 59.04 30.41
C GLN O 88 -2.21 57.94 30.00
N THR O 89 -1.45 57.41 30.93
CA THR O 89 -0.49 56.36 30.58
C THR O 89 -0.96 54.98 31.01
N ALA O 90 -1.12 54.09 30.03
CA ALA O 90 -1.46 52.69 30.27
C ALA O 90 -0.21 51.87 30.66
N LYS O 91 0.50 52.37 31.67
CA LYS O 91 1.77 51.82 32.16
C LYS O 91 2.89 51.74 31.11
N GLY O 92 2.57 51.29 29.91
CA GLY O 92 3.58 51.19 28.86
C GLY O 92 3.44 52.26 27.79
N SER O 93 2.19 52.66 27.57
CA SER O 93 1.85 53.55 26.48
C SER O 93 1.25 54.85 27.00
N VAL O 94 1.40 55.93 26.24
CA VAL O 94 0.60 57.12 26.51
C VAL O 94 -0.61 57.04 25.59
N ARG O 95 -1.76 57.41 26.13
CA ARG O 95 -3.01 57.24 25.41
C ARG O 95 -3.64 58.58 25.26
N ILE O 96 -3.91 58.96 24.03
CA ILE O 96 -4.49 60.26 23.72
C ILE O 96 -5.87 60.14 23.08
N THR O 97 -6.82 60.90 23.60
CA THR O 97 -8.14 60.97 22.98
C THR O 97 -8.42 62.41 22.59
N HIS O 98 -8.84 62.62 21.35
CA HIS O 98 -9.04 63.96 20.87
C HIS O 98 -9.88 63.92 19.61
N ARG O 99 -10.30 65.10 19.14
CA ARG O 99 -11.06 65.20 17.91
CA ARG O 99 -11.09 65.23 17.93
C ARG O 99 -10.42 66.25 17.00
N GLU O 100 -10.12 65.84 15.77
CA GLU O 100 -9.47 66.78 14.86
C GLU O 100 -10.21 66.95 13.54
N TYR O 101 -9.89 68.02 12.84
CA TYR O 101 -10.61 68.31 11.61
C TYR O 101 -9.90 67.73 10.40
N VAL O 102 -10.52 66.73 9.78
CA VAL O 102 -9.92 66.14 8.59
C VAL O 102 -9.92 67.09 7.39
N SER O 103 -11.13 67.38 6.89
CA SER O 103 -11.28 68.11 5.65
C SER O 103 -12.73 68.51 5.45
N VAL O 104 -12.97 69.50 4.60
CA VAL O 104 -14.33 69.79 4.20
C VAL O 104 -14.64 68.83 3.07
N LEU O 105 -15.91 68.47 2.92
CA LEU O 105 -16.29 67.50 1.90
C LEU O 105 -17.08 68.24 0.85
N SER O 106 -16.54 68.32 -0.35
CA SER O 106 -17.24 68.98 -1.43
C SER O 106 -17.55 68.03 -2.57
N GLY O 107 -18.53 68.41 -3.37
CA GLY O 107 -18.79 67.72 -4.62
C GLY O 107 -18.89 68.75 -5.72
N THR O 108 -18.67 68.34 -6.95
CA THR O 108 -18.98 69.23 -8.06
C THR O 108 -20.04 68.59 -8.93
N ASN O 109 -20.87 69.42 -9.56
CA ASN O 109 -22.03 68.96 -10.28
C ASN O 109 -21.74 68.06 -11.48
N GLY O 110 -22.45 66.94 -11.55
CA GLY O 110 -22.30 66.05 -12.69
C GLY O 110 -20.99 65.30 -12.69
N GLU O 111 -20.29 65.35 -11.58
CA GLU O 111 -19.05 64.62 -11.44
C GLU O 111 -19.22 63.57 -10.38
N PHE O 112 -18.43 62.52 -10.49
CA PHE O 112 -18.30 61.54 -9.42
C PHE O 112 -17.05 61.99 -8.70
N LEU O 113 -17.21 62.89 -7.73
CA LEU O 113 -16.05 63.54 -7.12
C LEU O 113 -15.46 62.76 -5.95
N ARG O 114 -14.26 62.22 -6.14
CA ARG O 114 -13.68 61.32 -5.16
C ARG O 114 -12.57 62.02 -4.40
N ASN O 115 -12.70 62.11 -3.08
CA ASN O 115 -11.75 62.84 -2.22
C ASN O 115 -11.55 64.28 -2.66
N ASN O 116 -12.67 64.94 -2.94
CA ASN O 116 -12.68 66.26 -3.58
C ASN O 116 -11.90 66.15 -4.89
N GLY O 117 -11.06 67.12 -5.22
CA GLY O 117 -10.17 66.93 -6.38
C GLY O 117 -9.23 65.74 -6.24
N THR O 118 -8.05 65.98 -5.68
CA THR O 118 -7.04 64.99 -5.23
C THR O 118 -7.04 63.59 -5.84
N GLY O 119 -7.99 62.75 -5.41
CA GLY O 119 -7.98 61.33 -5.70
C GLY O 119 -7.28 60.64 -4.52
N PRO O 120 -7.53 59.33 -4.32
CA PRO O 120 -7.02 58.61 -3.15
C PRO O 120 -5.55 58.26 -3.26
N ASN O 121 -4.72 59.04 -2.58
CA ASN O 121 -3.28 58.83 -2.58
C ASN O 121 -2.75 58.48 -1.18
N ASN O 122 -1.47 58.78 -0.94
CA ASN O 122 -0.79 58.44 0.32
C ASN O 122 -0.70 59.56 1.30
N ASP O 123 -1.83 60.11 1.65
CA ASP O 123 -1.91 60.97 2.81
C ASP O 123 -3.36 60.97 3.22
N PHE O 124 -4.08 59.96 2.72
CA PHE O 124 -5.36 59.59 3.30
C PHE O 124 -5.10 58.29 4.03
N SER O 125 -3.83 58.01 4.25
CA SER O 125 -3.43 56.81 4.96
C SER O 125 -3.46 57.12 6.43
N ILE O 126 -3.99 56.20 7.22
CA ILE O 126 -4.06 56.41 8.64
C ILE O 126 -2.74 56.02 9.33
N ASN O 127 -2.11 57.01 9.96
CA ASN O 127 -0.83 56.90 10.67
C ASN O 127 -0.64 58.25 11.33
N PRO O 128 0.17 58.32 12.38
CA PRO O 128 -0.45 59.49 12.95
C PRO O 128 0.36 60.57 13.65
N LEU O 129 1.25 61.41 13.12
CA LEU O 129 2.00 61.41 11.86
C LEU O 129 1.43 61.70 10.50
N ASN O 130 0.12 61.86 10.40
CA ASN O 130 -0.44 62.33 9.15
C ASN O 130 -1.12 63.69 9.29
N PRO O 131 -0.41 64.75 8.89
CA PRO O 131 -0.80 66.15 9.05
C PRO O 131 -2.22 66.43 8.56
N PHE O 132 -2.61 65.76 7.48
CA PHE O 132 -3.92 65.99 6.90
C PHE O 132 -5.00 65.43 7.82
N LEU O 133 -4.82 64.18 8.23
CA LEU O 133 -5.77 63.52 9.10
C LEU O 133 -5.65 63.91 10.56
N PHE O 134 -4.46 64.24 11.02
CA PHE O 134 -4.26 64.57 12.45
C PHE O 134 -3.34 65.75 12.70
N PRO O 135 -3.77 66.96 12.31
CA PRO O 135 -2.99 68.20 12.43
C PRO O 135 -2.38 68.39 13.79
N TRP O 136 -3.18 68.20 14.83
CA TRP O 136 -2.70 68.48 16.18
C TRP O 136 -1.82 67.35 16.71
N LEU O 137 -2.24 66.12 16.45
CA LEU O 137 -1.58 64.93 16.99
C LEU O 137 -0.14 64.78 16.49
N VAL O 138 0.13 65.26 15.27
CA VAL O 138 1.41 65.06 14.61
C VAL O 138 2.56 65.39 15.53
N ASN O 139 2.46 66.55 16.16
CA ASN O 139 3.51 67.03 17.05
C ASN O 139 3.81 66.05 18.18
N ILE O 140 2.78 65.48 18.79
CA ILE O 140 3.01 64.56 19.88
C ILE O 140 3.59 63.26 19.36
N ALA O 141 3.02 62.78 18.27
CA ALA O 141 3.43 61.51 17.70
C ALA O 141 4.89 61.45 17.30
N ALA O 142 5.45 62.60 16.89
CA ALA O 142 6.84 62.69 16.46
C ALA O 142 7.79 62.23 17.55
N ASN O 143 7.35 62.35 18.81
CA ASN O 143 8.12 61.96 19.98
C ASN O 143 8.04 60.47 20.33
N PHE O 144 7.42 59.68 19.46
CA PHE O 144 7.27 58.26 19.76
C PHE O 144 7.59 57.37 18.58
N ASP O 145 7.79 56.09 18.85
CA ASP O 145 8.19 55.19 17.77
C ASP O 145 7.08 54.34 17.18
N GLN O 146 6.10 53.97 17.99
CA GLN O 146 4.99 53.19 17.42
C GLN O 146 3.65 53.47 18.08
N TYR O 147 2.59 53.08 17.38
CA TYR O 147 1.26 53.50 17.78
C TYR O 147 0.33 52.33 17.62
N LYS O 148 -0.82 52.43 18.28
CA LYS O 148 -1.89 51.50 18.06
C LYS O 148 -3.19 52.21 18.30
N PHE O 149 -4.04 52.29 17.29
CA PHE O 149 -5.35 52.89 17.47
C PHE O 149 -6.33 52.01 18.27
N ASN O 150 -7.01 52.62 19.21
CA ASN O 150 -8.01 51.91 19.99
C ASN O 150 -9.38 52.07 19.43
N SER O 151 -9.78 53.31 19.28
CA SER O 151 -11.04 53.60 18.60
C SER O 151 -10.78 54.68 17.56
N LEU O 152 -11.51 54.63 16.45
CA LEU O 152 -11.27 55.55 15.37
C LEU O 152 -12.53 55.75 14.56
N ARG O 153 -13.10 56.95 14.66
CA ARG O 153 -14.38 57.23 14.00
C ARG O 153 -14.28 58.48 13.22
N PHE O 154 -14.83 58.41 12.00
CA PHE O 154 -14.95 59.58 11.16
C PHE O 154 -16.40 60.04 11.19
N GLU O 155 -16.62 61.35 11.34
CA GLU O 155 -17.94 61.88 11.56
C GLU O 155 -18.20 62.97 10.56
N TYR O 156 -19.38 62.97 9.95
CA TYR O 156 -19.69 63.93 8.91
C TYR O 156 -20.80 64.82 9.41
N VAL O 157 -20.56 66.11 9.50
CA VAL O 157 -21.60 67.03 9.94
C VAL O 157 -22.06 67.92 8.80
N PRO O 158 -23.33 67.80 8.42
CA PRO O 158 -23.88 68.51 7.25
C PRO O 158 -23.72 70.02 7.30
N LEU O 159 -23.38 70.59 6.16
CA LEU O 159 -23.10 72.01 6.01
C LEU O 159 -24.29 72.66 5.28
N VAL O 160 -25.26 71.81 4.94
CA VAL O 160 -26.19 72.11 3.86
C VAL O 160 -27.64 71.73 4.18
N ASN O 161 -28.60 72.43 3.56
CA ASN O 161 -30.01 72.22 3.85
C ASN O 161 -30.62 71.02 3.10
N THR O 162 -31.82 70.60 3.48
CA THR O 162 -32.36 69.33 2.98
C THR O 162 -33.03 69.41 1.62
N THR O 163 -32.92 70.53 0.95
CA THR O 163 -33.36 70.60 -0.44
C THR O 163 -32.17 70.28 -1.34
N THR O 164 -31.07 69.88 -0.72
CA THR O 164 -29.79 69.83 -1.42
C THR O 164 -29.65 68.71 -2.40
N ASN O 165 -29.90 67.48 -1.96
CA ASN O 165 -29.79 66.27 -2.82
C ASN O 165 -28.44 65.87 -3.41
N GLY O 166 -28.36 64.61 -3.82
CA GLY O 166 -27.09 63.96 -4.13
C GLY O 166 -26.75 62.96 -3.04
N ARG O 167 -25.52 62.47 -3.08
CA ARG O 167 -25.03 61.46 -2.15
C ARG O 167 -23.67 61.90 -1.62
N VAL O 168 -23.43 61.68 -0.33
CA VAL O 168 -22.06 61.70 0.18
C VAL O 168 -21.82 60.33 0.79
N ALA O 169 -20.59 59.84 0.65
CA ALA O 169 -20.27 58.52 1.18
C ALA O 169 -18.88 58.50 1.81
N LEU O 170 -18.77 57.83 2.95
CA LEU O 170 -17.46 57.67 3.57
C LEU O 170 -17.06 56.21 3.51
N TYR O 171 -15.82 55.96 3.14
CA TYR O 171 -15.36 54.59 3.11
C TYR O 171 -13.98 54.42 3.76
N PHE O 172 -13.69 53.19 4.18
CA PHE O 172 -12.41 52.81 4.72
C PHE O 172 -11.95 51.47 4.15
N ASP O 173 -10.66 51.36 3.86
CA ASP O 173 -10.10 50.13 3.33
C ASP O 173 -8.76 49.86 3.99
N LYS O 174 -8.51 48.60 4.36
CA LYS O 174 -7.29 48.23 5.08
C LYS O 174 -6.02 48.36 4.25
N ASP O 175 -6.16 48.16 2.94
CA ASP O 175 -5.03 48.37 2.06
C ASP O 175 -4.75 49.87 2.07
N SER O 176 -3.73 50.26 2.83
CA SER O 176 -3.30 51.65 2.91
C SER O 176 -3.17 52.34 1.55
N GLU O 177 -2.79 51.57 0.55
CA GLU O 177 -2.64 52.12 -0.79
C GLU O 177 -3.60 51.49 -1.80
N ASP O 178 -4.80 51.21 -1.31
CA ASP O 178 -5.94 50.85 -2.13
C ASP O 178 -6.19 51.99 -3.11
N PRO O 179 -6.46 51.66 -4.38
CA PRO O 179 -6.73 52.70 -5.40
C PRO O 179 -8.12 53.24 -5.20
N GLY O 180 -8.63 53.95 -6.18
CA GLY O 180 -9.97 54.47 -6.01
C GLY O 180 -11.09 53.46 -6.21
N PRO O 181 -12.29 53.76 -5.66
CA PRO O 181 -13.50 53.20 -6.22
C PRO O 181 -13.72 53.93 -7.53
N ASP O 182 -13.94 53.18 -8.60
CA ASP O 182 -13.99 53.77 -9.93
C ASP O 182 -15.30 54.47 -10.32
N ASP O 183 -16.39 54.06 -9.68
CA ASP O 183 -17.69 54.61 -9.98
C ASP O 183 -18.62 54.28 -8.82
N ARG O 184 -19.86 54.71 -8.91
CA ARG O 184 -20.78 54.59 -7.78
C ARG O 184 -21.07 53.13 -7.42
N ALA O 185 -20.91 52.23 -8.39
CA ALA O 185 -21.25 50.84 -8.18
C ALA O 185 -20.13 50.15 -7.45
N ALA O 186 -18.90 50.57 -7.73
CA ALA O 186 -17.74 49.97 -7.10
C ALA O 186 -17.73 50.41 -5.65
N LEU O 187 -17.98 51.72 -5.48
CA LEU O 187 -18.05 52.35 -4.17
C LEU O 187 -18.91 51.52 -3.19
N ALA O 188 -19.91 50.81 -3.72
CA ALA O 188 -20.80 50.07 -2.85
C ALA O 188 -20.16 48.83 -2.26
N ASN O 189 -19.14 48.30 -2.93
CA ASN O 189 -18.59 47.00 -2.56
C ASN O 189 -17.69 47.03 -1.33
N TYR O 190 -17.33 48.22 -0.87
CA TYR O 190 -16.57 48.30 0.37
C TYR O 190 -17.32 47.67 1.55
N ALA O 191 -16.57 47.08 2.47
CA ALA O 191 -17.18 46.53 3.66
C ALA O 191 -17.45 47.64 4.67
N HIS O 192 -16.64 48.70 4.61
CA HIS O 192 -16.76 49.76 5.58
C HIS O 192 -17.16 51.03 4.88
N LEU O 193 -18.46 51.20 4.74
CA LEU O 193 -19.01 52.24 3.91
C LEU O 193 -20.18 52.86 4.63
N SER O 194 -20.33 54.18 4.50
CA SER O 194 -21.55 54.85 4.91
C SER O 194 -22.07 55.78 3.82
N GLU O 195 -23.30 55.54 3.37
CA GLU O 195 -23.88 56.35 2.29
C GLU O 195 -25.13 57.09 2.80
N ILE O 196 -25.16 58.41 2.64
CA ILE O 196 -26.26 59.20 3.13
C ILE O 196 -26.58 60.32 2.15
N SER O 197 -27.67 61.04 2.44
CA SER O 197 -28.01 62.25 1.74
C SER O 197 -27.12 63.30 2.34
N PRO O 198 -26.73 64.32 1.58
CA PRO O 198 -25.74 65.28 2.07
C PRO O 198 -26.23 66.13 3.25
N TRP O 199 -27.54 66.23 3.42
CA TRP O 199 -28.07 67.10 4.45
C TRP O 199 -28.17 66.40 5.79
N ALA O 200 -27.72 65.16 5.83
CA ALA O 200 -27.85 64.36 7.04
C ALA O 200 -26.52 64.19 7.72
N ILE O 201 -26.54 63.60 8.90
CA ILE O 201 -25.33 63.37 9.67
C ILE O 201 -25.03 61.87 9.67
N THR O 202 -23.78 61.49 9.78
CA THR O 202 -23.42 60.08 9.80
C THR O 202 -22.04 59.93 10.35
N LYS O 203 -21.64 58.71 10.60
CA LYS O 203 -20.28 58.47 11.02
C LYS O 203 -19.85 57.10 10.61
N LEU O 204 -18.58 56.97 10.28
CA LEU O 204 -18.00 55.71 9.87
C LEU O 204 -17.02 55.22 10.94
N THR O 205 -17.27 54.05 11.48
CA THR O 205 -16.37 53.52 12.50
C THR O 205 -15.31 52.60 11.88
N VAL O 206 -14.05 52.97 12.03
CA VAL O 206 -12.98 52.13 11.50
C VAL O 206 -12.57 50.98 12.42
N PRO O 207 -12.62 49.74 11.91
CA PRO O 207 -12.18 48.59 12.71
C PRO O 207 -10.72 48.75 13.10
N THR O 208 -10.46 48.67 14.40
CA THR O 208 -9.09 48.82 14.87
C THR O 208 -8.54 47.45 15.21
N ASP O 209 -7.38 47.11 14.66
CA ASP O 209 -6.78 45.86 15.07
C ASP O 209 -5.89 46.09 16.24
N ASN O 210 -5.13 45.06 16.54
CA ASN O 210 -4.42 45.00 17.78
C ASN O 210 -2.91 44.76 17.57
N VAL O 211 -2.31 45.58 16.72
CA VAL O 211 -0.90 45.43 16.39
C VAL O 211 -0.18 46.77 16.33
N LYS O 212 0.96 46.85 17.00
CA LYS O 212 1.74 48.08 16.95
C LYS O 212 2.37 48.19 15.58
N ARG O 213 2.26 49.36 14.99
CA ARG O 213 2.97 49.64 13.75
C ARG O 213 3.77 50.91 13.96
N PHE O 214 4.79 51.12 13.13
CA PHE O 214 5.64 52.28 13.33
C PHE O 214 4.98 53.60 12.99
N ILE O 215 5.31 54.62 13.77
CA ILE O 215 4.88 55.97 13.45
C ILE O 215 5.87 56.45 12.41
N SER O 216 5.39 56.74 11.21
CA SER O 216 6.30 57.16 10.15
C SER O 216 5.60 57.91 9.04
N ASP O 217 6.34 58.80 8.37
CA ASP O 217 5.85 59.44 7.15
C ASP O 217 5.78 58.39 6.05
N THR O 218 4.92 58.63 5.07
CA THR O 218 4.60 57.60 4.07
C THR O 218 5.79 57.22 3.17
N SER O 219 6.91 57.89 3.37
CA SER O 219 8.13 57.59 2.64
C SER O 219 9.12 56.83 3.53
N SER O 220 8.69 55.65 3.95
CA SER O 220 9.54 54.75 4.71
C SER O 220 9.05 53.32 4.49
N GLY O 221 9.38 52.77 3.33
CA GLY O 221 9.01 51.42 2.96
C GLY O 221 7.51 51.13 2.95
N ASP O 222 7.19 49.87 2.67
CA ASP O 222 5.82 49.41 2.43
C ASP O 222 4.76 50.05 3.33
N PRO O 223 3.89 50.90 2.76
CA PRO O 223 2.82 51.59 3.48
C PRO O 223 1.89 50.60 4.16
N LYS O 224 1.88 49.35 3.70
CA LYS O 224 1.04 48.35 4.32
C LYS O 224 1.58 47.94 5.69
N LEU O 225 2.79 48.35 5.99
CA LEU O 225 3.41 47.98 7.25
C LEU O 225 3.16 49.01 8.33
N ILE O 226 3.07 50.26 7.92
CA ILE O 226 3.01 51.35 8.88
C ILE O 226 1.62 51.95 9.07
N ASN O 227 0.80 51.91 8.03
CA ASN O 227 -0.52 52.53 8.07
C ASN O 227 -1.60 51.52 8.36
N LEU O 228 -2.60 51.94 9.14
CA LEU O 228 -3.71 51.08 9.53
C LEU O 228 -4.62 50.75 8.37
N GLY O 229 -4.88 51.79 7.56
CA GLY O 229 -5.68 51.65 6.37
C GLY O 229 -5.81 52.98 5.64
N GLN O 230 -6.90 53.14 4.90
CA GLN O 230 -7.05 54.34 4.12
C GLN O 230 -8.44 54.85 4.33
N PHE O 231 -8.57 56.15 4.53
CA PHE O 231 -9.88 56.79 4.58
C PHE O 231 -10.19 57.48 3.24
N GLY O 232 -11.47 57.62 2.93
CA GLY O 232 -11.82 58.24 1.68
C GLY O 232 -13.29 58.57 1.58
N TRP O 233 -13.64 59.56 0.75
CA TRP O 233 -15.02 59.93 0.58
C TRP O 233 -15.35 60.21 -0.87
N VAL O 234 -16.63 60.27 -1.17
CA VAL O 234 -17.10 60.42 -2.53
C VAL O 234 -18.38 61.23 -2.46
N ALA O 235 -18.60 62.07 -3.47
CA ALA O 235 -19.85 62.78 -3.60
C ALA O 235 -20.27 62.76 -5.05
N TYR O 236 -21.38 62.11 -5.34
CA TYR O 236 -21.85 62.02 -6.71
C TYR O 236 -23.26 62.43 -6.75
N SER O 237 -23.75 62.64 -7.97
CA SER O 237 -25.00 63.32 -8.18
C SER O 237 -24.90 64.65 -7.47
N GLY O 238 -26.03 65.18 -6.99
CA GLY O 238 -25.92 66.42 -6.25
C GLY O 238 -25.24 67.66 -6.86
N PRO O 239 -25.28 68.77 -6.12
CA PRO O 239 -24.87 70.06 -6.63
C PRO O 239 -23.38 70.18 -6.55
N THR O 240 -22.93 71.40 -6.78
CA THR O 240 -21.51 71.70 -6.74
C THR O 240 -21.30 72.66 -5.58
N ALA O 241 -20.88 72.13 -4.44
CA ALA O 241 -20.81 72.92 -3.21
C ALA O 241 -20.04 72.23 -2.11
N GLU O 242 -19.84 72.94 -1.01
CA GLU O 242 -19.23 72.35 0.15
C GLU O 242 -20.35 71.79 1.02
N LEU O 243 -20.40 70.46 1.10
CA LEU O 243 -21.52 69.73 1.68
C LEU O 243 -21.48 69.48 3.18
N GLY O 244 -20.30 69.27 3.75
CA GLY O 244 -20.20 68.96 5.17
C GLY O 244 -18.79 68.99 5.71
N ASP O 245 -18.69 69.01 7.03
CA ASP O 245 -17.40 68.91 7.72
C ASP O 245 -17.09 67.44 7.96
N ILE O 246 -15.81 67.10 7.96
CA ILE O 246 -15.42 65.74 8.29
C ILE O 246 -14.47 65.78 9.47
N PHE O 247 -14.96 65.31 10.61
CA PHE O 247 -14.16 65.25 11.83
C PHE O 247 -13.70 63.81 12.05
N VAL O 248 -12.59 63.66 12.78
CA VAL O 248 -12.15 62.35 13.25
C VAL O 248 -12.06 62.33 14.78
N GLU O 249 -12.64 61.30 15.39
CA GLU O 249 -12.49 61.10 16.83
C GLU O 249 -11.58 59.93 16.98
N TYR O 250 -10.61 60.03 17.88
CA TYR O 250 -9.66 58.94 18.02
C TYR O 250 -9.16 58.69 19.43
N THR O 251 -8.71 57.46 19.66
CA THR O 251 -7.93 57.14 20.85
C THR O 251 -6.72 56.32 20.42
N VAL O 252 -5.52 56.89 20.59
CA VAL O 252 -4.31 56.19 20.19
C VAL O 252 -3.49 55.85 21.38
N ASP O 253 -2.72 54.79 21.27
CA ASP O 253 -1.70 54.50 22.24
C ASP O 253 -0.38 54.76 21.53
N LEU O 254 0.50 55.53 22.16
CA LEU O 254 1.83 55.74 21.59
C LEU O 254 2.86 55.02 22.45
N PHE O 255 3.80 54.34 21.80
CA PHE O 255 4.79 53.56 22.51
C PHE O 255 6.20 54.04 22.24
N GLU O 256 7.11 53.67 23.14
CA GLU O 256 8.54 53.86 22.94
C GLU O 256 8.86 55.31 22.66
N ALA O 257 9.06 56.09 23.72
CA ALA O 257 9.53 57.44 23.57
C ALA O 257 10.91 57.44 22.94
N GLN O 258 11.16 58.42 22.08
CA GLN O 258 12.41 58.52 21.36
C GLN O 258 12.70 59.98 21.17
N PRO O 259 13.92 60.33 20.73
CA PRO O 259 14.20 61.71 20.32
C PRO O 259 13.35 62.12 19.12
N THR O 260 12.90 63.38 19.14
CA THR O 260 11.88 63.89 18.21
C THR O 260 12.22 63.74 16.74
N SER O 261 11.30 63.12 15.98
CA SER O 261 11.41 63.03 14.53
C SER O 261 11.21 64.40 13.93
N PRO O 262 11.90 64.70 12.84
CA PRO O 262 11.75 66.00 12.17
C PRO O 262 10.40 66.11 11.49
N LEU O 263 9.81 67.31 11.52
CA LEU O 263 8.51 67.51 10.90
C LEU O 263 8.55 68.42 9.66
N LEU O 264 9.69 68.48 8.98
CA LEU O 264 9.81 69.31 7.79
C LEU O 264 9.63 68.44 6.58
N GLU O 265 9.46 69.05 5.41
CA GLU O 265 9.38 68.29 4.16
C GLU O 265 10.59 68.54 3.24
N SER O 266 11.09 67.48 2.62
CA SER O 266 12.19 67.59 1.68
C SER O 266 11.83 66.82 0.43
N LEU O 267 11.30 67.53 -0.56
CA LEU O 267 10.83 66.90 -1.79
C LEU O 267 11.76 67.27 -2.94
N PHE O 268 12.37 66.27 -3.56
CA PHE O 268 13.40 66.52 -4.57
C PHE O 268 13.18 65.74 -5.84
N ARG O 269 13.47 66.37 -6.98
CA ARG O 269 13.34 65.71 -8.27
C ARG O 269 14.54 65.92 -9.18
N GLU O 270 14.85 64.89 -9.93
CA GLU O 270 15.71 64.96 -11.11
C GLU O 270 15.02 64.02 -12.13
N SER O 271 14.95 64.32 -13.43
CA SER O 271 15.67 65.37 -14.18
C SER O 271 17.19 65.30 -14.10
N ALA O 272 17.77 64.46 -14.94
CA ALA O 272 17.03 63.74 -15.97
C ALA O 272 16.44 62.39 -15.52
N SER O 273 17.02 61.83 -14.47
CA SER O 273 16.62 60.50 -13.98
C SER O 273 15.13 60.22 -13.78
N SER O 274 14.28 61.26 -13.88
CA SER O 274 12.80 61.13 -13.82
C SER O 274 12.19 60.91 -12.44
N VAL O 275 12.99 60.46 -11.47
CA VAL O 275 12.44 60.08 -10.17
C VAL O 275 12.43 61.24 -9.17
N GLN O 276 11.40 61.24 -8.33
CA GLN O 276 11.29 62.21 -7.26
C GLN O 276 11.25 61.50 -5.92
N THR O 277 11.94 62.07 -4.95
CA THR O 277 12.09 61.48 -3.64
C THR O 277 11.61 62.45 -2.55
N ARG O 278 10.81 61.94 -1.63
CA ARG O 278 10.33 62.75 -0.53
C ARG O 278 10.79 62.20 0.82
N MET O 279 11.27 63.09 1.69
CA MET O 279 11.44 62.75 3.09
C MET O 279 10.62 63.70 3.92
N GLY O 280 10.11 63.22 5.05
CA GLY O 280 9.32 64.05 5.93
C GLY O 280 7.86 64.05 5.58
N LEU O 281 7.12 65.02 6.10
CA LEU O 281 5.65 65.03 5.96
C LEU O 281 5.21 65.44 4.56
N PRO O 282 4.02 64.97 4.13
CA PRO O 282 3.52 65.32 2.81
C PRO O 282 2.67 66.59 2.80
N TYR O 283 3.26 67.73 3.16
CA TYR O 283 2.58 69.02 3.06
C TYR O 283 2.36 69.37 1.60
N PHE O 284 3.42 69.23 0.80
CA PHE O 284 3.35 69.54 -0.62
C PHE O 284 3.60 68.32 -1.48
N SER O 285 3.16 68.39 -2.73
CA SER O 285 3.43 67.33 -3.70
C SER O 285 3.88 67.98 -4.99
N LEU O 286 4.68 67.25 -5.76
CA LEU O 286 5.14 67.76 -7.05
C LEU O 286 4.23 67.29 -8.18
N GLU O 287 3.68 68.23 -8.94
CA GLU O 287 2.69 67.89 -9.96
C GLU O 287 3.23 68.03 -11.38
N VAL O 288 3.95 69.12 -11.65
CA VAL O 288 4.61 69.24 -12.95
C VAL O 288 6.13 69.39 -12.88
N ALA O 289 6.79 68.57 -13.69
CA ALA O 289 8.23 68.58 -13.84
C ALA O 289 8.65 69.76 -14.68
N SER O 290 8.65 69.56 -15.99
CA SER O 290 8.91 70.61 -16.98
C SER O 290 10.28 71.28 -16.88
N ALA O 291 10.57 72.10 -17.89
CA ALA O 291 11.77 72.91 -17.90
C ALA O 291 11.32 74.35 -18.00
N THR O 292 10.00 74.52 -18.11
CA THR O 292 9.38 75.83 -18.28
C THR O 292 8.61 76.21 -17.03
N ASP O 293 8.13 75.20 -16.30
CA ASP O 293 7.30 75.40 -15.13
C ASP O 293 7.65 74.41 -14.01
N LEU O 294 7.49 74.86 -12.77
CA LEU O 294 7.52 73.96 -11.61
C LEU O 294 6.29 74.26 -10.77
N VAL O 295 5.39 73.29 -10.63
CA VAL O 295 4.24 73.48 -9.73
C VAL O 295 4.16 72.44 -8.61
N TRP O 296 4.04 72.97 -7.41
CA TRP O 296 3.91 72.17 -6.21
C TRP O 296 2.47 72.34 -5.78
N GLN O 297 1.91 71.32 -5.16
CA GLN O 297 0.53 71.39 -4.71
C GLN O 297 0.41 71.20 -3.21
N ALA O 298 -0.38 72.07 -2.58
CA ALA O 298 -0.63 71.96 -1.16
C ALA O 298 -1.58 70.78 -0.87
N ARG O 299 -1.15 69.91 0.03
CA ARG O 299 -1.97 68.77 0.44
C ARG O 299 -2.51 69.01 1.85
N VAL O 300 -1.84 69.90 2.57
CA VAL O 300 -2.23 70.19 3.91
C VAL O 300 -2.33 71.69 4.07
N PRO O 301 -3.54 72.21 4.34
CA PRO O 301 -3.78 73.64 4.47
C PRO O 301 -3.01 74.22 5.64
N GLY O 302 -2.44 75.40 5.43
CA GLY O 302 -1.75 76.10 6.48
C GLY O 302 -0.75 77.11 5.96
N THR O 303 0.01 77.69 6.89
CA THR O 303 1.04 78.65 6.53
C THR O 303 2.41 78.01 6.63
N TYR O 304 3.21 78.19 5.58
CA TYR O 304 4.50 77.54 5.50
C TYR O 304 5.60 78.56 5.18
N VAL O 305 6.83 78.20 5.49
CA VAL O 305 7.99 78.92 4.99
C VAL O 305 8.68 77.94 4.09
N VAL O 306 8.47 78.12 2.80
CA VAL O 306 8.99 77.18 1.83
C VAL O 306 10.31 77.69 1.23
N THR O 307 11.26 76.78 1.03
CA THR O 307 12.53 77.12 0.42
C THR O 307 12.64 76.26 -0.82
N ILE O 308 12.78 76.89 -1.99
CA ILE O 308 12.85 76.13 -3.24
C ILE O 308 14.10 76.46 -4.01
N ILE O 309 14.88 75.42 -4.33
CA ILE O 309 16.14 75.61 -5.02
C ILE O 309 16.20 74.67 -6.23
N PHE O 310 16.72 75.18 -7.34
CA PHE O 310 16.71 74.42 -8.58
C PHE O 310 17.77 74.87 -9.58
N ASN O 311 17.90 74.08 -10.64
CA ASN O 311 18.87 74.35 -11.69
C ASN O 311 18.21 74.68 -13.04
N SER O 312 18.07 75.97 -13.33
CA SER O 312 17.66 76.38 -14.67
C SER O 312 18.91 76.78 -15.44
N THR O 313 18.72 77.32 -16.65
CA THR O 313 19.81 78.00 -17.32
C THR O 313 19.46 79.46 -17.49
N VAL O 314 19.92 80.25 -16.53
CA VAL O 314 19.74 81.69 -16.47
C VAL O 314 18.21 81.99 -16.49
N GLY O 315 17.78 83.19 -16.87
CA GLY O 315 16.39 83.56 -16.70
C GLY O 315 16.08 83.73 -15.23
N GLY O 316 14.81 83.97 -14.95
CA GLY O 316 14.35 84.10 -13.59
C GLY O 316 13.18 83.16 -13.40
N LEU O 317 12.24 83.59 -12.57
CA LEU O 317 11.08 82.77 -12.24
C LEU O 317 9.88 83.65 -12.05
N THR O 318 8.71 83.08 -12.26
CA THR O 318 7.48 83.81 -11.99
C THR O 318 6.58 83.00 -11.06
N PRO O 319 6.56 83.40 -9.78
CA PRO O 319 5.80 82.69 -8.74
C PRO O 319 4.35 83.16 -8.73
N SER O 320 3.44 82.24 -8.45
CA SER O 320 2.04 82.58 -8.27
C SER O 320 1.39 81.51 -7.44
N ILE O 321 0.24 81.83 -6.87
CA ILE O 321 -0.56 80.81 -6.20
C ILE O 321 -1.87 80.66 -6.92
N SER O 322 -1.90 79.71 -7.85
CA SER O 322 -3.16 79.31 -8.48
C SER O 322 -3.99 78.59 -7.42
N GLY O 323 -5.29 78.84 -7.43
CA GLY O 323 -6.16 78.23 -6.43
C GLY O 323 -6.20 79.15 -5.24
N GLY O 324 -6.66 78.63 -4.11
CA GLY O 324 -6.79 79.43 -2.91
C GLY O 324 -5.48 79.56 -2.15
N GLY O 325 -5.03 80.80 -1.97
CA GLY O 325 -3.84 81.01 -1.16
C GLY O 325 -3.24 82.37 -1.46
N THR O 326 -2.39 82.85 -0.55
CA THR O 326 -1.68 84.12 -0.78
C THR O 326 -0.19 84.01 -0.44
N ILE O 327 0.64 84.77 -1.15
CA ILE O 327 2.05 84.84 -0.78
C ILE O 327 2.25 86.04 0.13
N ASN O 328 2.92 85.85 1.27
CA ASN O 328 3.07 86.94 2.23
C ASN O 328 4.41 87.63 2.20
N SER O 329 5.47 86.88 1.86
CA SER O 329 6.81 87.47 1.82
C SER O 329 7.72 86.70 0.86
N SER O 330 7.98 87.27 -0.30
CA SER O 330 8.84 86.63 -1.28
C SER O 330 10.27 87.11 -1.16
N PHE O 331 11.17 86.23 -1.58
CA PHE O 331 12.55 86.61 -1.85
C PHE O 331 13.09 85.65 -2.89
N SER O 332 13.71 86.19 -3.95
CA SER O 332 14.34 85.28 -4.91
C SER O 332 15.65 85.82 -5.43
N VAL O 333 16.51 84.89 -5.79
CA VAL O 333 17.77 85.18 -6.45
C VAL O 333 17.94 84.12 -7.50
N SER O 334 17.98 84.55 -8.76
CA SER O 334 18.01 83.62 -9.89
C SER O 334 18.98 84.04 -10.97
N THR O 335 19.89 83.14 -11.33
CA THR O 335 20.90 83.40 -12.34
C THR O 335 21.35 82.11 -13.02
N ALA O 336 22.51 82.22 -13.67
CA ALA O 336 23.39 81.10 -14.05
C ALA O 336 22.70 79.75 -14.22
N GLY O 337 23.12 78.78 -13.42
CA GLY O 337 22.51 77.47 -13.41
C GLY O 337 21.93 77.16 -12.05
N SER O 338 21.75 78.20 -11.24
CA SER O 338 21.26 78.07 -9.87
C SER O 338 20.26 79.17 -9.57
N SER O 339 19.15 78.78 -8.96
CA SER O 339 18.17 79.75 -8.49
C SER O 339 17.68 79.34 -7.12
N ALA O 340 17.20 80.32 -6.36
CA ALA O 340 16.66 80.06 -5.03
C ALA O 340 15.52 81.02 -4.71
N TYR O 341 14.43 80.45 -4.19
CA TYR O 341 13.21 81.17 -3.87
C TYR O 341 12.73 80.72 -2.51
N VAL O 342 12.67 81.65 -1.57
CA VAL O 342 12.12 81.37 -0.26
C VAL O 342 10.96 82.31 0.02
N ALA O 343 9.89 81.76 0.57
CA ALA O 343 8.66 82.51 0.70
C ALA O 343 7.86 82.11 1.93
N ASN O 344 6.95 82.98 2.34
CA ASN O 344 6.09 82.69 3.45
C ASN O 344 4.67 82.65 2.92
N ILE O 345 4.21 81.45 2.58
CA ILE O 345 2.90 81.32 1.96
C ILE O 345 1.84 80.77 2.91
N THR O 346 0.62 81.21 2.69
CA THR O 346 -0.55 80.62 3.31
C THR O 346 -1.33 80.00 2.18
N ILE O 347 -1.72 78.75 2.35
CA ILE O 347 -2.25 78.03 1.21
C ILE O 347 -3.31 77.03 1.62
N ARG O 348 -4.20 76.74 0.68
CA ARG O 348 -5.26 75.77 0.90
C ARG O 348 -5.04 74.46 0.21
N VAL O 349 -5.89 73.51 0.58
CA VAL O 349 -5.81 72.17 0.05
C VAL O 349 -6.09 72.24 -1.44
N ASN O 350 -5.23 71.56 -2.20
CA ASN O 350 -5.31 71.51 -3.66
C ASN O 350 -4.98 72.80 -4.41
N ALA O 351 -4.46 73.82 -3.73
CA ALA O 351 -3.95 74.99 -4.43
C ALA O 351 -2.56 74.70 -4.94
N ASN O 352 -2.08 75.53 -5.87
CA ASN O 352 -0.76 75.32 -6.45
C ASN O 352 0.19 76.49 -6.22
N LEU O 353 1.44 76.15 -5.99
CA LEU O 353 2.48 77.15 -5.94
C LEU O 353 3.25 76.89 -7.18
N SER O 354 3.13 77.79 -8.16
CA SER O 354 3.77 77.56 -9.44
C SER O 354 4.95 78.48 -9.62
N LEU O 355 6.06 77.92 -10.06
CA LEU O 355 7.17 78.72 -10.53
C LEU O 355 7.18 78.70 -12.05
N SER O 356 6.64 79.76 -12.66
CA SER O 356 6.51 79.81 -14.12
C SER O 356 7.58 80.67 -14.76
N GLY O 357 7.59 80.67 -16.10
CA GLY O 357 8.53 81.46 -16.85
C GLY O 357 9.95 80.95 -16.70
N LEU O 358 10.06 79.67 -16.32
CA LEU O 358 11.37 79.04 -16.22
C LEU O 358 11.94 78.78 -17.59
N THR O 359 13.24 78.52 -17.66
CA THR O 359 13.90 78.36 -18.95
C THR O 359 15.08 77.39 -18.86
N GLY O 360 14.81 76.13 -19.22
CA GLY O 360 15.83 75.10 -19.19
C GLY O 360 16.07 74.60 -17.78
N ALA O 361 14.98 74.32 -17.08
CA ALA O 361 15.06 73.95 -15.67
C ALA O 361 15.09 72.45 -15.44
N THR O 362 16.14 71.99 -14.78
CA THR O 362 16.26 70.61 -14.34
C THR O 362 16.48 70.65 -12.83
N ASN O 363 16.30 69.53 -12.14
CA ASN O 363 16.69 69.46 -10.73
C ASN O 363 16.05 70.49 -9.79
N ALA O 364 15.00 70.10 -9.08
CA ALA O 364 14.36 71.03 -8.15
C ALA O 364 14.19 70.38 -6.79
N GLN O 365 14.39 71.18 -5.74
CA GLN O 365 14.17 70.70 -4.39
C GLN O 365 13.39 71.71 -3.54
N LEU O 366 12.50 71.18 -2.72
CA LEU O 366 11.63 72.00 -1.89
C LEU O 366 11.82 71.68 -0.41
N PHE O 367 11.83 72.71 0.41
CA PHE O 367 11.89 72.52 1.85
C PHE O 367 10.73 73.30 2.42
N ALA O 368 9.82 72.59 3.08
CA ALA O 368 8.67 73.23 3.68
C ALA O 368 8.61 72.94 5.19
N VAL O 369 8.40 73.99 5.97
CA VAL O 369 8.11 73.84 7.40
C VAL O 369 6.92 74.71 7.75
N ARG O 370 6.17 74.28 8.74
CA ARG O 370 5.02 75.05 9.15
C ARG O 370 5.54 76.26 9.88
N ALA O 371 4.94 77.41 9.58
CA ALA O 371 5.23 78.61 10.35
C ALA O 371 3.94 79.40 10.54
N ILE O 372 4.06 80.56 11.15
CA ILE O 372 2.95 81.51 11.17
C ILE O 372 3.29 82.62 10.20
N THR O 373 2.29 83.43 9.86
CA THR O 373 2.43 84.41 8.78
C THR O 373 3.54 85.38 9.09
N GLU O 374 3.80 85.59 10.38
CA GLU O 374 4.70 86.63 10.86
C GLU O 374 6.17 86.25 10.80
N ASN O 375 6.46 84.97 10.52
CA ASN O 375 7.81 84.54 10.17
C ASN O 375 8.17 84.99 8.77
N ALA O 376 8.07 86.29 8.52
CA ALA O 376 8.16 86.83 7.17
C ALA O 376 9.61 86.95 6.72
N VAL O 377 9.85 86.72 5.42
CA VAL O 377 11.16 86.96 4.85
C VAL O 377 11.39 88.48 4.75
N GLN O 378 12.57 88.94 5.15
CA GLN O 378 12.78 90.37 5.34
C GLN O 378 13.77 90.99 4.36
N VAL O 379 14.43 90.15 3.58
CA VAL O 379 15.38 90.68 2.62
C VAL O 379 14.78 90.61 1.23
N VAL O 380 15.48 91.15 0.25
CA VAL O 380 15.04 91.07 -1.15
C VAL O 380 16.22 91.10 -2.12
#